data_4XVU
#
_entry.id   4XVU
#
_cell.length_a   79.440
_cell.length_b   109.230
_cell.length_c   111.350
_cell.angle_alpha   63.050
_cell.angle_beta   77.740
_cell.angle_gamma   70.170
#
_symmetry.space_group_name_H-M   'P 1'
#
loop_
_entity.id
_entity.type
_entity.pdbx_description
1 polymer 'ATPase GET3'
2 polymer 'Antibody heavy chain'
3 polymer 'Antibody light chain'
4 polymer 'Nyv1 TMD'
5 non-polymer "ADENOSINE-5'-TRIPHOSPHATE"
6 non-polymer 'MAGNESIUM ION'
7 non-polymer 'ZINC ION'
8 water water
#
loop_
_entity_poly.entity_id
_entity_poly.type
_entity_poly.pdbx_seq_one_letter_code
_entity_poly.pdbx_strand_id
1 'polypeptide(L)'
;MDLTVEPNLHSLITSTTHKWIFVGGKGGVGKTTSSCSIAIQMALSQPNKQFLLISTNPAHNLSDAFGEKFGKDARKVTGM
NNLSCMEIDPSAALKDMNDMAVSRANNNGSDGQGDDLGSLLQGGALADLTGSIPGIDEALSFMEVMKHIKRQEQGEGETF
DTVIFDTAPTGHTLRFLQLPNTLSKLLEKFGEITNKLGPMLNSFMGAGNVDISGKLNELKANVETIRQQFTDPDLTTFVC
VCISEFLSLYETERLIQELISYDMDVNSIIVNQLLFAENDQEHNCKRCQARWKMQKKYLDQIDELYEDFHVVKMPLCAGE
IRGLNNLTKFSQFLNKEYNPITDGKVIYELEDKE
;
A,B,G,H
2 'polypeptide(L)'
;EISEVQLVESGGGLVQPGGSLRLSCAASGFNLYYYSIHWVRQAPGKGLEWVASISPYSSSTSYADSVKGRFTISADTSKN
TAYLQMNSLRAEDTAVYYCARGRWYRRALDYWGQGTLVTVSSASTKGPSVFPLAPSSKSTSGGTAALGCLVKDYFPEPVT
VSWNSGALTSGVHTFPAVLQSSGLYSLSSVVTVPSSSLGTQTYICNVNHKPSNTKVDKKVEPKSCDKTHT
;
C,E,I,K
3 'polypeptide(L)'
;SDIQMTQSPSSLSASVGDRVTITCRASQSVSSAVAWYQQKPGKAPKLLIYSASSLYSGVPSRFSGSRSGTDFTLTISSLQ
PEDFATYYCQQYPYYSSLITFGQGTKVEIKRTVAAPSVFIFPPSDSQLKSGTASVVCLLNNFYPREAKVQWKVDNALQSG
NSQESVTEQDSKDSTYSLSSTLTLSKADYEKHKVYACEVTHQGLSSPVTKSFNRGEC
;
D,F,J,L
4 'polypeptide(L)'
;(UNK)(UNK)(UNK)(UNK)(UNK)(UNK)(UNK)(UNK)(UNK)(UNK)(UNK)(UNK)(UNK)(UNK)(UNK)(UNK)
(UNK)(UNK)(UNK)(UNK)(UNK)(UNK)(UNK)(UNK)(UNK)(UNK)(UNK)(UNK)(UNK)(UNK)(UNK)(UNK)
(UNK)(UNK)(UNK)(UNK)(UNK)
;
g,a
#
# COMPACT_ATOMS: atom_id res chain seq x y z
N THR A 4 22.68 19.08 -8.01
CA THR A 4 22.77 18.29 -6.79
C THR A 4 22.04 16.96 -6.93
N VAL A 5 22.72 15.88 -6.53
CA VAL A 5 22.08 14.57 -6.47
C VAL A 5 21.17 14.56 -5.24
N GLU A 6 19.91 14.21 -5.44
CA GLU A 6 18.92 14.30 -4.37
C GLU A 6 19.29 13.37 -3.20
N PRO A 7 19.17 13.88 -1.96
CA PRO A 7 19.56 13.09 -0.79
C PRO A 7 18.49 12.07 -0.40
N ASN A 8 18.09 11.25 -1.35
CA ASN A 8 17.08 10.23 -1.11
C ASN A 8 17.29 9.07 -2.09
N LEU A 9 16.57 7.97 -1.86
CA LEU A 9 16.63 6.80 -2.73
C LEU A 9 15.37 6.70 -3.59
N HIS A 10 14.73 7.82 -3.86
CA HIS A 10 13.44 7.80 -4.55
C HIS A 10 13.51 7.14 -5.92
N SER A 11 14.55 7.46 -6.68
CA SER A 11 14.68 6.92 -8.04
C SER A 11 14.97 5.42 -8.03
N LEU A 12 15.53 4.92 -6.94
CA LEU A 12 15.75 3.49 -6.79
C LEU A 12 14.44 2.82 -6.38
N ILE A 13 13.77 3.41 -5.40
CA ILE A 13 12.51 2.88 -4.88
C ILE A 13 11.47 2.71 -5.97
N THR A 14 11.47 3.63 -6.93
CA THR A 14 10.47 3.64 -7.99
C THR A 14 11.01 3.04 -9.29
N SER A 15 12.22 2.51 -9.24
CA SER A 15 12.84 1.92 -10.42
C SER A 15 12.08 0.69 -10.88
N THR A 16 11.97 0.54 -12.20
CA THR A 16 11.31 -0.60 -12.80
C THR A 16 12.31 -1.45 -13.58
N THR A 17 13.59 -1.14 -13.45
CA THR A 17 14.63 -1.86 -14.18
C THR A 17 15.45 -2.77 -13.26
N HIS A 18 15.61 -2.36 -12.01
CA HIS A 18 16.53 -3.06 -11.11
C HIS A 18 15.97 -4.40 -10.66
N LYS A 19 16.76 -5.45 -10.92
CA LYS A 19 16.40 -6.81 -10.54
C LYS A 19 17.15 -7.27 -9.30
N TRP A 20 18.34 -6.71 -9.08
CA TRP A 20 19.19 -7.06 -7.94
C TRP A 20 19.59 -5.80 -7.17
N ILE A 21 19.33 -5.80 -5.87
CA ILE A 21 19.70 -4.66 -5.04
C ILE A 21 20.42 -5.13 -3.78
N PHE A 22 21.70 -4.82 -3.70
CA PHE A 22 22.51 -5.19 -2.55
C PHE A 22 22.59 -4.04 -1.55
N VAL A 23 22.32 -4.36 -0.28
CA VAL A 23 22.48 -3.42 0.81
C VAL A 23 23.56 -3.95 1.75
N GLY A 24 24.70 -3.26 1.77
CA GLY A 24 25.85 -3.73 2.51
C GLY A 24 26.54 -2.60 3.24
N GLY A 25 27.72 -2.89 3.78
CA GLY A 25 28.47 -1.93 4.56
C GLY A 25 29.04 -2.56 5.82
N LYS A 26 29.75 -1.75 6.60
CA LYS A 26 30.43 -2.21 7.81
C LYS A 26 29.49 -2.87 8.81
N GLY A 27 30.06 -3.68 9.70
CA GLY A 27 29.31 -4.31 10.76
C GLY A 27 28.52 -3.31 11.61
N GLY A 28 27.24 -3.60 11.79
CA GLY A 28 26.41 -2.86 12.74
C GLY A 28 25.96 -1.47 12.33
N VAL A 29 26.26 -1.05 11.11
CA VAL A 29 25.90 0.30 10.68
C VAL A 29 24.42 0.42 10.31
N GLY A 30 23.78 -0.73 10.05
CA GLY A 30 22.35 -0.75 9.78
C GLY A 30 21.93 -1.35 8.45
N LYS A 31 22.71 -2.31 7.95
CA LYS A 31 22.34 -3.03 6.73
C LYS A 31 20.95 -3.64 6.82
N THR A 32 20.71 -4.39 7.90
CA THR A 32 19.46 -5.11 8.10
C THR A 32 18.28 -4.16 8.20
N THR A 33 18.43 -3.13 9.03
CA THR A 33 17.38 -2.15 9.21
C THR A 33 17.08 -1.43 7.90
N SER A 34 18.15 -1.08 7.17
CA SER A 34 18.00 -0.34 5.93
C SER A 34 17.43 -1.22 4.83
N SER A 35 17.88 -2.47 4.79
CA SER A 35 17.42 -3.40 3.75
C SER A 35 15.93 -3.68 3.91
N CYS A 36 15.47 -3.85 5.15
CA CYS A 36 14.04 -3.98 5.42
C CYS A 36 13.31 -2.72 4.99
N SER A 37 13.90 -1.57 5.28
CA SER A 37 13.27 -0.29 4.98
C SER A 37 13.15 -0.10 3.48
N ILE A 38 14.22 -0.43 2.76
CA ILE A 38 14.20 -0.32 1.31
C ILE A 38 13.15 -1.27 0.74
N ALA A 39 13.18 -2.52 1.21
CA ALA A 39 12.28 -3.55 0.73
C ALA A 39 10.81 -3.13 0.86
N ILE A 40 10.49 -2.49 1.98
CA ILE A 40 9.12 -2.07 2.24
C ILE A 40 8.72 -0.94 1.31
N GLN A 41 9.59 0.07 1.20
CA GLN A 41 9.34 1.23 0.34
C GLN A 41 9.08 0.82 -1.10
N MET A 42 9.86 -0.12 -1.61
CA MET A 42 9.70 -0.59 -2.97
C MET A 42 8.37 -1.34 -3.12
N ALA A 43 8.03 -2.16 -2.14
CA ALA A 43 6.80 -2.93 -2.20
C ALA A 43 5.56 -2.03 -2.17
N LEU A 44 5.61 -0.98 -1.36
CA LEU A 44 4.49 -0.03 -1.30
C LEU A 44 4.42 0.79 -2.58
N SER A 45 5.56 1.14 -3.13
CA SER A 45 5.62 1.99 -4.31
C SER A 45 5.28 1.21 -5.58
N GLN A 46 5.49 -0.10 -5.55
CA GLN A 46 5.25 -0.97 -6.71
C GLN A 46 4.46 -2.23 -6.31
N PRO A 47 3.16 -2.06 -6.01
CA PRO A 47 2.35 -3.19 -5.53
C PRO A 47 2.13 -4.26 -6.58
N ASN A 48 2.29 -3.91 -7.85
CA ASN A 48 2.07 -4.84 -8.95
C ASN A 48 3.24 -5.78 -9.19
N LYS A 49 4.32 -5.60 -8.43
CA LYS A 49 5.49 -6.46 -8.55
C LYS A 49 5.79 -7.18 -7.24
N GLN A 50 6.49 -8.30 -7.33
CA GLN A 50 6.83 -9.11 -6.17
C GLN A 50 8.29 -8.93 -5.77
N PHE A 51 8.52 -8.64 -4.49
CA PHE A 51 9.86 -8.40 -3.97
C PHE A 51 10.28 -9.48 -2.97
N LEU A 52 11.54 -9.90 -3.08
CA LEU A 52 12.12 -10.87 -2.16
C LEU A 52 13.32 -10.27 -1.45
N LEU A 53 13.35 -10.40 -0.13
CA LEU A 53 14.43 -9.87 0.68
C LEU A 53 15.23 -11.03 1.29
N ILE A 54 16.42 -11.27 0.75
CA ILE A 54 17.27 -12.38 1.16
C ILE A 54 18.41 -11.92 2.05
N SER A 55 18.56 -12.60 3.18
CA SER A 55 19.69 -12.39 4.09
C SER A 55 20.82 -13.34 3.74
N THR A 56 21.96 -12.79 3.30
CA THR A 56 23.14 -13.61 2.98
C THR A 56 24.18 -13.45 4.09
N ASN A 57 23.74 -12.85 5.19
CA ASN A 57 24.52 -12.83 6.42
C ASN A 57 24.21 -14.09 7.24
N PRO A 58 25.20 -15.01 7.40
CA PRO A 58 24.94 -16.27 8.13
C PRO A 58 24.33 -16.08 9.52
N ALA A 59 24.60 -14.93 10.13
CA ALA A 59 23.88 -14.55 11.36
C ALA A 59 22.69 -13.70 10.97
N HIS A 60 21.56 -14.36 10.75
CA HIS A 60 20.35 -13.71 10.24
C HIS A 60 19.66 -12.84 11.28
N ASN A 61 19.03 -11.76 10.83
CA ASN A 61 18.30 -10.84 11.70
C ASN A 61 16.92 -10.46 11.15
N LEU A 62 16.60 -10.90 9.94
CA LEU A 62 15.32 -10.54 9.32
C LEU A 62 14.15 -11.06 10.16
N SER A 63 14.25 -12.29 10.65
CA SER A 63 13.21 -12.84 11.51
C SER A 63 13.07 -12.02 12.77
N ASP A 64 14.21 -11.68 13.36
CA ASP A 64 14.22 -10.89 14.57
C ASP A 64 13.65 -9.50 14.34
N ALA A 65 13.94 -8.96 13.16
CA ALA A 65 13.55 -7.58 12.83
C ALA A 65 12.05 -7.44 12.64
N PHE A 66 11.46 -8.39 11.91
CA PHE A 66 10.01 -8.39 11.69
C PHE A 66 9.26 -9.10 12.82
N GLY A 67 9.92 -10.03 13.49
CA GLY A 67 9.28 -10.78 14.56
C GLY A 67 8.40 -11.91 14.06
N GLU A 68 8.88 -12.64 13.05
CA GLU A 68 8.22 -13.84 12.57
C GLU A 68 9.28 -14.72 11.92
N LYS A 69 9.00 -16.01 11.80
CA LYS A 69 10.03 -16.96 11.42
C LYS A 69 10.18 -17.11 9.90
N PHE A 70 11.34 -16.70 9.40
CA PHE A 70 11.73 -16.90 8.01
C PHE A 70 12.77 -18.02 7.96
N GLY A 71 12.98 -18.57 6.77
CA GLY A 71 13.89 -19.69 6.61
C GLY A 71 14.39 -19.84 5.19
N LYS A 72 14.90 -21.02 4.87
CA LYS A 72 15.49 -21.27 3.56
C LYS A 72 14.46 -21.14 2.44
N ASP A 73 13.19 -21.32 2.78
CA ASP A 73 12.10 -21.18 1.83
C ASP A 73 11.41 -19.84 2.02
N ALA A 74 11.27 -19.10 0.93
CA ALA A 74 10.78 -17.72 0.96
C ALA A 74 9.41 -17.65 1.61
N ARG A 75 9.17 -16.63 2.42
CA ARG A 75 7.87 -16.50 3.09
C ARG A 75 7.38 -15.07 3.09
N LYS A 76 6.07 -14.92 2.86
CA LYS A 76 5.43 -13.60 2.83
C LYS A 76 5.58 -12.89 4.18
N VAL A 77 5.90 -11.61 4.14
CA VAL A 77 5.95 -10.79 5.33
C VAL A 77 4.52 -10.47 5.77
N THR A 78 4.17 -10.88 6.98
CA THR A 78 2.82 -10.68 7.49
C THR A 78 2.50 -9.19 7.55
N GLY A 79 1.48 -8.77 6.81
CA GLY A 79 1.11 -7.37 6.73
C GLY A 79 1.42 -6.80 5.36
N MET A 80 2.23 -7.52 4.60
CA MET A 80 2.60 -7.13 3.24
C MET A 80 2.07 -8.15 2.23
N ASN A 81 1.61 -7.66 1.08
CA ASN A 81 1.06 -8.53 0.05
C ASN A 81 2.07 -8.94 -1.01
N ASN A 82 3.20 -8.25 -1.08
CA ASN A 82 4.19 -8.51 -2.12
C ASN A 82 5.64 -8.35 -1.65
N LEU A 83 5.88 -8.69 -0.39
CA LEU A 83 7.24 -8.72 0.14
C LEU A 83 7.45 -10.00 0.94
N SER A 84 8.49 -10.73 0.58
CA SER A 84 8.84 -11.98 1.26
C SER A 84 10.29 -11.95 1.71
N CYS A 85 10.60 -12.73 2.74
CA CYS A 85 11.97 -12.81 3.24
C CYS A 85 12.48 -14.25 3.20
N MET A 86 13.80 -14.39 3.09
CA MET A 86 14.45 -15.69 3.05
C MET A 86 15.74 -15.63 3.86
N GLU A 87 15.91 -16.58 4.77
CA GLU A 87 17.14 -16.75 5.53
C GLU A 87 17.66 -18.16 5.31
N ILE A 88 18.62 -18.30 4.40
CA ILE A 88 19.09 -19.62 4.01
C ILE A 88 19.83 -20.32 5.15
N ASP A 89 19.30 -21.47 5.53
CA ASP A 89 19.96 -22.34 6.50
C ASP A 89 20.83 -23.35 5.76
N PRO A 90 22.16 -23.28 5.93
CA PRO A 90 23.05 -24.18 5.18
C PRO A 90 22.83 -25.66 5.51
N SER A 91 22.55 -25.97 6.76
CA SER A 91 22.36 -27.36 7.17
C SER A 91 21.07 -27.93 6.58
N ALA A 92 20.00 -27.13 6.62
CA ALA A 92 18.70 -27.56 6.12
C ALA A 92 18.70 -27.69 4.61
N ALA A 93 19.39 -26.77 3.95
CA ALA A 93 19.49 -26.79 2.49
C ALA A 93 20.22 -28.05 2.03
N LEU A 94 21.33 -28.36 2.68
CA LEU A 94 22.11 -29.54 2.32
C LEU A 94 21.38 -30.83 2.68
N LYS A 95 20.62 -30.79 3.77
CA LYS A 95 19.80 -31.93 4.19
C LYS A 95 18.80 -32.28 3.10
N ASP A 96 18.04 -31.28 2.67
CA ASP A 96 17.01 -31.51 1.66
C ASP A 96 17.61 -31.85 0.32
N MET A 97 18.70 -31.16 -0.05
CA MET A 97 19.38 -31.46 -1.30
C MET A 97 19.89 -32.90 -1.33
N ASN A 98 20.44 -33.36 -0.21
CA ASN A 98 20.96 -34.72 -0.12
C ASN A 98 19.83 -35.74 -0.15
N ASP A 99 18.64 -35.32 0.27
CA ASP A 99 17.45 -36.18 0.20
C ASP A 99 16.99 -36.34 -1.24
N MET A 100 17.04 -35.24 -2.01
CA MET A 100 16.71 -35.28 -3.43
C MET A 100 17.72 -36.17 -4.17
N ALA A 101 18.95 -36.18 -3.68
CA ALA A 101 20.01 -36.99 -4.29
C ALA A 101 19.70 -38.48 -4.18
N VAL A 102 19.28 -38.92 -3.00
CA VAL A 102 18.83 -40.29 -2.80
C VAL A 102 17.62 -40.56 -3.69
N SER A 103 16.70 -39.60 -3.72
CA SER A 103 15.50 -39.69 -4.54
C SER A 103 15.80 -39.35 -5.99
N LEU A 126 28.01 -36.47 5.58
CA LEU A 126 28.82 -35.64 4.69
C LEU A 126 28.13 -34.31 4.41
N ALA A 127 26.80 -34.35 4.31
CA ALA A 127 26.01 -33.16 4.07
C ALA A 127 26.15 -32.18 5.24
N ASP A 128 26.30 -32.71 6.44
CA ASP A 128 26.47 -31.91 7.64
C ASP A 128 27.78 -31.11 7.58
N LEU A 129 28.85 -31.77 7.16
CA LEU A 129 30.16 -31.14 7.12
C LEU A 129 30.25 -30.08 6.03
N THR A 130 29.67 -30.38 4.87
CA THR A 130 29.69 -29.43 3.76
C THR A 130 28.95 -28.15 4.13
N GLY A 131 27.95 -28.26 4.98
CA GLY A 131 27.22 -27.09 5.45
C GLY A 131 27.95 -26.36 6.55
N SER A 132 29.19 -26.76 6.80
CA SER A 132 30.01 -26.17 7.85
C SER A 132 31.31 -25.58 7.30
N ILE A 133 31.58 -25.82 6.02
CA ILE A 133 32.80 -25.33 5.39
C ILE A 133 32.73 -23.81 5.18
N PRO A 134 33.80 -23.08 5.53
CA PRO A 134 33.82 -21.64 5.25
C PRO A 134 33.61 -21.34 3.77
N GLY A 135 32.61 -20.52 3.47
CA GLY A 135 32.28 -20.18 2.10
C GLY A 135 31.02 -20.85 1.60
N ILE A 136 30.50 -21.79 2.38
CA ILE A 136 29.30 -22.50 1.97
C ILE A 136 28.12 -21.55 1.93
N ASP A 137 28.15 -20.54 2.77
CA ASP A 137 27.04 -19.61 2.86
C ASP A 137 26.92 -18.78 1.59
N GLU A 138 28.06 -18.35 1.07
CA GLU A 138 28.08 -17.57 -0.15
C GLU A 138 27.74 -18.44 -1.36
N ALA A 139 28.24 -19.67 -1.35
CA ALA A 139 27.94 -20.62 -2.41
C ALA A 139 26.44 -20.92 -2.50
N LEU A 140 25.80 -21.08 -1.34
CA LEU A 140 24.37 -21.36 -1.28
C LEU A 140 23.55 -20.11 -1.60
N SER A 141 24.07 -18.95 -1.22
CA SER A 141 23.45 -17.68 -1.57
C SER A 141 23.47 -17.51 -3.08
N PHE A 142 24.63 -17.77 -3.67
CA PHE A 142 24.80 -17.68 -5.11
C PHE A 142 23.90 -18.68 -5.83
N MET A 143 23.74 -19.85 -5.22
CA MET A 143 22.90 -20.90 -5.77
C MET A 143 21.43 -20.47 -5.77
N GLU A 144 21.10 -19.57 -4.86
CA GLU A 144 19.77 -19.00 -4.79
C GLU A 144 19.56 -18.01 -5.93
N VAL A 145 20.62 -17.30 -6.29
CA VAL A 145 20.56 -16.36 -7.41
C VAL A 145 20.37 -17.09 -8.73
N MET A 146 21.14 -18.17 -8.94
CA MET A 146 20.99 -19.00 -10.13
C MET A 146 19.59 -19.59 -10.22
N LYS A 147 19.00 -19.87 -9.07
CA LYS A 147 17.70 -20.49 -9.02
C LYS A 147 16.63 -19.54 -9.56
N HIS A 148 16.88 -18.24 -9.45
CA HIS A 148 15.92 -17.24 -9.91
C HIS A 148 16.17 -16.79 -11.35
N ILE A 149 17.39 -16.91 -11.84
CA ILE A 149 17.68 -16.54 -13.23
C ILE A 149 17.38 -17.71 -14.17
N LYS A 150 17.38 -18.93 -13.65
CA LYS A 150 16.98 -20.10 -14.43
C LYS A 150 15.48 -20.11 -14.63
N ARG A 151 14.75 -19.55 -13.67
CA ARG A 151 13.30 -19.50 -13.72
C ARG A 151 12.80 -18.24 -14.41
N GLN A 152 13.69 -17.27 -14.59
CA GLN A 152 13.38 -16.05 -15.34
C GLN A 152 13.63 -16.24 -16.82
N GLU A 153 14.80 -16.80 -17.15
CA GLU A 153 15.16 -17.07 -18.55
C GLU A 153 14.11 -17.95 -19.22
N GLN A 154 13.53 -18.86 -18.45
CA GLN A 154 12.48 -19.74 -18.93
C GLN A 154 11.15 -19.37 -18.30
N GLY A 155 10.09 -20.07 -18.67
CA GLY A 155 8.79 -19.90 -18.05
C GLY A 155 8.62 -20.86 -16.89
N GLU A 156 9.73 -21.44 -16.45
CA GLU A 156 9.71 -22.46 -15.40
C GLU A 156 9.50 -21.83 -14.03
N THR A 159 8.38 -16.99 -8.83
CA THR A 159 9.58 -16.25 -8.48
C THR A 159 9.25 -14.77 -8.19
N PHE A 160 10.27 -13.92 -8.22
CA PHE A 160 10.12 -12.50 -7.89
C PHE A 160 10.73 -11.60 -8.96
N ASP A 161 10.24 -10.38 -9.04
CA ASP A 161 10.71 -9.41 -10.02
C ASP A 161 12.01 -8.73 -9.57
N THR A 162 12.09 -8.45 -8.27
CA THR A 162 13.26 -7.78 -7.70
C THR A 162 13.68 -8.45 -6.40
N VAL A 163 14.97 -8.73 -6.28
CA VAL A 163 15.53 -9.36 -5.08
C VAL A 163 16.48 -8.42 -4.37
N ILE A 164 16.14 -8.05 -3.13
CA ILE A 164 16.99 -7.22 -2.29
C ILE A 164 17.81 -8.09 -1.35
N PHE A 165 19.12 -7.83 -1.28
CA PHE A 165 20.02 -8.64 -0.45
C PHE A 165 20.47 -7.91 0.81
N ASP A 166 20.06 -8.43 1.97
CA ASP A 166 20.62 -7.98 3.25
C ASP A 166 21.90 -8.74 3.53
N THR A 167 23.01 -8.15 3.13
CA THR A 167 24.27 -8.90 3.05
C THR A 167 25.02 -8.97 4.36
N ALA A 168 25.99 -9.88 4.39
CA ALA A 168 26.96 -9.92 5.47
C ALA A 168 27.79 -8.62 5.44
N PRO A 169 28.52 -8.37 6.52
CA PRO A 169 29.42 -7.22 6.52
C PRO A 169 30.46 -7.29 5.40
N THR A 170 30.89 -6.10 4.99
CA THR A 170 31.85 -5.83 3.92
C THR A 170 32.67 -7.01 3.42
N GLY A 171 33.55 -7.52 4.28
CA GLY A 171 34.54 -8.52 3.91
C GLY A 171 34.01 -9.69 3.11
N HIS A 172 33.02 -10.39 3.65
CA HIS A 172 32.54 -11.61 3.02
C HIS A 172 31.56 -11.33 1.89
N THR A 173 30.92 -10.16 1.92
CA THR A 173 30.06 -9.74 0.82
C THR A 173 30.87 -9.53 -0.45
N LEU A 174 32.08 -9.00 -0.31
CA LEU A 174 32.95 -8.79 -1.47
C LEU A 174 33.30 -10.11 -2.16
N ARG A 175 33.59 -11.12 -1.35
CA ARG A 175 33.86 -12.46 -1.87
C ARG A 175 32.66 -12.96 -2.66
N PHE A 176 31.47 -12.70 -2.14
CA PHE A 176 30.24 -13.10 -2.80
C PHE A 176 30.07 -12.39 -4.15
N LEU A 177 30.29 -11.07 -4.18
CA LEU A 177 30.06 -10.29 -5.38
C LEU A 177 31.11 -10.55 -6.45
N GLN A 178 32.28 -11.01 -6.02
CA GLN A 178 33.36 -11.36 -6.94
C GLN A 178 33.17 -12.79 -7.44
N LEU A 179 32.19 -13.49 -6.86
CA LEU A 179 32.02 -14.91 -7.12
C LEU A 179 31.62 -15.26 -8.56
N PRO A 180 30.78 -14.42 -9.20
CA PRO A 180 30.49 -14.72 -10.61
C PRO A 180 31.75 -14.71 -11.48
N ASN A 181 32.61 -13.71 -11.27
CA ASN A 181 33.86 -13.63 -12.00
C ASN A 181 34.79 -14.80 -11.66
N THR A 182 34.78 -15.21 -10.40
CA THR A 182 35.70 -16.22 -9.91
C THR A 182 35.38 -17.60 -10.49
N LEU A 183 34.09 -17.93 -10.58
CA LEU A 183 33.67 -19.21 -11.16
C LEU A 183 33.87 -19.20 -12.67
N SER A 184 33.43 -18.12 -13.31
CA SER A 184 33.54 -17.97 -14.75
C SER A 184 34.98 -18.11 -15.22
N LYS A 185 35.90 -17.46 -14.52
CA LYS A 185 37.30 -17.48 -14.90
C LYS A 185 37.93 -18.84 -14.64
N LEU A 186 37.54 -19.47 -13.54
CA LEU A 186 38.07 -20.79 -13.19
C LEU A 186 37.55 -21.85 -14.15
N LEU A 187 36.29 -21.71 -14.56
CA LEU A 187 35.69 -22.65 -15.50
C LEU A 187 36.12 -22.35 -16.94
N GLU A 188 36.58 -21.12 -17.17
CA GLU A 188 37.15 -20.74 -18.46
C GLU A 188 38.44 -21.53 -18.71
N LYS A 189 39.30 -21.55 -17.70
CA LYS A 189 40.51 -22.36 -17.74
C LYS A 189 40.13 -23.82 -17.89
N PHE A 190 39.25 -24.27 -17.00
CA PHE A 190 38.74 -25.64 -16.98
C PHE A 190 38.34 -26.11 -18.38
N LYS A 215 25.91 -29.89 -19.99
CA LYS A 215 26.00 -29.95 -18.54
C LYS A 215 26.84 -28.82 -17.99
N LEU A 216 28.12 -28.84 -18.34
CA LEU A 216 29.08 -27.87 -17.84
C LEU A 216 28.93 -26.56 -18.62
N ASN A 217 28.36 -26.66 -19.81
CA ASN A 217 28.02 -25.47 -20.59
C ASN A 217 26.87 -24.70 -19.94
N GLU A 218 25.85 -25.43 -19.51
CA GLU A 218 24.73 -24.82 -18.80
C GLU A 218 25.24 -24.00 -17.61
N LEU A 219 26.11 -24.60 -16.82
CA LEU A 219 26.71 -23.90 -15.68
C LEU A 219 27.41 -22.63 -16.15
N LYS A 220 28.37 -22.79 -17.07
CA LYS A 220 29.13 -21.66 -17.58
C LYS A 220 28.22 -20.60 -18.20
N ALA A 221 27.12 -21.04 -18.80
CA ALA A 221 26.17 -20.13 -19.43
C ALA A 221 25.40 -19.32 -18.40
N ASN A 222 25.01 -19.97 -17.31
CA ASN A 222 24.24 -19.29 -16.26
C ASN A 222 25.12 -18.40 -15.39
N VAL A 223 26.38 -18.76 -15.24
CA VAL A 223 27.32 -17.95 -14.49
C VAL A 223 27.60 -16.64 -15.23
N GLU A 224 27.92 -16.75 -16.52
CA GLU A 224 28.19 -15.58 -17.35
C GLU A 224 26.99 -14.65 -17.39
N THR A 225 25.78 -15.23 -17.29
CA THR A 225 24.56 -14.44 -17.30
C THR A 225 24.47 -13.58 -16.03
N ILE A 226 24.86 -14.15 -14.90
CA ILE A 226 24.85 -13.40 -13.64
C ILE A 226 25.99 -12.39 -13.62
N ARG A 227 27.09 -12.73 -14.28
CA ARG A 227 28.24 -11.83 -14.36
C ARG A 227 27.91 -10.56 -15.13
N GLN A 228 27.08 -10.68 -16.16
CA GLN A 228 26.75 -9.52 -16.99
C GLN A 228 25.64 -8.69 -16.34
N GLN A 229 24.71 -9.35 -15.66
CA GLN A 229 23.61 -8.63 -15.03
C GLN A 229 24.05 -7.87 -13.79
N PHE A 230 25.01 -8.44 -13.05
CA PHE A 230 25.56 -7.76 -11.88
C PHE A 230 26.38 -6.55 -12.29
N THR A 231 26.90 -6.55 -13.51
CA THR A 231 27.69 -5.44 -14.03
C THR A 231 26.84 -4.54 -14.91
N ASP A 232 25.52 -4.67 -14.80
CA ASP A 232 24.59 -3.82 -15.54
C ASP A 232 24.02 -2.75 -14.59
N PRO A 233 24.33 -1.47 -14.82
CA PRO A 233 23.92 -0.40 -13.90
C PRO A 233 22.41 -0.32 -13.66
N ASP A 234 21.64 -0.70 -14.68
CA ASP A 234 20.19 -0.58 -14.62
C ASP A 234 19.50 -1.77 -13.94
N LEU A 235 20.20 -2.91 -13.87
CA LEU A 235 19.64 -4.12 -13.27
C LEU A 235 20.10 -4.31 -11.83
N THR A 236 21.38 -4.05 -11.60
CA THR A 236 22.01 -4.29 -10.30
C THR A 236 22.66 -3.03 -9.74
N THR A 237 22.48 -2.81 -8.44
CA THR A 237 23.16 -1.72 -7.75
C THR A 237 23.44 -2.10 -6.31
N PHE A 238 24.32 -1.34 -5.67
CA PHE A 238 24.77 -1.59 -4.32
C PHE A 238 24.53 -0.34 -3.46
N VAL A 239 23.64 -0.46 -2.47
CA VAL A 239 23.39 0.64 -1.54
C VAL A 239 24.26 0.47 -0.30
N CYS A 240 25.18 1.41 -0.11
N CYS A 240 25.18 1.41 -0.09
CA CYS A 240 26.09 1.36 1.02
CA CYS A 240 26.13 1.33 1.01
C CYS A 240 25.47 2.03 2.24
C CYS A 240 25.63 2.07 2.26
N VAL A 241 25.52 1.33 3.36
CA VAL A 241 25.10 1.89 4.63
C VAL A 241 26.35 2.16 5.45
N CYS A 242 26.36 3.27 6.18
CA CYS A 242 27.48 3.62 7.04
C CYS A 242 27.02 4.53 8.17
N ILE A 243 27.92 4.80 9.11
CA ILE A 243 27.68 5.76 10.18
C ILE A 243 28.78 6.81 10.13
N SER A 244 28.50 7.99 10.67
CA SER A 244 29.44 9.10 10.62
C SER A 244 30.51 8.96 11.71
N GLU A 245 31.33 7.92 11.60
CA GLU A 245 32.39 7.62 12.57
C GLU A 245 33.65 7.19 11.84
N PHE A 246 34.81 7.51 12.42
CA PHE A 246 36.08 7.37 11.73
C PHE A 246 36.36 5.92 11.29
N LEU A 247 35.98 4.95 12.11
CA LEU A 247 36.26 3.56 11.79
C LEU A 247 35.45 3.09 10.59
N SER A 248 34.25 3.63 10.43
CA SER A 248 33.40 3.33 9.29
C SER A 248 33.86 4.04 8.00
N LEU A 249 34.34 5.28 8.14
CA LEU A 249 34.69 6.11 6.99
C LEU A 249 35.69 5.44 6.04
N TYR A 250 36.78 4.94 6.59
CA TYR A 250 37.83 4.35 5.78
C TYR A 250 37.40 2.99 5.25
N GLU A 251 36.67 2.21 6.03
CA GLU A 251 36.19 0.92 5.54
C GLU A 251 35.18 1.16 4.41
N THR A 252 34.29 2.11 4.62
CA THR A 252 33.30 2.45 3.61
C THR A 252 33.94 2.89 2.29
N GLU A 253 34.96 3.75 2.37
CA GLU A 253 35.63 4.23 1.16
C GLU A 253 36.33 3.07 0.46
N ARG A 254 36.97 2.21 1.26
CA ARG A 254 37.56 0.97 0.75
C ARG A 254 36.53 0.10 0.04
N LEU A 255 35.34 -0.02 0.63
CA LEU A 255 34.29 -0.88 0.12
C LEU A 255 33.81 -0.40 -1.25
N ILE A 256 33.50 0.89 -1.36
CA ILE A 256 32.99 1.45 -2.59
C ILE A 256 34.00 1.33 -3.73
N GLN A 257 35.25 1.70 -3.46
CA GLN A 257 36.30 1.61 -4.46
C GLN A 257 36.45 0.17 -4.98
N GLU A 258 36.42 -0.78 -4.06
CA GLU A 258 36.50 -2.19 -4.40
C GLU A 258 35.36 -2.58 -5.34
N LEU A 259 34.14 -2.16 -5.00
CA LEU A 259 32.96 -2.50 -5.78
C LEU A 259 33.06 -1.95 -7.19
N ILE A 260 33.48 -0.70 -7.29
CA ILE A 260 33.68 -0.04 -8.58
C ILE A 260 34.61 -0.86 -9.48
N SER A 261 35.70 -1.38 -8.90
CA SER A 261 36.65 -2.18 -9.67
C SER A 261 36.03 -3.49 -10.17
N TYR A 262 35.02 -3.97 -9.46
CA TYR A 262 34.28 -5.15 -9.88
C TYR A 262 33.24 -4.81 -10.96
N ASP A 263 33.23 -3.55 -11.38
CA ASP A 263 32.22 -3.03 -12.29
C ASP A 263 30.82 -3.17 -11.70
N MET A 264 30.75 -3.11 -10.37
CA MET A 264 29.48 -3.04 -9.68
C MET A 264 29.08 -1.58 -9.54
N ASP A 265 27.82 -1.28 -9.80
CA ASP A 265 27.33 0.09 -9.68
C ASP A 265 26.96 0.42 -8.24
N VAL A 266 27.42 1.57 -7.77
CA VAL A 266 27.07 2.08 -6.45
C VAL A 266 26.89 3.58 -6.57
N ASN A 267 25.67 4.05 -6.30
CA ASN A 267 25.35 5.47 -6.38
C ASN A 267 24.53 5.94 -5.18
N SER A 268 24.38 5.06 -4.19
CA SER A 268 23.56 5.37 -3.01
C SER A 268 24.32 5.07 -1.73
N ILE A 269 24.40 6.08 -0.86
CA ILE A 269 24.96 5.91 0.47
C ILE A 269 23.97 6.33 1.54
N ILE A 270 23.70 5.44 2.48
CA ILE A 270 22.90 5.78 3.66
C ILE A 270 23.82 6.08 4.84
N VAL A 271 23.78 7.32 5.32
CA VAL A 271 24.49 7.69 6.54
C VAL A 271 23.51 7.60 7.70
N ASN A 272 23.68 6.56 8.51
CA ASN A 272 22.70 6.17 9.50
C ASN A 272 23.08 6.59 10.93
N GLN A 273 22.09 6.60 11.82
CA GLN A 273 22.32 6.82 13.26
C GLN A 273 22.87 8.22 13.56
N LEU A 274 22.40 9.22 12.83
CA LEU A 274 22.84 10.60 13.06
C LEU A 274 22.04 11.26 14.18
N LEU A 275 22.73 11.98 15.05
CA LEU A 275 22.10 12.61 16.21
C LEU A 275 21.32 13.88 15.87
N PHE A 276 21.88 14.72 15.00
CA PHE A 276 21.35 16.06 14.75
C PHE A 276 21.08 16.77 16.08
N ALA A 277 22.08 16.80 16.96
CA ALA A 277 21.90 17.35 18.30
C ALA A 277 21.72 18.87 18.28
N GLU A 278 21.81 19.48 17.11
CA GLU A 278 21.55 20.90 16.96
C GLU A 278 20.05 21.17 16.81
N ASN A 279 19.27 20.10 16.67
CA ASN A 279 17.82 20.21 16.44
C ASN A 279 16.99 19.48 17.52
N ASP A 280 17.64 19.10 18.62
CA ASP A 280 17.00 18.26 19.63
C ASP A 280 15.95 18.99 20.46
N GLN A 281 15.98 20.32 20.45
CA GLN A 281 15.15 21.17 21.32
C GLN A 281 15.71 21.21 22.74
N GLU A 282 16.60 20.27 23.06
CA GLU A 282 17.27 20.25 24.36
C GLU A 282 18.50 21.17 24.34
N HIS A 283 19.35 20.99 23.34
CA HIS A 283 20.59 21.75 23.21
C HIS A 283 21.49 21.58 24.43
N ASN A 284 21.43 20.39 25.01
CA ASN A 284 22.28 20.01 26.14
C ASN A 284 22.67 18.55 25.97
N CYS A 285 22.94 17.86 27.07
CA CYS A 285 23.51 16.51 27.03
C CYS A 285 24.89 16.60 26.42
N LYS A 286 25.89 16.65 27.28
CA LYS A 286 27.26 16.86 26.86
C LYS A 286 27.72 15.78 25.89
N ARG A 287 27.34 14.53 26.14
CA ARG A 287 27.74 13.42 25.29
C ARG A 287 27.18 13.58 23.88
N CYS A 288 25.88 13.88 23.79
CA CYS A 288 25.22 14.04 22.49
C CYS A 288 25.82 15.21 21.69
N GLN A 289 26.03 16.35 22.34
CA GLN A 289 26.60 17.51 21.65
C GLN A 289 28.01 17.21 21.19
N ALA A 290 28.79 16.59 22.07
CA ALA A 290 30.16 16.23 21.76
C ALA A 290 30.21 15.24 20.61
N ARG A 291 29.34 14.22 20.66
CA ARG A 291 29.30 13.19 19.62
C ARG A 291 28.76 13.73 18.31
N TRP A 292 27.71 14.56 18.38
CA TRP A 292 27.15 15.17 17.18
C TRP A 292 28.18 16.09 16.51
N LYS A 293 28.90 16.84 17.32
CA LYS A 293 30.00 17.67 16.84
C LYS A 293 30.93 16.83 15.97
N MET A 294 31.25 15.63 16.44
CA MET A 294 32.12 14.71 15.71
C MET A 294 31.43 14.16 14.45
N GLN A 295 30.14 13.84 14.57
CA GLN A 295 29.38 13.29 13.44
C GLN A 295 29.24 14.31 12.32
N LYS A 296 28.90 15.54 12.70
CA LYS A 296 28.68 16.61 11.73
C LYS A 296 29.95 16.89 10.94
N LYS A 297 31.10 16.81 11.61
CA LYS A 297 32.37 17.03 10.94
C LYS A 297 32.57 16.03 9.82
N TYR A 298 32.37 14.75 10.12
CA TYR A 298 32.55 13.71 9.13
C TYR A 298 31.45 13.71 8.08
N LEU A 299 30.27 14.20 8.46
CA LEU A 299 29.17 14.26 7.52
C LEU A 299 29.50 15.24 6.39
N ASP A 300 30.17 16.34 6.73
CA ASP A 300 30.60 17.30 5.73
C ASP A 300 31.60 16.67 4.78
N GLN A 301 32.52 15.89 5.34
CA GLN A 301 33.56 15.22 4.56
C GLN A 301 32.92 14.21 3.60
N ILE A 302 31.94 13.48 4.09
CA ILE A 302 31.22 12.51 3.28
C ILE A 302 30.46 13.21 2.14
N ASP A 303 29.76 14.29 2.47
CA ASP A 303 28.99 15.03 1.48
C ASP A 303 29.88 15.57 0.36
N GLU A 304 31.07 15.99 0.71
CA GLU A 304 32.00 16.52 -0.27
C GLU A 304 32.52 15.45 -1.21
N LEU A 305 33.01 14.35 -0.64
CA LEU A 305 33.61 13.30 -1.45
C LEU A 305 32.60 12.62 -2.36
N TYR A 306 31.39 12.41 -1.84
CA TYR A 306 30.38 11.65 -2.56
C TYR A 306 29.30 12.57 -3.14
N GLU A 307 29.73 13.62 -3.83
CA GLU A 307 28.78 14.56 -4.45
C GLU A 307 28.01 13.89 -5.59
N ASP A 308 28.59 12.87 -6.18
CA ASP A 308 27.93 12.11 -7.25
C ASP A 308 26.94 11.07 -6.71
N PHE A 309 26.92 10.90 -5.39
CA PHE A 309 26.09 9.88 -4.78
C PHE A 309 24.82 10.47 -4.16
N HIS A 310 23.76 9.67 -4.16
CA HIS A 310 22.62 9.95 -3.28
C HIS A 310 23.08 9.71 -1.85
N VAL A 311 23.18 10.78 -1.08
CA VAL A 311 23.64 10.69 0.31
C VAL A 311 22.47 10.88 1.26
N VAL A 312 21.89 9.77 1.68
CA VAL A 312 20.68 9.79 2.48
C VAL A 312 21.01 9.75 3.97
N LYS A 313 20.56 10.77 4.68
CA LYS A 313 20.85 10.91 6.09
C LYS A 313 19.67 10.40 6.94
N MET A 314 19.97 9.48 7.84
CA MET A 314 18.95 8.86 8.70
C MET A 314 19.26 9.11 10.17
N PRO A 315 18.26 9.52 10.95
CA PRO A 315 18.51 9.87 12.36
C PRO A 315 18.50 8.67 13.32
N LEU A 316 19.21 8.79 14.44
CA LEU A 316 19.13 7.82 15.51
C LEU A 316 17.80 7.95 16.23
N CYS A 317 17.01 6.89 16.23
CA CYS A 317 15.69 6.91 16.84
C CYS A 317 15.77 6.58 18.33
N ALA A 318 14.79 7.08 19.08
CA ALA A 318 14.73 6.85 20.52
C ALA A 318 14.13 5.48 20.83
N GLY A 319 13.23 5.01 19.97
CA GLY A 319 12.58 3.73 20.14
C GLY A 319 13.27 2.63 19.35
N GLU A 320 12.67 1.44 19.38
CA GLU A 320 13.18 0.29 18.64
C GLU A 320 12.61 0.24 17.23
N ILE A 321 13.48 0.07 16.25
CA ILE A 321 13.05 -0.11 14.88
C ILE A 321 12.85 -1.59 14.63
N ARG A 322 11.74 -2.11 15.16
CA ARG A 322 11.38 -3.52 15.05
C ARG A 322 9.88 -3.66 14.78
N GLY A 323 9.52 -4.61 13.92
CA GLY A 323 8.15 -4.80 13.52
C GLY A 323 7.85 -4.02 12.26
N LEU A 324 6.83 -4.47 11.51
CA LEU A 324 6.46 -3.85 10.25
C LEU A 324 6.11 -2.37 10.42
N ASN A 325 5.43 -2.05 11.51
CA ASN A 325 4.98 -0.70 11.75
C ASN A 325 6.14 0.28 11.90
N ASN A 326 7.06 -0.03 12.79
CA ASN A 326 8.20 0.85 13.05
C ASN A 326 9.18 0.91 11.88
N LEU A 327 9.38 -0.22 11.21
CA LEU A 327 10.27 -0.26 10.05
C LEU A 327 9.70 0.58 8.92
N THR A 328 8.38 0.55 8.77
CA THR A 328 7.73 1.36 7.74
C THR A 328 7.89 2.85 8.06
N LYS A 329 7.62 3.22 9.30
CA LYS A 329 7.69 4.62 9.72
C LYS A 329 9.10 5.19 9.59
N PHE A 330 10.10 4.31 9.69
CA PHE A 330 11.49 4.69 9.52
C PHE A 330 11.84 4.79 8.05
N SER A 331 11.28 3.87 7.26
CA SER A 331 11.64 3.71 5.86
C SER A 331 11.23 4.91 4.99
N GLN A 332 10.29 5.72 5.47
CA GLN A 332 9.77 6.82 4.66
C GLN A 332 10.88 7.82 4.35
N PHE A 333 11.85 7.95 5.25
CA PHE A 333 12.90 8.94 5.11
C PHE A 333 13.94 8.53 4.07
N LEU A 334 13.84 7.29 3.60
CA LEU A 334 14.65 6.85 2.46
C LEU A 334 14.07 7.37 1.15
N ASN A 335 12.78 7.72 1.17
CA ASN A 335 12.09 8.17 -0.02
C ASN A 335 11.99 9.70 -0.06
N LYS A 336 11.54 10.28 1.05
CA LYS A 336 11.50 11.73 1.22
C LYS A 336 12.48 12.12 2.33
N GLU A 337 13.52 12.87 1.97
CA GLU A 337 14.64 13.13 2.89
C GLU A 337 14.18 13.62 4.25
N TYR A 338 14.91 13.23 5.28
CA TYR A 338 14.58 13.56 6.66
C TYR A 338 14.96 15.00 7.00
N ASN A 339 13.96 15.78 7.43
CA ASN A 339 14.18 17.16 7.86
C ASN A 339 14.22 17.24 9.39
N PRO A 340 15.42 17.45 9.98
CA PRO A 340 15.54 17.48 11.44
C PRO A 340 14.67 18.53 12.12
N ILE A 341 14.22 19.53 11.36
CA ILE A 341 13.44 20.63 11.91
C ILE A 341 11.96 20.27 11.99
N THR A 342 11.48 19.58 10.97
CA THR A 342 10.06 19.26 10.83
C THR A 342 9.72 17.84 11.27
N ASP A 343 10.50 16.87 10.79
CA ASP A 343 10.20 15.46 11.01
C ASP A 343 10.83 14.94 12.29
N GLY A 344 11.15 15.85 13.21
CA GLY A 344 11.86 15.47 14.43
C GLY A 344 11.03 14.61 15.38
N LYS A 345 9.72 14.80 15.37
CA LYS A 345 8.85 14.12 16.32
C LYS A 345 8.82 12.61 16.11
N VAL A 346 9.14 12.18 14.89
CA VAL A 346 9.04 10.77 14.52
C VAL A 346 10.03 9.92 15.31
N ILE A 347 11.08 10.57 15.83
CA ILE A 347 12.11 9.88 16.59
C ILE A 347 11.54 9.20 17.84
N TYR A 348 10.47 9.78 18.39
CA TYR A 348 9.86 9.30 19.63
C TYR A 348 8.50 8.67 19.42
N GLU A 349 8.07 8.55 18.18
CA GLU A 349 6.74 8.02 17.85
C GLU A 349 6.77 6.53 17.51
N LEU A 350 7.91 5.89 17.70
CA LEU A 350 8.04 4.47 17.39
C LEU A 350 7.24 3.62 18.38
N GLU A 351 6.38 2.77 17.84
CA GLU A 351 5.52 1.91 18.64
C GLU A 351 6.35 0.94 19.50
N ASP A 352 5.99 0.84 20.77
CA ASP A 352 6.64 -0.08 21.69
C ASP A 352 5.65 -1.11 22.22
N THR B 4 35.77 -16.89 39.57
CA THR B 4 35.10 -15.64 39.92
C THR B 4 33.97 -15.34 38.93
N VAL B 5 33.09 -14.42 39.31
CA VAL B 5 31.95 -14.04 38.48
C VAL B 5 31.73 -12.52 38.55
N GLU B 6 32.81 -11.80 38.85
CA GLU B 6 32.78 -10.34 38.92
C GLU B 6 32.66 -9.72 37.53
N PRO B 7 32.11 -8.49 37.45
CA PRO B 7 31.91 -7.86 36.14
C PRO B 7 33.17 -7.19 35.60
N ASN B 8 34.20 -7.99 35.40
CA ASN B 8 35.43 -7.53 34.78
C ASN B 8 36.15 -8.70 34.14
N LEU B 9 37.25 -8.40 33.46
CA LEU B 9 38.05 -9.39 32.76
C LEU B 9 39.42 -9.52 33.42
N HIS B 10 39.49 -9.15 34.69
CA HIS B 10 40.76 -9.19 35.41
C HIS B 10 41.38 -10.57 35.39
N SER B 11 40.53 -11.59 35.60
CA SER B 11 40.98 -12.98 35.59
C SER B 11 41.62 -13.38 34.27
N LEU B 12 40.99 -13.00 33.18
CA LEU B 12 41.53 -13.30 31.85
C LEU B 12 42.77 -12.44 31.59
N ILE B 13 42.68 -11.15 31.91
CA ILE B 13 43.78 -10.23 31.69
C ILE B 13 45.08 -10.71 32.32
N THR B 14 44.98 -11.23 33.55
CA THR B 14 46.16 -11.66 34.30
C THR B 14 46.43 -13.16 34.19
N SER B 15 45.58 -13.88 33.45
CA SER B 15 45.80 -15.30 33.22
C SER B 15 47.09 -15.54 32.44
N THR B 16 47.80 -16.60 32.80
CA THR B 16 49.10 -16.89 32.20
C THR B 16 49.10 -18.18 31.37
N THR B 17 47.98 -18.87 31.30
CA THR B 17 47.91 -20.12 30.54
C THR B 17 47.18 -19.95 29.21
N HIS B 18 46.34 -18.93 29.10
CA HIS B 18 45.55 -18.75 27.87
C HIS B 18 46.43 -18.37 26.69
N LYS B 19 46.38 -19.20 25.64
CA LYS B 19 47.18 -18.99 24.44
C LYS B 19 46.35 -18.43 23.27
N TRP B 20 45.07 -18.79 23.24
CA TRP B 20 44.15 -18.36 22.19
C TRP B 20 42.94 -17.66 22.79
N ILE B 21 42.76 -16.38 22.49
CA ILE B 21 41.62 -15.61 22.98
C ILE B 21 40.82 -15.02 21.82
N PHE B 22 39.61 -15.53 21.65
CA PHE B 22 38.73 -15.08 20.57
C PHE B 22 37.76 -14.01 21.06
N VAL B 23 37.75 -12.87 20.37
CA VAL B 23 36.83 -11.77 20.66
C VAL B 23 35.85 -11.61 19.51
N GLY B 24 34.57 -11.87 19.78
CA GLY B 24 33.58 -11.95 18.72
C GLY B 24 32.23 -11.42 19.15
N GLY B 25 31.26 -11.52 18.26
CA GLY B 25 29.94 -10.95 18.49
C GLY B 25 29.33 -10.38 17.22
N LYS B 26 28.19 -9.74 17.37
CA LYS B 26 27.46 -9.17 16.24
C LYS B 26 28.26 -8.06 15.56
N GLY B 27 27.89 -7.75 14.32
CA GLY B 27 28.52 -6.67 13.59
C GLY B 27 28.40 -5.35 14.34
N GLY B 28 29.54 -4.70 14.53
CA GLY B 28 29.57 -3.32 15.04
C GLY B 28 29.30 -3.13 16.53
N VAL B 29 29.49 -4.18 17.33
CA VAL B 29 29.20 -4.08 18.76
C VAL B 29 30.44 -3.64 19.54
N GLY B 30 31.61 -3.91 18.98
CA GLY B 30 32.87 -3.46 19.56
C GLY B 30 33.95 -4.53 19.62
N LYS B 31 33.98 -5.43 18.64
CA LYS B 31 34.97 -6.49 18.62
C LYS B 31 36.39 -5.93 18.49
N THR B 32 36.56 -5.01 17.55
CA THR B 32 37.88 -4.45 17.29
C THR B 32 38.31 -3.61 18.49
N THR B 33 37.42 -2.73 18.96
CA THR B 33 37.72 -1.88 20.08
C THR B 33 38.06 -2.68 21.33
N SER B 34 37.29 -3.73 21.58
CA SER B 34 37.47 -4.57 22.77
C SER B 34 38.71 -5.44 22.69
N SER B 35 38.98 -6.02 21.52
CA SER B 35 40.11 -6.92 21.38
C SER B 35 41.43 -6.13 21.45
N CYS B 36 41.44 -4.92 20.91
CA CYS B 36 42.57 -4.01 21.14
C CYS B 36 42.69 -3.76 22.64
N SER B 37 41.57 -3.48 23.29
CA SER B 37 41.55 -3.15 24.72
C SER B 37 42.05 -4.29 25.58
N ILE B 38 41.62 -5.51 25.25
CA ILE B 38 42.05 -6.70 25.97
C ILE B 38 43.54 -6.94 25.76
N ALA B 39 44.00 -6.70 24.54
CA ALA B 39 45.40 -6.94 24.19
C ALA B 39 46.33 -5.97 24.88
N ILE B 40 45.92 -4.70 24.98
CA ILE B 40 46.69 -3.71 25.68
C ILE B 40 46.76 -4.04 27.18
N GLN B 41 45.62 -4.37 27.78
CA GLN B 41 45.57 -4.70 29.19
C GLN B 41 46.46 -5.89 29.55
N MET B 42 46.41 -6.94 28.73
CA MET B 42 47.26 -8.11 28.97
C MET B 42 48.73 -7.76 28.78
N ALA B 43 49.01 -6.92 27.79
CA ALA B 43 50.38 -6.52 27.48
C ALA B 43 51.01 -5.76 28.63
N LEU B 44 50.26 -4.80 29.18
CA LEU B 44 50.75 -4.01 30.31
C LEU B 44 50.76 -4.84 31.59
N SER B 45 49.84 -5.81 31.68
CA SER B 45 49.72 -6.63 32.87
C SER B 45 50.81 -7.70 32.93
N GLN B 46 51.18 -8.23 31.77
CA GLN B 46 52.20 -9.29 31.69
C GLN B 46 53.32 -8.85 30.76
N PRO B 47 54.15 -7.89 31.21
CA PRO B 47 55.18 -7.28 30.37
C PRO B 47 56.22 -8.27 29.84
N ASN B 48 56.31 -9.44 30.46
CA ASN B 48 57.29 -10.43 30.06
C ASN B 48 56.76 -11.41 29.00
N LYS B 49 55.49 -11.26 28.64
CA LYS B 49 54.89 -12.07 27.59
C LYS B 49 54.74 -11.27 26.30
N GLN B 50 54.83 -11.97 25.17
CA GLN B 50 54.62 -11.34 23.87
C GLN B 50 53.22 -11.67 23.37
N PHE B 51 52.49 -10.63 22.97
CA PHE B 51 51.11 -10.77 22.52
C PHE B 51 50.96 -10.39 21.04
N LEU B 52 50.19 -11.21 20.33
CA LEU B 52 49.84 -10.95 18.95
C LEU B 52 48.34 -10.72 18.86
N LEU B 53 47.96 -9.59 18.28
CA LEU B 53 46.56 -9.29 18.01
C LEU B 53 46.33 -9.45 16.51
N ILE B 54 45.56 -10.46 16.14
CA ILE B 54 45.33 -10.75 14.73
C ILE B 54 43.87 -10.55 14.36
N SER B 55 43.65 -9.87 13.23
CA SER B 55 42.32 -9.62 12.70
C SER B 55 41.96 -10.73 11.72
N THR B 56 40.86 -11.43 11.99
CA THR B 56 40.38 -12.49 11.10
C THR B 56 39.11 -12.00 10.43
N ASN B 57 38.86 -10.70 10.54
CA ASN B 57 37.79 -10.04 9.79
C ASN B 57 38.37 -9.52 8.46
N PRO B 58 37.86 -10.02 7.32
CA PRO B 58 38.44 -9.63 6.03
C PRO B 58 38.45 -8.12 5.79
N ALA B 59 37.52 -7.41 6.42
CA ALA B 59 37.57 -5.94 6.48
C ALA B 59 38.30 -5.56 7.75
N HIS B 60 39.62 -5.42 7.65
CA HIS B 60 40.47 -5.20 8.81
C HIS B 60 40.33 -3.77 9.32
N ASN B 61 40.32 -3.63 10.65
CA ASN B 61 40.21 -2.31 11.28
C ASN B 61 41.31 -2.02 12.29
N LEU B 62 42.28 -2.92 12.42
CA LEU B 62 43.37 -2.72 13.37
C LEU B 62 44.24 -1.55 12.94
N SER B 63 44.54 -1.47 11.65
CA SER B 63 45.33 -0.38 11.13
C SER B 63 44.62 0.94 11.38
N ASP B 64 43.32 0.99 11.12
CA ASP B 64 42.54 2.20 11.34
C ASP B 64 42.49 2.57 12.83
N ALA B 65 42.42 1.54 13.68
CA ALA B 65 42.25 1.77 15.12
C ALA B 65 43.50 2.37 15.76
N PHE B 66 44.66 1.86 15.38
CA PHE B 66 45.93 2.35 15.95
C PHE B 66 46.54 3.50 15.15
N GLY B 67 46.14 3.66 13.90
CA GLY B 67 46.69 4.70 13.04
C GLY B 67 48.06 4.38 12.47
N GLU B 68 48.32 3.11 12.21
CA GLU B 68 49.53 2.70 11.52
C GLU B 68 49.23 1.47 10.66
N LYS B 69 50.03 1.26 9.63
CA LYS B 69 49.75 0.20 8.68
C LYS B 69 50.26 -1.17 9.14
N PHE B 70 49.34 -2.10 9.33
CA PHE B 70 49.66 -3.48 9.62
C PHE B 70 49.49 -4.34 8.35
N GLY B 71 50.07 -5.53 8.36
CA GLY B 71 50.06 -6.39 7.20
C GLY B 71 50.12 -7.86 7.57
N LYS B 72 50.41 -8.70 6.58
CA LYS B 72 50.43 -10.14 6.80
C LYS B 72 51.52 -10.51 7.80
N ASP B 73 52.58 -9.70 7.85
CA ASP B 73 53.66 -9.88 8.82
C ASP B 73 53.37 -9.08 10.08
N ALA B 74 53.54 -9.71 11.24
CA ALA B 74 53.30 -9.04 12.52
C ALA B 74 54.26 -7.88 12.72
N ARG B 75 53.73 -6.76 13.20
CA ARG B 75 54.53 -5.61 13.59
C ARG B 75 54.12 -5.12 14.97
N LYS B 76 55.11 -4.73 15.77
CA LYS B 76 54.87 -4.12 17.06
C LYS B 76 53.96 -2.91 16.92
N VAL B 77 53.04 -2.76 17.87
CA VAL B 77 52.32 -1.51 18.02
C VAL B 77 53.31 -0.44 18.51
N THR B 78 53.34 0.70 17.83
CA THR B 78 54.21 1.79 18.24
C THR B 78 53.78 2.32 19.61
N GLY B 79 54.70 2.27 20.57
CA GLY B 79 54.41 2.63 21.95
C GLY B 79 54.29 1.43 22.87
N MET B 80 54.29 0.23 22.30
CA MET B 80 54.22 -1.02 23.06
C MET B 80 55.45 -1.88 22.80
N ASN B 81 55.98 -2.49 23.85
CA ASN B 81 57.16 -3.35 23.74
C ASN B 81 56.79 -4.81 23.46
N ASN B 82 55.54 -5.18 23.70
CA ASN B 82 55.13 -6.58 23.66
C ASN B 82 53.74 -6.82 23.09
N LEU B 83 53.26 -5.86 22.30
CA LEU B 83 52.01 -6.05 21.56
C LEU B 83 52.24 -5.85 20.07
N SER B 84 51.85 -6.84 19.27
CA SER B 84 51.98 -6.78 17.83
C SER B 84 50.64 -7.01 17.17
N CYS B 85 50.51 -6.56 15.92
CA CYS B 85 49.27 -6.70 15.16
C CYS B 85 49.52 -7.33 13.80
N MET B 86 48.50 -8.05 13.31
CA MET B 86 48.58 -8.70 12.01
C MET B 86 47.25 -8.57 11.28
N GLU B 87 47.35 -8.29 9.98
CA GLU B 87 46.20 -8.17 9.10
C GLU B 87 46.48 -8.93 7.81
N ILE B 88 45.88 -10.10 7.68
CA ILE B 88 46.19 -10.99 6.56
C ILE B 88 45.56 -10.51 5.26
N ASP B 89 46.41 -10.34 4.25
CA ASP B 89 45.99 -9.97 2.91
C ASP B 89 46.01 -11.22 2.03
N PRO B 90 44.85 -11.77 1.68
CA PRO B 90 44.87 -13.02 0.91
C PRO B 90 45.56 -12.87 -0.44
N SER B 91 45.39 -11.72 -1.09
CA SER B 91 46.03 -11.49 -2.38
C SER B 91 47.55 -11.53 -2.26
N ALA B 92 48.08 -10.87 -1.24
CA ALA B 92 49.53 -10.81 -1.06
C ALA B 92 50.06 -12.09 -0.43
N ALA B 93 49.27 -12.68 0.47
CA ALA B 93 49.68 -13.91 1.15
C ALA B 93 49.88 -15.04 0.16
N LEU B 94 49.09 -15.04 -0.91
CA LEU B 94 49.15 -16.08 -1.91
C LEU B 94 50.19 -15.75 -2.98
N LYS B 95 50.55 -14.47 -3.07
CA LYS B 95 51.59 -14.05 -4.00
C LYS B 95 52.96 -14.49 -3.47
N ASP B 96 53.09 -14.55 -2.15
CA ASP B 96 54.33 -14.98 -1.52
C ASP B 96 54.42 -16.51 -1.50
N MET B 97 53.26 -17.17 -1.52
CA MET B 97 53.24 -18.63 -1.61
C MET B 97 53.57 -19.08 -3.02
N ASN B 98 53.19 -18.27 -4.00
CA ASN B 98 53.53 -18.51 -5.39
C ASN B 98 55.05 -18.46 -5.59
N ASP B 99 55.70 -17.57 -4.85
CA ASP B 99 57.14 -17.40 -4.95
C ASP B 99 57.85 -18.62 -4.38
N MET B 100 57.25 -19.22 -3.34
CA MET B 100 57.82 -20.40 -2.70
C MET B 100 57.23 -21.67 -3.29
N ALA B 127 46.87 -18.03 -8.09
CA ALA B 127 46.87 -17.51 -6.73
C ALA B 127 45.92 -16.32 -6.61
N ASP B 128 45.89 -15.50 -7.66
CA ASP B 128 44.97 -14.36 -7.71
C ASP B 128 43.53 -14.83 -7.64
N LEU B 129 43.25 -15.95 -8.30
CA LEU B 129 41.91 -16.49 -8.37
C LEU B 129 41.44 -16.96 -7.01
N THR B 130 42.29 -17.73 -6.33
CA THR B 130 41.95 -18.33 -5.05
C THR B 130 41.77 -17.28 -3.94
N GLY B 131 42.38 -16.12 -4.11
CA GLY B 131 42.28 -15.04 -3.13
C GLY B 131 40.92 -14.39 -3.13
N SER B 132 40.10 -14.73 -4.11
CA SER B 132 38.74 -14.20 -4.24
C SER B 132 37.68 -15.28 -3.98
N ILE B 133 38.14 -16.48 -3.64
CA ILE B 133 37.22 -17.59 -3.37
C ILE B 133 36.66 -17.48 -1.95
N PRO B 134 35.33 -17.49 -1.81
CA PRO B 134 34.72 -17.44 -0.47
C PRO B 134 35.25 -18.54 0.45
N GLY B 135 35.62 -18.16 1.66
CA GLY B 135 36.17 -19.10 2.62
C GLY B 135 37.69 -19.02 2.72
N ILE B 136 38.32 -18.40 1.75
CA ILE B 136 39.78 -18.30 1.71
C ILE B 136 40.32 -17.51 2.89
N ASP B 137 39.54 -16.53 3.35
CA ASP B 137 39.94 -15.71 4.49
C ASP B 137 40.08 -16.57 5.75
N GLU B 138 39.11 -17.47 5.97
CA GLU B 138 39.16 -18.36 7.12
C GLU B 138 40.28 -19.38 6.98
N ALA B 139 40.53 -19.82 5.75
CA ALA B 139 41.60 -20.76 5.49
C ALA B 139 42.96 -20.19 5.87
N LEU B 140 43.27 -18.99 5.37
CA LEU B 140 44.55 -18.34 5.65
C LEU B 140 44.66 -18.01 7.13
N SER B 141 43.55 -17.62 7.74
CA SER B 141 43.50 -17.41 9.19
C SER B 141 43.84 -18.68 9.96
N PHE B 142 43.34 -19.81 9.48
CA PHE B 142 43.60 -21.09 10.14
C PHE B 142 45.04 -21.49 9.92
N MET B 143 45.57 -21.16 8.74
CA MET B 143 46.96 -21.43 8.44
C MET B 143 47.87 -20.68 9.41
N GLU B 144 47.45 -19.48 9.78
CA GLU B 144 48.24 -18.64 10.68
C GLU B 144 48.25 -19.22 12.09
N VAL B 145 47.14 -19.82 12.50
CA VAL B 145 47.08 -20.54 13.77
C VAL B 145 48.07 -21.70 13.73
N MET B 146 48.03 -22.46 12.63
CA MET B 146 48.92 -23.61 12.47
C MET B 146 50.38 -23.19 12.51
N LYS B 147 50.69 -22.03 11.94
CA LYS B 147 52.08 -21.58 11.86
C LYS B 147 52.62 -21.29 13.25
N HIS B 148 51.82 -20.71 14.13
CA HIS B 148 52.25 -20.41 15.48
C HIS B 148 52.32 -21.66 16.35
N ILE B 149 51.60 -22.70 15.98
CA ILE B 149 51.69 -23.98 16.68
C ILE B 149 53.10 -24.53 16.54
N LYS B 150 53.64 -24.45 15.33
CA LYS B 150 54.97 -24.97 15.04
C LYS B 150 56.08 -24.14 15.68
N ARG B 151 55.86 -22.83 15.79
CA ARG B 151 56.82 -21.94 16.43
C ARG B 151 56.99 -22.30 17.91
N GLN B 152 55.89 -22.69 18.55
CA GLN B 152 55.89 -22.99 19.98
C GLN B 152 56.48 -24.37 20.30
N GLU B 153 56.27 -25.33 19.40
CA GLU B 153 56.64 -26.72 19.67
C GLU B 153 57.98 -27.10 19.01
N GLN B 154 58.48 -26.27 18.10
CA GLN B 154 59.75 -26.54 17.42
C GLN B 154 60.74 -25.39 17.55
N GLY B 155 60.48 -24.45 18.45
CA GLY B 155 61.38 -23.35 18.70
C GLY B 155 61.59 -22.47 17.49
N THR B 159 58.72 -16.94 20.20
CA THR B 159 57.57 -16.42 19.48
C THR B 159 56.55 -15.82 20.45
N PHE B 160 55.33 -15.62 19.97
CA PHE B 160 54.26 -15.01 20.78
C PHE B 160 53.71 -16.00 21.79
N ASP B 161 53.37 -15.51 22.98
CA ASP B 161 52.87 -16.36 24.05
C ASP B 161 51.37 -16.54 23.93
N THR B 162 50.68 -15.43 23.69
CA THR B 162 49.22 -15.40 23.63
C THR B 162 48.77 -14.68 22.36
N VAL B 163 47.83 -15.30 21.66
CA VAL B 163 47.28 -14.74 20.43
C VAL B 163 45.83 -14.32 20.65
N ILE B 164 45.52 -13.07 20.33
CA ILE B 164 44.19 -12.52 20.48
C ILE B 164 43.56 -12.26 19.12
N PHE B 165 42.33 -12.73 18.93
CA PHE B 165 41.67 -12.68 17.64
C PHE B 165 40.58 -11.62 17.58
N ASP B 166 40.77 -10.62 16.72
CA ASP B 166 39.71 -9.66 16.42
C ASP B 166 38.91 -10.24 15.27
N THR B 167 37.80 -10.90 15.61
CA THR B 167 37.16 -11.79 14.65
C THR B 167 36.16 -11.09 13.74
N ALA B 168 35.78 -11.79 12.69
CA ALA B 168 34.67 -11.36 11.86
C ALA B 168 33.39 -11.52 12.68
N PRO B 169 32.32 -10.84 12.26
CA PRO B 169 31.03 -10.96 12.94
C PRO B 169 30.54 -12.40 13.05
N THR B 170 29.72 -12.64 14.07
CA THR B 170 29.18 -13.94 14.44
C THR B 170 29.20 -15.03 13.37
N GLY B 171 28.47 -14.80 12.28
CA GLY B 171 28.23 -15.82 11.29
C GLY B 171 29.46 -16.53 10.75
N HIS B 172 30.45 -15.75 10.30
CA HIS B 172 31.61 -16.33 9.64
C HIS B 172 32.66 -16.80 10.64
N THR B 173 32.64 -16.23 11.83
CA THR B 173 33.54 -16.66 12.90
C THR B 173 33.18 -18.06 13.36
N LEU B 174 31.89 -18.39 13.35
CA LEU B 174 31.46 -19.73 13.72
C LEU B 174 32.00 -20.74 12.73
N ARG B 175 31.96 -20.41 11.44
CA ARG B 175 32.57 -21.27 10.43
C ARG B 175 34.05 -21.51 10.73
N PHE B 176 34.75 -20.45 11.13
CA PHE B 176 36.18 -20.55 11.39
C PHE B 176 36.46 -21.43 12.60
N LEU B 177 35.64 -21.31 13.64
CA LEU B 177 35.86 -22.10 14.85
C LEU B 177 35.40 -23.54 14.67
N GLN B 178 34.66 -23.81 13.61
CA GLN B 178 34.25 -25.17 13.27
C GLN B 178 35.31 -25.89 12.46
N LEU B 179 36.34 -25.15 12.05
CA LEU B 179 37.29 -25.68 11.08
C LEU B 179 38.08 -26.87 11.61
N PRO B 180 38.53 -26.82 12.87
CA PRO B 180 39.25 -27.97 13.42
C PRO B 180 38.43 -29.26 13.38
N ASN B 181 37.14 -29.15 13.69
CA ASN B 181 36.24 -30.28 13.63
C ASN B 181 35.90 -30.66 12.19
N THR B 182 35.63 -29.64 11.37
CA THR B 182 35.30 -29.88 9.96
C THR B 182 36.48 -30.54 9.24
N LEU B 183 37.64 -29.89 9.30
CA LEU B 183 38.81 -30.36 8.57
C LEU B 183 39.21 -31.78 8.96
N SER B 184 39.15 -32.08 10.26
CA SER B 184 39.58 -33.39 10.74
C SER B 184 38.73 -34.49 10.14
N LYS B 185 37.42 -34.32 10.23
CA LYS B 185 36.47 -35.32 9.75
C LYS B 185 36.49 -35.41 8.23
N LEU B 186 36.63 -34.27 7.56
CA LEU B 186 36.78 -34.25 6.10
C LEU B 186 38.01 -35.04 5.69
N LEU B 187 39.08 -34.89 6.45
CA LEU B 187 40.36 -35.50 6.11
C LEU B 187 40.40 -37.00 6.38
N GLU B 188 39.73 -37.47 7.43
CA GLU B 188 39.80 -38.89 7.78
C GLU B 188 38.92 -39.74 6.87
N LYS B 189 37.76 -39.23 6.49
CA LYS B 189 36.81 -40.02 5.68
C LYS B 189 37.01 -39.81 4.19
N PHE B 190 36.82 -38.58 3.71
CA PHE B 190 36.88 -38.30 2.28
C PHE B 190 38.31 -38.01 1.82
N GLY B 191 39.27 -38.23 2.70
CA GLY B 191 40.67 -38.04 2.34
C GLY B 191 41.11 -38.99 1.25
N GLU B 192 40.42 -40.13 1.15
CA GLU B 192 40.81 -41.19 0.21
C GLU B 192 39.63 -41.77 -0.59
N ILE B 193 38.41 -41.32 -0.30
CA ILE B 193 37.25 -41.76 -1.06
C ILE B 193 37.42 -41.34 -2.53
N THR B 194 38.22 -40.31 -2.74
CA THR B 194 38.71 -39.95 -4.08
C THR B 194 40.19 -39.57 -4.01
N ASP B 211 54.30 -39.02 -0.27
CA ASP B 211 54.83 -37.69 0.05
C ASP B 211 53.68 -36.70 0.16
N ILE B 212 52.68 -36.92 -0.67
CA ILE B 212 51.42 -36.19 -0.58
C ILE B 212 50.62 -36.75 0.59
N SER B 213 50.82 -38.04 0.86
CA SER B 213 50.19 -38.72 1.99
C SER B 213 50.90 -38.37 3.31
N GLY B 214 52.21 -38.16 3.23
CA GLY B 214 52.98 -37.76 4.40
C GLY B 214 52.52 -36.42 4.92
N LYS B 215 52.34 -35.47 4.02
CA LYS B 215 51.82 -34.14 4.37
C LYS B 215 50.41 -34.26 4.93
N LEU B 216 49.63 -35.17 4.35
CA LEU B 216 48.24 -35.37 4.75
C LEU B 216 48.15 -35.76 6.24
N ASN B 217 49.03 -36.66 6.66
CA ASN B 217 49.06 -37.09 8.05
C ASN B 217 49.59 -36.01 8.98
N GLU B 218 50.55 -35.22 8.50
CA GLU B 218 51.07 -34.11 9.29
C GLU B 218 49.98 -33.06 9.50
N LEU B 219 49.20 -32.83 8.44
CA LEU B 219 48.10 -31.89 8.50
C LEU B 219 47.07 -32.34 9.54
N LYS B 220 46.71 -33.62 9.51
CA LYS B 220 45.70 -34.15 10.41
C LYS B 220 46.12 -34.02 11.86
N ALA B 221 47.39 -34.26 12.14
CA ALA B 221 47.93 -34.13 13.48
C ALA B 221 47.85 -32.69 13.94
N ASN B 222 48.21 -31.75 13.07
CA ASN B 222 48.18 -30.34 13.41
C ASN B 222 46.77 -29.85 13.64
N VAL B 223 45.82 -30.37 12.87
CA VAL B 223 44.41 -30.04 13.09
C VAL B 223 43.98 -30.58 14.45
N GLU B 224 44.50 -31.75 14.82
CA GLU B 224 44.17 -32.35 16.10
C GLU B 224 44.68 -31.50 17.25
N THR B 225 45.94 -31.11 17.17
CA THR B 225 46.56 -30.26 18.17
C THR B 225 45.73 -29.00 18.38
N ILE B 226 45.26 -28.41 17.28
CA ILE B 226 44.44 -27.20 17.37
C ILE B 226 43.08 -27.50 18.00
N ARG B 227 42.47 -28.62 17.65
CA ARG B 227 41.19 -29.00 18.22
C ARG B 227 41.35 -29.19 19.73
N GLN B 228 42.41 -29.89 20.14
CA GLN B 228 42.68 -30.18 21.55
C GLN B 228 42.81 -28.91 22.38
N GLN B 229 43.45 -27.89 21.81
CA GLN B 229 43.70 -26.64 22.53
C GLN B 229 42.48 -25.71 22.53
N PHE B 230 41.75 -25.69 21.42
CA PHE B 230 40.53 -24.88 21.32
C PHE B 230 39.42 -25.43 22.22
N THR B 231 39.50 -26.71 22.57
CA THR B 231 38.52 -27.33 23.47
C THR B 231 39.09 -27.46 24.88
N ASP B 232 40.06 -26.60 25.20
CA ASP B 232 40.67 -26.57 26.54
C ASP B 232 40.43 -25.19 27.16
N PRO B 233 39.59 -25.11 28.21
CA PRO B 233 39.23 -23.80 28.75
C PRO B 233 40.39 -23.02 29.39
N ASP B 234 41.50 -23.69 29.70
CA ASP B 234 42.67 -23.01 30.27
C ASP B 234 43.53 -22.37 29.18
N LEU B 235 43.44 -22.91 27.97
CA LEU B 235 44.25 -22.44 26.86
C LEU B 235 43.46 -21.53 25.92
N THR B 236 42.15 -21.76 25.84
CA THR B 236 41.29 -21.07 24.89
C THR B 236 39.98 -20.59 25.51
N THR B 237 39.65 -19.33 25.28
CA THR B 237 38.36 -18.79 25.66
C THR B 237 37.85 -17.85 24.57
N PHE B 238 36.53 -17.66 24.55
CA PHE B 238 35.87 -16.78 23.59
C PHE B 238 35.13 -15.69 24.35
N VAL B 239 35.59 -14.45 24.22
CA VAL B 239 34.91 -13.33 24.87
C VAL B 239 33.86 -12.79 23.93
N CYS B 240 32.64 -12.65 24.41
CA CYS B 240 31.52 -12.21 23.58
CA CYS B 240 31.53 -12.21 23.58
C CYS B 240 31.23 -10.75 23.82
N VAL B 241 31.23 -9.97 22.73
CA VAL B 241 30.91 -8.56 22.81
C VAL B 241 29.50 -8.37 22.28
N CYS B 242 28.74 -7.50 22.93
CA CYS B 242 27.39 -7.20 22.50
C CYS B 242 26.98 -5.82 22.95
N ILE B 243 25.82 -5.37 22.48
CA ILE B 243 25.17 -4.16 22.97
C ILE B 243 23.80 -4.52 23.55
N SER B 244 23.29 -3.66 24.42
CA SER B 244 22.02 -3.90 25.07
C SER B 244 20.86 -3.48 24.19
N GLU B 245 20.78 -4.08 23.00
CA GLU B 245 19.70 -3.83 22.06
C GLU B 245 19.11 -5.16 21.60
N PHE B 246 17.82 -5.16 21.26
CA PHE B 246 17.08 -6.41 21.08
C PHE B 246 17.68 -7.28 19.99
N LEU B 247 18.17 -6.66 18.92
CA LEU B 247 18.72 -7.41 17.79
C LEU B 247 20.03 -8.10 18.19
N SER B 248 20.74 -7.53 19.16
CA SER B 248 21.97 -8.16 19.66
C SER B 248 21.67 -9.24 20.72
N LEU B 249 20.57 -9.10 21.45
CA LEU B 249 20.19 -10.10 22.45
C LEU B 249 20.09 -11.50 21.87
N TYR B 250 19.29 -11.64 20.83
CA TYR B 250 19.00 -12.96 20.26
C TYR B 250 20.17 -13.54 19.50
N GLU B 251 20.92 -12.70 18.81
CA GLU B 251 22.08 -13.17 18.08
C GLU B 251 23.17 -13.64 19.05
N THR B 252 23.35 -12.89 20.14
CA THR B 252 24.39 -13.23 21.09
C THR B 252 24.10 -14.57 21.76
N GLU B 253 22.85 -14.78 22.14
CA GLU B 253 22.43 -16.04 22.76
C GLU B 253 22.55 -17.23 21.80
N ARG B 254 22.31 -16.99 20.51
CA ARG B 254 22.51 -18.05 19.53
C ARG B 254 23.99 -18.35 19.39
N LEU B 255 24.79 -17.29 19.38
CA LEU B 255 26.23 -17.42 19.25
C LEU B 255 26.80 -18.28 20.37
N ILE B 256 26.49 -17.92 21.60
CA ILE B 256 27.01 -18.60 22.77
C ILE B 256 26.57 -20.07 22.82
N GLN B 257 25.29 -20.31 22.58
CA GLN B 257 24.77 -21.68 22.61
C GLN B 257 25.47 -22.56 21.59
N GLU B 258 25.83 -21.98 20.46
CA GLU B 258 26.48 -22.74 19.39
C GLU B 258 27.96 -22.94 19.71
N LEU B 259 28.60 -21.92 20.26
CA LEU B 259 30.00 -22.07 20.67
C LEU B 259 30.12 -23.18 21.70
N ILE B 260 29.16 -23.25 22.61
CA ILE B 260 29.20 -24.26 23.66
C ILE B 260 29.14 -25.67 23.05
N SER B 261 28.35 -25.84 22.00
CA SER B 261 28.21 -27.16 21.36
C SER B 261 29.51 -27.57 20.69
N TYR B 262 30.37 -26.60 20.43
CA TYR B 262 31.70 -26.86 19.87
C TYR B 262 32.73 -27.11 20.97
N ASP B 263 32.28 -27.11 22.22
CA ASP B 263 33.18 -27.20 23.38
C ASP B 263 34.17 -26.03 23.42
N MET B 264 33.74 -24.88 22.92
CA MET B 264 34.49 -23.64 23.05
C MET B 264 34.08 -22.97 24.35
N ASP B 265 35.07 -22.70 25.20
CA ASP B 265 34.80 -22.06 26.49
C ASP B 265 34.38 -20.61 26.29
N VAL B 266 33.23 -20.27 26.88
CA VAL B 266 32.76 -18.90 26.91
C VAL B 266 32.23 -18.58 28.31
N ASN B 267 32.85 -17.62 28.97
CA ASN B 267 32.47 -17.23 30.32
C ASN B 267 32.54 -15.72 30.51
N SER B 268 32.73 -15.00 29.41
CA SER B 268 32.89 -13.56 29.44
C SER B 268 32.01 -12.88 28.41
N ILE B 269 31.22 -11.90 28.88
CA ILE B 269 30.42 -11.06 28.00
C ILE B 269 30.73 -9.59 28.24
N ILE B 270 31.11 -8.88 27.19
CA ILE B 270 31.28 -7.43 27.24
C ILE B 270 30.04 -6.77 26.67
N VAL B 271 29.32 -6.04 27.52
CA VAL B 271 28.17 -5.25 27.07
C VAL B 271 28.64 -3.82 26.86
N ASN B 272 28.68 -3.42 25.59
CA ASN B 272 29.34 -2.19 25.19
C ASN B 272 28.35 -1.09 24.84
N GLN B 273 28.87 0.14 24.78
CA GLN B 273 28.12 1.30 24.31
C GLN B 273 26.94 1.67 25.21
N LEU B 274 27.09 1.45 26.51
CA LEU B 274 26.03 1.77 27.45
C LEU B 274 26.04 3.26 27.79
N LEU B 275 24.85 3.84 27.85
CA LEU B 275 24.69 5.27 28.11
C LEU B 275 24.86 5.66 29.58
N PHE B 276 24.32 4.83 30.48
CA PHE B 276 24.23 5.19 31.90
C PHE B 276 23.59 6.57 32.07
N ALA B 277 22.46 6.80 31.39
CA ALA B 277 21.90 8.15 31.29
C ALA B 277 21.48 8.73 32.64
N GLU B 278 21.19 7.86 33.60
CA GLU B 278 20.77 8.32 34.92
C GLU B 278 21.90 9.04 35.65
N ASN B 279 23.15 8.70 35.32
CA ASN B 279 24.31 9.24 36.03
C ASN B 279 25.19 10.24 35.27
N ASP B 280 24.99 10.40 33.96
CA ASP B 280 25.72 11.46 33.24
C ASP B 280 24.99 12.78 33.50
N GLN B 281 25.03 13.20 34.75
CA GLN B 281 24.01 14.09 35.28
C GLN B 281 23.95 15.48 34.68
N GLU B 282 23.07 15.60 33.70
CA GLU B 282 22.44 16.86 33.34
C GLU B 282 20.92 16.66 33.50
N HIS B 283 20.52 15.39 33.56
CA HIS B 283 19.15 14.98 33.82
C HIS B 283 18.19 15.42 32.72
N ASN B 284 18.60 15.25 31.48
CA ASN B 284 17.75 15.58 30.34
C ASN B 284 18.20 14.84 29.08
N CYS B 285 17.74 15.29 27.92
CA CYS B 285 17.89 14.60 26.64
C CYS B 285 16.84 13.51 26.55
N LYS B 286 15.75 13.82 25.86
CA LYS B 286 14.67 12.87 25.64
C LYS B 286 15.19 11.57 25.05
N ARG B 287 16.04 11.68 24.03
CA ARG B 287 16.55 10.53 23.31
C ARG B 287 17.38 9.62 24.21
N CYS B 288 18.36 10.20 24.90
CA CYS B 288 19.26 9.42 25.74
C CYS B 288 18.54 8.74 26.90
N GLN B 289 17.59 9.44 27.51
CA GLN B 289 16.83 8.89 28.62
C GLN B 289 15.96 7.72 28.18
N ALA B 290 15.36 7.84 27.00
CA ALA B 290 14.51 6.78 26.46
C ALA B 290 15.35 5.56 26.10
N ARG B 291 16.46 5.80 25.42
CA ARG B 291 17.32 4.72 24.96
C ARG B 291 17.99 4.02 26.12
N TRP B 292 18.30 4.78 27.18
CA TRP B 292 18.90 4.20 28.37
C TRP B 292 17.91 3.30 29.12
N LYS B 293 16.66 3.76 29.19
CA LYS B 293 15.59 2.98 29.78
C LYS B 293 15.50 1.62 29.09
N MET B 294 15.65 1.64 27.77
CA MET B 294 15.64 0.42 26.97
C MET B 294 16.85 -0.45 27.29
N GLN B 295 18.04 0.16 27.28
CA GLN B 295 19.28 -0.57 27.53
C GLN B 295 19.27 -1.22 28.91
N LYS B 296 18.71 -0.50 29.88
CA LYS B 296 18.70 -0.96 31.27
C LYS B 296 17.86 -2.21 31.44
N LYS B 297 16.67 -2.20 30.85
CA LYS B 297 15.75 -3.33 30.93
C LYS B 297 16.40 -4.60 30.41
N TYR B 298 17.00 -4.51 29.23
CA TYR B 298 17.69 -5.65 28.63
C TYR B 298 18.93 -6.03 29.40
N LEU B 299 19.56 -5.07 30.08
CA LEU B 299 20.76 -5.37 30.84
C LEU B 299 20.40 -6.24 32.05
N ASP B 300 19.24 -6.01 32.63
CA ASP B 300 18.76 -6.87 33.71
C ASP B 300 18.58 -8.30 33.18
N GLN B 301 18.00 -8.41 31.98
CA GLN B 301 17.76 -9.72 31.38
C GLN B 301 19.07 -10.44 31.10
N ILE B 302 20.05 -9.70 30.60
CA ILE B 302 21.37 -10.26 30.34
C ILE B 302 22.01 -10.76 31.64
N ASP B 303 21.85 -10.02 32.72
CA ASP B 303 22.47 -10.39 34.00
C ASP B 303 21.80 -11.61 34.62
N GLU B 304 20.51 -11.78 34.34
CA GLU B 304 19.76 -12.90 34.88
C GLU B 304 20.14 -14.21 34.20
N LEU B 305 20.11 -14.20 32.87
CA LEU B 305 20.38 -15.38 32.09
C LEU B 305 21.81 -15.87 32.27
N TYR B 306 22.76 -14.94 32.23
CA TYR B 306 24.18 -15.30 32.26
C TYR B 306 24.77 -15.15 33.66
N GLU B 307 24.15 -15.80 34.63
CA GLU B 307 24.56 -15.67 36.03
C GLU B 307 25.95 -16.24 36.30
N ASP B 308 26.44 -17.12 35.42
CA ASP B 308 27.73 -17.77 35.63
C ASP B 308 28.82 -17.17 34.76
N PHE B 309 28.52 -16.03 34.16
CA PHE B 309 29.45 -15.36 33.27
C PHE B 309 30.00 -14.10 33.90
N HIS B 310 31.19 -13.70 33.47
CA HIS B 310 31.65 -12.34 33.69
C HIS B 310 30.89 -11.45 32.73
N VAL B 311 30.06 -10.56 33.26
CA VAL B 311 29.33 -9.59 32.43
C VAL B 311 29.88 -8.19 32.65
N VAL B 312 30.69 -7.73 31.70
CA VAL B 312 31.42 -6.47 31.81
C VAL B 312 30.72 -5.35 31.05
N LYS B 313 30.47 -4.25 31.75
CA LYS B 313 29.69 -3.14 31.20
C LYS B 313 30.58 -1.93 30.90
N MET B 314 30.64 -1.58 29.61
CA MET B 314 31.47 -0.49 29.13
C MET B 314 30.59 0.66 28.66
N PRO B 315 31.00 1.90 28.95
CA PRO B 315 30.19 3.07 28.60
C PRO B 315 30.36 3.53 27.17
N LEU B 316 29.31 4.13 26.60
CA LEU B 316 29.44 4.88 25.37
C LEU B 316 30.25 6.12 25.66
N CYS B 317 31.37 6.27 24.97
CA CYS B 317 32.23 7.44 25.13
C CYS B 317 31.79 8.56 24.21
N ALA B 318 32.13 9.79 24.59
CA ALA B 318 31.81 10.97 23.79
C ALA B 318 32.95 11.27 22.82
N GLY B 319 34.12 10.71 23.10
CA GLY B 319 35.30 10.93 22.27
C GLY B 319 35.61 9.72 21.43
N GLU B 320 36.61 9.87 20.55
CA GLU B 320 37.00 8.78 19.66
C GLU B 320 37.98 7.83 20.32
N ILE B 321 37.61 6.56 20.33
CA ILE B 321 38.46 5.52 20.88
C ILE B 321 39.40 5.02 19.78
N ARG B 322 40.42 5.82 19.47
CA ARG B 322 41.50 5.40 18.58
C ARG B 322 42.84 5.91 19.06
N GLY B 323 43.90 5.24 18.60
CA GLY B 323 45.24 5.54 19.04
C GLY B 323 45.51 4.79 20.33
N LEU B 324 46.78 4.53 20.59
CA LEU B 324 47.17 3.74 21.74
C LEU B 324 46.66 4.36 23.05
N ASN B 325 46.78 5.67 23.17
CA ASN B 325 46.47 6.36 24.41
C ASN B 325 44.99 6.28 24.80
N ASN B 326 44.11 6.53 23.84
CA ASN B 326 42.67 6.49 24.12
C ASN B 326 42.17 5.06 24.31
N LEU B 327 42.74 4.12 23.57
CA LEU B 327 42.40 2.71 23.73
C LEU B 327 42.84 2.24 25.11
N THR B 328 44.04 2.67 25.51
CA THR B 328 44.59 2.31 26.81
C THR B 328 43.70 2.85 27.92
N LYS B 329 43.27 4.11 27.76
CA LYS B 329 42.40 4.73 28.75
C LYS B 329 41.04 4.04 28.82
N PHE B 330 40.54 3.56 27.68
CA PHE B 330 39.25 2.88 27.64
C PHE B 330 39.39 1.46 28.22
N SER B 331 40.50 0.82 27.88
CA SER B 331 40.72 -0.58 28.24
C SER B 331 40.81 -0.83 29.73
N GLN B 332 41.08 0.21 30.52
CA GLN B 332 41.25 0.02 31.95
C GLN B 332 39.95 -0.47 32.60
N PHE B 333 38.83 -0.14 31.97
CA PHE B 333 37.53 -0.49 32.54
C PHE B 333 37.18 -1.97 32.30
N LEU B 334 37.99 -2.64 31.48
CA LEU B 334 37.91 -4.09 31.37
C LEU B 334 38.58 -4.77 32.56
N ASN B 335 39.55 -4.08 33.16
CA ASN B 335 40.29 -4.62 34.30
C ASN B 335 39.57 -4.31 35.61
N LYS B 336 39.16 -3.05 35.77
CA LYS B 336 38.39 -2.62 36.94
C LYS B 336 37.10 -1.97 36.47
N GLU B 337 35.98 -2.47 36.98
CA GLU B 337 34.65 -2.04 36.53
C GLU B 337 34.47 -0.53 36.54
N TYR B 338 33.91 -0.03 35.45
CA TYR B 338 33.61 1.39 35.27
C TYR B 338 32.57 1.88 36.27
N ASN B 339 32.80 3.07 36.81
CA ASN B 339 31.85 3.70 37.73
C ASN B 339 31.37 5.04 37.17
N PRO B 340 30.08 5.12 36.75
CA PRO B 340 29.52 6.34 36.17
C PRO B 340 29.74 7.60 37.00
N ILE B 341 29.80 7.45 38.32
CA ILE B 341 29.92 8.60 39.21
C ILE B 341 31.37 9.04 39.33
N THR B 342 32.28 8.09 39.56
CA THR B 342 33.69 8.42 39.75
C THR B 342 34.39 8.64 38.41
N ASP B 343 34.19 7.72 37.48
CA ASP B 343 34.91 7.72 36.21
C ASP B 343 34.14 8.43 35.10
N GLY B 344 33.03 9.07 35.47
CA GLY B 344 32.10 9.62 34.50
C GLY B 344 32.69 10.68 33.59
N LYS B 345 33.79 11.29 34.01
CA LYS B 345 34.42 12.33 33.23
C LYS B 345 35.44 11.77 32.25
N VAL B 346 35.86 10.53 32.47
CA VAL B 346 36.87 9.90 31.64
C VAL B 346 36.37 9.73 30.21
N ILE B 347 35.05 9.60 30.03
CA ILE B 347 34.47 9.42 28.71
C ILE B 347 34.57 10.69 27.88
N TYR B 348 34.90 11.80 28.52
CA TYR B 348 35.12 13.08 27.83
C TYR B 348 36.61 13.41 27.77
N GLU B 349 37.41 12.72 28.57
CA GLU B 349 38.86 12.96 28.63
C GLU B 349 39.60 12.35 27.45
N LEU B 350 38.86 11.74 26.52
CA LEU B 350 39.48 11.10 25.37
C LEU B 350 40.09 12.14 24.43
N GLU B 351 41.32 11.87 23.98
CA GLU B 351 42.12 12.84 23.24
C GLU B 351 41.43 13.38 21.99
N ASP B 352 41.60 14.68 21.76
CA ASP B 352 41.04 15.36 20.61
C ASP B 352 41.38 14.64 19.31
N GLU C 4 -3.07 -7.64 28.91
CA GLU C 4 -3.87 -8.47 28.01
C GLU C 4 -3.10 -9.70 27.51
N VAL C 5 -2.12 -10.14 28.30
CA VAL C 5 -1.34 -11.33 27.97
C VAL C 5 -2.06 -12.58 28.43
N GLN C 6 -2.31 -13.50 27.50
CA GLN C 6 -2.89 -14.78 27.87
C GLN C 6 -2.65 -15.83 26.79
N LEU C 7 -2.86 -17.09 27.17
CA LEU C 7 -2.75 -18.23 26.29
C LEU C 7 -4.05 -19.02 26.32
N VAL C 8 -4.53 -19.46 25.17
CA VAL C 8 -5.80 -20.17 25.08
C VAL C 8 -5.62 -21.53 24.42
N GLU C 9 -5.68 -22.60 25.23
CA GLU C 9 -5.66 -23.95 24.68
C GLU C 9 -6.98 -24.27 24.01
N SER C 10 -6.93 -25.04 22.93
CA SER C 10 -8.13 -25.64 22.37
C SER C 10 -7.73 -26.92 21.65
N GLY C 11 -8.73 -27.70 21.25
CA GLY C 11 -8.51 -28.90 20.44
C GLY C 11 -8.62 -30.19 21.23
N GLY C 12 -8.84 -30.07 22.53
CA GLY C 12 -8.98 -31.23 23.38
C GLY C 12 -10.28 -31.96 23.07
N GLY C 13 -10.35 -33.23 23.44
CA GLY C 13 -11.53 -34.03 23.18
C GLY C 13 -11.25 -35.51 23.35
N LEU C 14 -12.21 -36.32 22.90
CA LEU C 14 -12.12 -37.78 23.00
C LEU C 14 -11.48 -38.37 21.76
N VAL C 15 -10.51 -39.25 21.96
CA VAL C 15 -9.90 -39.98 20.85
C VAL C 15 -9.64 -41.44 21.22
N GLN C 16 -9.72 -42.32 20.24
CA GLN C 16 -9.42 -43.72 20.48
C GLN C 16 -7.92 -43.94 20.57
N PRO C 17 -7.50 -44.99 21.31
CA PRO C 17 -6.07 -45.35 21.33
C PRO C 17 -5.52 -45.54 19.92
N GLY C 18 -4.29 -45.10 19.69
CA GLY C 18 -3.70 -45.16 18.36
C GLY C 18 -4.13 -43.99 17.48
N GLY C 19 -5.07 -43.20 17.97
CA GLY C 19 -5.60 -42.08 17.20
C GLY C 19 -4.75 -40.83 17.30
N SER C 20 -5.16 -39.80 16.55
CA SER C 20 -4.44 -38.53 16.53
C SER C 20 -5.31 -37.37 17.00
N LEU C 21 -4.66 -36.34 17.50
CA LEU C 21 -5.34 -35.11 17.91
C LEU C 21 -4.35 -33.94 17.85
N ARG C 22 -4.86 -32.76 17.54
CA ARG C 22 -4.02 -31.55 17.48
C ARG C 22 -4.51 -30.47 18.42
N LEU C 23 -3.67 -30.11 19.38
CA LEU C 23 -4.01 -29.04 20.32
C LEU C 23 -3.45 -27.72 19.80
N SER C 24 -4.12 -26.63 20.18
CA SER C 24 -3.75 -25.28 19.77
C SER C 24 -3.52 -24.43 20.99
N CYS C 25 -2.49 -23.58 20.93
CA CYS C 25 -2.26 -22.57 21.96
C CYS C 25 -2.24 -21.20 21.29
N ALA C 26 -3.36 -20.48 21.39
CA ALA C 26 -3.50 -19.15 20.80
C ALA C 26 -3.00 -18.07 21.76
N ALA C 27 -1.91 -17.42 21.38
CA ALA C 27 -1.32 -16.37 22.22
C ALA C 27 -1.86 -14.98 21.86
N SER C 28 -1.96 -14.13 22.87
CA SER C 28 -2.34 -12.73 22.68
C SER C 28 -1.62 -11.87 23.69
N GLY C 29 -1.38 -10.61 23.34
CA GLY C 29 -0.69 -9.68 24.24
C GLY C 29 0.81 -9.68 24.08
N PHE C 30 1.30 -10.58 23.25
CA PHE C 30 2.73 -10.69 22.98
C PHE C 30 2.94 -11.47 21.70
N ASN C 31 4.07 -11.22 21.04
CA ASN C 31 4.45 -11.96 19.85
C ASN C 31 5.34 -13.13 20.24
N LEU C 32 4.84 -14.34 20.00
CA LEU C 32 5.43 -15.53 20.57
C LEU C 32 6.76 -15.90 19.90
N TYR C 33 7.05 -15.29 18.76
CA TYR C 33 8.32 -15.55 18.07
C TYR C 33 9.48 -15.27 19.01
N TYR C 34 9.29 -14.28 19.86
CA TYR C 34 10.35 -13.78 20.73
C TYR C 34 10.44 -14.56 22.04
N TYR C 35 9.45 -15.42 22.29
CA TYR C 35 9.37 -16.16 23.54
C TYR C 35 9.46 -17.67 23.29
N SER C 36 9.32 -18.45 24.35
CA SER C 36 9.21 -19.90 24.22
C SER C 36 7.83 -20.33 24.66
N ILE C 37 7.24 -21.29 23.94
CA ILE C 37 5.95 -21.85 24.32
C ILE C 37 6.14 -23.29 24.73
N HIS C 38 5.52 -23.65 25.85
CA HIS C 38 5.70 -24.96 26.46
C HIS C 38 4.37 -25.64 26.66
N TRP C 39 4.34 -26.96 26.43
CA TRP C 39 3.18 -27.77 26.80
C TRP C 39 3.52 -28.57 28.06
N VAL C 40 2.67 -28.46 29.06
CA VAL C 40 2.77 -29.24 30.29
C VAL C 40 1.44 -29.94 30.52
N ARG C 41 1.49 -31.23 30.85
CA ARG C 41 0.26 -32.00 31.07
C ARG C 41 0.16 -32.54 32.48
N GLN C 42 -1.08 -32.80 32.90
CA GLN C 42 -1.37 -33.41 34.18
C GLN C 42 -2.41 -34.50 34.05
N ALA C 43 -1.98 -35.75 34.21
CA ALA C 43 -2.89 -36.89 34.20
C ALA C 43 -3.69 -36.90 35.50
N PRO C 44 -4.91 -37.47 35.47
CA PRO C 44 -5.72 -37.62 36.68
C PRO C 44 -4.97 -38.25 37.85
N GLY C 45 -4.87 -37.50 38.95
CA GLY C 45 -4.20 -37.97 40.15
C GLY C 45 -2.68 -37.89 40.12
N LYS C 46 -2.14 -37.15 39.16
CA LYS C 46 -0.69 -37.12 38.95
C LYS C 46 -0.12 -35.72 39.00
N GLY C 47 1.21 -35.64 38.95
CA GLY C 47 1.92 -34.39 38.99
C GLY C 47 2.11 -33.80 37.61
N LEU C 48 2.61 -32.57 37.56
CA LEU C 48 2.87 -31.91 36.29
C LEU C 48 3.98 -32.61 35.52
N GLU C 49 3.77 -32.78 34.21
CA GLU C 49 4.79 -33.36 33.34
C GLU C 49 5.04 -32.48 32.12
N TRP C 50 6.25 -31.98 32.00
CA TRP C 50 6.62 -31.20 30.84
C TRP C 50 6.75 -32.14 29.66
N VAL C 51 6.15 -31.79 28.52
CA VAL C 51 6.18 -32.66 27.36
C VAL C 51 6.91 -32.04 26.14
N ALA C 52 6.81 -30.73 25.95
CA ALA C 52 7.45 -30.12 24.78
C ALA C 52 7.61 -28.61 24.86
N SER C 53 8.63 -28.13 24.16
CA SER C 53 8.93 -26.71 24.04
C SER C 53 9.24 -26.32 22.62
N ILE C 54 8.87 -25.09 22.26
CA ILE C 54 9.33 -24.52 21.00
C ILE C 54 9.81 -23.08 21.22
N SER C 55 10.97 -22.78 20.65
CA SER C 55 11.55 -21.44 20.70
C SER C 55 11.80 -20.96 19.28
N PRO C 56 10.82 -20.28 18.66
CA PRO C 56 10.94 -19.93 17.24
C PRO C 56 12.17 -19.07 16.95
N TYR C 57 12.52 -18.18 17.88
CA TYR C 57 13.66 -17.31 17.70
C TYR C 57 14.98 -18.08 17.58
N SER C 58 15.01 -19.31 18.08
CA SER C 58 16.25 -20.09 18.02
C SER C 58 16.11 -21.31 17.11
N SER C 59 14.97 -21.42 16.43
CA SER C 59 14.73 -22.53 15.52
C SER C 59 14.85 -23.90 16.21
N SER C 60 14.43 -23.98 17.46
CA SER C 60 14.62 -25.21 18.24
C SER C 60 13.33 -25.70 18.89
N THR C 61 13.22 -27.01 18.99
CA THR C 61 12.11 -27.65 19.67
C THR C 61 12.66 -28.72 20.60
N SER C 62 11.92 -29.04 21.65
CA SER C 62 12.38 -29.98 22.66
C SER C 62 11.23 -30.88 23.08
N TYR C 63 11.55 -32.13 23.42
CA TYR C 63 10.54 -33.10 23.81
C TYR C 63 10.98 -33.95 25.00
N ALA C 64 10.04 -34.22 25.89
CA ALA C 64 10.24 -35.24 26.91
C ALA C 64 10.34 -36.60 26.22
N ASP C 65 11.08 -37.53 26.80
CA ASP C 65 11.23 -38.85 26.21
C ASP C 65 9.90 -39.60 26.12
N SER C 66 8.96 -39.27 26.99
CA SER C 66 7.70 -39.98 27.06
C SER C 66 6.79 -39.72 25.85
N VAL C 67 7.04 -38.64 25.12
CA VAL C 67 6.23 -38.28 23.96
C VAL C 67 7.05 -38.13 22.69
N LYS C 68 8.37 -38.21 22.81
CA LYS C 68 9.26 -38.03 21.68
C LYS C 68 8.94 -39.01 20.55
N GLY C 69 8.84 -38.50 19.33
CA GLY C 69 8.55 -39.34 18.17
C GLY C 69 7.07 -39.50 17.86
N ARG C 70 6.22 -39.21 18.84
CA ARG C 70 4.77 -39.31 18.68
C ARG C 70 4.12 -37.93 18.61
N PHE C 71 4.71 -36.97 19.32
CA PHE C 71 4.21 -35.61 19.36
C PHE C 71 5.14 -34.69 18.55
N THR C 72 4.55 -33.68 17.91
CA THR C 72 5.31 -32.65 17.22
C THR C 72 4.81 -31.28 17.63
N ILE C 73 5.71 -30.43 18.09
CA ILE C 73 5.39 -29.07 18.46
C ILE C 73 5.86 -28.13 17.38
N SER C 74 5.03 -27.13 17.08
CA SER C 74 5.34 -26.15 16.05
C SER C 74 4.59 -24.87 16.37
N ALA C 75 4.86 -23.84 15.58
CA ALA C 75 4.18 -22.57 15.76
C ALA C 75 3.99 -21.84 14.45
N ASP C 76 2.87 -21.15 14.33
CA ASP C 76 2.62 -20.26 13.20
C ASP C 76 2.77 -18.83 13.68
N THR C 77 3.95 -18.25 13.46
CA THR C 77 4.25 -16.91 13.98
C THR C 77 3.44 -15.84 13.28
N SER C 78 2.80 -16.19 12.16
CA SER C 78 1.92 -15.25 11.46
C SER C 78 0.53 -15.21 12.10
N LYS C 79 0.20 -16.23 12.89
CA LYS C 79 -1.09 -16.32 13.57
C LYS C 79 -0.93 -16.31 15.08
N ASN C 80 0.29 -16.10 15.55
CA ASN C 80 0.60 -16.07 16.97
C ASN C 80 0.02 -17.27 17.70
N THR C 81 0.16 -18.44 17.09
CA THR C 81 -0.40 -19.68 17.63
C THR C 81 0.64 -20.78 17.58
N ALA C 82 0.63 -21.61 18.62
CA ALA C 82 1.46 -22.82 18.67
C ALA C 82 0.57 -24.05 18.65
N TYR C 83 1.09 -25.15 18.14
CA TYR C 83 0.33 -26.39 18.04
C TYR C 83 1.07 -27.56 18.67
N LEU C 84 0.32 -28.60 19.04
CA LEU C 84 0.88 -29.86 19.47
C LEU C 84 0.15 -30.98 18.74
N GLN C 85 0.80 -31.54 17.73
CA GLN C 85 0.25 -32.63 16.94
C GLN C 85 0.57 -33.95 17.63
N MET C 86 -0.44 -34.58 18.19
CA MET C 86 -0.28 -35.81 18.94
C MET C 86 -0.73 -37.00 18.11
N ASN C 87 0.21 -37.91 17.84
CA ASN C 87 -0.10 -39.16 17.16
C ASN C 87 0.12 -40.36 18.06
N SER C 88 -0.48 -41.49 17.71
CA SER C 88 -0.32 -42.73 18.44
C SER C 88 -0.63 -42.58 19.92
N LEU C 89 -1.74 -41.89 20.21
CA LEU C 89 -2.12 -41.61 21.58
C LEU C 89 -2.48 -42.90 22.32
N ARG C 90 -2.06 -42.96 23.58
CA ARG C 90 -2.34 -44.11 24.43
C ARG C 90 -3.09 -43.65 25.67
N ALA C 91 -3.51 -44.61 26.48
CA ALA C 91 -4.33 -44.32 27.66
C ALA C 91 -3.58 -43.43 28.64
N GLU C 92 -2.28 -43.67 28.77
CA GLU C 92 -1.44 -42.86 29.65
C GLU C 92 -1.43 -41.39 29.24
N ASP C 93 -1.76 -41.09 27.99
CA ASP C 93 -1.75 -39.71 27.49
C ASP C 93 -2.97 -38.91 27.93
N THR C 94 -3.91 -39.59 28.58
CA THR C 94 -5.09 -38.94 29.13
C THR C 94 -4.66 -37.92 30.19
N ALA C 95 -5.00 -36.66 29.98
CA ALA C 95 -4.53 -35.58 30.85
C ALA C 95 -5.13 -34.23 30.47
N VAL C 96 -4.94 -33.27 31.36
CA VAL C 96 -5.17 -31.87 31.03
C VAL C 96 -3.87 -31.30 30.46
N TYR C 97 -3.96 -30.75 29.26
CA TYR C 97 -2.79 -30.18 28.59
C TYR C 97 -2.80 -28.67 28.71
N TYR C 98 -1.79 -28.14 29.40
CA TYR C 98 -1.62 -26.71 29.56
C TYR C 98 -0.55 -26.21 28.59
N CYS C 99 -0.74 -25.03 28.02
CA CYS C 99 0.39 -24.37 27.35
C CYS C 99 0.83 -23.20 28.22
N ALA C 100 2.14 -22.97 28.24
CA ALA C 100 2.72 -21.97 29.11
C ALA C 100 3.88 -21.23 28.41
N ARG C 101 4.13 -20.00 28.82
CA ARG C 101 5.13 -19.14 28.19
C ARG C 101 6.39 -19.00 29.03
N GLY C 102 7.54 -19.09 28.37
CA GLY C 102 8.82 -18.76 28.96
C GLY C 102 9.44 -17.61 28.19
N ARG C 103 10.49 -17.01 28.74
CA ARG C 103 11.18 -15.89 28.10
C ARG C 103 12.57 -16.35 27.70
N TRP C 104 13.19 -15.64 26.76
CA TRP C 104 14.48 -16.07 26.22
C TRP C 104 15.56 -16.05 27.30
N TYR C 105 15.36 -15.20 28.31
CA TYR C 105 16.29 -15.10 29.44
C TYR C 105 15.79 -15.80 30.70
N ARG C 106 14.69 -16.54 30.59
CA ARG C 106 14.07 -17.14 31.76
C ARG C 106 13.04 -18.19 31.36
N ARG C 107 13.47 -19.45 31.35
CA ARG C 107 12.58 -20.56 31.03
C ARG C 107 11.82 -21.06 32.26
N ALA C 108 11.42 -20.13 33.11
CA ALA C 108 10.33 -20.38 34.06
C ALA C 108 9.03 -19.98 33.37
N LEU C 109 7.92 -20.58 33.80
CA LEU C 109 6.66 -20.44 33.09
C LEU C 109 5.72 -19.49 33.82
N ASP C 110 5.59 -18.28 33.29
CA ASP C 110 4.87 -17.22 34.00
C ASP C 110 3.39 -17.18 33.64
N TYR C 111 3.06 -17.37 32.37
CA TYR C 111 1.67 -17.35 31.93
C TYR C 111 1.20 -18.74 31.48
N TRP C 112 0.08 -19.16 32.04
CA TRP C 112 -0.50 -20.46 31.78
C TRP C 112 -1.90 -20.31 31.20
N GLY C 113 -2.25 -21.18 30.26
CA GLY C 113 -3.62 -21.26 29.79
C GLY C 113 -4.48 -22.01 30.77
N GLN C 114 -5.78 -22.08 30.48
CA GLN C 114 -6.74 -22.73 31.35
C GLN C 114 -6.65 -24.26 31.30
N GLY C 115 -6.02 -24.78 30.26
CA GLY C 115 -5.88 -26.21 30.09
C GLY C 115 -7.01 -26.79 29.26
N THR C 116 -6.69 -27.81 28.46
CA THR C 116 -7.68 -28.49 27.64
C THR C 116 -7.58 -30.00 27.87
N LEU C 117 -8.73 -30.65 28.04
CA LEU C 117 -8.80 -32.06 28.40
C LEU C 117 -8.66 -32.98 27.19
N VAL C 118 -7.68 -33.87 27.26
CA VAL C 118 -7.52 -34.94 26.26
C VAL C 118 -7.85 -36.28 26.90
N THR C 119 -8.86 -36.96 26.37
CA THR C 119 -9.26 -38.28 26.90
C THR C 119 -9.02 -39.33 25.83
N VAL C 120 -8.07 -40.23 26.11
CA VAL C 120 -7.81 -41.35 25.21
C VAL C 120 -8.53 -42.59 25.73
N SER C 121 -9.63 -42.95 25.08
CA SER C 121 -10.42 -44.11 25.48
C SER C 121 -11.22 -44.65 24.31
N SER C 122 -11.49 -45.96 24.33
CA SER C 122 -12.29 -46.58 23.30
C SER C 122 -13.71 -46.85 23.80
N ALA C 123 -14.01 -46.37 25.01
CA ALA C 123 -15.33 -46.56 25.59
C ALA C 123 -16.38 -45.78 24.81
N SER C 124 -17.62 -46.24 24.90
CA SER C 124 -18.75 -45.60 24.25
C SER C 124 -19.57 -44.83 25.28
N THR C 125 -20.25 -43.78 24.83
CA THR C 125 -21.11 -42.99 25.71
C THR C 125 -22.11 -43.95 26.33
N LYS C 126 -22.21 -43.94 27.65
CA LYS C 126 -23.08 -44.88 28.32
C LYS C 126 -23.57 -44.31 29.65
N GLY C 127 -24.83 -44.56 29.97
CA GLY C 127 -25.43 -44.04 31.19
C GLY C 127 -25.22 -44.97 32.35
N PRO C 128 -25.20 -44.42 33.58
CA PRO C 128 -24.86 -45.22 34.75
C PRO C 128 -26.00 -46.13 35.23
N SER C 129 -25.64 -47.16 35.98
CA SER C 129 -26.61 -47.90 36.77
C SER C 129 -26.52 -47.35 38.18
N VAL C 130 -27.67 -47.18 38.82
CA VAL C 130 -27.70 -46.62 40.17
C VAL C 130 -28.18 -47.65 41.17
N PHE C 131 -27.34 -48.01 42.12
CA PHE C 131 -27.72 -49.01 43.11
C PHE C 131 -27.75 -48.41 44.51
N PRO C 132 -28.70 -48.85 45.36
CA PRO C 132 -28.81 -48.33 46.71
C PRO C 132 -27.75 -48.92 47.63
N LEU C 133 -27.19 -48.11 48.52
CA LEU C 133 -26.37 -48.60 49.62
C LEU C 133 -27.23 -48.41 50.85
N ALA C 134 -28.06 -49.41 51.12
CA ALA C 134 -29.14 -49.25 52.10
C ALA C 134 -28.77 -49.21 53.60
N PRO C 135 -29.53 -48.39 54.38
CA PRO C 135 -29.44 -48.19 55.83
C PRO C 135 -29.73 -49.51 56.58
N SER C 136 -28.93 -49.82 57.58
CA SER C 136 -28.98 -51.10 58.31
C SER C 136 -28.26 -50.93 59.64
N SER C 137 -28.59 -51.76 60.63
CA SER C 137 -27.95 -51.65 61.94
C SER C 137 -26.48 -52.05 61.81
N LYS C 138 -26.09 -52.47 60.61
CA LYS C 138 -24.71 -52.58 60.21
C LYS C 138 -24.15 -51.21 59.80
N SER C 139 -25.02 -50.22 59.65
CA SER C 139 -24.58 -48.88 59.27
C SER C 139 -24.98 -47.83 60.32
N THR C 140 -25.43 -48.28 61.50
CA THR C 140 -25.87 -47.37 62.56
C THR C 140 -24.77 -47.07 63.58
N SER C 141 -24.56 -45.79 63.84
CA SER C 141 -23.54 -45.33 64.80
C SER C 141 -24.06 -44.18 65.68
N GLY C 142 -24.49 -44.52 66.89
CA GLY C 142 -24.90 -43.54 67.88
C GLY C 142 -26.14 -42.74 67.51
N GLY C 143 -27.20 -43.44 67.11
CA GLY C 143 -28.44 -42.79 66.71
C GLY C 143 -28.40 -42.29 65.27
N THR C 144 -27.26 -42.44 64.61
CA THR C 144 -27.10 -42.08 63.20
C THR C 144 -26.84 -43.33 62.35
N ALA C 145 -27.44 -43.35 61.16
CA ALA C 145 -27.25 -44.42 60.19
C ALA C 145 -26.65 -43.87 58.90
N ALA C 146 -25.88 -44.70 58.20
CA ALA C 146 -25.30 -44.30 56.91
C ALA C 146 -25.96 -45.08 55.79
N LEU C 147 -26.10 -44.40 54.65
CA LEU C 147 -26.62 -45.00 53.42
C LEU C 147 -26.08 -44.24 52.22
N GLY C 148 -26.37 -44.73 51.02
CA GLY C 148 -25.89 -44.05 49.84
C GLY C 148 -26.27 -44.67 48.50
N CYS C 149 -25.58 -44.23 47.46
CA CYS C 149 -25.80 -44.74 46.12
C CYS C 149 -24.52 -45.08 45.39
N LEU C 150 -24.48 -46.27 44.81
CA LEU C 150 -23.39 -46.67 43.94
C LEU C 150 -23.77 -46.30 42.51
N VAL C 151 -23.01 -45.39 41.92
CA VAL C 151 -23.23 -44.93 40.55
C VAL C 151 -22.20 -45.58 39.64
N LYS C 152 -22.62 -46.62 38.94
CA LYS C 152 -21.71 -47.58 38.31
C LYS C 152 -21.76 -47.62 36.78
N ASP C 153 -20.59 -47.83 36.18
CA ASP C 153 -20.43 -48.11 34.76
C ASP C 153 -20.99 -47.01 33.83
N TYR C 154 -20.42 -45.80 33.91
CA TYR C 154 -20.76 -44.75 32.97
C TYR C 154 -19.55 -44.20 32.21
N PHE C 155 -19.85 -43.53 31.10
CA PHE C 155 -18.85 -42.87 30.29
C PHE C 155 -19.55 -41.81 29.44
N PRO C 156 -18.93 -40.64 29.27
CA PRO C 156 -17.68 -40.24 29.94
C PRO C 156 -17.96 -39.50 31.23
N GLU C 157 -16.92 -38.93 31.82
CA GLU C 157 -17.09 -38.08 32.98
C GLU C 157 -17.88 -36.86 32.52
N PRO C 158 -18.60 -36.19 33.42
CA PRO C 158 -18.72 -36.38 34.87
C PRO C 158 -20.13 -36.82 35.22
N VAL C 159 -20.33 -37.26 36.46
CA VAL C 159 -21.66 -37.51 36.99
C VAL C 159 -21.82 -36.57 38.16
N THR C 160 -23.03 -36.02 38.30
CA THR C 160 -23.41 -35.27 39.48
C THR C 160 -24.46 -36.04 40.26
N VAL C 161 -24.34 -36.03 41.58
CA VAL C 161 -25.33 -36.67 42.43
C VAL C 161 -25.80 -35.66 43.46
N SER C 162 -27.09 -35.72 43.72
CA SER C 162 -27.73 -34.88 44.73
C SER C 162 -28.48 -35.78 45.70
N TRP C 163 -28.95 -35.21 46.80
CA TRP C 163 -29.77 -35.95 47.76
C TRP C 163 -31.04 -35.16 48.09
N ASN C 164 -32.21 -35.78 47.88
CA ASN C 164 -33.48 -35.06 48.09
C ASN C 164 -33.54 -33.79 47.26
N SER C 165 -33.05 -33.93 46.03
CA SER C 165 -33.08 -32.88 45.01
C SER C 165 -32.41 -31.61 45.49
N GLY C 166 -31.45 -31.77 46.39
CA GLY C 166 -30.69 -30.65 46.87
C GLY C 166 -30.91 -30.28 48.32
N ALA C 167 -32.00 -30.78 48.88
CA ALA C 167 -32.41 -30.43 50.24
C ALA C 167 -31.47 -30.99 51.30
N LEU C 168 -30.99 -32.22 51.09
CA LEU C 168 -30.09 -32.85 52.04
C LEU C 168 -28.65 -32.77 51.55
N THR C 169 -27.89 -31.89 52.19
CA THR C 169 -26.52 -31.59 51.80
C THR C 169 -25.55 -31.90 52.95
N SER C 170 -26.02 -31.71 54.17
CA SER C 170 -25.16 -31.91 55.33
C SER C 170 -24.93 -33.39 55.58
N GLY C 171 -23.65 -33.72 55.75
CA GLY C 171 -23.24 -35.08 56.05
C GLY C 171 -22.98 -35.89 54.78
N VAL C 172 -23.13 -35.24 53.63
CA VAL C 172 -22.99 -35.90 52.34
C VAL C 172 -21.53 -35.99 51.89
N HIS C 173 -21.09 -37.18 51.52
CA HIS C 173 -19.78 -37.37 50.90
C HIS C 173 -19.95 -38.05 49.54
N THR C 174 -19.67 -37.29 48.49
CA THR C 174 -19.64 -37.81 47.13
C THR C 174 -18.19 -38.03 46.70
N PHE C 175 -17.83 -39.28 46.50
CA PHE C 175 -16.45 -39.65 46.21
C PHE C 175 -16.05 -39.33 44.76
N PRO C 176 -14.76 -39.00 44.54
CA PRO C 176 -14.24 -38.86 43.17
C PRO C 176 -14.41 -40.15 42.36
N ALA C 177 -14.73 -40.01 41.07
CA ALA C 177 -14.90 -41.19 40.23
C ALA C 177 -13.62 -42.00 40.13
N VAL C 178 -13.79 -43.31 39.94
CA VAL C 178 -12.70 -44.22 39.63
C VAL C 178 -12.86 -44.83 38.24
N LEU C 179 -11.80 -44.81 37.46
CA LEU C 179 -11.80 -45.48 36.16
C LEU C 179 -11.63 -46.99 36.36
N GLN C 180 -12.59 -47.79 35.89
CA GLN C 180 -12.51 -49.24 36.05
C GLN C 180 -11.77 -49.90 34.91
N SER C 181 -11.44 -51.18 35.09
CA SER C 181 -10.70 -51.93 34.07
C SER C 181 -11.51 -52.02 32.78
N SER C 182 -12.83 -51.91 32.90
CA SER C 182 -13.70 -51.94 31.73
C SER C 182 -13.54 -50.70 30.85
N GLY C 183 -13.00 -49.63 31.44
CA GLY C 183 -12.92 -48.34 30.77
C GLY C 183 -14.06 -47.42 31.19
N LEU C 184 -14.93 -47.92 32.06
CA LEU C 184 -16.08 -47.16 32.53
C LEU C 184 -15.78 -46.64 33.94
N TYR C 185 -16.45 -45.55 34.31
CA TYR C 185 -16.29 -44.95 35.64
C TYR C 185 -17.34 -45.42 36.66
N SER C 186 -16.94 -45.34 37.92
CA SER C 186 -17.84 -45.57 39.06
C SER C 186 -17.52 -44.65 40.22
N LEU C 187 -18.56 -44.27 40.95
CA LEU C 187 -18.36 -43.56 42.20
C LEU C 187 -19.50 -43.91 43.14
N SER C 188 -19.26 -43.64 44.42
CA SER C 188 -20.31 -43.73 45.42
C SER C 188 -20.55 -42.39 46.08
N SER C 189 -21.79 -42.16 46.44
CA SER C 189 -22.18 -41.01 47.24
C SER C 189 -22.89 -41.51 48.49
N VAL C 190 -22.44 -41.07 49.67
CA VAL C 190 -23.01 -41.54 50.91
C VAL C 190 -23.48 -40.36 51.75
N VAL C 191 -24.34 -40.65 52.72
CA VAL C 191 -24.78 -39.67 53.69
C VAL C 191 -25.11 -40.35 55.01
N THR C 192 -24.84 -39.67 56.13
CA THR C 192 -25.26 -40.17 57.43
C THR C 192 -26.46 -39.38 57.96
N VAL C 193 -27.47 -40.08 58.48
CA VAL C 193 -28.69 -39.44 58.95
C VAL C 193 -29.14 -40.08 60.26
N PRO C 194 -30.07 -39.43 60.99
CA PRO C 194 -30.57 -40.03 62.24
C PRO C 194 -31.24 -41.39 62.02
N SER C 195 -30.98 -42.35 62.88
CA SER C 195 -31.60 -43.68 62.78
C SER C 195 -33.13 -43.64 62.93
N SER C 196 -33.64 -42.64 63.66
CA SER C 196 -35.06 -42.55 63.92
C SER C 196 -35.85 -42.05 62.72
N SER C 197 -35.17 -41.39 61.79
CA SER C 197 -35.82 -40.81 60.61
C SER C 197 -36.20 -41.86 59.56
N LEU C 198 -35.51 -43.00 59.61
CA LEU C 198 -35.59 -44.01 58.54
C LEU C 198 -37.00 -44.51 58.21
N GLY C 199 -37.87 -44.67 59.20
CA GLY C 199 -39.24 -45.09 58.91
C GLY C 199 -40.11 -44.00 58.34
N THR C 200 -39.92 -42.76 58.81
CA THR C 200 -40.75 -41.63 58.38
C THR C 200 -40.16 -41.00 57.12
N GLN C 201 -38.85 -40.77 57.13
CA GLN C 201 -38.20 -39.95 56.11
C GLN C 201 -37.70 -40.75 54.92
N THR C 202 -37.84 -40.10 53.76
CA THR C 202 -37.49 -40.68 52.47
C THR C 202 -36.20 -40.05 51.94
N TYR C 203 -35.27 -40.89 51.52
CA TYR C 203 -33.97 -40.43 51.03
C TYR C 203 -33.80 -40.95 49.61
N ILE C 204 -33.67 -40.00 48.69
CA ILE C 204 -33.52 -40.28 47.27
C ILE C 204 -32.23 -39.61 46.81
N CYS C 205 -31.38 -40.35 46.11
CA CYS C 205 -30.22 -39.75 45.49
C CYS C 205 -30.57 -39.41 44.05
N ASN C 206 -30.21 -38.20 43.62
CA ASN C 206 -30.51 -37.76 42.27
C ASN C 206 -29.24 -37.64 41.44
N VAL C 207 -29.10 -38.57 40.52
CA VAL C 207 -27.90 -38.70 39.70
C VAL C 207 -28.20 -38.20 38.28
N ASN C 208 -27.29 -37.37 37.76
CA ASN C 208 -27.46 -36.79 36.43
C ASN C 208 -26.21 -37.01 35.60
N HIS C 209 -26.39 -37.78 34.53
CA HIS C 209 -25.36 -38.04 33.53
C HIS C 209 -25.82 -37.42 32.20
N LYS C 210 -25.44 -36.17 32.01
CA LYS C 210 -25.87 -35.38 30.84
C LYS C 210 -25.45 -35.92 29.48
N PRO C 211 -24.19 -36.36 29.32
CA PRO C 211 -23.72 -36.85 28.01
C PRO C 211 -24.42 -38.10 27.49
N SER C 212 -25.30 -38.70 28.29
CA SER C 212 -26.17 -39.80 27.84
C SER C 212 -27.65 -39.46 27.95
N ASN C 213 -27.93 -38.28 28.49
CA ASN C 213 -29.28 -37.79 28.74
C ASN C 213 -30.05 -38.74 29.64
N THR C 214 -29.35 -39.26 30.65
CA THR C 214 -29.98 -40.08 31.67
C THR C 214 -30.17 -39.27 32.94
N LYS C 215 -31.36 -39.36 33.52
CA LYS C 215 -31.66 -38.75 34.79
C LYS C 215 -32.39 -39.81 35.59
N VAL C 216 -31.75 -40.23 36.68
CA VAL C 216 -32.30 -41.25 37.56
C VAL C 216 -32.49 -40.68 38.95
N ASP C 217 -33.63 -40.97 39.53
CA ASP C 217 -33.86 -40.74 40.94
C ASP C 217 -34.06 -42.10 41.56
N LYS C 218 -33.37 -42.35 42.67
CA LYS C 218 -33.38 -43.69 43.23
C LYS C 218 -33.51 -43.56 44.74
N LYS C 219 -34.61 -44.08 45.24
CA LYS C 219 -34.88 -44.07 46.67
C LYS C 219 -34.04 -45.13 47.36
N VAL C 220 -33.54 -44.77 48.54
CA VAL C 220 -32.69 -45.66 49.33
C VAL C 220 -33.35 -45.88 50.68
N GLU C 221 -33.83 -47.10 50.90
CA GLU C 221 -34.50 -47.44 52.15
C GLU C 221 -33.85 -48.65 52.81
N PRO C 222 -34.17 -48.91 54.09
CA PRO C 222 -33.57 -50.09 54.73
C PRO C 222 -33.98 -51.43 54.12
N LYS C 223 -33.41 -52.54 54.57
CA LYS C 223 -33.81 -53.85 54.04
C LYS C 223 -35.13 -54.35 54.57
N SER C 224 -35.97 -54.76 53.63
CA SER C 224 -37.23 -55.43 53.90
C SER C 224 -36.98 -56.90 54.27
N CYS C 225 -37.08 -57.23 55.55
CA CYS C 225 -36.83 -58.61 55.98
C CYS C 225 -37.78 -59.01 57.10
N ASP D 2 19.40 -40.64 34.36
CA ASP D 2 19.08 -39.43 33.62
C ASP D 2 18.81 -38.29 34.60
N ILE D 3 18.39 -37.14 34.08
CA ILE D 3 18.11 -35.96 34.87
C ILE D 3 16.93 -36.17 35.81
N GLN D 4 17.06 -35.69 37.05
CA GLN D 4 16.02 -35.84 38.06
C GLN D 4 15.93 -34.65 39.00
N MET D 5 14.69 -34.27 39.33
CA MET D 5 14.41 -33.31 40.39
C MET D 5 13.63 -34.02 41.49
N THR D 6 14.31 -34.37 42.57
CA THR D 6 13.70 -35.13 43.65
C THR D 6 13.13 -34.20 44.73
N GLN D 7 11.81 -34.15 44.82
CA GLN D 7 11.11 -33.25 45.73
C GLN D 7 10.61 -33.97 46.98
N SER D 8 10.79 -33.33 48.14
CA SER D 8 10.38 -33.89 49.42
C SER D 8 9.74 -32.81 50.30
N PRO D 9 8.79 -33.19 51.16
CA PRO D 9 8.15 -34.51 51.23
C PRO D 9 7.01 -34.61 50.23
N SER D 10 6.43 -35.79 50.05
CA SER D 10 5.32 -35.95 49.12
C SER D 10 4.09 -35.24 49.68
N SER D 11 3.96 -35.24 51.00
CA SER D 11 2.92 -34.49 51.66
C SER D 11 3.39 -34.05 53.02
N LEU D 12 2.76 -33.01 53.56
CA LEU D 12 3.07 -32.55 54.89
C LEU D 12 1.83 -31.90 55.49
N SER D 13 1.65 -32.09 56.79
CA SER D 13 0.53 -31.52 57.50
C SER D 13 1.00 -30.28 58.24
N ALA D 14 0.21 -29.22 58.14
CA ALA D 14 0.56 -27.96 58.77
C ALA D 14 -0.69 -27.19 59.16
N SER D 15 -0.53 -26.30 60.14
CA SER D 15 -1.60 -25.44 60.61
C SER D 15 -1.34 -24.00 60.16
N VAL D 16 -2.40 -23.20 60.13
CA VAL D 16 -2.25 -21.78 59.83
C VAL D 16 -1.23 -21.15 60.79
N GLY D 17 -0.32 -20.35 60.24
CA GLY D 17 0.70 -19.69 61.03
C GLY D 17 1.98 -20.48 61.20
N ASP D 18 2.02 -21.71 60.69
CA ASP D 18 3.23 -22.53 60.78
C ASP D 18 4.25 -22.14 59.70
N ARG D 19 5.50 -22.53 59.92
CA ARG D 19 6.56 -22.38 58.93
C ARG D 19 6.70 -23.67 58.13
N VAL D 20 6.35 -23.60 56.84
CA VAL D 20 6.41 -24.77 55.96
C VAL D 20 7.68 -24.76 55.13
N THR D 21 8.36 -25.91 55.07
CA THR D 21 9.60 -26.06 54.34
C THR D 21 9.49 -27.19 53.32
N ILE D 22 9.62 -26.84 52.04
CA ILE D 22 9.59 -27.81 50.97
C ILE D 22 10.95 -27.83 50.29
N THR D 23 11.49 -29.02 50.05
CA THR D 23 12.81 -29.14 49.47
C THR D 23 12.75 -29.84 48.12
N CYS D 24 13.78 -29.61 47.32
CA CYS D 24 13.90 -30.18 46.00
C CYS D 24 15.38 -30.27 45.67
N ARG D 25 15.84 -31.48 45.35
CA ARG D 25 17.26 -31.73 45.05
C ARG D 25 17.43 -32.08 43.58
N ALA D 26 18.31 -31.35 42.90
CA ALA D 26 18.68 -31.68 41.53
C ALA D 26 19.79 -32.74 41.55
N SER D 27 19.76 -33.65 40.58
CA SER D 27 20.75 -34.72 40.50
C SER D 27 22.10 -34.18 40.04
N GLN D 28 22.08 -33.11 39.26
CA GLN D 28 23.29 -32.38 38.87
C GLN D 28 23.14 -30.90 39.17
N SER D 29 24.23 -30.15 39.05
CA SER D 29 24.19 -28.71 39.18
C SER D 29 23.35 -28.11 38.06
N VAL D 30 22.36 -27.31 38.44
CA VAL D 30 21.58 -26.54 37.49
C VAL D 30 21.81 -25.05 37.73
N SER D 31 22.85 -24.74 38.49
CA SER D 31 23.06 -23.39 39.01
C SER D 31 21.77 -22.97 39.74
N SER D 32 21.25 -21.80 39.44
CA SER D 32 20.06 -21.28 40.11
C SER D 32 18.82 -21.31 39.21
N ALA D 33 18.88 -22.09 38.15
CA ALA D 33 17.77 -22.19 37.20
C ALA D 33 16.67 -23.10 37.71
N VAL D 34 16.00 -22.67 38.79
CA VAL D 34 14.84 -23.39 39.28
C VAL D 34 13.72 -22.41 39.62
N ALA D 35 12.49 -22.91 39.48
CA ALA D 35 11.28 -22.14 39.78
C ALA D 35 10.34 -22.97 40.67
N TRP D 36 9.45 -22.27 41.37
CA TRP D 36 8.46 -22.91 42.22
C TRP D 36 7.06 -22.49 41.77
N TYR D 37 6.12 -23.42 41.90
CA TYR D 37 4.75 -23.22 41.45
C TYR D 37 3.73 -23.69 42.51
N GLN D 38 2.64 -22.95 42.63
CA GLN D 38 1.50 -23.38 43.43
C GLN D 38 0.42 -23.80 42.48
N GLN D 39 -0.26 -24.89 42.82
CA GLN D 39 -1.42 -25.34 42.08
C GLN D 39 -2.53 -25.82 42.99
N LYS D 40 -3.71 -25.24 42.79
CA LYS D 40 -4.91 -25.71 43.46
C LYS D 40 -5.66 -26.61 42.48
N PRO D 41 -6.25 -27.70 43.00
CA PRO D 41 -6.81 -28.74 42.12
C PRO D 41 -7.76 -28.20 41.05
N GLY D 42 -7.55 -28.62 39.80
CA GLY D 42 -8.41 -28.22 38.71
C GLY D 42 -8.02 -26.89 38.08
N LYS D 43 -6.98 -26.25 38.62
CA LYS D 43 -6.55 -24.93 38.15
C LYS D 43 -5.11 -24.95 37.66
N ALA D 44 -4.81 -24.05 36.73
CA ALA D 44 -3.46 -23.92 36.18
C ALA D 44 -2.48 -23.53 37.28
N PRO D 45 -1.26 -24.09 37.25
CA PRO D 45 -0.24 -23.70 38.22
C PRO D 45 0.06 -22.19 38.16
N LYS D 46 0.59 -21.64 39.26
CA LYS D 46 1.01 -20.24 39.31
C LYS D 46 2.46 -20.13 39.72
N LEU D 47 3.24 -19.37 38.95
CA LEU D 47 4.64 -19.13 39.26
C LEU D 47 4.75 -18.35 40.56
N LEU D 48 5.63 -18.82 41.45
CA LEU D 48 5.86 -18.17 42.75
C LEU D 48 7.24 -17.56 42.80
N ILE D 49 8.21 -18.35 42.34
CA ILE D 49 9.61 -18.02 42.44
C ILE D 49 10.35 -18.47 41.19
N TYR D 50 11.30 -17.66 40.73
CA TYR D 50 12.18 -18.07 39.63
C TYR D 50 13.62 -17.79 40.04
N SER D 51 14.55 -18.35 39.27
CA SER D 51 15.97 -18.17 39.54
C SER D 51 16.29 -18.53 40.99
N ALA D 52 15.59 -19.56 41.49
CA ALA D 52 15.78 -20.13 42.83
C ALA D 52 15.35 -19.21 43.99
N SER D 53 15.57 -17.91 43.87
CA SER D 53 15.36 -16.98 44.99
C SER D 53 14.64 -15.68 44.63
N SER D 54 14.20 -15.54 43.39
CA SER D 54 13.55 -14.30 42.97
C SER D 54 12.06 -14.40 43.12
N LEU D 55 11.48 -13.43 43.82
CA LEU D 55 10.05 -13.37 43.98
C LEU D 55 9.40 -12.87 42.69
N TYR D 56 8.53 -13.69 42.12
CA TYR D 56 7.78 -13.26 40.95
C TYR D 56 6.76 -12.23 41.37
N SER D 57 6.58 -11.21 40.53
CA SER D 57 5.77 -10.05 40.87
C SER D 57 4.35 -10.44 41.25
N GLY D 58 3.88 -9.89 42.37
CA GLY D 58 2.51 -10.10 42.81
C GLY D 58 2.32 -11.27 43.75
N VAL D 59 3.40 -12.01 44.01
CA VAL D 59 3.34 -13.12 44.96
C VAL D 59 3.59 -12.59 46.38
N PRO D 60 2.81 -13.07 47.37
CA PRO D 60 3.01 -12.58 48.73
C PRO D 60 4.39 -12.89 49.31
N SER D 61 4.88 -12.01 50.17
CA SER D 61 6.24 -12.08 50.69
C SER D 61 6.50 -13.31 51.56
N ARG D 62 5.44 -13.97 52.02
CA ARG D 62 5.62 -15.17 52.85
C ARG D 62 6.25 -16.30 52.06
N PHE D 63 6.16 -16.25 50.73
CA PHE D 63 6.79 -17.26 49.88
C PHE D 63 8.21 -16.87 49.58
N SER D 64 9.13 -17.84 49.65
CA SER D 64 10.53 -17.57 49.37
C SER D 64 11.26 -18.81 48.96
N GLY D 65 12.29 -18.61 48.14
CA GLY D 65 13.14 -19.69 47.68
C GLY D 65 14.59 -19.40 47.99
N SER D 66 15.35 -20.46 48.24
CA SER D 66 16.79 -20.32 48.46
C SER D 66 17.50 -21.55 47.90
N ARG D 67 18.79 -21.38 47.64
CA ARG D 67 19.63 -22.42 47.07
C ARG D 67 20.82 -22.72 47.97
N SER D 68 21.15 -24.00 48.09
CA SER D 68 22.43 -24.42 48.64
C SER D 68 22.98 -25.52 47.75
N GLY D 69 23.92 -25.16 46.87
CA GLY D 69 24.42 -26.09 45.88
C GLY D 69 23.30 -26.60 45.01
N THR D 70 23.03 -27.90 45.09
CA THR D 70 21.98 -28.53 44.28
C THR D 70 20.71 -28.77 45.09
N ASP D 71 20.66 -28.26 46.31
CA ASP D 71 19.45 -28.34 47.13
C ASP D 71 18.69 -27.03 47.05
N PHE D 72 17.40 -27.12 46.79
CA PHE D 72 16.53 -25.95 46.62
C PHE D 72 15.35 -26.06 47.58
N THR D 73 15.06 -24.94 48.25
CA THR D 73 14.11 -24.92 49.35
C THR D 73 13.05 -23.83 49.15
N LEU D 74 11.79 -24.23 49.16
CA LEU D 74 10.66 -23.32 49.18
C LEU D 74 10.15 -23.20 50.60
N THR D 75 10.10 -21.98 51.11
CA THR D 75 9.65 -21.72 52.47
C THR D 75 8.42 -20.82 52.48
N ILE D 76 7.43 -21.20 53.29
CA ILE D 76 6.30 -20.33 53.57
C ILE D 76 6.41 -19.91 55.03
N SER D 77 6.73 -18.64 55.26
CA SER D 77 7.09 -18.16 56.59
C SER D 77 5.95 -18.34 57.60
N SER D 78 4.75 -17.95 57.19
CA SER D 78 3.57 -18.07 58.05
C SER D 78 2.38 -18.51 57.22
N LEU D 79 2.06 -19.80 57.29
CA LEU D 79 1.05 -20.40 56.43
C LEU D 79 -0.31 -19.72 56.58
N GLN D 80 -0.98 -19.52 55.44
CA GLN D 80 -2.32 -18.93 55.43
C GLN D 80 -3.32 -19.94 54.87
N PRO D 81 -4.61 -19.78 55.22
CA PRO D 81 -5.67 -20.71 54.80
C PRO D 81 -5.69 -20.99 53.30
N GLU D 82 -5.29 -20.02 52.48
CA GLU D 82 -5.33 -20.17 51.04
C GLU D 82 -4.04 -20.77 50.50
N ASP D 83 -3.12 -21.15 51.40
CA ASP D 83 -1.84 -21.71 50.98
C ASP D 83 -1.85 -23.24 50.95
N PHE D 84 -2.92 -23.85 51.43
CA PHE D 84 -3.07 -25.29 51.32
C PHE D 84 -3.32 -25.65 49.88
N ALA D 85 -2.38 -26.40 49.32
CA ALA D 85 -2.36 -26.69 47.90
C ALA D 85 -1.19 -27.61 47.64
N THR D 86 -0.94 -27.92 46.37
CA THR D 86 0.24 -28.70 45.99
C THR D 86 1.28 -27.77 45.33
N TYR D 87 2.56 -28.00 45.64
CA TYR D 87 3.65 -27.16 45.16
C TYR D 87 4.66 -27.98 44.35
N TYR D 88 5.24 -27.33 43.33
CA TYR D 88 6.16 -27.98 42.40
C TYR D 88 7.43 -27.18 42.21
N CYS D 89 8.58 -27.85 42.21
CA CYS D 89 9.83 -27.26 41.71
C CYS D 89 9.99 -27.61 40.24
N GLN D 90 10.68 -26.74 39.52
CA GLN D 90 10.96 -26.91 38.09
C GLN D 90 12.40 -26.46 37.83
N GLN D 91 13.14 -27.24 37.06
CA GLN D 91 14.50 -26.86 36.69
C GLN D 91 14.54 -26.49 35.21
N TYR D 92 15.30 -25.46 34.87
CA TYR D 92 15.48 -25.06 33.47
C TYR D 92 16.94 -24.68 33.22
N PRO D 93 17.86 -25.64 33.42
CA PRO D 93 19.29 -25.38 33.29
C PRO D 93 19.65 -24.79 31.94
N TYR D 94 20.68 -23.95 31.92
CA TYR D 94 21.08 -23.25 30.72
C TYR D 94 21.65 -24.21 29.67
N TYR D 95 22.31 -25.26 30.15
CA TYR D 95 23.00 -26.21 29.26
C TYR D 95 22.07 -27.26 28.64
N SER D 96 20.79 -27.21 28.98
CA SER D 96 19.81 -28.15 28.41
C SER D 96 18.53 -27.44 27.99
N SER D 97 17.81 -28.08 27.08
CA SER D 97 16.50 -27.59 26.65
C SER D 97 15.37 -28.38 27.33
N LEU D 98 15.71 -29.49 27.98
CA LEU D 98 14.71 -30.30 28.66
C LEU D 98 14.32 -29.67 29.98
N ILE D 99 13.03 -29.69 30.30
CA ILE D 99 12.52 -29.18 31.56
C ILE D 99 11.99 -30.32 32.42
N THR D 100 12.16 -30.22 33.73
CA THR D 100 11.76 -31.27 34.67
C THR D 100 11.08 -30.69 35.90
N PHE D 101 9.86 -31.17 36.18
CA PHE D 101 9.16 -30.83 37.41
C PHE D 101 9.43 -31.86 38.47
N GLY D 102 9.39 -31.43 39.73
CA GLY D 102 9.45 -32.35 40.85
C GLY D 102 8.10 -33.03 41.00
N GLN D 103 8.09 -34.12 41.74
CA GLN D 103 6.91 -34.96 41.94
C GLN D 103 5.77 -34.17 42.59
N GLY D 104 6.12 -33.15 43.35
CA GLY D 104 5.14 -32.28 43.98
C GLY D 104 5.04 -32.52 45.48
N THR D 105 4.47 -31.55 46.18
CA THR D 105 4.26 -31.64 47.62
C THR D 105 2.88 -31.10 47.98
N LYS D 106 2.04 -31.96 48.53
CA LYS D 106 0.70 -31.57 48.94
C LYS D 106 0.75 -31.07 50.37
N VAL D 107 0.27 -29.85 50.57
CA VAL D 107 0.23 -29.27 51.90
C VAL D 107 -1.21 -29.32 52.39
N GLU D 108 -1.43 -30.07 53.46
CA GLU D 108 -2.78 -30.33 53.96
C GLU D 108 -2.96 -29.78 55.37
N ILE D 109 -4.21 -29.81 55.83
CA ILE D 109 -4.60 -29.15 57.07
C ILE D 109 -4.53 -30.09 58.26
N LYS D 110 -3.71 -29.73 59.24
CA LYS D 110 -3.57 -30.53 60.45
C LYS D 110 -4.75 -30.29 61.40
N ARG D 111 -5.25 -31.39 61.97
CA ARG D 111 -6.36 -31.37 62.93
C ARG D 111 -6.15 -32.49 63.94
N THR D 112 -7.11 -32.71 64.84
CA THR D 112 -6.89 -33.75 65.84
C THR D 112 -7.07 -35.13 65.22
N VAL D 113 -6.47 -36.14 65.83
CA VAL D 113 -6.62 -37.52 65.35
C VAL D 113 -8.10 -37.92 65.40
N ALA D 114 -8.61 -38.57 64.35
CA ALA D 114 -10.00 -39.02 64.36
C ALA D 114 -10.08 -40.40 63.73
N ALA D 115 -10.54 -41.36 64.52
CA ALA D 115 -10.70 -42.72 64.03
C ALA D 115 -11.81 -42.75 62.98
N PRO D 116 -11.66 -43.58 61.94
CA PRO D 116 -12.80 -43.73 61.04
C PRO D 116 -13.90 -44.56 61.68
N SER D 117 -15.15 -44.13 61.54
CA SER D 117 -16.27 -45.01 61.74
C SER D 117 -16.45 -45.79 60.45
N VAL D 118 -16.56 -47.11 60.57
CA VAL D 118 -16.53 -47.99 59.41
C VAL D 118 -17.91 -48.59 59.22
N PHE D 119 -18.34 -48.66 57.96
CA PHE D 119 -19.62 -49.26 57.63
C PHE D 119 -19.42 -50.16 56.42
N ILE D 120 -20.15 -51.27 56.34
CA ILE D 120 -20.06 -52.15 55.18
C ILE D 120 -21.46 -52.28 54.56
N PHE D 121 -21.49 -52.36 53.24
CA PHE D 121 -22.72 -52.43 52.46
C PHE D 121 -22.73 -53.60 51.48
N PRO D 122 -23.58 -54.61 51.73
CA PRO D 122 -23.63 -55.68 50.72
C PRO D 122 -24.22 -55.18 49.39
N PRO D 123 -24.01 -55.94 48.31
CA PRO D 123 -24.64 -55.66 47.03
C PRO D 123 -26.16 -55.71 47.09
N SER D 124 -26.82 -54.77 46.43
CA SER D 124 -28.26 -54.73 46.41
C SER D 124 -28.80 -55.88 45.58
N ASP D 125 -30.05 -56.27 45.82
CA ASP D 125 -30.69 -57.29 45.00
C ASP D 125 -30.79 -56.81 43.55
N SER D 126 -30.92 -55.51 43.36
CA SER D 126 -31.05 -54.93 42.01
C SER D 126 -29.78 -55.18 41.21
N GLN D 127 -28.63 -54.96 41.85
CA GLN D 127 -27.35 -55.17 41.21
C GLN D 127 -27.15 -56.67 40.95
N LEU D 128 -27.53 -57.51 41.90
CA LEU D 128 -27.30 -58.94 41.76
C LEU D 128 -28.12 -59.52 40.61
N LYS D 129 -29.34 -59.04 40.42
CA LYS D 129 -30.14 -59.45 39.27
C LYS D 129 -29.44 -59.09 37.97
N SER D 130 -28.67 -58.01 37.98
CA SER D 130 -27.89 -57.60 36.81
C SER D 130 -26.71 -58.52 36.50
N GLY D 131 -26.27 -59.31 37.47
CA GLY D 131 -25.22 -60.29 37.21
C GLY D 131 -23.85 -59.92 37.72
N THR D 132 -23.76 -58.87 38.53
CA THR D 132 -22.51 -58.52 39.19
C THR D 132 -22.72 -58.15 40.65
N ALA D 133 -21.61 -57.99 41.37
CA ALA D 133 -21.64 -57.76 42.81
C ALA D 133 -20.62 -56.72 43.27
N SER D 134 -21.11 -55.61 43.82
CA SER D 134 -20.23 -54.63 44.44
C SER D 134 -20.59 -54.57 45.91
N VAL D 135 -19.57 -54.72 46.73
CA VAL D 135 -19.69 -54.57 48.17
C VAL D 135 -18.78 -53.43 48.57
N VAL D 136 -19.30 -52.51 49.37
CA VAL D 136 -18.58 -51.29 49.68
C VAL D 136 -18.31 -51.14 51.16
N CYS D 137 -17.05 -50.81 51.47
CA CYS D 137 -16.60 -50.50 52.81
C CYS D 137 -16.44 -48.99 52.89
N LEU D 138 -17.09 -48.37 53.86
CA LEU D 138 -17.01 -46.92 54.01
C LEU D 138 -16.20 -46.57 55.25
N LEU D 139 -15.12 -45.82 55.07
CA LEU D 139 -14.38 -45.25 56.19
C LEU D 139 -14.73 -43.78 56.23
N ASN D 140 -15.48 -43.38 57.25
CA ASN D 140 -16.05 -42.04 57.31
C ASN D 140 -15.39 -41.10 58.30
N ASN D 141 -15.03 -39.93 57.80
CA ASN D 141 -14.61 -38.80 58.62
C ASN D 141 -13.46 -39.14 59.56
N PHE D 142 -12.30 -39.41 58.99
CA PHE D 142 -11.12 -39.77 59.78
C PHE D 142 -9.93 -38.87 59.49
N TYR D 143 -8.94 -38.94 60.37
CA TYR D 143 -7.69 -38.19 60.21
C TYR D 143 -6.61 -38.83 61.07
N PRO D 144 -5.36 -38.92 60.56
CA PRO D 144 -4.86 -38.49 59.24
C PRO D 144 -5.38 -39.34 58.08
N ARG D 145 -4.96 -38.97 56.88
CA ARG D 145 -5.44 -39.58 55.65
C ARG D 145 -5.02 -41.03 55.50
N GLU D 146 -3.85 -41.37 56.03
CA GLU D 146 -3.29 -42.70 55.83
C GLU D 146 -4.16 -43.77 56.48
N ALA D 147 -4.55 -44.76 55.70
CA ALA D 147 -5.36 -45.86 56.21
C ALA D 147 -5.13 -47.07 55.32
N LYS D 148 -5.37 -48.26 55.89
CA LYS D 148 -5.32 -49.51 55.14
C LYS D 148 -6.62 -50.28 55.20
N VAL D 149 -7.17 -50.63 54.04
CA VAL D 149 -8.36 -51.45 53.96
C VAL D 149 -8.08 -52.78 53.24
N GLN D 150 -8.41 -53.91 53.88
CA GLN D 150 -8.26 -55.22 53.25
C GLN D 150 -9.57 -55.99 53.27
N TRP D 151 -9.87 -56.66 52.16
CA TRP D 151 -11.07 -57.47 52.04
C TRP D 151 -10.77 -58.93 52.34
N LYS D 152 -11.66 -59.53 53.13
CA LYS D 152 -11.62 -60.95 53.45
C LYS D 152 -12.93 -61.64 53.09
N VAL D 153 -12.87 -62.57 52.14
CA VAL D 153 -14.03 -63.37 51.78
C VAL D 153 -13.85 -64.78 52.35
N ASP D 154 -14.71 -65.16 53.29
CA ASP D 154 -14.56 -66.40 54.05
C ASP D 154 -13.15 -66.49 54.65
N ASN D 155 -12.65 -65.36 55.12
CA ASN D 155 -11.35 -65.27 55.78
C ASN D 155 -10.19 -65.48 54.81
N ALA D 156 -10.46 -65.23 53.53
CA ALA D 156 -9.40 -65.30 52.53
C ALA D 156 -9.15 -63.89 52.03
N LEU D 157 -7.88 -63.49 52.05
CA LEU D 157 -7.51 -62.14 51.67
C LEU D 157 -7.67 -61.95 50.18
N GLN D 158 -8.25 -60.82 49.79
CA GLN D 158 -8.53 -60.53 48.40
C GLN D 158 -7.49 -59.52 47.93
N SER D 159 -7.07 -59.62 46.67
CA SER D 159 -6.08 -58.70 46.12
C SER D 159 -6.33 -58.46 44.64
N GLY D 160 -6.42 -57.19 44.26
CA GLY D 160 -6.51 -56.81 42.86
C GLY D 160 -7.93 -56.73 42.34
N ASN D 161 -8.90 -56.99 43.21
CA ASN D 161 -10.31 -56.91 42.81
C ASN D 161 -11.05 -55.87 43.65
N SER D 162 -10.30 -54.88 44.12
CA SER D 162 -10.85 -53.78 44.91
C SER D 162 -10.30 -52.45 44.40
N GLN D 163 -11.05 -51.38 44.60
CA GLN D 163 -10.61 -50.03 44.26
C GLN D 163 -11.00 -49.04 45.34
N GLU D 164 -10.09 -48.10 45.63
CA GLU D 164 -10.35 -47.08 46.64
C GLU D 164 -10.50 -45.70 46.03
N SER D 165 -11.33 -44.90 46.69
CA SER D 165 -11.49 -43.49 46.38
C SER D 165 -11.52 -42.71 47.69
N VAL D 166 -10.86 -41.57 47.74
CA VAL D 166 -10.79 -40.76 48.96
C VAL D 166 -11.19 -39.34 48.62
N THR D 167 -11.98 -38.71 49.49
CA THR D 167 -12.36 -37.32 49.29
C THR D 167 -11.23 -36.35 49.64
N GLU D 168 -11.43 -35.08 49.29
CA GLU D 168 -10.56 -34.01 49.74
C GLU D 168 -11.00 -33.67 51.16
N GLN D 169 -10.15 -32.96 51.89
CA GLN D 169 -10.44 -32.61 53.27
C GLN D 169 -11.77 -31.85 53.33
N ASP D 170 -12.62 -32.27 54.26
CA ASP D 170 -13.91 -31.63 54.48
C ASP D 170 -13.75 -30.18 54.91
N SER D 171 -14.54 -29.31 54.32
CA SER D 171 -14.42 -27.88 54.56
C SER D 171 -14.84 -27.51 55.99
N LYS D 172 -15.67 -28.34 56.62
CA LYS D 172 -16.15 -27.99 57.96
C LYS D 172 -15.21 -28.52 59.05
N ASP D 173 -14.86 -29.81 58.97
CA ASP D 173 -14.06 -30.46 60.01
C ASP D 173 -12.69 -30.99 59.55
N SER D 174 -12.35 -30.77 58.27
CA SER D 174 -11.01 -31.10 57.75
C SER D 174 -10.61 -32.58 57.84
N THR D 175 -11.60 -33.48 57.85
CA THR D 175 -11.33 -34.92 57.83
C THR D 175 -11.43 -35.49 56.43
N TYR D 176 -10.97 -36.73 56.27
CA TYR D 176 -11.14 -37.48 55.03
C TYR D 176 -12.19 -38.55 55.19
N SER D 177 -12.77 -38.98 54.07
CA SER D 177 -13.56 -40.21 54.00
C SER D 177 -13.08 -41.03 52.82
N LEU D 178 -13.33 -42.32 52.88
CA LEU D 178 -12.82 -43.24 51.88
C LEU D 178 -13.81 -44.37 51.65
N SER D 179 -13.96 -44.74 50.39
CA SER D 179 -14.74 -45.90 50.02
C SER D 179 -13.80 -46.90 49.38
N SER D 180 -13.95 -48.16 49.75
CA SER D 180 -13.32 -49.27 49.05
C SER D 180 -14.40 -50.18 48.48
N THR D 181 -14.25 -50.55 47.21
CA THR D 181 -15.27 -51.32 46.52
C THR D 181 -14.71 -52.62 45.98
N LEU D 182 -15.20 -53.72 46.53
CA LEU D 182 -14.83 -55.06 46.09
C LEU D 182 -15.83 -55.49 45.03
N THR D 183 -15.32 -55.80 43.85
CA THR D 183 -16.14 -56.19 42.71
C THR D 183 -16.00 -57.67 42.42
N LEU D 184 -17.13 -58.37 42.45
CA LEU D 184 -17.17 -59.80 42.08
C LEU D 184 -18.28 -60.06 41.09
N SER D 185 -18.16 -61.19 40.39
CA SER D 185 -19.25 -61.71 39.58
C SER D 185 -20.32 -62.26 40.50
N LYS D 186 -21.56 -62.34 40.03
CA LYS D 186 -22.64 -62.86 40.86
C LYS D 186 -22.41 -64.29 41.30
N ALA D 187 -21.87 -65.10 40.40
CA ALA D 187 -21.55 -66.48 40.72
C ALA D 187 -20.53 -66.59 41.86
N ASP D 188 -19.43 -65.87 41.74
CA ASP D 188 -18.42 -65.89 42.79
C ASP D 188 -18.93 -65.33 44.11
N TYR D 189 -19.74 -64.27 44.04
CA TYR D 189 -20.29 -63.69 45.26
C TYR D 189 -21.12 -64.68 46.08
N GLU D 190 -21.85 -65.55 45.38
CA GLU D 190 -22.75 -66.51 46.05
C GLU D 190 -22.05 -67.81 46.40
N LYS D 191 -20.75 -67.90 46.13
CA LYS D 191 -19.99 -69.10 46.48
C LYS D 191 -19.41 -68.99 47.87
N HIS D 192 -19.68 -67.87 48.55
CA HIS D 192 -19.12 -67.61 49.86
C HIS D 192 -20.15 -66.94 50.74
N LYS D 193 -19.92 -67.00 52.04
CA LYS D 193 -20.87 -66.49 53.03
C LYS D 193 -20.38 -65.20 53.66
N VAL D 194 -19.17 -65.22 54.21
CA VAL D 194 -18.67 -64.12 55.03
C VAL D 194 -17.83 -63.11 54.23
N TYR D 195 -18.30 -61.86 54.24
CA TYR D 195 -17.58 -60.73 53.64
C TYR D 195 -17.20 -59.70 54.70
N ALA D 196 -15.91 -59.41 54.80
CA ALA D 196 -15.41 -58.45 55.78
C ALA D 196 -14.34 -57.53 55.22
N CYS D 197 -14.42 -56.24 55.58
CA CYS D 197 -13.34 -55.30 55.33
C CYS D 197 -12.67 -54.98 56.66
N GLU D 198 -11.35 -55.17 56.73
CA GLU D 198 -10.57 -54.86 57.92
C GLU D 198 -9.83 -53.53 57.74
N VAL D 199 -9.98 -52.65 58.72
CA VAL D 199 -9.50 -51.28 58.62
C VAL D 199 -8.39 -51.03 59.63
N THR D 200 -7.22 -50.64 59.15
CA THR D 200 -6.13 -50.28 60.03
C THR D 200 -5.95 -48.78 59.92
N HIS D 201 -5.93 -48.12 61.07
CA HIS D 201 -5.79 -46.67 61.13
C HIS D 201 -5.19 -46.26 62.47
N GLN D 202 -4.46 -45.15 62.46
CA GLN D 202 -3.72 -44.73 63.66
C GLN D 202 -4.65 -44.37 64.81
N GLY D 203 -5.88 -43.98 64.50
CA GLY D 203 -6.90 -43.70 65.50
C GLY D 203 -7.54 -44.90 66.15
N LEU D 204 -7.11 -46.10 65.75
CA LEU D 204 -7.67 -47.33 66.28
C LEU D 204 -6.59 -48.13 66.99
N SER D 205 -6.90 -48.55 68.21
CA SER D 205 -5.99 -49.36 69.02
C SER D 205 -5.63 -50.65 68.31
N SER D 206 -6.66 -51.34 67.82
CA SER D 206 -6.50 -52.54 67.02
C SER D 206 -7.38 -52.41 65.79
N PRO D 207 -7.04 -53.13 64.70
CA PRO D 207 -7.86 -52.97 63.50
C PRO D 207 -9.32 -53.34 63.75
N VAL D 208 -10.21 -52.55 63.15
CA VAL D 208 -11.64 -52.80 63.22
C VAL D 208 -12.08 -53.58 61.99
N THR D 209 -13.02 -54.48 62.19
CA THR D 209 -13.55 -55.27 61.10
C THR D 209 -15.08 -55.22 61.11
N LYS D 210 -15.65 -54.81 59.97
CA LYS D 210 -17.07 -54.93 59.74
C LYS D 210 -17.34 -55.98 58.71
N SER D 211 -18.35 -56.78 58.99
CA SER D 211 -18.64 -57.97 58.20
C SER D 211 -20.13 -58.19 58.07
N PHE D 212 -20.49 -59.16 57.24
CA PHE D 212 -21.88 -59.56 57.11
C PHE D 212 -21.92 -60.94 56.48
N ASN D 213 -22.94 -61.71 56.81
CA ASN D 213 -23.14 -62.96 56.12
C ASN D 213 -24.08 -62.74 54.95
N ARG D 214 -23.75 -63.36 53.82
CA ARG D 214 -24.50 -63.20 52.58
C ARG D 214 -25.96 -63.64 52.74
N GLY D 215 -26.88 -62.71 52.54
CA GLY D 215 -28.31 -63.00 52.53
C GLY D 215 -28.85 -63.30 53.92
N GLU D 216 -28.21 -62.68 54.91
CA GLU D 216 -28.61 -62.77 56.31
C GLU D 216 -29.37 -61.50 56.74
N CYS D 217 -29.52 -60.57 55.80
CA CYS D 217 -30.16 -59.27 56.04
C CYS D 217 -29.44 -58.43 57.09
N GLU E 4 49.76 23.30 12.90
CA GLU E 4 50.68 23.49 11.77
C GLU E 4 51.26 22.14 11.33
N VAL E 5 51.42 21.97 10.02
CA VAL E 5 52.01 20.77 9.45
C VAL E 5 53.04 21.17 8.40
N GLN E 6 53.95 20.26 8.07
CA GLN E 6 54.90 20.50 6.99
C GLN E 6 55.48 19.21 6.41
N LEU E 7 55.92 19.31 5.16
CA LEU E 7 56.55 18.19 4.45
C LEU E 7 57.95 18.60 4.00
N VAL E 8 58.93 17.73 4.19
CA VAL E 8 60.30 18.00 3.78
C VAL E 8 60.82 16.90 2.86
N GLU E 9 61.10 17.28 1.61
CA GLU E 9 61.70 16.37 0.64
C GLU E 9 63.21 16.26 0.86
N SER E 10 63.76 15.11 0.47
CA SER E 10 65.20 14.92 0.48
C SER E 10 65.54 13.77 -0.46
N GLY E 11 66.83 13.60 -0.73
CA GLY E 11 67.30 12.54 -1.62
C GLY E 11 67.65 13.05 -3.01
N GLY E 12 67.27 14.29 -3.31
CA GLY E 12 67.54 14.86 -4.62
C GLY E 12 69.02 14.91 -4.89
N GLY E 13 69.40 14.78 -6.15
CA GLY E 13 70.81 14.83 -6.52
C GLY E 13 71.04 14.40 -7.96
N LEU E 14 72.31 14.09 -8.26
CA LEU E 14 72.72 13.69 -9.60
C LEU E 14 72.72 12.18 -9.77
N VAL E 15 72.25 11.72 -10.93
CA VAL E 15 72.29 10.30 -11.28
C VAL E 15 72.47 10.12 -12.79
N GLN E 16 73.24 9.11 -13.17
CA GLN E 16 73.41 8.77 -14.58
C GLN E 16 72.06 8.30 -15.12
N PRO E 17 71.81 8.50 -16.42
CA PRO E 17 70.58 7.95 -17.00
C PRO E 17 70.56 6.43 -16.88
N GLY E 18 69.41 5.86 -16.51
CA GLY E 18 69.29 4.44 -16.26
C GLY E 18 69.61 4.09 -14.82
N GLY E 19 70.06 5.09 -14.06
CA GLY E 19 70.43 4.89 -12.67
C GLY E 19 69.21 4.99 -11.75
N SER E 20 69.47 4.95 -10.45
CA SER E 20 68.38 4.89 -9.46
C SER E 20 68.56 5.86 -8.30
N LEU E 21 67.44 6.35 -7.80
CA LEU E 21 67.44 7.34 -6.74
C LEU E 21 66.17 7.19 -5.91
N ARG E 22 66.27 7.49 -4.62
CA ARG E 22 65.14 7.35 -3.70
C ARG E 22 64.88 8.66 -2.97
N LEU E 23 63.78 9.32 -3.35
CA LEU E 23 63.35 10.53 -2.66
C LEU E 23 62.61 10.17 -1.38
N SER E 24 62.64 11.08 -0.41
CA SER E 24 61.96 10.89 0.87
C SER E 24 61.09 12.11 1.14
N CYS E 25 59.96 11.88 1.81
CA CYS E 25 59.07 12.96 2.24
C CYS E 25 58.71 12.75 3.70
N ALA E 26 59.33 13.52 4.57
CA ALA E 26 59.11 13.41 6.01
C ALA E 26 57.94 14.32 6.41
N ALA E 27 56.93 13.71 7.04
CA ALA E 27 55.74 14.43 7.46
C ALA E 27 55.75 14.74 8.95
N SER E 28 55.21 15.89 9.32
CA SER E 28 55.02 16.24 10.71
C SER E 28 53.74 17.06 10.86
N GLY E 29 53.08 16.92 12.01
CA GLY E 29 51.87 17.66 12.30
C GLY E 29 50.60 16.90 11.98
N PHE E 30 50.75 15.76 11.32
CA PHE E 30 49.61 14.91 10.99
C PHE E 30 50.05 13.47 10.82
N ASN E 31 49.10 12.55 10.93
CA ASN E 31 49.38 11.13 10.75
C ASN E 31 49.23 10.72 9.29
N LEU E 32 50.36 10.32 8.70
CA LEU E 32 50.44 9.88 7.30
C LEU E 32 49.37 8.85 6.91
N TYR E 33 49.07 7.93 7.83
CA TYR E 33 48.16 6.83 7.55
C TYR E 33 46.80 7.31 7.08
N TYR E 34 46.30 8.37 7.69
CA TYR E 34 44.94 8.85 7.43
C TYR E 34 44.81 9.81 6.25
N TYR E 35 45.93 10.09 5.57
CA TYR E 35 45.91 11.00 4.42
C TYR E 35 46.51 10.32 3.20
N SER E 36 46.50 11.02 2.07
CA SER E 36 47.22 10.60 0.88
C SER E 36 48.43 11.52 0.68
N ILE E 37 49.51 10.94 0.16
CA ILE E 37 50.73 11.68 -0.14
C ILE E 37 50.99 11.56 -1.63
N HIS E 38 51.29 12.69 -2.26
CA HIS E 38 51.41 12.76 -3.71
C HIS E 38 52.76 13.34 -4.09
N TRP E 39 53.33 12.83 -5.18
CA TRP E 39 54.52 13.42 -5.76
C TRP E 39 54.16 14.17 -7.03
N VAL E 40 54.66 15.39 -7.11
CA VAL E 40 54.41 16.30 -8.22
C VAL E 40 55.74 16.91 -8.61
N ARG E 41 56.09 16.80 -9.88
CA ARG E 41 57.38 17.31 -10.36
C ARG E 41 57.20 18.45 -11.35
N GLN E 42 58.24 19.28 -11.47
CA GLN E 42 58.26 20.38 -12.40
C GLN E 42 59.61 20.38 -13.11
N ALA E 43 59.58 20.03 -14.39
CA ALA E 43 60.78 20.08 -15.21
C ALA E 43 61.04 21.53 -15.60
N PRO E 44 62.31 21.88 -15.86
CA PRO E 44 62.65 23.27 -16.20
C PRO E 44 61.81 23.81 -17.35
N GLY E 45 61.09 24.88 -17.09
CA GLY E 45 60.29 25.54 -18.11
C GLY E 45 58.96 24.87 -18.40
N LYS E 46 58.60 23.87 -17.60
CA LYS E 46 57.35 23.13 -17.79
C LYS E 46 56.41 23.32 -16.62
N GLY E 47 55.16 22.91 -16.81
CA GLY E 47 54.14 23.03 -15.78
C GLY E 47 54.21 21.90 -14.78
N LEU E 48 53.33 21.92 -13.80
CA LEU E 48 53.27 20.87 -12.79
C LEU E 48 52.86 19.53 -13.43
N GLU E 49 53.57 18.47 -13.05
CA GLU E 49 53.24 17.12 -13.50
C GLU E 49 53.09 16.18 -12.32
N TRP E 50 51.85 15.78 -12.04
CA TRP E 50 51.58 14.74 -11.05
C TRP E 50 52.20 13.44 -11.55
N VAL E 51 52.88 12.71 -10.67
CA VAL E 51 53.54 11.47 -11.07
C VAL E 51 53.06 10.26 -10.28
N ALA E 52 52.78 10.43 -8.99
CA ALA E 52 52.32 9.30 -8.19
C ALA E 52 51.64 9.72 -6.89
N SER E 53 50.83 8.84 -6.34
CA SER E 53 50.24 9.09 -5.03
C SER E 53 50.04 7.78 -4.29
N ILE E 54 49.98 7.86 -2.96
CA ILE E 54 49.74 6.70 -2.12
C ILE E 54 48.72 7.02 -1.04
N SER E 55 47.82 6.08 -0.80
CA SER E 55 46.81 6.19 0.25
C SER E 55 46.90 4.99 1.21
N PRO E 56 47.72 5.12 2.27
CA PRO E 56 47.95 4.00 3.20
C PRO E 56 46.66 3.40 3.77
N TYR E 57 45.67 4.23 4.08
CA TYR E 57 44.44 3.73 4.66
C TYR E 57 43.76 2.72 3.73
N SER E 58 43.83 2.96 2.42
CA SER E 58 43.16 2.09 1.44
C SER E 58 44.14 1.18 0.69
N SER E 59 45.39 1.12 1.16
CA SER E 59 46.40 0.27 0.54
C SER E 59 46.52 0.53 -0.97
N SER E 60 46.25 1.76 -1.38
CA SER E 60 46.15 2.09 -2.80
C SER E 60 47.23 3.07 -3.25
N THR E 61 47.81 2.78 -4.41
CA THR E 61 48.80 3.64 -5.04
C THR E 61 48.41 3.87 -6.49
N SER E 62 48.90 4.95 -7.09
CA SER E 62 48.68 5.18 -8.51
C SER E 62 49.84 5.96 -9.11
N TYR E 63 50.02 5.79 -10.42
CA TYR E 63 51.14 6.37 -11.13
C TYR E 63 50.68 6.95 -12.47
N ALA E 64 51.38 7.97 -12.94
CA ALA E 64 51.16 8.50 -14.27
C ALA E 64 51.92 7.62 -15.27
N ASP E 65 51.51 7.67 -16.53
CA ASP E 65 52.11 6.82 -17.57
C ASP E 65 53.61 7.07 -17.72
N SER E 66 54.00 8.35 -17.66
CA SER E 66 55.38 8.73 -17.89
C SER E 66 56.35 8.03 -16.94
N VAL E 67 55.84 7.59 -15.79
CA VAL E 67 56.69 6.96 -14.78
C VAL E 67 56.18 5.59 -14.35
N LYS E 68 55.01 5.20 -14.85
CA LYS E 68 54.45 3.90 -14.48
C LYS E 68 55.37 2.77 -14.92
N GLY E 69 55.67 1.87 -14.00
CA GLY E 69 56.57 0.76 -14.28
C GLY E 69 57.98 1.06 -13.81
N ARG E 70 58.36 2.33 -13.83
CA ARG E 70 59.71 2.73 -13.47
C ARG E 70 59.79 3.27 -12.04
N PHE E 71 58.73 3.93 -11.58
CA PHE E 71 58.73 4.50 -10.23
C PHE E 71 57.90 3.65 -9.27
N THR E 72 58.21 3.76 -7.98
CA THR E 72 57.47 3.06 -6.94
C THR E 72 57.29 3.97 -5.73
N ILE E 73 56.05 4.31 -5.43
CA ILE E 73 55.73 5.09 -4.24
C ILE E 73 55.35 4.14 -3.11
N SER E 74 55.75 4.51 -1.89
CA SER E 74 55.50 3.67 -0.72
C SER E 74 55.54 4.55 0.51
N ALA E 75 55.14 3.99 1.65
CA ALA E 75 55.05 4.75 2.90
C ALA E 75 55.39 3.91 4.12
N ASP E 76 56.11 4.53 5.04
CA ASP E 76 56.48 3.93 6.32
C ASP E 76 55.81 4.71 7.44
N THR E 77 54.66 4.22 7.90
CA THR E 77 53.89 4.95 8.90
C THR E 77 54.63 5.09 10.23
N SER E 78 55.46 4.11 10.58
CA SER E 78 56.15 4.15 11.86
C SER E 78 57.16 5.31 11.90
N LYS E 79 57.57 5.78 10.71
CA LYS E 79 58.50 6.90 10.60
C LYS E 79 57.79 8.13 10.03
N ASN E 80 56.50 7.99 9.74
CA ASN E 80 55.70 9.07 9.17
C ASN E 80 56.34 9.64 7.92
N THR E 81 56.95 8.78 7.12
CA THR E 81 57.67 9.20 5.92
C THR E 81 57.17 8.47 4.69
N ALA E 82 57.08 9.20 3.58
CA ALA E 82 56.74 8.63 2.28
C ALA E 82 57.98 8.60 1.40
N TYR E 83 57.96 7.75 0.38
CA TYR E 83 59.12 7.58 -0.50
C TYR E 83 58.72 7.49 -1.96
N LEU E 84 59.65 7.87 -2.84
CA LEU E 84 59.48 7.68 -4.27
C LEU E 84 60.72 7.01 -4.81
N GLN E 85 60.63 5.72 -5.04
CA GLN E 85 61.73 4.95 -5.61
C GLN E 85 61.75 5.13 -7.12
N MET E 86 62.85 5.69 -7.64
CA MET E 86 62.95 5.99 -9.06
C MET E 86 64.02 5.16 -9.76
N ASN E 87 63.59 4.27 -10.65
CA ASN E 87 64.48 3.44 -11.44
C ASN E 87 64.43 3.80 -12.92
N SER E 88 65.42 3.33 -13.67
CA SER E 88 65.51 3.59 -15.11
C SER E 88 65.28 5.07 -15.43
N LEU E 89 65.85 5.94 -14.61
CA LEU E 89 65.69 7.37 -14.78
C LEU E 89 66.20 7.85 -16.13
N ARG E 90 65.43 8.71 -16.79
CA ARG E 90 65.81 9.30 -18.07
C ARG E 90 66.12 10.79 -17.92
N ALA E 91 66.50 11.42 -19.03
CA ALA E 91 66.80 12.86 -19.02
C ALA E 91 65.54 13.66 -18.72
N GLU E 92 64.41 13.20 -19.25
CA GLU E 92 63.13 13.89 -19.05
C GLU E 92 62.76 13.99 -17.58
N ASP E 93 63.21 13.03 -16.78
CA ASP E 93 62.83 12.96 -15.37
C ASP E 93 63.55 14.03 -14.54
N THR E 94 64.49 14.74 -15.16
CA THR E 94 65.13 15.88 -14.54
C THR E 94 64.08 16.91 -14.15
N ALA E 95 63.95 17.19 -12.85
CA ALA E 95 62.91 18.08 -12.37
C ALA E 95 63.05 18.36 -10.87
N VAL E 96 62.35 19.40 -10.43
CA VAL E 96 62.13 19.63 -9.00
C VAL E 96 60.95 18.76 -8.57
N TYR E 97 61.16 17.90 -7.59
CA TYR E 97 60.11 17.00 -7.11
C TYR E 97 59.52 17.48 -5.79
N TYR E 98 58.21 17.75 -5.80
CA TYR E 98 57.49 18.10 -4.58
C TYR E 98 56.71 16.90 -4.06
N CYS E 99 56.59 16.79 -2.74
CA CYS E 99 55.57 15.93 -2.17
C CYS E 99 54.48 16.83 -1.60
N ALA E 100 53.23 16.35 -1.64
CA ALA E 100 52.10 17.13 -1.19
C ALA E 100 51.04 16.24 -0.57
N ARG E 101 50.19 16.83 0.27
CA ARG E 101 49.21 16.07 1.02
C ARG E 101 47.79 16.25 0.49
N GLY E 102 47.08 15.15 0.35
CA GLY E 102 45.64 15.16 0.09
C GLY E 102 44.90 14.56 1.27
N ARG E 103 43.58 14.72 1.28
CA ARG E 103 42.74 14.17 2.34
C ARG E 103 41.84 13.09 1.76
N TRP E 104 41.42 12.13 2.60
CA TRP E 104 40.66 10.97 2.10
C TRP E 104 39.39 11.40 1.40
N TYR E 105 38.81 12.51 1.87
CA TYR E 105 37.59 13.06 1.29
C TYR E 105 37.85 14.17 0.29
N ARG E 106 39.12 14.42 -0.02
CA ARG E 106 39.50 15.57 -0.84
C ARG E 106 40.93 15.47 -1.39
N ARG E 107 41.05 15.09 -2.65
CA ARG E 107 42.36 14.95 -3.27
C ARG E 107 42.84 16.26 -3.90
N ALA E 108 42.57 17.37 -3.22
CA ALA E 108 43.26 18.63 -3.49
C ALA E 108 44.48 18.68 -2.58
N LEU E 109 45.51 19.41 -3.00
CA LEU E 109 46.80 19.37 -2.31
C LEU E 109 47.02 20.63 -1.49
N ASP E 110 46.85 20.52 -0.17
CA ASP E 110 46.84 21.70 0.68
C ASP E 110 48.21 22.06 1.24
N TYR E 111 49.03 21.05 1.52
CA TYR E 111 50.38 21.29 2.04
C TYR E 111 51.40 20.67 1.10
N TRP E 112 52.45 21.44 0.82
CA TRP E 112 53.51 21.04 -0.10
C TRP E 112 54.85 21.15 0.58
N GLY E 113 55.84 20.46 0.05
CA GLY E 113 57.21 20.59 0.53
C GLY E 113 57.93 21.65 -0.29
N GLN E 114 59.21 21.88 0.02
CA GLN E 114 59.99 22.93 -0.65
C GLN E 114 60.45 22.49 -2.04
N GLY E 115 60.41 21.20 -2.28
CA GLY E 115 60.87 20.64 -3.54
C GLY E 115 62.32 20.22 -3.43
N THR E 116 62.67 19.09 -4.04
CA THR E 116 64.04 18.61 -4.10
C THR E 116 64.40 18.38 -5.56
N LEU E 117 65.59 18.83 -5.95
CA LEU E 117 66.00 18.78 -7.35
C LEU E 117 66.66 17.46 -7.69
N VAL E 118 66.17 16.82 -8.75
CA VAL E 118 66.77 15.61 -9.28
C VAL E 118 67.28 15.88 -10.67
N THR E 119 68.55 15.56 -10.91
CA THR E 119 69.20 15.82 -12.18
C THR E 119 69.72 14.54 -12.80
N VAL E 120 69.29 14.25 -14.01
CA VAL E 120 69.70 13.04 -14.70
C VAL E 120 70.54 13.36 -15.92
N SER E 121 71.85 13.26 -15.77
CA SER E 121 72.77 13.44 -16.89
C SER E 121 74.06 12.65 -16.69
N SER E 122 74.68 12.30 -17.80
CA SER E 122 75.98 11.64 -17.77
C SER E 122 77.09 12.66 -17.62
N ALA E 123 76.72 13.94 -17.64
CA ALA E 123 77.69 15.01 -17.53
C ALA E 123 78.26 15.09 -16.12
N SER E 124 79.47 15.62 -16.01
CA SER E 124 80.15 15.78 -14.74
C SER E 124 80.70 17.19 -14.59
N THR E 125 81.21 17.48 -13.41
CA THR E 125 81.62 18.83 -13.06
C THR E 125 82.64 19.39 -14.03
N LYS E 126 82.35 20.59 -14.56
CA LYS E 126 83.22 21.21 -15.55
C LYS E 126 83.04 22.72 -15.46
N GLY E 127 84.13 23.46 -15.58
CA GLY E 127 84.10 24.91 -15.48
C GLY E 127 83.83 25.60 -16.81
N PRO E 128 83.23 26.78 -16.77
CA PRO E 128 82.86 27.40 -18.05
C PRO E 128 84.04 28.03 -18.77
N SER E 129 83.91 28.22 -20.08
CA SER E 129 84.79 29.12 -20.81
C SER E 129 84.01 30.42 -20.95
N VAL E 130 84.70 31.55 -20.80
CA VAL E 130 84.04 32.85 -20.86
C VAL E 130 84.52 33.64 -22.07
N PHE E 131 83.59 33.95 -22.97
CA PHE E 131 83.93 34.69 -24.18
C PHE E 131 83.24 36.06 -24.19
N PRO E 132 83.92 37.07 -24.74
CA PRO E 132 83.37 38.43 -24.79
C PRO E 132 82.32 38.55 -25.88
N LEU E 133 81.26 39.30 -25.59
CA LEU E 133 80.30 39.73 -26.60
C LEU E 133 80.54 41.21 -26.84
N ALA E 134 81.48 41.50 -27.73
CA ALA E 134 81.99 42.86 -27.87
C ALA E 134 81.00 43.84 -28.51
N PRO E 135 81.00 45.10 -28.04
CA PRO E 135 80.14 46.18 -28.56
C PRO E 135 80.37 46.50 -30.05
N SER E 136 79.30 46.62 -30.83
CA SER E 136 79.45 46.81 -32.27
C SER E 136 80.10 48.16 -32.58
N SER E 137 80.79 48.21 -33.72
CA SER E 137 81.48 49.42 -34.17
C SER E 137 80.62 50.26 -35.12
N LYS E 138 79.42 49.76 -35.45
CA LYS E 138 78.55 50.42 -36.41
C LYS E 138 77.86 51.63 -35.80
N SER E 139 77.28 51.44 -34.61
CA SER E 139 76.63 52.54 -33.89
C SER E 139 77.65 53.57 -33.43
N THR E 140 78.05 54.47 -34.34
CA THR E 140 79.10 55.44 -34.07
C THR E 140 78.57 56.70 -33.39
N SER E 141 77.33 57.07 -33.70
CA SER E 141 76.75 58.30 -33.15
C SER E 141 76.03 58.01 -31.84
N GLY E 142 75.34 59.02 -31.31
CA GLY E 142 74.66 58.90 -30.04
C GLY E 142 73.48 57.94 -30.07
N GLY E 143 73.65 56.82 -29.38
CA GLY E 143 72.61 55.81 -29.27
C GLY E 143 72.90 54.93 -28.08
N THR E 144 72.40 53.70 -28.12
CA THR E 144 72.66 52.71 -27.08
C THR E 144 73.49 51.57 -27.66
N ALA E 145 74.44 51.09 -26.88
CA ALA E 145 75.25 49.95 -27.28
C ALA E 145 75.07 48.82 -26.29
N ALA E 146 75.16 47.60 -26.80
CA ALA E 146 75.10 46.40 -25.99
C ALA E 146 76.43 45.67 -25.98
N LEU E 147 76.74 45.03 -24.86
CA LEU E 147 77.92 44.20 -24.77
C LEU E 147 77.62 43.15 -23.71
N GLY E 148 78.50 42.17 -23.57
CA GLY E 148 78.26 41.14 -22.58
C GLY E 148 79.31 40.05 -22.52
N CYS E 149 78.96 38.96 -21.84
CA CYS E 149 79.81 37.79 -21.73
C CYS E 149 79.03 36.52 -21.98
N LEU E 150 79.59 35.67 -22.83
CA LEU E 150 79.06 34.34 -23.07
C LEU E 150 79.75 33.36 -22.13
N VAL E 151 78.99 32.76 -21.22
CA VAL E 151 79.51 31.78 -20.26
C VAL E 151 79.11 30.38 -20.69
N LYS E 152 80.05 29.66 -21.30
CA LYS E 152 79.71 28.47 -22.08
C LYS E 152 80.29 27.18 -21.49
N ASP E 153 79.50 26.13 -21.59
CA ASP E 153 79.92 24.74 -21.30
C ASP E 153 80.42 24.51 -19.87
N TYR E 154 79.53 24.70 -18.91
CA TYR E 154 79.81 24.36 -17.51
C TYR E 154 78.81 23.36 -16.94
N PHE E 155 79.19 22.73 -15.83
CA PHE E 155 78.31 21.82 -15.11
C PHE E 155 78.82 21.65 -13.67
N PRO E 156 77.90 21.58 -12.70
CA PRO E 156 76.46 21.79 -12.82
C PRO E 156 76.10 23.23 -12.57
N GLU E 157 74.80 23.52 -12.47
CA GLU E 157 74.35 24.84 -12.10
C GLU E 157 74.79 25.11 -10.67
N PRO E 158 74.93 26.39 -10.28
CA PRO E 158 74.67 27.62 -11.03
C PRO E 158 75.95 28.39 -11.32
N VAL E 159 75.86 29.39 -12.20
CA VAL E 159 76.95 30.35 -12.42
C VAL E 159 76.40 31.71 -12.03
N THR E 160 77.24 32.49 -11.38
CA THR E 160 76.96 33.89 -11.09
C THR E 160 77.85 34.82 -11.88
N VAL E 161 77.26 35.91 -12.36
CA VAL E 161 78.02 36.93 -13.06
C VAL E 161 77.75 38.27 -12.40
N SER E 162 78.82 39.05 -12.29
CA SER E 162 78.74 40.41 -11.77
C SER E 162 79.39 41.25 -12.87
N TRP E 163 79.27 42.56 -12.77
CA TRP E 163 79.89 43.47 -13.69
C TRP E 163 80.66 44.55 -12.95
N ASN E 164 81.95 44.68 -13.25
CA ASN E 164 82.78 45.65 -12.55
C ASN E 164 82.73 45.40 -11.04
N SER E 165 82.77 44.11 -10.73
CA SER E 165 82.82 43.58 -9.36
C SER E 165 81.66 44.03 -8.47
N GLY E 166 80.52 44.30 -9.10
CA GLY E 166 79.30 44.66 -8.39
C GLY E 166 78.84 46.08 -8.60
N ALA E 167 79.73 46.92 -9.11
CA ALA E 167 79.45 48.35 -9.26
C ALA E 167 78.40 48.60 -10.34
N LEU E 168 78.46 47.83 -11.41
CA LEU E 168 77.53 47.99 -12.54
C LEU E 168 76.40 46.98 -12.55
N THR E 169 75.21 47.47 -12.21
CA THR E 169 74.01 46.65 -12.08
C THR E 169 72.92 47.17 -13.04
N SER E 170 72.91 48.48 -13.29
CA SER E 170 71.87 49.05 -14.14
C SER E 170 72.08 48.74 -15.61
N GLY E 171 71.00 48.26 -16.23
CA GLY E 171 70.94 47.95 -17.64
C GLY E 171 71.43 46.53 -17.88
N VAL E 172 71.76 45.84 -16.79
CA VAL E 172 72.30 44.48 -16.85
C VAL E 172 71.20 43.45 -16.95
N HIS E 173 71.31 42.56 -17.93
CA HIS E 173 70.42 41.40 -18.03
C HIS E 173 71.24 40.12 -18.05
N THR E 174 71.15 39.35 -16.97
CA THR E 174 71.77 38.02 -16.89
C THR E 174 70.70 36.97 -17.13
N PHE E 175 70.82 36.25 -18.24
CA PHE E 175 69.82 35.29 -18.69
C PHE E 175 69.85 33.96 -17.94
N PRO E 176 68.67 33.32 -17.79
CA PRO E 176 68.66 31.94 -17.26
C PRO E 176 69.50 31.01 -18.10
N ALA E 177 70.20 30.10 -17.44
CA ALA E 177 71.03 29.13 -18.15
C ALA E 177 70.17 28.28 -19.08
N VAL E 178 70.79 27.83 -20.15
CA VAL E 178 70.21 26.85 -21.05
C VAL E 178 71.01 25.56 -21.04
N LEU E 179 70.31 24.43 -20.91
CA LEU E 179 70.93 23.12 -21.03
C LEU E 179 71.21 22.79 -22.50
N GLN E 180 72.46 22.55 -22.85
CA GLN E 180 72.82 22.26 -24.23
C GLN E 180 72.72 20.76 -24.52
N SER E 181 72.76 20.40 -25.79
CA SER E 181 72.68 19.01 -26.22
C SER E 181 73.83 18.19 -25.65
N SER E 182 74.95 18.87 -25.36
CA SER E 182 76.13 18.23 -24.81
C SER E 182 75.89 17.73 -23.39
N GLY E 183 74.87 18.27 -22.74
CA GLY E 183 74.63 17.99 -21.34
C GLY E 183 75.19 19.09 -20.47
N LEU E 184 75.81 20.09 -21.10
CA LEU E 184 76.41 21.20 -20.36
C LEU E 184 75.51 22.43 -20.45
N TYR E 185 75.64 23.30 -19.45
CA TYR E 185 74.87 24.53 -19.42
C TYR E 185 75.63 25.70 -20.04
N SER E 186 74.85 26.67 -20.52
CA SER E 186 75.38 27.93 -21.00
C SER E 186 74.46 29.10 -20.68
N LEU E 187 75.04 30.27 -20.45
CA LEU E 187 74.24 31.48 -20.33
C LEU E 187 75.04 32.68 -20.81
N SER E 188 74.31 33.75 -21.10
CA SER E 188 74.90 35.04 -21.38
C SER E 188 74.48 36.10 -20.39
N SER E 189 75.38 37.04 -20.14
CA SER E 189 75.08 38.23 -19.36
C SER E 189 75.41 39.45 -20.21
N VAL E 190 74.44 40.34 -20.35
CA VAL E 190 74.60 41.52 -21.19
C VAL E 190 74.30 42.78 -20.40
N VAL E 191 74.74 43.91 -20.96
CA VAL E 191 74.40 45.21 -20.41
C VAL E 191 74.36 46.16 -21.60
N THR E 192 73.43 47.12 -21.53
CA THR E 192 73.35 48.18 -22.51
C THR E 192 73.84 49.49 -21.93
N VAL E 193 74.66 50.20 -22.68
CA VAL E 193 75.25 51.43 -22.19
C VAL E 193 75.25 52.48 -23.29
N PRO E 194 75.46 53.75 -22.92
CA PRO E 194 75.53 54.80 -23.93
C PRO E 194 76.67 54.52 -24.91
N SER E 195 76.45 54.73 -26.20
CA SER E 195 77.50 54.52 -27.17
C SER E 195 78.70 55.43 -26.92
N SER E 196 78.45 56.58 -26.31
CA SER E 196 79.50 57.58 -26.08
C SER E 196 80.44 57.18 -24.93
N SER E 197 79.97 56.28 -24.06
CA SER E 197 80.74 55.83 -22.89
C SER E 197 81.88 54.88 -23.23
N LEU E 198 81.76 54.21 -24.38
CA LEU E 198 82.64 53.10 -24.78
C LEU E 198 84.15 53.38 -24.78
N GLY E 199 84.54 54.59 -25.14
CA GLY E 199 85.94 54.96 -25.12
C GLY E 199 86.39 55.18 -23.69
N THR E 200 85.52 55.72 -22.87
CA THR E 200 85.87 56.06 -21.50
C THR E 200 85.65 54.89 -20.52
N GLN E 201 84.52 54.21 -20.57
CA GLN E 201 84.20 53.27 -19.51
C GLN E 201 84.70 51.87 -19.82
N THR E 202 85.15 51.20 -18.76
CA THR E 202 85.71 49.84 -18.82
C THR E 202 84.69 48.85 -18.26
N TYR E 203 84.43 47.77 -18.98
CA TYR E 203 83.43 46.79 -18.56
C TYR E 203 84.05 45.40 -18.42
N ILE E 204 83.98 44.87 -17.21
CA ILE E 204 84.53 43.57 -16.91
C ILE E 204 83.44 42.70 -16.31
N CYS E 205 83.27 41.51 -16.85
CA CYS E 205 82.36 40.55 -16.25
C CYS E 205 83.13 39.60 -15.35
N ASN E 206 82.59 39.36 -14.15
CA ASN E 206 83.21 38.47 -13.18
C ASN E 206 82.36 37.22 -13.04
N VAL E 207 82.88 36.10 -13.53
CA VAL E 207 82.14 34.85 -13.59
C VAL E 207 82.64 33.92 -12.49
N ASN E 208 81.70 33.35 -11.75
CA ASN E 208 82.02 32.44 -10.65
C ASN E 208 81.21 31.13 -10.73
N HIS E 209 81.92 30.03 -10.95
CA HIS E 209 81.36 28.68 -10.94
C HIS E 209 81.97 27.90 -9.78
N LYS E 210 81.35 27.96 -8.60
CA LYS E 210 81.90 27.34 -7.41
C LYS E 210 82.12 25.82 -7.44
N PRO E 211 81.16 25.04 -7.98
CA PRO E 211 81.39 23.60 -7.97
C PRO E 211 82.58 23.11 -8.80
N SER E 212 83.24 24.01 -9.52
CA SER E 212 84.51 23.74 -10.18
C SER E 212 85.67 24.63 -9.69
N ASN E 213 85.35 25.59 -8.83
CA ASN E 213 86.33 26.56 -8.33
C ASN E 213 86.98 27.36 -9.46
N THR E 214 86.16 27.75 -10.44
CA THR E 214 86.64 28.61 -11.51
C THR E 214 86.18 30.03 -11.22
N LYS E 215 87.10 30.96 -11.35
CA LYS E 215 86.81 32.38 -11.24
C LYS E 215 87.47 33.07 -12.41
N VAL E 216 86.63 33.65 -13.27
CA VAL E 216 87.11 34.35 -14.44
C VAL E 216 86.65 35.80 -14.38
N ASP E 217 87.58 36.69 -14.69
CA ASP E 217 87.27 38.08 -14.95
C ASP E 217 87.61 38.30 -16.41
N LYS E 218 86.73 38.94 -17.16
CA LYS E 218 86.95 39.00 -18.58
C LYS E 218 86.61 40.42 -19.01
N LYS E 219 87.60 41.17 -19.49
CA LYS E 219 87.34 42.52 -19.94
C LYS E 219 86.66 42.44 -21.29
N VAL E 220 85.68 43.30 -21.51
CA VAL E 220 84.95 43.32 -22.78
C VAL E 220 85.06 44.69 -23.42
N GLU E 221 85.83 44.76 -24.50
CA GLU E 221 86.05 46.02 -25.21
C GLU E 221 85.68 45.86 -26.69
N PRO E 222 85.55 46.98 -27.43
CA PRO E 222 85.20 46.67 -28.83
C PRO E 222 86.26 45.89 -29.63
N LYS E 223 85.90 45.48 -30.84
CA LYS E 223 86.82 44.75 -31.71
C LYS E 223 87.81 45.70 -32.40
N SER E 224 89.10 45.40 -32.35
CA SER E 224 90.10 46.14 -33.12
C SER E 224 90.16 45.77 -34.61
N CYS E 225 89.61 46.59 -35.51
CA CYS E 225 89.66 46.24 -36.94
C CYS E 225 91.05 46.52 -37.50
N ASP F 2 42.28 9.56 -22.77
CA ASP F 2 42.53 10.00 -21.39
C ASP F 2 41.77 11.28 -21.09
N ILE F 3 41.76 11.67 -19.81
CA ILE F 3 41.09 12.89 -19.39
C ILE F 3 42.06 14.06 -19.46
N GLN F 4 41.64 15.13 -20.13
CA GLN F 4 42.47 16.32 -20.33
C GLN F 4 41.86 17.54 -19.66
N MET F 5 42.72 18.43 -19.18
CA MET F 5 42.32 19.74 -18.68
C MET F 5 42.92 20.81 -19.57
N THR F 6 42.07 21.50 -20.32
CA THR F 6 42.53 22.58 -21.21
C THR F 6 42.39 23.94 -20.55
N GLN F 7 43.50 24.48 -20.09
CA GLN F 7 43.52 25.77 -19.42
C GLN F 7 43.78 26.89 -20.41
N SER F 8 43.10 28.03 -20.21
CA SER F 8 43.23 29.17 -21.09
C SER F 8 43.06 30.49 -20.33
N PRO F 9 43.77 31.55 -20.74
CA PRO F 9 44.78 31.58 -21.80
C PRO F 9 46.14 31.13 -21.27
N SER F 10 47.13 30.98 -22.15
CA SER F 10 48.47 30.62 -21.71
C SER F 10 49.08 31.74 -20.88
N SER F 11 48.70 32.96 -21.19
CA SER F 11 49.12 34.12 -20.43
C SER F 11 48.11 35.24 -20.61
N LEU F 12 47.95 36.05 -19.57
CA LEU F 12 47.15 37.27 -19.67
C LEU F 12 47.85 38.42 -18.97
N SER F 13 47.63 39.62 -19.48
CA SER F 13 48.26 40.82 -18.95
C SER F 13 47.21 41.66 -18.23
N ALA F 14 47.56 42.11 -17.03
CA ALA F 14 46.62 42.85 -16.20
C ALA F 14 47.32 43.83 -15.27
N SER F 15 46.58 44.84 -14.81
CA SER F 15 47.10 45.86 -13.89
C SER F 15 46.60 45.64 -12.48
N VAL F 16 47.24 46.27 -11.51
CA VAL F 16 46.76 46.23 -10.13
C VAL F 16 45.36 46.80 -10.09
N GLY F 17 44.42 46.03 -9.55
CA GLY F 17 43.05 46.46 -9.42
C GLY F 17 42.15 45.91 -10.50
N ASP F 18 42.73 45.21 -11.46
CA ASP F 18 41.96 44.58 -12.53
C ASP F 18 41.17 43.38 -12.03
N ARG F 19 40.20 42.97 -12.83
CA ARG F 19 39.45 41.74 -12.60
C ARG F 19 39.92 40.68 -13.58
N VAL F 20 40.61 39.66 -13.06
CA VAL F 20 41.24 38.63 -13.88
C VAL F 20 40.44 37.33 -13.81
N THR F 21 40.11 36.76 -14.96
CA THR F 21 39.43 35.47 -15.02
C THR F 21 40.26 34.46 -15.81
N ILE F 22 40.47 33.28 -15.20
CA ILE F 22 41.20 32.19 -15.83
C ILE F 22 40.29 30.98 -15.92
N THR F 23 40.26 30.33 -17.09
CA THR F 23 39.32 29.25 -17.32
C THR F 23 40.00 27.91 -17.60
N CYS F 24 39.34 26.83 -17.18
CA CYS F 24 39.85 25.48 -17.35
C CYS F 24 38.68 24.57 -17.75
N ARG F 25 38.75 24.03 -18.96
CA ARG F 25 37.68 23.19 -19.49
C ARG F 25 38.08 21.72 -19.45
N ALA F 26 37.24 20.91 -18.80
CA ALA F 26 37.47 19.47 -18.69
C ALA F 26 36.86 18.75 -19.90
N SER F 27 37.59 17.78 -20.42
CA SER F 27 37.14 17.00 -21.56
C SER F 27 35.85 16.26 -21.23
N GLN F 28 35.92 15.38 -20.23
CA GLN F 28 34.73 14.71 -19.69
C GLN F 28 34.27 15.40 -18.41
N SER F 29 33.10 15.01 -17.91
CA SER F 29 32.60 15.57 -16.66
C SER F 29 33.48 15.13 -15.50
N VAL F 30 33.80 16.09 -14.63
CA VAL F 30 34.64 15.86 -13.48
C VAL F 30 33.87 16.20 -12.20
N SER F 31 32.58 16.45 -12.36
CA SER F 31 31.75 16.98 -11.28
C SER F 31 32.36 18.28 -10.76
N SER F 32 32.55 18.39 -9.45
CA SER F 32 33.12 19.58 -8.86
C SER F 32 34.55 19.35 -8.38
N ALA F 33 35.13 18.22 -8.77
CA ALA F 33 36.46 17.87 -8.28
C ALA F 33 37.53 18.64 -9.05
N VAL F 34 37.62 19.94 -8.76
CA VAL F 34 38.62 20.80 -9.39
C VAL F 34 39.23 21.74 -8.35
N ALA F 35 40.55 21.87 -8.38
CA ALA F 35 41.24 22.80 -7.49
C ALA F 35 42.10 23.78 -8.29
N TRP F 36 42.32 24.97 -7.74
CA TRP F 36 43.15 25.99 -8.34
C TRP F 36 44.37 26.28 -7.47
N TYR F 37 45.52 26.47 -8.10
CA TYR F 37 46.78 26.73 -7.41
C TYR F 37 47.48 27.97 -7.93
N GLN F 38 48.21 28.64 -7.04
CA GLN F 38 49.11 29.74 -7.37
C GLN F 38 50.54 29.29 -7.15
N GLN F 39 51.40 29.51 -8.13
CA GLN F 39 52.81 29.22 -7.97
C GLN F 39 53.67 30.37 -8.44
N LYS F 40 54.63 30.76 -7.60
CA LYS F 40 55.65 31.73 -7.97
C LYS F 40 56.93 30.96 -8.32
N PRO F 41 57.74 31.50 -9.25
CA PRO F 41 58.90 30.78 -9.81
C PRO F 41 59.78 30.09 -8.76
N GLY F 42 60.08 28.81 -8.99
CA GLY F 42 60.96 28.05 -8.11
C GLY F 42 60.43 27.90 -6.70
N LYS F 43 59.13 28.13 -6.51
CA LYS F 43 58.51 27.99 -5.19
C LYS F 43 57.36 27.01 -5.26
N ALA F 44 57.03 26.43 -4.11
CA ALA F 44 55.97 25.45 -4.00
C ALA F 44 54.61 26.09 -4.28
N PRO F 45 53.77 25.44 -5.09
CA PRO F 45 52.41 25.93 -5.30
C PRO F 45 51.61 26.09 -4.01
N LYS F 46 50.63 26.99 -4.01
CA LYS F 46 49.71 27.16 -2.89
C LYS F 46 48.28 26.95 -3.35
N LEU F 47 47.52 26.20 -2.56
CA LEU F 47 46.12 25.93 -2.84
C LEU F 47 45.28 27.18 -2.60
N LEU F 48 44.43 27.49 -3.58
CA LEU F 48 43.55 28.65 -3.51
C LEU F 48 42.11 28.23 -3.31
N ILE F 49 41.70 27.28 -4.12
CA ILE F 49 40.31 26.86 -4.17
C ILE F 49 40.25 25.36 -4.39
N TYR F 50 39.27 24.71 -3.77
CA TYR F 50 39.02 23.29 -3.98
C TYR F 50 37.53 23.09 -4.19
N SER F 51 37.16 21.90 -4.65
CA SER F 51 35.75 21.60 -4.94
C SER F 51 35.13 22.68 -5.83
N ALA F 52 35.92 23.16 -6.79
CA ALA F 52 35.50 24.15 -7.79
C ALA F 52 35.25 25.56 -7.24
N SER F 53 34.57 25.68 -6.10
CA SER F 53 34.15 26.99 -5.59
C SER F 53 34.37 27.23 -4.09
N SER F 54 35.12 26.35 -3.42
CA SER F 54 35.39 26.54 -1.98
C SER F 54 36.72 27.24 -1.75
N LEU F 55 36.68 28.34 -1.01
CA LEU F 55 37.87 29.11 -0.68
C LEU F 55 38.68 28.38 0.38
N TYR F 56 39.96 28.17 0.11
CA TYR F 56 40.80 27.46 1.07
C TYR F 56 41.25 28.37 2.20
N SER F 57 41.39 27.78 3.38
CA SER F 57 41.72 28.51 4.60
C SER F 57 42.97 29.37 4.44
N GLY F 58 42.83 30.67 4.72
CA GLY F 58 43.95 31.59 4.64
C GLY F 58 44.01 32.38 3.34
N VAL F 59 43.34 31.89 2.30
CA VAL F 59 43.38 32.53 1.01
C VAL F 59 42.52 33.80 0.99
N PRO F 60 43.05 34.92 0.46
CA PRO F 60 42.25 36.15 0.42
C PRO F 60 40.93 35.99 -0.32
N SER F 61 39.93 36.75 0.11
CA SER F 61 38.58 36.62 -0.43
C SER F 61 38.42 37.14 -1.86
N ARG F 62 39.47 37.76 -2.40
CA ARG F 62 39.42 38.25 -3.77
C ARG F 62 39.56 37.10 -4.76
N PHE F 63 40.00 35.95 -4.27
CA PHE F 63 40.02 34.73 -5.06
C PHE F 63 38.69 33.99 -4.94
N SER F 64 38.09 33.69 -6.07
CA SER F 64 36.85 32.95 -6.12
C SER F 64 36.86 32.01 -7.32
N GLY F 65 36.10 30.92 -7.21
CA GLY F 65 36.02 29.93 -8.27
C GLY F 65 34.58 29.65 -8.63
N SER F 66 34.37 29.22 -9.87
CA SER F 66 33.03 28.91 -10.37
C SER F 66 33.06 27.67 -11.26
N ARG F 67 31.90 27.02 -11.38
CA ARG F 67 31.74 25.88 -12.28
C ARG F 67 30.46 26.00 -13.08
N SER F 68 30.56 25.75 -14.38
CA SER F 68 29.39 25.63 -15.25
C SER F 68 29.57 24.46 -16.19
N GLY F 69 29.02 23.31 -15.81
CA GLY F 69 29.20 22.09 -16.57
C GLY F 69 30.63 21.61 -16.43
N THR F 70 31.35 21.58 -17.54
CA THR F 70 32.74 21.17 -17.54
C THR F 70 33.68 22.38 -17.60
N ASP F 71 33.10 23.57 -17.51
CA ASP F 71 33.87 24.81 -17.54
C ASP F 71 34.13 25.28 -16.12
N PHE F 72 35.40 25.50 -15.79
CA PHE F 72 35.79 25.97 -14.47
C PHE F 72 36.53 27.29 -14.59
N THR F 73 36.21 28.22 -13.69
CA THR F 73 36.73 29.58 -13.78
C THR F 73 37.27 30.08 -12.45
N LEU F 74 38.52 30.53 -12.47
CA LEU F 74 39.13 31.23 -11.34
C LEU F 74 39.13 32.71 -11.63
N THR F 75 38.49 33.49 -10.75
CA THR F 75 38.50 34.94 -10.92
C THR F 75 39.17 35.62 -9.74
N ILE F 76 39.88 36.71 -10.04
CA ILE F 76 40.49 37.57 -9.04
C ILE F 76 39.85 38.94 -9.13
N SER F 77 39.08 39.31 -8.10
CA SER F 77 38.31 40.54 -8.09
C SER F 77 39.17 41.77 -8.36
N SER F 78 40.07 42.07 -7.42
CA SER F 78 40.96 43.23 -7.52
C SER F 78 42.41 42.78 -7.43
N LEU F 79 43.04 42.63 -8.59
CA LEU F 79 44.40 42.11 -8.67
C LEU F 79 45.37 42.94 -7.84
N GLN F 80 46.09 42.28 -6.94
CA GLN F 80 47.09 42.95 -6.11
C GLN F 80 48.48 42.59 -6.60
N PRO F 81 49.49 43.42 -6.26
CA PRO F 81 50.85 43.21 -6.79
C PRO F 81 51.45 41.85 -6.48
N GLU F 82 51.02 41.22 -5.40
CA GLU F 82 51.55 39.92 -5.02
C GLU F 82 50.86 38.79 -5.76
N ASP F 83 49.89 39.13 -6.62
CA ASP F 83 49.10 38.12 -7.32
C ASP F 83 49.69 37.75 -8.66
N PHE F 84 50.70 38.49 -9.11
CA PHE F 84 51.36 38.17 -10.37
C PHE F 84 52.14 36.87 -10.21
N ALA F 85 51.69 35.85 -10.93
CA ALA F 85 52.20 34.50 -10.75
C ALA F 85 51.62 33.61 -11.83
N THR F 86 51.97 32.33 -11.79
CA THR F 86 51.37 31.33 -12.66
C THR F 86 50.31 30.55 -11.89
N TYR F 87 49.18 30.29 -12.55
CA TYR F 87 48.06 29.61 -11.93
C TYR F 87 47.74 28.30 -12.65
N TYR F 88 47.47 27.26 -11.87
CA TYR F 88 47.14 25.93 -12.39
C TYR F 88 45.79 25.43 -11.88
N CYS F 89 44.99 24.86 -12.78
CA CYS F 89 43.80 24.09 -12.37
C CYS F 89 44.23 22.65 -12.19
N GLN F 90 43.49 21.92 -11.36
CA GLN F 90 43.76 20.50 -11.12
C GLN F 90 42.46 19.76 -10.95
N GLN F 91 42.35 18.59 -11.57
CA GLN F 91 41.17 17.74 -11.43
C GLN F 91 41.45 16.49 -10.60
N TYR F 92 40.46 16.07 -9.82
CA TYR F 92 40.57 14.85 -9.02
C TYR F 92 39.24 14.11 -8.94
N PRO F 93 38.66 13.79 -10.10
CA PRO F 93 37.35 13.11 -10.14
C PRO F 93 37.36 11.78 -9.39
N TYR F 94 36.28 11.51 -8.67
CA TYR F 94 36.17 10.30 -7.85
C TYR F 94 36.38 9.02 -8.67
N TYR F 95 35.91 9.03 -9.90
CA TYR F 95 35.90 7.82 -10.74
C TYR F 95 37.26 7.45 -11.35
N SER F 96 38.26 8.30 -11.18
CA SER F 96 39.61 7.99 -11.68
C SER F 96 40.68 8.22 -10.62
N SER F 97 41.72 7.39 -10.67
CA SER F 97 42.80 7.46 -9.71
C SER F 97 43.90 8.44 -10.14
N LEU F 98 43.79 8.95 -11.36
CA LEU F 98 44.81 9.84 -11.91
C LEU F 98 44.48 11.29 -11.59
N ILE F 99 45.51 12.05 -11.23
CA ILE F 99 45.41 13.49 -11.08
C ILE F 99 46.06 14.17 -12.27
N THR F 100 45.37 15.14 -12.85
CA THR F 100 45.88 15.90 -13.99
C THR F 100 45.83 17.40 -13.69
N PHE F 101 46.92 18.09 -14.01
CA PHE F 101 46.99 19.55 -13.92
C PHE F 101 46.75 20.18 -15.29
N GLY F 102 46.25 21.41 -15.28
CA GLY F 102 46.16 22.18 -16.50
C GLY F 102 47.53 22.69 -16.91
N GLN F 103 47.62 23.22 -18.13
CA GLN F 103 48.90 23.66 -18.68
C GLN F 103 49.45 24.86 -17.92
N GLY F 104 48.57 25.61 -17.28
CA GLY F 104 48.97 26.75 -16.47
C GLY F 104 48.66 28.06 -17.16
N THR F 105 48.59 29.14 -16.38
CA THR F 105 48.35 30.47 -16.91
C THR F 105 49.21 31.49 -16.19
N LYS F 106 50.12 32.11 -16.92
CA LYS F 106 50.91 33.19 -16.35
C LYS F 106 50.09 34.47 -16.31
N VAL F 107 49.94 35.04 -15.12
CA VAL F 107 49.40 36.39 -14.96
C VAL F 107 50.57 37.34 -14.82
N GLU F 108 50.76 38.18 -15.84
CA GLU F 108 51.91 39.08 -15.89
C GLU F 108 51.47 40.53 -15.86
N ILE F 109 52.42 41.41 -15.56
CA ILE F 109 52.15 42.84 -15.45
C ILE F 109 52.02 43.46 -16.82
N LYS F 110 50.86 44.03 -17.11
CA LYS F 110 50.66 44.66 -18.39
C LYS F 110 51.27 46.04 -18.42
N ARG F 111 51.83 46.37 -19.59
CA ARG F 111 52.32 47.70 -19.86
C ARG F 111 52.10 47.92 -21.34
N THR F 112 52.58 49.04 -21.85
CA THR F 112 52.42 49.36 -23.26
C THR F 112 53.35 48.53 -24.11
N VAL F 113 53.01 48.43 -25.39
CA VAL F 113 53.83 47.74 -26.37
C VAL F 113 55.19 48.42 -26.37
N ALA F 114 56.26 47.64 -26.41
CA ALA F 114 57.61 48.19 -26.45
C ALA F 114 58.44 47.38 -27.43
N ALA F 115 58.95 48.07 -28.45
CA ALA F 115 59.78 47.44 -29.46
C ALA F 115 61.09 46.98 -28.85
N PRO F 116 61.60 45.83 -29.31
CA PRO F 116 62.93 45.39 -28.91
C PRO F 116 64.04 46.20 -29.59
N SER F 117 65.06 46.57 -28.82
CA SER F 117 66.31 46.97 -29.43
C SER F 117 67.11 45.69 -29.73
N VAL F 118 67.60 45.55 -30.95
CA VAL F 118 68.21 44.30 -31.38
C VAL F 118 69.71 44.48 -31.61
N PHE F 119 70.50 43.52 -31.14
CA PHE F 119 71.95 43.54 -31.33
C PHE F 119 72.43 42.15 -31.73
N ILE F 120 73.46 42.09 -32.56
CA ILE F 120 74.04 40.82 -32.95
C ILE F 120 75.52 40.82 -32.58
N PHE F 121 76.02 39.66 -32.16
CA PHE F 121 77.41 39.48 -31.72
C PHE F 121 78.06 38.31 -32.44
N PRO F 122 79.04 38.57 -33.32
CA PRO F 122 79.73 37.42 -33.93
C PRO F 122 80.54 36.63 -32.90
N PRO F 123 80.93 35.40 -33.26
CA PRO F 123 81.82 34.63 -32.39
C PRO F 123 83.18 35.30 -32.18
N SER F 124 83.69 35.28 -30.96
CA SER F 124 84.99 35.89 -30.67
C SER F 124 86.09 35.02 -31.25
N ASP F 125 87.26 35.60 -31.50
CA ASP F 125 88.41 34.82 -31.95
C ASP F 125 88.83 33.78 -30.92
N SER F 126 88.60 34.08 -29.65
CA SER F 126 88.97 33.18 -28.55
C SER F 126 88.18 31.89 -28.63
N GLN F 127 86.88 32.00 -28.90
CA GLN F 127 86.01 30.85 -29.04
C GLN F 127 86.37 29.98 -30.25
N LEU F 128 86.72 30.62 -31.36
CA LEU F 128 87.00 29.87 -32.58
C LEU F 128 88.21 28.95 -32.45
N LYS F 129 89.25 29.38 -31.74
CA LYS F 129 90.37 28.49 -31.46
C LYS F 129 89.97 27.24 -30.67
N SER F 130 88.94 27.36 -29.83
CA SER F 130 88.43 26.21 -29.07
C SER F 130 87.71 25.18 -29.94
N GLY F 131 87.29 25.57 -31.14
CA GLY F 131 86.72 24.61 -32.07
C GLY F 131 85.21 24.67 -32.19
N THR F 132 84.61 25.73 -31.64
CA THR F 132 83.19 25.96 -31.82
C THR F 132 82.87 27.43 -32.09
N ALA F 133 81.62 27.68 -32.43
CA ALA F 133 81.15 29.00 -32.87
C ALA F 133 79.79 29.32 -32.26
N SER F 134 79.72 30.37 -31.45
CA SER F 134 78.46 30.85 -30.92
C SER F 134 78.20 32.24 -31.44
N VAL F 135 77.01 32.44 -31.97
CA VAL F 135 76.53 33.74 -32.42
C VAL F 135 75.31 34.14 -31.63
N VAL F 136 75.28 35.36 -31.09
CA VAL F 136 74.20 35.73 -30.20
C VAL F 136 73.40 36.90 -30.74
N CYS F 137 72.09 36.72 -30.74
CA CYS F 137 71.16 37.78 -31.10
C CYS F 137 70.52 38.28 -29.80
N LEU F 138 70.57 39.57 -29.51
CA LEU F 138 69.99 40.12 -28.29
C LEU F 138 68.74 40.97 -28.56
N LEU F 139 67.62 40.61 -27.96
CA LEU F 139 66.41 41.44 -27.97
C LEU F 139 66.25 42.10 -26.60
N ASN F 140 66.42 43.42 -26.56
CA ASN F 140 66.46 44.14 -25.31
C ASN F 140 65.21 44.95 -25.03
N ASN F 141 64.68 44.73 -23.84
CA ASN F 141 63.62 45.54 -23.26
C ASN F 141 62.39 45.66 -24.16
N PHE F 142 61.68 44.56 -24.36
CA PHE F 142 60.50 44.58 -25.21
C PHE F 142 59.28 44.06 -24.49
N TYR F 143 58.13 44.34 -25.07
CA TYR F 143 56.84 43.90 -24.58
C TYR F 143 55.81 43.99 -25.69
N PRO F 144 54.91 43.01 -25.78
CA PRO F 144 54.65 41.77 -25.03
C PRO F 144 55.71 40.71 -25.30
N ARG F 145 55.54 39.56 -24.66
CA ARG F 145 56.50 38.47 -24.71
C ARG F 145 56.68 37.87 -26.08
N GLU F 146 55.61 37.89 -26.88
CA GLU F 146 55.65 37.19 -28.14
C GLU F 146 56.67 37.87 -29.05
N ALA F 147 57.61 37.08 -29.56
CA ALA F 147 58.61 37.59 -30.47
C ALA F 147 59.06 36.41 -31.30
N LYS F 148 59.56 36.70 -32.49
CA LYS F 148 60.14 35.70 -33.37
C LYS F 148 61.56 36.04 -33.72
N VAL F 149 62.45 35.10 -33.46
CA VAL F 149 63.84 35.26 -33.85
C VAL F 149 64.11 34.15 -34.85
N GLN F 150 64.60 34.51 -36.02
CA GLN F 150 64.95 33.50 -37.00
C GLN F 150 66.38 33.71 -37.41
N TRP F 151 67.15 32.63 -37.49
CA TRP F 151 68.52 32.70 -37.90
C TRP F 151 68.60 32.36 -39.37
N LYS F 152 69.37 33.15 -40.12
CA LYS F 152 69.64 32.91 -41.51
C LYS F 152 71.13 32.83 -41.79
N VAL F 153 71.62 31.67 -42.22
CA VAL F 153 73.02 31.52 -42.60
C VAL F 153 73.09 31.42 -44.12
N ASP F 154 73.70 32.43 -44.75
CA ASP F 154 73.70 32.57 -46.21
C ASP F 154 72.28 32.44 -46.79
N ASN F 155 71.32 33.02 -46.08
CA ASN F 155 69.91 33.03 -46.51
C ASN F 155 69.22 31.67 -46.43
N ALA F 156 69.75 30.78 -45.60
CA ALA F 156 69.10 29.49 -45.37
C ALA F 156 68.58 29.57 -43.96
N LEU F 157 67.30 29.27 -43.82
CA LEU F 157 66.64 29.39 -42.53
C LEU F 157 67.14 28.29 -41.61
N GLN F 158 67.44 28.66 -40.36
CA GLN F 158 67.98 27.73 -39.38
C GLN F 158 66.94 27.30 -38.37
N SER F 159 67.05 26.06 -37.94
CA SER F 159 66.14 25.51 -36.95
C SER F 159 66.85 24.46 -36.09
N GLY F 160 66.77 24.62 -34.78
CA GLY F 160 67.25 23.59 -33.86
C GLY F 160 68.71 23.65 -33.46
N ASN F 161 69.42 24.65 -33.96
CA ASN F 161 70.81 24.83 -33.61
C ASN F 161 70.94 26.18 -32.95
N SER F 162 69.82 26.60 -32.37
CA SER F 162 69.72 27.86 -31.64
C SER F 162 68.99 27.52 -30.35
N GLN F 163 69.22 28.32 -29.31
CA GLN F 163 68.52 28.16 -28.05
C GLN F 163 68.17 29.55 -27.53
N GLU F 164 66.97 29.68 -26.96
CA GLU F 164 66.53 30.96 -26.41
C GLU F 164 66.47 30.92 -24.90
N SER F 165 66.72 32.09 -24.31
CA SER F 165 66.58 32.32 -22.89
C SER F 165 65.91 33.69 -22.70
N VAL F 166 64.98 33.77 -21.75
CA VAL F 166 64.25 35.00 -21.50
C VAL F 166 64.27 35.39 -20.03
N THR F 167 64.43 36.69 -19.78
CA THR F 167 64.38 37.17 -18.41
C THR F 167 62.93 37.23 -17.94
N GLU F 168 62.75 37.44 -16.63
CA GLU F 168 61.44 37.76 -16.07
C GLU F 168 61.19 39.23 -16.30
N GLN F 169 59.93 39.64 -16.16
CA GLN F 169 59.58 41.03 -16.40
C GLN F 169 60.46 41.90 -15.52
N ASP F 170 61.04 42.94 -16.13
CA ASP F 170 61.87 43.89 -15.41
C ASP F 170 61.13 44.61 -14.31
N SER F 171 61.78 44.70 -13.16
CA SER F 171 61.14 45.28 -12.00
C SER F 171 60.91 46.78 -12.18
N LYS F 172 61.68 47.41 -13.06
CA LYS F 172 61.55 48.84 -13.25
C LYS F 172 60.53 49.16 -14.35
N ASP F 173 60.67 48.53 -15.52
CA ASP F 173 59.81 48.85 -16.67
C ASP F 173 58.91 47.70 -17.17
N SER F 174 58.95 46.55 -16.51
CA SER F 174 58.05 45.42 -16.81
C SER F 174 58.20 44.88 -18.22
N THR F 175 59.38 45.09 -18.81
CA THR F 175 59.67 44.53 -20.14
C THR F 175 60.45 43.24 -20.03
N TYR F 176 60.55 42.52 -21.15
CA TYR F 176 61.39 41.34 -21.25
C TYR F 176 62.63 41.61 -22.06
N SER F 177 63.64 40.78 -21.84
CA SER F 177 64.77 40.69 -22.74
C SER F 177 64.99 39.24 -23.07
N LEU F 178 65.62 39.01 -24.22
CA LEU F 178 65.78 37.68 -24.76
C LEU F 178 67.10 37.57 -25.49
N SER F 179 67.77 36.44 -25.30
CA SER F 179 68.96 36.12 -26.06
C SER F 179 68.67 34.88 -26.88
N SER F 180 69.09 34.91 -28.15
CA SER F 180 69.13 33.71 -28.97
C SER F 180 70.57 33.44 -29.35
N THR F 181 71.00 32.21 -29.19
CA THR F 181 72.39 31.86 -29.40
C THR F 181 72.41 30.77 -30.45
N LEU F 182 72.99 31.07 -31.60
CA LEU F 182 73.15 30.13 -32.69
C LEU F 182 74.50 29.45 -32.53
N THR F 183 74.46 28.13 -32.38
CA THR F 183 75.65 27.31 -32.16
C THR F 183 76.01 26.45 -33.35
N LEU F 184 77.22 26.63 -33.88
CA LEU F 184 77.73 25.79 -34.95
C LEU F 184 79.12 25.29 -34.60
N SER F 185 79.52 24.22 -35.27
CA SER F 185 80.90 23.76 -35.23
C SER F 185 81.75 24.72 -36.03
N LYS F 186 83.05 24.76 -35.71
CA LYS F 186 83.96 25.66 -36.41
C LYS F 186 84.02 25.38 -37.91
N ALA F 187 83.99 24.10 -38.27
CA ALA F 187 83.98 23.73 -39.67
C ALA F 187 82.77 24.29 -40.40
N ASP F 188 81.58 24.07 -39.84
CA ASP F 188 80.36 24.60 -40.45
C ASP F 188 80.32 26.13 -40.47
N TYR F 189 80.81 26.74 -39.39
CA TYR F 189 80.85 28.20 -39.28
C TYR F 189 81.69 28.87 -40.38
N GLU F 190 82.77 28.22 -40.81
CA GLU F 190 83.70 28.80 -41.77
C GLU F 190 83.37 28.60 -43.23
N LYS F 191 82.25 27.95 -43.50
CA LYS F 191 81.85 27.75 -44.89
C LYS F 191 80.98 28.91 -45.31
N HIS F 192 80.08 29.32 -44.42
CA HIS F 192 79.16 30.36 -44.80
C HIS F 192 79.75 31.72 -44.50
N LYS F 193 79.23 32.77 -45.13
CA LYS F 193 79.79 34.10 -44.97
C LYS F 193 78.79 34.93 -44.14
N VAL F 194 77.54 34.98 -44.59
CA VAL F 194 76.55 35.89 -44.01
C VAL F 194 75.74 35.19 -42.92
N TYR F 195 75.81 35.78 -41.73
CA TYR F 195 75.05 35.37 -40.55
C TYR F 195 74.09 36.47 -40.15
N ALA F 196 72.82 36.14 -40.10
CA ALA F 196 71.78 37.11 -39.75
C ALA F 196 70.71 36.56 -38.81
N CYS F 197 70.32 37.40 -37.86
CA CYS F 197 69.15 37.13 -37.05
C CYS F 197 68.01 38.06 -37.46
N GLU F 198 66.86 37.50 -37.82
CA GLU F 198 65.69 38.31 -38.17
C GLU F 198 64.68 38.33 -37.03
N VAL F 199 64.28 39.53 -36.63
CA VAL F 199 63.45 39.69 -35.44
C VAL F 199 62.09 40.26 -35.82
N THR F 200 61.02 39.52 -35.53
CA THR F 200 59.67 40.02 -35.77
C THR F 200 58.98 40.28 -34.44
N HIS F 201 58.43 41.49 -34.29
CA HIS F 201 57.73 41.85 -33.06
C HIS F 201 56.72 42.93 -33.36
N GLN F 202 55.61 42.93 -32.62
CA GLN F 202 54.50 43.83 -32.90
C GLN F 202 54.82 45.31 -32.69
N GLY F 203 55.81 45.58 -31.84
CA GLY F 203 56.31 46.92 -31.60
C GLY F 203 57.19 47.47 -32.71
N LEU F 204 57.38 46.68 -33.75
CA LEU F 204 58.22 47.03 -34.89
C LEU F 204 57.37 47.10 -36.14
N SER F 205 57.54 48.19 -36.88
CA SER F 205 56.82 48.42 -38.13
C SER F 205 57.07 47.29 -39.13
N SER F 206 58.33 46.95 -39.34
CA SER F 206 58.72 45.82 -40.18
C SER F 206 59.74 44.97 -39.47
N PRO F 207 59.86 43.69 -39.83
CA PRO F 207 60.84 42.90 -39.08
C PRO F 207 62.23 43.51 -39.24
N VAL F 208 62.99 43.50 -38.16
CA VAL F 208 64.36 43.98 -38.17
C VAL F 208 65.35 42.85 -38.35
N THR F 209 66.41 43.11 -39.09
CA THR F 209 67.46 42.13 -39.33
C THR F 209 68.83 42.69 -39.05
N LYS F 210 69.55 41.98 -38.18
CA LYS F 210 70.96 42.23 -37.96
C LYS F 210 71.82 41.12 -38.49
N SER F 211 72.89 41.52 -39.15
CA SER F 211 73.73 40.57 -39.85
C SER F 211 75.17 41.01 -39.73
N PHE F 212 76.07 40.14 -40.17
CA PHE F 212 77.48 40.44 -40.25
C PHE F 212 78.07 39.43 -41.20
N ASN F 213 79.12 39.80 -41.90
CA ASN F 213 79.87 38.87 -42.71
C ASN F 213 81.04 38.29 -41.92
N ARG F 214 81.26 36.99 -42.07
CA ARG F 214 82.29 36.29 -41.32
C ARG F 214 83.69 36.85 -41.55
N GLY F 215 84.29 37.35 -40.47
CA GLY F 215 85.67 37.80 -40.48
C GLY F 215 85.87 39.10 -41.23
N GLU F 216 84.84 39.94 -41.26
CA GLU F 216 84.90 41.24 -41.91
C GLU F 216 85.06 42.41 -40.92
N CYS F 217 85.08 42.10 -39.64
CA CYS F 217 85.20 43.06 -38.53
C CYS F 217 84.04 44.04 -38.59
N VAL G 5 -27.60 -7.21 13.64
CA VAL G 5 -27.00 -6.97 12.33
C VAL G 5 -26.20 -5.66 12.34
N GLU G 6 -24.88 -5.80 12.25
CA GLU G 6 -23.97 -4.66 12.38
C GLU G 6 -24.07 -3.66 11.20
N PRO G 7 -24.00 -2.35 11.49
CA PRO G 7 -24.17 -1.35 10.43
C PRO G 7 -22.92 -1.18 9.56
N ASN G 8 -22.41 -2.28 9.03
CA ASN G 8 -21.27 -2.23 8.14
C ASN G 8 -21.27 -3.43 7.19
N LEU G 9 -20.31 -3.46 6.26
CA LEU G 9 -20.21 -4.51 5.26
C LEU G 9 -19.02 -5.40 5.54
N HIS G 10 -18.61 -5.48 6.79
CA HIS G 10 -17.41 -6.22 7.15
C HIS G 10 -17.49 -7.67 6.67
N SER G 11 -18.61 -8.33 6.94
CA SER G 11 -18.75 -9.74 6.59
C SER G 11 -18.70 -9.94 5.08
N LEU G 12 -19.30 -9.01 4.32
CA LEU G 12 -19.23 -9.08 2.87
C LEU G 12 -17.81 -8.81 2.41
N ILE G 13 -17.16 -7.85 3.06
CA ILE G 13 -15.79 -7.47 2.72
C ILE G 13 -14.81 -8.60 2.97
N THR G 14 -15.02 -9.36 4.04
CA THR G 14 -14.13 -10.46 4.38
C THR G 14 -14.66 -11.83 3.87
N SER G 15 -15.72 -11.81 3.06
CA SER G 15 -16.32 -13.07 2.60
C SER G 15 -15.44 -13.78 1.60
N THR G 16 -15.36 -15.09 1.75
CA THR G 16 -14.57 -15.94 0.88
C THR G 16 -15.44 -16.79 -0.07
N THR G 17 -16.75 -16.61 -0.02
CA THR G 17 -17.65 -17.40 -0.86
C THR G 17 -18.22 -16.62 -2.05
N HIS G 18 -18.46 -15.33 -1.87
CA HIS G 18 -19.15 -14.54 -2.90
C HIS G 18 -18.33 -14.39 -4.18
N LYS G 19 -18.99 -14.62 -5.31
CA LYS G 19 -18.38 -14.52 -6.63
C LYS G 19 -18.94 -13.36 -7.44
N TRP G 20 -20.19 -13.00 -7.15
CA TRP G 20 -20.92 -12.00 -7.92
C TRP G 20 -21.54 -10.96 -6.99
N ILE G 21 -21.00 -9.75 -6.97
CA ILE G 21 -21.52 -8.70 -6.10
C ILE G 21 -22.07 -7.54 -6.91
N PHE G 22 -23.39 -7.41 -6.91
CA PHE G 22 -24.04 -6.31 -7.58
C PHE G 22 -24.20 -5.12 -6.64
N VAL G 23 -23.79 -3.96 -7.12
CA VAL G 23 -23.96 -2.70 -6.41
C VAL G 23 -24.84 -1.80 -7.26
N GLY G 24 -26.04 -1.49 -6.76
CA GLY G 24 -27.05 -0.82 -7.55
C GLY G 24 -27.89 0.13 -6.73
N GLY G 25 -28.94 0.68 -7.36
CA GLY G 25 -29.81 1.64 -6.71
C GLY G 25 -30.23 2.73 -7.67
N LYS G 26 -30.99 3.69 -7.16
CA LYS G 26 -31.49 4.80 -7.95
C LYS G 26 -30.34 5.61 -8.54
N GLY G 27 -30.63 6.38 -9.58
CA GLY G 27 -29.63 7.24 -10.18
C GLY G 27 -29.04 8.24 -9.20
N GLY G 28 -27.72 8.33 -9.17
CA GLY G 28 -27.03 9.40 -8.47
C GLY G 28 -26.89 9.26 -6.96
N VAL G 29 -27.19 8.09 -6.43
CA VAL G 29 -27.16 7.87 -4.97
C VAL G 29 -25.77 7.50 -4.50
N GLY G 30 -24.96 6.96 -5.42
CA GLY G 30 -23.57 6.62 -5.13
C GLY G 30 -23.22 5.18 -5.46
N LYS G 31 -23.77 4.66 -6.56
CA LYS G 31 -23.41 3.31 -7.01
C LYS G 31 -21.92 3.21 -7.34
N THR G 32 -21.44 4.16 -8.15
CA THR G 32 -20.07 4.11 -8.64
C THR G 32 -19.09 4.31 -7.49
N THR G 33 -19.37 5.30 -6.66
CA THR G 33 -18.52 5.59 -5.51
C THR G 33 -18.47 4.40 -4.55
N SER G 34 -19.63 3.79 -4.32
CA SER G 34 -19.74 2.66 -3.40
C SER G 34 -19.07 1.41 -3.96
N SER G 35 -19.28 1.15 -5.25
CA SER G 35 -18.74 -0.08 -5.84
C SER G 35 -17.22 -0.03 -5.84
N CYS G 36 -16.65 1.12 -6.17
CA CYS G 36 -15.21 1.33 -6.07
C CYS G 36 -14.74 1.09 -4.64
N SER G 37 -15.49 1.66 -3.69
CA SER G 37 -15.13 1.57 -2.28
C SER G 37 -15.20 0.12 -1.79
N ILE G 38 -16.23 -0.60 -2.21
CA ILE G 38 -16.35 -1.99 -1.83
C ILE G 38 -15.22 -2.83 -2.43
N ALA G 39 -14.91 -2.58 -3.70
CA ALA G 39 -13.90 -3.35 -4.42
C ALA G 39 -12.50 -3.14 -3.84
N ILE G 40 -12.20 -1.92 -3.39
CA ILE G 40 -10.92 -1.63 -2.76
C ILE G 40 -10.81 -2.37 -1.43
N GLN G 41 -11.83 -2.24 -0.59
CA GLN G 41 -11.85 -2.90 0.71
C GLN G 41 -11.64 -4.41 0.58
N MET G 42 -12.36 -5.03 -0.34
CA MET G 42 -12.26 -6.47 -0.54
C MET G 42 -10.89 -6.86 -1.05
N ALA G 43 -10.35 -6.05 -1.96
CA ALA G 43 -9.02 -6.31 -2.51
C ALA G 43 -7.96 -6.18 -1.43
N LEU G 44 -8.12 -5.20 -0.54
CA LEU G 44 -7.18 -4.99 0.55
C LEU G 44 -7.30 -6.08 1.60
N SER G 45 -8.54 -6.46 1.94
CA SER G 45 -8.76 -7.48 2.97
C SER G 45 -8.39 -8.87 2.48
N GLN G 46 -8.51 -9.10 1.17
CA GLN G 46 -8.22 -10.41 0.60
C GLN G 46 -7.18 -10.33 -0.51
N PRO G 47 -5.90 -10.20 -0.12
CA PRO G 47 -4.82 -9.97 -1.09
C PRO G 47 -4.51 -11.18 -1.97
N ASN G 48 -4.96 -12.36 -1.56
CA ASN G 48 -4.72 -13.58 -2.33
C ASN G 48 -5.77 -13.85 -3.42
N LYS G 49 -6.87 -13.10 -3.39
CA LYS G 49 -7.90 -13.22 -4.43
C LYS G 49 -7.82 -12.06 -5.42
N GLN G 50 -8.18 -12.35 -6.66
CA GLN G 50 -8.17 -11.35 -7.72
C GLN G 50 -9.58 -10.82 -7.96
N PHE G 51 -9.74 -9.49 -7.86
CA PHE G 51 -11.04 -8.85 -7.95
C PHE G 51 -11.21 -8.08 -9.26
N LEU G 52 -12.41 -8.14 -9.81
CA LEU G 52 -12.76 -7.42 -11.02
C LEU G 52 -14.00 -6.55 -10.78
N LEU G 53 -13.83 -5.27 -11.02
CA LEU G 53 -14.92 -4.30 -10.92
C LEU G 53 -15.40 -3.93 -12.32
N ILE G 54 -16.58 -4.40 -12.71
CA ILE G 54 -17.15 -4.14 -14.04
C ILE G 54 -18.28 -3.12 -13.99
N SER G 55 -18.25 -2.18 -14.93
CA SER G 55 -19.34 -1.22 -15.10
C SER G 55 -20.33 -1.75 -16.14
N THR G 56 -21.58 -1.92 -15.73
CA THR G 56 -22.64 -2.34 -16.65
C THR G 56 -23.54 -1.14 -16.93
N ASN G 57 -23.10 0.03 -16.49
CA ASN G 57 -23.77 1.28 -16.83
C ASN G 57 -23.22 1.79 -18.18
N PRO G 58 -24.08 1.94 -19.20
CA PRO G 58 -23.57 2.36 -20.52
C PRO G 58 -22.81 3.68 -20.48
N ALA G 59 -23.17 4.54 -19.52
CA ALA G 59 -22.40 5.74 -19.24
C ALA G 59 -21.36 5.43 -18.16
N HIS G 60 -20.27 4.79 -18.54
CA HIS G 60 -19.26 4.32 -17.59
C HIS G 60 -18.63 5.47 -16.79
N ASN G 61 -18.28 5.20 -15.53
CA ASN G 61 -17.66 6.19 -14.66
C ASN G 61 -16.51 5.65 -13.82
N LEU G 62 -16.10 4.41 -14.06
CA LEU G 62 -15.00 3.82 -13.30
C LEU G 62 -13.70 4.55 -13.63
N SER G 63 -13.49 4.79 -14.93
CA SER G 63 -12.31 5.51 -15.40
C SER G 63 -12.25 6.92 -14.81
N ASP G 64 -13.37 7.61 -14.82
CA ASP G 64 -13.45 8.95 -14.25
C ASP G 64 -13.19 8.92 -12.74
N ALA G 65 -13.65 7.85 -12.10
CA ALA G 65 -13.53 7.72 -10.65
C ALA G 65 -12.07 7.56 -10.23
N PHE G 66 -11.35 6.66 -10.89
CA PHE G 66 -9.96 6.36 -10.56
C PHE G 66 -8.97 7.30 -11.26
N GLY G 67 -9.41 7.97 -12.31
CA GLY G 67 -8.56 8.90 -13.04
C GLY G 67 -7.60 8.20 -13.98
N GLU G 68 -8.02 7.05 -14.51
CA GLU G 68 -7.25 6.33 -15.50
C GLU G 68 -8.19 5.58 -16.44
N LYS G 69 -7.75 5.36 -17.68
CA LYS G 69 -8.66 4.83 -18.69
C LYS G 69 -8.78 3.31 -18.60
N PHE G 70 -10.02 2.83 -18.62
CA PHE G 70 -10.31 1.39 -18.67
C PHE G 70 -11.05 1.07 -19.97
N GLY G 71 -11.07 -0.20 -20.35
CA GLY G 71 -11.70 -0.63 -21.58
C GLY G 71 -12.33 -2.00 -21.41
N LYS G 72 -12.61 -2.67 -22.53
CA LYS G 72 -13.26 -3.96 -22.51
C LYS G 72 -12.33 -5.03 -21.96
N ASP G 73 -11.03 -4.86 -22.20
CA ASP G 73 -10.03 -5.77 -21.62
C ASP G 73 -9.69 -5.31 -20.21
N ALA G 74 -9.73 -6.24 -19.27
CA ALA G 74 -9.51 -5.94 -17.86
C ALA G 74 -8.11 -5.42 -17.64
N ARG G 75 -8.02 -4.33 -16.88
CA ARG G 75 -6.74 -3.72 -16.52
C ARG G 75 -6.70 -3.50 -15.03
N LYS G 76 -5.54 -3.73 -14.43
CA LYS G 76 -5.37 -3.48 -13.02
C LYS G 76 -5.40 -1.99 -12.70
N VAL G 77 -6.04 -1.68 -11.57
CA VAL G 77 -6.02 -0.34 -11.01
C VAL G 77 -4.60 -0.01 -10.56
N THR G 78 -4.08 1.12 -11.03
CA THR G 78 -2.74 1.55 -10.63
C THR G 78 -2.72 1.80 -9.11
N GLY G 79 -1.77 1.18 -8.44
CA GLY G 79 -1.68 1.24 -6.98
C GLY G 79 -2.33 0.05 -6.28
N MET G 80 -2.95 -0.85 -7.04
CA MET G 80 -3.53 -2.09 -6.48
C MET G 80 -2.98 -3.31 -7.22
N ASN G 81 -2.74 -4.39 -6.48
CA ASN G 81 -2.21 -5.61 -7.08
C ASN G 81 -3.30 -6.60 -7.51
N ASN G 82 -4.50 -6.48 -6.94
CA ASN G 82 -5.53 -7.48 -7.16
C ASN G 82 -6.93 -6.90 -7.43
N LEU G 83 -6.96 -5.68 -7.95
CA LEU G 83 -8.22 -5.08 -8.42
C LEU G 83 -8.07 -4.55 -9.83
N SER G 84 -8.96 -4.99 -10.70
CA SER G 84 -9.01 -4.56 -12.08
C SER G 84 -10.38 -3.96 -12.37
N CYS G 85 -10.45 -3.16 -13.43
CA CYS G 85 -11.71 -2.57 -13.85
C CYS G 85 -11.95 -2.87 -15.32
N MET G 86 -13.23 -2.90 -15.68
CA MET G 86 -13.65 -3.17 -17.05
C MET G 86 -14.82 -2.28 -17.43
N GLU G 87 -14.74 -1.72 -18.64
CA GLU G 87 -15.79 -0.89 -19.22
C GLU G 87 -15.94 -1.30 -20.67
N ILE G 88 -16.96 -2.09 -20.97
CA ILE G 88 -17.14 -2.58 -22.33
C ILE G 88 -17.79 -1.51 -23.20
N ASP G 89 -17.15 -1.23 -24.33
CA ASP G 89 -17.73 -0.39 -25.37
C ASP G 89 -18.38 -1.29 -26.41
N PRO G 90 -19.73 -1.27 -26.51
CA PRO G 90 -20.43 -2.20 -27.40
C PRO G 90 -20.00 -2.14 -28.86
N SER G 91 -19.94 -0.94 -29.43
CA SER G 91 -19.61 -0.81 -30.84
C SER G 91 -18.20 -1.31 -31.15
N ALA G 92 -17.32 -1.25 -30.16
CA ALA G 92 -15.94 -1.67 -30.32
C ALA G 92 -15.77 -3.16 -30.03
N ALA G 93 -16.71 -3.73 -29.29
CA ALA G 93 -16.67 -5.14 -28.95
C ALA G 93 -17.19 -5.98 -30.11
N LEU G 94 -18.25 -5.50 -30.75
CA LEU G 94 -18.83 -6.18 -31.90
C LEU G 94 -17.89 -6.15 -33.10
N LYS G 95 -17.05 -5.13 -33.16
CA LYS G 95 -16.06 -5.01 -34.23
C LYS G 95 -14.99 -6.09 -34.10
N ASP G 96 -14.83 -6.62 -32.90
CA ASP G 96 -13.86 -7.68 -32.65
C ASP G 96 -14.47 -9.05 -32.90
N MET G 97 -15.79 -9.16 -32.71
CA MET G 97 -16.49 -10.41 -32.98
C MET G 97 -16.49 -10.72 -34.48
N ALA G 127 -22.20 -4.10 -38.54
CA ALA G 127 -22.92 -4.49 -37.33
C ALA G 127 -22.91 -3.36 -36.30
N ASP G 128 -22.61 -2.15 -36.74
CA ASP G 128 -22.60 -1.00 -35.86
C ASP G 128 -24.01 -0.61 -35.45
N LEU G 129 -24.97 -0.97 -36.28
CA LEU G 129 -26.37 -0.76 -35.94
C LEU G 129 -26.77 -1.62 -34.75
N THR G 130 -26.14 -2.79 -34.65
CA THR G 130 -26.40 -3.70 -33.54
C THR G 130 -25.87 -3.12 -32.24
N GLY G 131 -24.79 -2.36 -32.34
CA GLY G 131 -24.18 -1.74 -31.17
C GLY G 131 -24.98 -0.56 -30.66
N SER G 132 -26.00 -0.16 -31.42
CA SER G 132 -26.87 0.95 -31.04
C SER G 132 -28.27 0.47 -30.64
N ILE G 133 -28.52 -0.84 -30.77
CA ILE G 133 -29.82 -1.41 -30.41
C ILE G 133 -30.01 -1.36 -28.89
N PRO G 134 -31.21 -0.96 -28.44
CA PRO G 134 -31.49 -1.00 -26.99
C PRO G 134 -31.36 -2.42 -26.44
N GLY G 135 -30.70 -2.54 -25.29
CA GLY G 135 -30.51 -3.82 -24.65
C GLY G 135 -29.17 -4.46 -24.96
N ILE G 136 -28.45 -3.89 -25.91
CA ILE G 136 -27.18 -4.47 -26.33
C ILE G 136 -26.13 -4.34 -25.21
N ASP G 137 -26.27 -3.31 -24.39
CA ASP G 137 -25.38 -3.12 -23.25
C ASP G 137 -25.54 -4.26 -22.27
N GLU G 138 -26.79 -4.59 -21.96
CA GLU G 138 -27.09 -5.69 -21.05
C GLU G 138 -26.67 -7.04 -21.63
N ALA G 139 -26.81 -7.20 -22.93
CA ALA G 139 -26.45 -8.45 -23.58
C ALA G 139 -24.95 -8.72 -23.49
N LEU G 140 -24.15 -7.71 -23.81
CA LEU G 140 -22.70 -7.84 -23.76
C LEU G 140 -22.19 -8.05 -22.33
N SER G 141 -22.91 -7.48 -21.37
CA SER G 141 -22.58 -7.67 -19.97
C SER G 141 -22.88 -9.12 -19.58
N PHE G 142 -24.00 -9.63 -20.08
CA PHE G 142 -24.38 -11.01 -19.80
C PHE G 142 -23.37 -11.98 -20.43
N MET G 143 -22.91 -11.66 -21.63
CA MET G 143 -21.92 -12.49 -22.30
C MET G 143 -20.62 -12.53 -21.51
N GLU G 144 -20.33 -11.41 -20.84
CA GLU G 144 -19.09 -11.29 -20.07
C GLU G 144 -19.16 -12.19 -18.84
N VAL G 145 -20.31 -12.20 -18.17
CA VAL G 145 -20.56 -13.12 -17.08
C VAL G 145 -20.40 -14.57 -17.54
N MET G 146 -20.90 -14.86 -18.74
CA MET G 146 -20.81 -16.19 -19.31
C MET G 146 -19.37 -16.61 -19.53
N LYS G 147 -18.55 -15.69 -20.01
CA LYS G 147 -17.15 -15.99 -20.27
C LYS G 147 -16.44 -16.40 -18.99
N HIS G 148 -16.76 -15.71 -17.89
CA HIS G 148 -16.06 -15.95 -16.65
C HIS G 148 -16.51 -17.21 -15.93
N ILE G 149 -17.82 -17.51 -15.92
CA ILE G 149 -18.27 -18.77 -15.30
C ILE G 149 -17.62 -19.94 -16.03
N LYS G 150 -17.46 -19.82 -17.34
CA LYS G 150 -16.84 -20.88 -18.14
C LYS G 150 -15.39 -21.07 -17.73
N ARG G 151 -14.64 -19.99 -17.69
CA ARG G 151 -13.22 -20.07 -17.34
C ARG G 151 -13.03 -20.50 -15.89
N GLN G 152 -13.97 -20.13 -15.03
CA GLN G 152 -13.93 -20.54 -13.64
C GLN G 152 -14.20 -22.04 -13.52
N GLU G 153 -15.09 -22.56 -14.37
CA GLU G 153 -15.37 -23.99 -14.40
C GLU G 153 -14.18 -24.80 -14.89
N GLN G 154 -13.49 -24.29 -15.90
CA GLN G 154 -12.39 -25.02 -16.54
C GLN G 154 -11.07 -24.89 -15.80
N GLY G 155 -10.98 -23.96 -14.87
CA GLY G 155 -9.73 -23.72 -14.15
C GLY G 155 -8.61 -23.27 -15.08
N GLU G 156 -9.00 -22.65 -16.19
CA GLU G 156 -8.05 -22.12 -17.18
C GLU G 156 -8.59 -20.82 -17.76
N GLY G 157 -7.66 -19.95 -18.19
CA GLY G 157 -8.03 -18.69 -18.82
C GLY G 157 -7.80 -17.51 -17.91
N GLU G 158 -7.88 -16.30 -18.47
CA GLU G 158 -7.78 -15.09 -17.66
C GLU G 158 -9.01 -14.98 -16.77
N THR G 159 -8.80 -15.07 -15.47
CA THR G 159 -9.88 -15.25 -14.51
C THR G 159 -9.81 -14.29 -13.32
N PHE G 160 -10.95 -14.14 -12.67
CA PHE G 160 -11.05 -13.40 -11.42
C PHE G 160 -11.90 -14.20 -10.45
N ASP G 161 -11.55 -14.15 -9.17
CA ASP G 161 -12.25 -14.92 -8.15
C ASP G 161 -13.58 -14.30 -7.83
N THR G 162 -13.64 -12.97 -7.91
CA THR G 162 -14.85 -12.23 -7.56
C THR G 162 -15.06 -11.06 -8.51
N VAL G 163 -16.29 -10.96 -8.99
CA VAL G 163 -16.70 -9.88 -9.86
C VAL G 163 -17.68 -8.98 -9.13
N ILE G 164 -17.35 -7.69 -9.07
CA ILE G 164 -18.22 -6.67 -8.49
C ILE G 164 -18.78 -5.79 -9.61
N PHE G 165 -20.08 -5.50 -9.53
CA PHE G 165 -20.77 -4.77 -10.60
C PHE G 165 -21.19 -3.36 -10.22
N ASP G 166 -20.59 -2.37 -10.87
CA ASP G 166 -21.08 -1.01 -10.83
C ASP G 166 -22.22 -0.91 -11.85
N THR G 167 -23.46 -1.02 -11.39
CA THR G 167 -24.57 -1.23 -12.30
C THR G 167 -25.21 0.07 -12.77
N ALA G 168 -25.94 -0.04 -13.88
CA ALA G 168 -26.84 1.02 -14.30
C ALA G 168 -27.89 1.20 -13.23
N PRO G 169 -28.61 2.33 -13.26
CA PRO G 169 -29.66 2.57 -12.28
C PRO G 169 -30.75 1.51 -12.28
N THR G 170 -31.50 1.47 -11.18
CA THR G 170 -32.56 0.50 -10.90
C THR G 170 -33.20 -0.20 -12.10
N GLY G 171 -33.80 0.61 -12.98
CA GLY G 171 -34.62 0.09 -14.05
C GLY G 171 -33.96 -0.92 -14.96
N HIS G 172 -32.80 -0.56 -15.50
CA HIS G 172 -32.16 -1.38 -16.51
C HIS G 172 -31.35 -2.51 -15.88
N THR G 173 -30.98 -2.35 -14.62
CA THR G 173 -30.30 -3.40 -13.88
C THR G 173 -31.28 -4.53 -13.58
N LEU G 174 -32.55 -4.17 -13.37
CA LEU G 174 -33.58 -5.17 -13.17
C LEU G 174 -33.76 -6.01 -14.42
N ARG G 175 -33.72 -5.35 -15.58
CA ARG G 175 -33.81 -6.04 -16.85
C ARG G 175 -32.66 -7.03 -16.99
N PHE G 176 -31.47 -6.59 -16.58
CA PHE G 176 -30.29 -7.44 -16.68
C PHE G 176 -30.43 -8.68 -15.80
N LEU G 177 -30.96 -8.51 -14.59
CA LEU G 177 -31.02 -9.61 -13.64
C LEU G 177 -32.21 -10.53 -13.91
N GLN G 178 -33.09 -10.10 -14.81
CA GLN G 178 -34.17 -10.94 -15.30
C GLN G 178 -33.73 -11.79 -16.48
N LEU G 179 -32.54 -11.51 -17.00
CA LEU G 179 -32.09 -12.10 -18.25
C LEU G 179 -32.03 -13.64 -18.20
N PRO G 180 -31.54 -14.21 -17.09
CA PRO G 180 -31.58 -15.68 -16.98
C PRO G 180 -32.98 -16.26 -17.12
N ASN G 181 -33.96 -15.63 -16.46
CA ASN G 181 -35.34 -16.07 -16.60
C ASN G 181 -35.85 -15.78 -18.02
N THR G 182 -35.61 -14.57 -18.51
CA THR G 182 -36.08 -14.17 -19.83
C THR G 182 -35.48 -15.04 -20.94
N LEU G 183 -34.17 -15.22 -20.92
CA LEU G 183 -33.50 -16.02 -21.94
C LEU G 183 -33.92 -17.49 -21.87
N SER G 184 -34.21 -17.96 -20.66
CA SER G 184 -34.61 -19.34 -20.47
C SER G 184 -35.90 -19.63 -21.25
N LYS G 185 -36.93 -18.85 -21.00
CA LYS G 185 -38.22 -19.02 -21.69
C LYS G 185 -38.05 -18.82 -23.17
N LEU G 186 -37.22 -17.83 -23.52
CA LEU G 186 -36.99 -17.44 -24.90
C LEU G 186 -36.40 -18.59 -25.72
N LEU G 187 -35.46 -19.31 -25.13
CA LEU G 187 -34.79 -20.42 -25.81
C LEU G 187 -35.71 -21.64 -25.95
N GLU G 188 -36.70 -21.74 -25.07
CA GLU G 188 -37.70 -22.80 -25.19
C GLU G 188 -38.53 -22.60 -26.45
N LYS G 189 -39.09 -21.39 -26.59
CA LYS G 189 -39.89 -21.04 -27.77
C LYS G 189 -39.09 -21.20 -29.05
N PHE G 190 -37.84 -20.76 -29.01
CA PHE G 190 -36.96 -20.87 -30.17
C PHE G 190 -36.75 -22.31 -30.58
N GLY G 191 -36.85 -23.23 -29.62
CA GLY G 191 -36.69 -24.65 -29.90
C GLY G 191 -37.65 -25.15 -30.94
N GLU G 192 -38.92 -24.76 -30.81
CA GLU G 192 -39.97 -25.22 -31.71
C GLU G 192 -39.78 -24.62 -33.10
N ILE G 193 -39.70 -23.30 -33.16
CA ILE G 193 -39.57 -22.58 -34.42
C ILE G 193 -38.21 -22.84 -35.06
N THR G 194 -37.29 -23.43 -34.30
CA THR G 194 -36.03 -23.91 -34.85
C THR G 194 -36.26 -25.23 -35.56
N ASN G 195 -36.91 -26.16 -34.86
CA ASN G 195 -37.26 -27.46 -35.43
C ASN G 195 -38.26 -27.33 -36.57
N LYS G 196 -38.74 -26.11 -36.80
CA LYS G 196 -39.56 -25.80 -37.97
C LYS G 196 -38.84 -26.15 -39.27
N LEU G 197 -37.54 -25.84 -39.32
CA LEU G 197 -36.72 -26.13 -40.48
C LEU G 197 -35.34 -26.61 -40.04
N VAL G 210 -26.06 -26.03 -39.19
CA VAL G 210 -25.06 -26.84 -38.50
C VAL G 210 -25.56 -27.25 -37.11
N ASP G 211 -26.27 -28.38 -37.08
CA ASP G 211 -26.79 -29.00 -35.85
C ASP G 211 -27.18 -27.96 -34.79
N ILE G 212 -28.14 -27.11 -35.15
CA ILE G 212 -28.42 -25.90 -34.39
C ILE G 212 -29.06 -26.18 -33.04
N SER G 213 -29.86 -27.24 -32.95
CA SER G 213 -30.55 -27.61 -31.70
C SER G 213 -29.57 -27.76 -30.54
N GLY G 214 -28.39 -28.30 -30.84
CA GLY G 214 -27.36 -28.49 -29.83
C GLY G 214 -26.88 -27.18 -29.23
N LYS G 215 -26.78 -26.15 -30.07
CA LYS G 215 -26.29 -24.85 -29.63
C LYS G 215 -27.33 -24.18 -28.73
N LEU G 216 -28.62 -24.37 -29.03
CA LEU G 216 -29.67 -23.90 -28.15
C LEU G 216 -29.55 -24.59 -26.79
N ASN G 217 -29.36 -25.90 -26.83
CA ASN G 217 -29.23 -26.70 -25.62
C ASN G 217 -28.02 -26.23 -24.82
N GLU G 218 -26.94 -25.91 -25.53
CA GLU G 218 -25.72 -25.42 -24.90
C GLU G 218 -25.96 -24.09 -24.20
N LEU G 219 -26.80 -23.24 -24.79
CA LEU G 219 -27.11 -21.95 -24.20
C LEU G 219 -28.04 -22.11 -23.00
N LYS G 220 -29.00 -23.01 -23.11
CA LYS G 220 -29.93 -23.28 -22.02
C LYS G 220 -29.17 -23.69 -20.76
N ALA G 221 -28.15 -24.52 -20.95
CA ALA G 221 -27.33 -25.00 -19.85
C ALA G 221 -26.53 -23.86 -19.23
N ASN G 222 -25.91 -23.03 -20.06
CA ASN G 222 -25.12 -21.90 -19.57
C ASN G 222 -25.97 -20.92 -18.77
N VAL G 223 -27.14 -20.62 -19.31
CA VAL G 223 -28.10 -19.74 -18.65
C VAL G 223 -28.50 -20.34 -17.31
N GLU G 224 -28.72 -21.64 -17.30
CA GLU G 224 -29.18 -22.32 -16.09
C GLU G 224 -28.13 -22.26 -14.97
N THR G 225 -26.86 -22.37 -15.35
CA THR G 225 -25.76 -22.24 -14.40
C THR G 225 -25.68 -20.83 -13.82
N ILE G 226 -25.96 -19.82 -14.64
CA ILE G 226 -25.94 -18.44 -14.17
C ILE G 226 -27.08 -18.21 -13.20
N ARG G 227 -28.24 -18.76 -13.52
CA ARG G 227 -29.42 -18.59 -12.66
C ARG G 227 -29.19 -19.19 -11.28
N GLN G 228 -28.56 -20.36 -11.22
CA GLN G 228 -28.37 -20.99 -9.93
C GLN G 228 -27.30 -20.26 -9.13
N GLN G 229 -26.26 -19.78 -9.80
CA GLN G 229 -25.23 -19.01 -9.10
C GLN G 229 -25.77 -17.65 -8.62
N PHE G 230 -26.61 -17.01 -9.44
CA PHE G 230 -27.17 -15.70 -9.10
C PHE G 230 -28.19 -15.75 -7.97
N THR G 231 -28.79 -16.91 -7.78
CA THR G 231 -29.82 -17.11 -6.75
C THR G 231 -29.28 -17.82 -5.50
N ASP G 232 -28.00 -18.16 -5.54
CA ASP G 232 -27.30 -18.68 -4.36
C ASP G 232 -26.86 -17.49 -3.47
N PRO G 233 -27.39 -17.41 -2.23
CA PRO G 233 -27.08 -16.27 -1.35
C PRO G 233 -25.61 -16.18 -0.95
N ASP G 234 -24.89 -17.30 -1.03
CA ASP G 234 -23.50 -17.31 -0.61
C ASP G 234 -22.56 -16.94 -1.75
N LEU G 235 -23.04 -17.09 -2.98
CA LEU G 235 -22.24 -16.79 -4.16
C LEU G 235 -22.49 -15.38 -4.65
N THR G 236 -23.74 -14.94 -4.50
CA THR G 236 -24.20 -13.70 -5.12
C THR G 236 -25.07 -12.88 -4.17
N THR G 237 -24.80 -11.58 -4.11
CA THR G 237 -25.64 -10.67 -3.36
C THR G 237 -25.70 -9.32 -4.07
N PHE G 238 -26.74 -8.56 -3.74
CA PHE G 238 -27.00 -7.27 -4.35
C PHE G 238 -26.97 -6.23 -3.25
N VAL G 239 -25.99 -5.33 -3.33
CA VAL G 239 -25.86 -4.25 -2.36
C VAL G 239 -26.61 -3.02 -2.86
N CYS G 240 -27.60 -2.59 -2.10
CA CYS G 240 -28.38 -1.41 -2.48
C CYS G 240 -27.75 -0.14 -1.95
N VAL G 241 -27.67 0.86 -2.81
CA VAL G 241 -27.22 2.18 -2.42
C VAL G 241 -28.41 3.11 -2.54
N CYS G 242 -28.56 4.01 -1.58
CA CYS G 242 -29.69 4.92 -1.57
C CYS G 242 -29.33 6.18 -0.77
N ILE G 243 -30.19 7.18 -0.86
CA ILE G 243 -30.06 8.40 -0.06
C ILE G 243 -31.34 8.57 0.75
N SER G 244 -31.20 9.19 1.91
CA SER G 244 -32.33 9.36 2.81
C SER G 244 -33.26 10.47 2.30
N GLU G 245 -33.87 10.23 1.14
CA GLU G 245 -34.86 11.15 0.56
C GLU G 245 -36.06 10.39 0.00
N PHE G 246 -37.19 11.11 -0.09
CA PHE G 246 -38.48 10.53 -0.45
C PHE G 246 -38.44 9.68 -1.72
N LEU G 247 -38.00 10.28 -2.82
CA LEU G 247 -37.98 9.60 -4.12
C LEU G 247 -37.07 8.39 -4.12
N SER G 248 -36.07 8.38 -3.23
CA SER G 248 -35.16 7.24 -3.13
C SER G 248 -35.79 6.10 -2.33
N LEU G 249 -36.57 6.44 -1.31
CA LEU G 249 -37.11 5.45 -0.39
C LEU G 249 -38.05 4.47 -1.07
N TYR G 250 -38.93 5.00 -1.90
CA TYR G 250 -39.93 4.17 -2.54
C TYR G 250 -39.33 3.38 -3.69
N GLU G 251 -38.36 3.96 -4.40
CA GLU G 251 -37.68 3.25 -5.47
C GLU G 251 -36.80 2.14 -4.92
N THR G 252 -36.08 2.42 -3.85
CA THR G 252 -35.24 1.42 -3.21
C THR G 252 -36.08 0.24 -2.75
N GLU G 253 -37.19 0.52 -2.07
CA GLU G 253 -38.07 -0.54 -1.58
C GLU G 253 -38.63 -1.35 -2.75
N ARG G 254 -39.05 -0.65 -3.79
CA ARG G 254 -39.52 -1.28 -5.01
C ARG G 254 -38.46 -2.22 -5.55
N LEU G 255 -37.23 -1.74 -5.58
CA LEU G 255 -36.10 -2.50 -6.10
C LEU G 255 -35.85 -3.78 -5.29
N ILE G 256 -35.78 -3.65 -3.97
CA ILE G 256 -35.45 -4.79 -3.13
C ILE G 256 -36.53 -5.86 -3.27
N GLN G 257 -37.79 -5.46 -3.19
CA GLN G 257 -38.91 -6.37 -3.34
C GLN G 257 -38.85 -7.11 -4.68
N GLU G 258 -38.42 -6.40 -5.72
CA GLU G 258 -38.29 -6.99 -7.04
C GLU G 258 -37.15 -8.00 -7.09
N LEU G 259 -36.01 -7.65 -6.48
CA LEU G 259 -34.86 -8.55 -6.44
C LEU G 259 -35.18 -9.84 -5.69
N ILE G 260 -35.96 -9.74 -4.62
CA ILE G 260 -36.32 -10.90 -3.83
C ILE G 260 -37.22 -11.86 -4.62
N SER G 261 -38.08 -11.29 -5.48
CA SER G 261 -38.96 -12.10 -6.32
C SER G 261 -38.15 -12.86 -7.38
N TYR G 262 -36.93 -12.40 -7.63
CA TYR G 262 -36.02 -13.11 -8.54
C TYR G 262 -35.11 -14.06 -7.76
N ASP G 263 -35.46 -14.32 -6.49
CA ASP G 263 -34.63 -15.14 -5.61
C ASP G 263 -33.19 -14.62 -5.54
N MET G 264 -33.04 -13.30 -5.58
CA MET G 264 -31.73 -12.65 -5.46
C MET G 264 -31.55 -12.16 -4.03
N ASP G 265 -30.35 -12.35 -3.50
CA ASP G 265 -30.04 -11.95 -2.13
C ASP G 265 -29.69 -10.48 -2.03
N VAL G 266 -30.39 -9.77 -1.15
CA VAL G 266 -29.98 -8.45 -0.72
C VAL G 266 -30.11 -8.38 0.79
N ASN G 267 -28.98 -8.19 1.46
CA ASN G 267 -28.96 -8.01 2.92
C ASN G 267 -28.12 -6.80 3.31
N SER G 268 -27.80 -5.95 2.32
CA SER G 268 -26.95 -4.78 2.53
C SER G 268 -27.53 -3.54 1.86
N ILE G 269 -27.62 -2.47 2.63
CA ILE G 269 -28.12 -1.18 2.15
C ILE G 269 -27.16 -0.07 2.60
N ILE G 270 -26.58 0.64 1.63
CA ILE G 270 -25.75 1.81 1.93
C ILE G 270 -26.60 3.08 1.85
N VAL G 271 -26.77 3.76 2.98
CA VAL G 271 -27.45 5.05 3.01
C VAL G 271 -26.39 6.13 2.92
N ASN G 272 -26.36 6.82 1.78
CA ASN G 272 -25.24 7.67 1.41
C ASN G 272 -25.56 9.15 1.51
N GLN G 273 -24.52 9.98 1.54
CA GLN G 273 -24.67 11.44 1.51
C GLN G 273 -25.44 12.01 2.70
N LEU G 274 -25.24 11.43 3.89
CA LEU G 274 -25.89 11.91 5.09
C LEU G 274 -25.15 13.12 5.66
N LEU G 275 -25.92 14.10 6.12
CA LEU G 275 -25.39 15.37 6.59
C LEU G 275 -24.83 15.32 8.01
N PHE G 276 -25.47 14.54 8.89
CA PHE G 276 -25.12 14.49 10.30
C PHE G 276 -24.94 15.89 10.89
N ALA G 277 -25.95 16.73 10.71
CA ALA G 277 -25.86 18.15 11.04
C ALA G 277 -25.69 18.41 12.54
N GLU G 278 -26.31 17.58 13.36
CA GLU G 278 -26.23 17.75 14.82
C GLU G 278 -24.83 17.45 15.35
N ASN G 279 -23.98 16.87 14.50
CA ASN G 279 -22.60 16.52 14.86
C ASN G 279 -21.58 17.41 14.16
N ASP G 280 -22.04 18.32 13.32
CA ASP G 280 -21.15 19.21 12.59
C ASP G 280 -20.35 20.12 13.50
N GLN G 281 -20.78 20.20 14.76
CA GLN G 281 -20.19 21.14 15.72
C GLN G 281 -20.44 22.58 15.28
N GLU G 282 -21.30 22.74 14.28
CA GLU G 282 -21.70 24.03 13.76
C GLU G 282 -23.22 24.07 13.76
N HIS G 283 -23.79 24.59 14.84
CA HIS G 283 -25.23 24.47 15.08
C HIS G 283 -26.06 25.46 14.25
N ASN G 284 -25.48 25.99 13.19
CA ASN G 284 -26.15 26.96 12.32
C ASN G 284 -26.41 26.38 10.93
N CYS G 285 -26.51 27.23 9.91
CA CYS G 285 -26.83 26.82 8.54
C CYS G 285 -28.23 26.21 8.49
N LYS G 286 -29.21 27.03 8.13
CA LYS G 286 -30.60 26.63 8.14
C LYS G 286 -30.87 25.49 7.17
N ARG G 287 -30.17 25.48 6.05
CA ARG G 287 -30.42 24.49 5.02
C ARG G 287 -30.00 23.09 5.48
N CYS G 288 -28.80 22.99 6.04
CA CYS G 288 -28.29 21.71 6.52
C CYS G 288 -29.13 21.15 7.67
N GLN G 289 -29.54 22.02 8.59
CA GLN G 289 -30.36 21.59 9.72
C GLN G 289 -31.70 21.06 9.23
N ALA G 290 -32.35 21.81 8.35
CA ALA G 290 -33.65 21.42 7.84
C ALA G 290 -33.53 20.17 6.97
N ARG G 291 -32.49 20.11 6.14
CA ARG G 291 -32.27 18.94 5.29
C ARG G 291 -31.93 17.71 6.12
N TRP G 292 -31.16 17.89 7.19
CA TRP G 292 -30.79 16.77 8.05
C TRP G 292 -31.98 16.25 8.85
N LYS G 293 -32.82 17.15 9.35
CA LYS G 293 -34.01 16.75 10.08
C LYS G 293 -34.87 15.83 9.22
N MET G 294 -34.88 16.08 7.92
CA MET G 294 -35.62 15.27 6.98
C MET G 294 -34.92 13.94 6.75
N GLN G 295 -33.61 14.00 6.55
CA GLN G 295 -32.81 12.79 6.38
C GLN G 295 -32.96 11.87 7.57
N LYS G 296 -32.87 12.46 8.77
CA LYS G 296 -32.93 11.70 10.01
C LYS G 296 -34.30 11.05 10.22
N LYS G 297 -35.34 11.74 9.77
CA LYS G 297 -36.71 11.24 9.86
C LYS G 297 -36.86 9.94 9.09
N TYR G 298 -36.44 9.97 7.82
CA TYR G 298 -36.46 8.79 6.96
C TYR G 298 -35.47 7.74 7.43
N LEU G 299 -34.41 8.18 8.10
CA LEU G 299 -33.37 7.27 8.54
C LEU G 299 -33.90 6.31 9.61
N ASP G 300 -34.77 6.82 10.48
CA ASP G 300 -35.39 5.98 11.51
C ASP G 300 -36.29 4.94 10.85
N GLN G 301 -36.96 5.34 9.79
CA GLN G 301 -37.86 4.44 9.06
C GLN G 301 -37.06 3.36 8.35
N ILE G 302 -35.97 3.75 7.70
CA ILE G 302 -35.09 2.80 7.03
C ILE G 302 -34.57 1.78 8.03
N ASP G 303 -34.13 2.27 9.19
CA ASP G 303 -33.53 1.40 10.20
C ASP G 303 -34.55 0.41 10.74
N GLU G 304 -35.81 0.83 10.83
CA GLU G 304 -36.86 -0.01 11.37
C GLU G 304 -37.26 -1.08 10.38
N LEU G 305 -37.49 -0.68 9.13
CA LEU G 305 -37.93 -1.62 8.12
C LEU G 305 -36.88 -2.70 7.86
N TYR G 306 -35.66 -2.25 7.59
CA TYR G 306 -34.59 -3.14 7.16
C TYR G 306 -33.71 -3.60 8.32
N GLU G 307 -34.32 -3.96 9.44
CA GLU G 307 -33.56 -4.45 10.59
C GLU G 307 -32.74 -5.69 10.25
N ASP G 308 -33.23 -6.49 9.31
CA ASP G 308 -32.54 -7.70 8.88
C ASP G 308 -31.37 -7.40 7.94
N PHE G 309 -31.20 -6.13 7.60
CA PHE G 309 -30.18 -5.74 6.63
C PHE G 309 -29.02 -5.04 7.33
N HIS G 310 -27.84 -5.16 6.73
CA HIS G 310 -26.72 -4.30 7.10
C HIS G 310 -27.00 -2.90 6.57
N VAL G 311 -27.37 -1.98 7.47
CA VAL G 311 -27.68 -0.62 7.08
C VAL G 311 -26.45 0.27 7.33
N VAL G 312 -25.69 0.53 6.27
CA VAL G 312 -24.43 1.26 6.38
C VAL G 312 -24.66 2.73 6.06
N LYS G 313 -24.29 3.60 6.98
CA LYS G 313 -24.53 5.03 6.84
C LYS G 313 -23.23 5.76 6.49
N MET G 314 -23.25 6.47 5.36
CA MET G 314 -22.07 7.17 4.87
C MET G 314 -22.33 8.68 4.84
N PRO G 315 -21.35 9.48 5.27
CA PRO G 315 -21.55 10.93 5.32
C PRO G 315 -21.38 11.61 3.97
N LEU G 316 -22.08 12.74 3.78
CA LEU G 316 -21.77 13.62 2.66
C LEU G 316 -20.42 14.27 2.95
N CYS G 317 -19.50 14.14 2.01
CA CYS G 317 -18.16 14.71 2.17
C CYS G 317 -18.09 16.12 1.61
N ALA G 318 -17.16 16.90 2.15
CA ALA G 318 -16.93 18.27 1.69
C ALA G 318 -16.03 18.24 0.46
N GLY G 319 -15.25 17.17 0.33
CA GLY G 319 -14.31 17.02 -0.77
C GLY G 319 -14.87 16.16 -1.89
N GLU G 320 -14.02 15.93 -2.88
CA GLU G 320 -14.37 15.07 -4.01
C GLU G 320 -13.82 13.67 -3.79
N ILE G 321 -14.70 12.68 -3.90
CA ILE G 321 -14.30 11.30 -3.75
C ILE G 321 -13.86 10.74 -5.10
N ARG G 322 -12.64 11.11 -5.52
CA ARG G 322 -12.01 10.50 -6.70
C ARG G 322 -10.54 10.23 -6.47
N GLY G 323 -10.00 9.30 -7.25
CA GLY G 323 -8.64 8.83 -7.06
C GLY G 323 -8.58 7.73 -6.02
N LEU G 324 -7.61 6.84 -6.17
CA LEU G 324 -7.47 5.68 -5.30
C LEU G 324 -7.40 6.07 -3.83
N ASN G 325 -6.61 7.10 -3.53
CA ASN G 325 -6.41 7.53 -2.14
C ASN G 325 -7.69 8.00 -1.47
N ASN G 326 -8.43 8.90 -2.12
CA ASN G 326 -9.66 9.41 -1.53
C ASN G 326 -10.76 8.35 -1.46
N LEU G 327 -10.77 7.45 -2.44
CA LEU G 327 -11.71 6.34 -2.45
C LEU G 327 -11.40 5.36 -1.31
N THR G 328 -10.10 5.06 -1.14
CA THR G 328 -9.66 4.18 -0.07
C THR G 328 -10.02 4.75 1.30
N LYS G 329 -9.79 6.05 1.49
CA LYS G 329 -10.10 6.70 2.76
C LYS G 329 -11.61 6.67 3.02
N PHE G 330 -12.38 6.95 1.99
CA PHE G 330 -13.84 6.91 2.11
C PHE G 330 -14.31 5.49 2.41
N SER G 331 -13.70 4.52 1.75
CA SER G 331 -14.15 3.13 1.81
C SER G 331 -13.98 2.48 3.18
N GLN G 332 -13.20 3.11 4.06
CA GLN G 332 -12.93 2.52 5.36
C GLN G 332 -14.20 2.49 6.22
N PHE G 333 -15.18 3.31 5.89
CA PHE G 333 -16.40 3.39 6.70
C PHE G 333 -17.45 2.37 6.25
N LEU G 334 -17.12 1.59 5.22
CA LEU G 334 -17.95 0.45 4.85
C LEU G 334 -17.56 -0.74 5.69
N ASN G 335 -16.32 -0.75 6.17
CA ASN G 335 -15.79 -1.86 6.96
C ASN G 335 -15.97 -1.63 8.46
N LYS G 336 -15.87 -0.37 8.87
CA LYS G 336 -16.05 0.04 10.26
C LYS G 336 -16.90 1.31 10.29
N GLU G 337 -18.11 1.20 10.86
CA GLU G 337 -19.12 2.25 10.73
C GLU G 337 -18.62 3.63 11.12
N TYR G 338 -19.11 4.62 10.39
CA TYR G 338 -18.73 6.01 10.56
C TYR G 338 -19.31 6.61 11.84
N ASN G 339 -18.45 7.07 12.73
CA ASN G 339 -18.88 7.78 13.93
C ASN G 339 -18.75 9.29 13.72
N PRO G 340 -19.88 9.99 13.53
CA PRO G 340 -19.82 11.42 13.22
C PRO G 340 -19.09 12.24 14.28
N ILE G 341 -19.09 11.73 15.51
CA ILE G 341 -18.45 12.41 16.64
C ILE G 341 -16.93 12.26 16.59
N THR G 342 -16.46 11.17 15.99
CA THR G 342 -15.04 10.82 15.99
C THR G 342 -14.42 10.99 14.61
N ASP G 343 -15.05 10.39 13.60
CA ASP G 343 -14.47 10.32 12.27
C ASP G 343 -14.79 11.56 11.44
N GLY G 344 -15.41 12.55 12.08
CA GLY G 344 -15.89 13.73 11.38
C GLY G 344 -14.84 14.45 10.56
N LYS G 345 -13.59 14.39 11.03
CA LYS G 345 -12.50 15.10 10.37
C LYS G 345 -12.30 14.62 8.94
N VAL G 346 -12.57 13.34 8.70
CA VAL G 346 -12.34 12.72 7.41
C VAL G 346 -13.12 13.41 6.28
N ILE G 347 -14.23 14.04 6.64
CA ILE G 347 -15.04 14.80 5.69
C ILE G 347 -14.21 15.85 4.93
N TYR G 348 -13.25 16.45 5.62
CA TYR G 348 -12.43 17.52 5.06
C TYR G 348 -11.00 17.04 4.75
N GLU G 349 -10.69 15.80 5.08
CA GLU G 349 -9.36 15.24 4.88
C GLU G 349 -9.18 14.68 3.48
N LEU G 350 -10.11 14.98 2.58
CA LEU G 350 -10.02 14.47 1.22
C LEU G 350 -9.05 15.31 0.39
N GLU G 351 -8.08 14.61 -0.20
CA GLU G 351 -7.07 15.24 -1.05
C GLU G 351 -7.72 15.97 -2.22
N ASP G 352 -7.07 17.05 -2.66
CA ASP G 352 -7.56 17.85 -3.79
C ASP G 352 -6.43 18.11 -4.78
N THR H 4 -26.67 38.72 -24.48
CA THR H 4 -26.25 37.33 -24.55
C THR H 4 -27.42 36.38 -24.22
N VAL H 5 -27.11 35.09 -24.11
CA VAL H 5 -28.16 34.08 -23.92
C VAL H 5 -28.73 34.15 -22.51
N GLU H 6 -30.04 34.35 -22.41
CA GLU H 6 -30.66 34.53 -21.09
C GLU H 6 -30.65 33.21 -20.30
N PRO H 7 -30.40 33.28 -18.99
CA PRO H 7 -30.28 32.05 -18.20
C PRO H 7 -31.63 31.53 -17.70
N ASN H 8 -32.52 31.24 -18.66
CA ASN H 8 -33.81 30.64 -18.33
C ASN H 8 -34.40 29.91 -19.53
N LEU H 9 -35.51 29.20 -19.28
CA LEU H 9 -36.19 28.41 -20.29
C LEU H 9 -37.45 29.11 -20.80
N HIS H 10 -37.49 30.43 -20.64
CA HIS H 10 -38.69 31.19 -20.97
C HIS H 10 -39.08 31.02 -22.44
N SER H 11 -38.06 30.99 -23.31
CA SER H 11 -38.30 30.81 -24.75
C SER H 11 -38.93 29.46 -25.03
N LEU H 12 -38.48 28.43 -24.33
CA LEU H 12 -39.02 27.08 -24.50
C LEU H 12 -40.38 26.95 -23.81
N ILE H 13 -40.51 27.56 -22.64
CA ILE H 13 -41.72 27.45 -21.86
C ILE H 13 -42.92 28.07 -22.57
N THR H 14 -42.67 29.12 -23.36
CA THR H 14 -43.73 29.84 -24.06
C THR H 14 -43.79 29.48 -25.53
N SER H 15 -43.02 28.48 -25.92
CA SER H 15 -42.94 28.08 -27.32
C SER H 15 -44.24 27.47 -27.83
N THR H 16 -44.63 27.87 -29.03
CA THR H 16 -45.84 27.37 -29.67
C THR H 16 -45.52 26.38 -30.80
N THR H 17 -44.24 26.04 -30.97
CA THR H 17 -43.82 25.17 -32.06
C THR H 17 -43.35 23.79 -31.60
N HIS H 18 -42.68 23.72 -30.45
CA HIS H 18 -42.08 22.46 -29.98
C HIS H 18 -43.16 21.42 -29.63
N LYS H 19 -42.98 20.22 -30.17
CA LYS H 19 -43.91 19.11 -29.92
C LYS H 19 -43.31 18.05 -29.02
N TRP H 20 -41.98 17.92 -29.09
CA TRP H 20 -41.23 16.92 -28.33
C TRP H 20 -40.15 17.59 -27.49
N ILE H 21 -40.19 17.41 -26.17
CA ILE H 21 -39.16 17.96 -25.29
C ILE H 21 -38.56 16.90 -24.41
N PHE H 22 -37.30 16.56 -24.67
CA PHE H 22 -36.58 15.60 -23.85
C PHE H 22 -35.81 16.26 -22.72
N VAL H 23 -36.04 15.79 -21.50
CA VAL H 23 -35.29 16.22 -20.33
C VAL H 23 -34.45 15.03 -19.88
N GLY H 24 -33.13 15.21 -19.90
CA GLY H 24 -32.21 14.11 -19.66
C GLY H 24 -30.91 14.53 -18.99
N GLY H 25 -30.02 13.56 -18.82
CA GLY H 25 -28.77 13.76 -18.11
C GLY H 25 -28.37 12.59 -17.24
N LYS H 26 -27.28 12.77 -16.50
CA LYS H 26 -26.73 11.73 -15.63
C LYS H 26 -27.71 11.32 -14.52
N GLY H 27 -27.49 10.17 -13.92
CA GLY H 27 -28.33 9.70 -12.84
C GLY H 27 -28.42 10.65 -11.65
N GLY H 28 -29.65 11.02 -11.29
CA GLY H 28 -29.88 11.75 -10.06
C GLY H 28 -29.52 13.23 -10.05
N VAL H 29 -29.39 13.84 -11.22
CA VAL H 29 -29.09 15.26 -11.29
C VAL H 29 -30.34 16.12 -11.13
N GLY H 30 -31.50 15.55 -11.47
CA GLY H 30 -32.77 16.23 -11.34
C GLY H 30 -33.61 16.28 -12.61
N LYS H 31 -33.52 15.22 -13.42
CA LYS H 31 -34.34 15.12 -14.64
C LYS H 31 -35.83 15.09 -14.32
N THR H 32 -36.20 14.26 -13.35
CA THR H 32 -37.60 14.10 -12.98
C THR H 32 -38.14 15.41 -12.41
N THR H 33 -37.37 16.00 -11.50
CA THR H 33 -37.75 17.27 -10.88
C THR H 33 -37.86 18.38 -11.93
N SER H 34 -36.94 18.37 -12.89
CA SER H 34 -36.91 19.40 -13.93
C SER H 34 -37.99 19.19 -14.97
N SER H 35 -38.22 17.93 -15.34
CA SER H 35 -39.24 17.62 -16.35
C SER H 35 -40.63 17.95 -15.82
N CYS H 36 -40.85 17.69 -14.53
CA CYS H 36 -42.10 18.05 -13.88
C CYS H 36 -42.27 19.56 -13.93
N SER H 37 -41.20 20.28 -13.58
CA SER H 37 -41.24 21.74 -13.50
C SER H 37 -41.47 22.37 -14.87
N ILE H 38 -40.77 21.89 -15.87
CA ILE H 38 -40.93 22.40 -17.23
C ILE H 38 -42.37 22.16 -17.70
N ALA H 39 -42.84 20.94 -17.51
CA ALA H 39 -44.20 20.57 -17.92
C ALA H 39 -45.23 21.46 -17.25
N ILE H 40 -45.01 21.75 -15.98
CA ILE H 40 -45.92 22.60 -15.22
C ILE H 40 -45.89 24.03 -15.78
N GLN H 41 -44.69 24.56 -16.03
CA GLN H 41 -44.56 25.93 -16.52
C GLN H 41 -45.23 26.12 -17.87
N MET H 42 -45.02 25.17 -18.77
CA MET H 42 -45.67 25.21 -20.08
C MET H 42 -47.18 25.14 -19.95
N ALA H 43 -47.64 24.34 -18.98
CA ALA H 43 -49.07 24.15 -18.77
C ALA H 43 -49.70 25.43 -18.23
N LEU H 44 -49.06 26.04 -17.24
CA LEU H 44 -49.54 27.29 -16.68
C LEU H 44 -49.41 28.42 -17.69
N SER H 45 -48.39 28.35 -18.53
CA SER H 45 -48.07 29.41 -19.48
C SER H 45 -48.92 29.35 -20.75
N GLN H 46 -49.44 28.16 -21.06
CA GLN H 46 -50.22 27.96 -22.28
C GLN H 46 -51.49 27.15 -21.96
N PRO H 47 -52.48 27.81 -21.33
CA PRO H 47 -53.68 27.15 -20.80
C PRO H 47 -54.53 26.43 -21.85
N ASN H 48 -54.51 26.89 -23.10
CA ASN H 48 -55.35 26.30 -24.15
C ASN H 48 -54.71 25.08 -24.81
N LYS H 49 -53.49 24.75 -24.42
CA LYS H 49 -52.79 23.57 -24.93
C LYS H 49 -52.83 22.42 -23.92
N GLN H 50 -52.74 21.20 -24.43
CA GLN H 50 -52.70 20.01 -23.60
C GLN H 50 -51.31 19.39 -23.64
N PHE H 51 -50.76 19.11 -22.46
CA PHE H 51 -49.40 18.62 -22.35
C PHE H 51 -49.36 17.21 -21.76
N LEU H 52 -48.33 16.45 -22.17
CA LEU H 52 -48.16 15.09 -21.71
C LEU H 52 -46.73 14.86 -21.25
N LEU H 53 -46.58 14.56 -19.96
CA LEU H 53 -45.29 14.23 -19.39
C LEU H 53 -45.18 12.71 -19.26
N ILE H 54 -44.28 12.11 -20.03
CA ILE H 54 -44.09 10.66 -20.01
C ILE H 54 -42.71 10.28 -19.49
N SER H 55 -42.68 9.38 -18.51
CA SER H 55 -41.43 8.83 -18.01
C SER H 55 -41.02 7.62 -18.86
N THR H 56 -39.83 7.71 -19.46
CA THR H 56 -39.28 6.60 -20.24
C THR H 56 -38.16 5.94 -19.44
N ASN H 57 -38.09 6.28 -18.15
CA ASN H 57 -37.22 5.60 -17.21
C ASN H 57 -37.94 4.38 -16.62
N PRO H 58 -37.41 3.15 -16.83
CA PRO H 58 -38.11 1.95 -16.33
C PRO H 58 -38.42 2.00 -14.83
N ALA H 59 -37.54 2.63 -14.06
CA ALA H 59 -37.84 2.98 -12.68
C ALA H 59 -38.48 4.36 -12.64
N HIS H 60 -39.79 4.39 -12.53
CA HIS H 60 -40.56 5.63 -12.65
C HIS H 60 -40.63 6.40 -11.34
N ASN H 61 -40.64 7.74 -11.43
CA ASN H 61 -40.75 8.60 -10.25
C ASN H 61 -41.83 9.66 -10.35
N LEU H 62 -42.53 9.72 -11.48
CA LEU H 62 -43.61 10.69 -11.63
C LEU H 62 -44.71 10.48 -10.59
N SER H 63 -45.16 9.24 -10.45
CA SER H 63 -46.14 8.90 -9.43
C SER H 63 -45.66 9.33 -8.05
N ASP H 64 -44.41 9.02 -7.74
CA ASP H 64 -43.81 9.39 -6.47
C ASP H 64 -43.78 10.89 -6.25
N ALA H 65 -43.47 11.63 -7.30
CA ALA H 65 -43.31 13.08 -7.19
C ALA H 65 -44.64 13.79 -7.01
N PHE H 66 -45.68 13.33 -7.69
CA PHE H 66 -47.00 13.97 -7.60
C PHE H 66 -47.87 13.38 -6.50
N GLY H 67 -47.56 12.18 -6.04
CA GLY H 67 -48.32 11.54 -4.99
C GLY H 67 -49.63 10.95 -5.47
N GLU H 68 -49.60 10.36 -6.66
CA GLU H 68 -50.73 9.62 -7.19
C GLU H 68 -50.23 8.62 -8.21
N LYS H 69 -50.98 7.56 -8.45
CA LYS H 69 -50.51 6.49 -9.32
C LYS H 69 -50.78 6.78 -10.79
N PHE H 70 -49.72 6.77 -11.60
CA PHE H 70 -49.82 6.88 -13.04
C PHE H 70 -49.50 5.52 -13.66
N GLY H 71 -49.86 5.35 -14.94
CA GLY H 71 -49.62 4.12 -15.65
C GLY H 71 -49.53 4.30 -17.15
N LYS H 72 -49.83 3.23 -17.88
CA LYS H 72 -49.66 3.21 -19.33
C LYS H 72 -50.65 4.14 -20.02
N ASP H 73 -51.79 4.35 -19.39
CA ASP H 73 -52.81 5.27 -19.92
C ASP H 73 -52.66 6.63 -19.27
N ALA H 74 -52.62 7.68 -20.09
CA ALA H 74 -52.41 9.03 -19.59
C ALA H 74 -53.51 9.46 -18.63
N ARG H 75 -53.11 10.14 -17.55
CA ARG H 75 -54.06 10.69 -16.59
C ARG H 75 -53.69 12.14 -16.30
N LYS H 76 -54.71 12.98 -16.17
CA LYS H 76 -54.52 14.35 -15.72
C LYS H 76 -53.86 14.37 -14.35
N VAL H 77 -52.87 15.26 -14.18
CA VAL H 77 -52.36 15.58 -12.87
C VAL H 77 -53.52 16.14 -12.05
N THR H 78 -53.66 15.67 -10.82
CA THR H 78 -54.74 16.15 -9.97
C THR H 78 -54.45 17.60 -9.56
N GLY H 79 -55.35 18.50 -9.95
CA GLY H 79 -55.21 19.91 -9.63
C GLY H 79 -55.05 20.80 -10.85
N MET H 80 -54.67 20.20 -11.99
CA MET H 80 -54.48 20.95 -13.22
C MET H 80 -55.39 20.46 -14.35
N ASN H 81 -55.65 21.34 -15.31
CA ASN H 81 -56.60 21.06 -16.38
C ASN H 81 -55.97 20.57 -17.68
N ASN H 82 -54.66 20.76 -17.82
CA ASN H 82 -54.03 20.50 -19.10
C ASN H 82 -52.68 19.78 -19.03
N LEU H 83 -52.36 19.24 -17.86
CA LEU H 83 -51.13 18.45 -17.70
C LEU H 83 -51.48 17.00 -17.35
N SER H 84 -50.96 16.07 -18.15
CA SER H 84 -51.14 14.65 -17.91
C SER H 84 -49.80 13.94 -17.75
N CYS H 85 -49.81 12.83 -17.01
CA CYS H 85 -48.62 12.00 -16.85
C CYS H 85 -48.87 10.57 -17.28
N MET H 86 -47.79 9.91 -17.69
CA MET H 86 -47.83 8.52 -18.11
C MET H 86 -46.51 7.83 -17.77
N GLU H 87 -46.64 6.59 -17.30
CA GLU H 87 -45.49 5.75 -16.98
C GLU H 87 -45.72 4.40 -17.63
N ILE H 88 -45.03 4.14 -18.74
CA ILE H 88 -45.30 2.92 -19.49
C ILE H 88 -44.93 1.68 -18.69
N ASP H 89 -45.88 0.74 -18.62
CA ASP H 89 -45.63 -0.58 -18.03
C ASP H 89 -45.49 -1.59 -19.17
N PRO H 90 -44.25 -2.05 -19.43
CA PRO H 90 -44.01 -2.99 -20.54
C PRO H 90 -44.90 -4.23 -20.51
N SER H 91 -45.14 -4.80 -19.34
CA SER H 91 -45.94 -6.00 -19.22
C SER H 91 -47.40 -5.73 -19.58
N ALA H 92 -47.94 -4.65 -19.03
CA ALA H 92 -49.35 -4.31 -19.24
C ALA H 92 -49.58 -3.77 -20.64
N ALA H 93 -48.58 -3.08 -21.19
CA ALA H 93 -48.69 -2.52 -22.53
C ALA H 93 -48.68 -3.63 -23.56
N LEU H 94 -47.85 -4.64 -23.32
CA LEU H 94 -47.79 -5.80 -24.19
C LEU H 94 -48.97 -6.73 -23.93
N LYS H 95 -49.55 -6.62 -22.75
CA LYS H 95 -50.72 -7.42 -22.41
C LYS H 95 -51.94 -6.94 -23.21
N ASP H 96 -52.10 -5.63 -23.34
CA ASP H 96 -53.26 -5.10 -24.03
C ASP H 96 -53.17 -5.40 -25.53
N MET H 97 -51.97 -5.81 -25.97
CA MET H 97 -51.79 -6.43 -27.27
C MET H 97 -51.89 -7.96 -27.16
N ASN H 98 -51.51 -8.50 -26.00
CA ASN H 98 -51.73 -9.92 -25.69
C ASN H 98 -53.22 -10.20 -25.70
N ASP H 99 -53.95 -9.55 -24.81
CA ASP H 99 -55.40 -9.47 -24.95
C ASP H 99 -55.68 -8.39 -26.00
N MET H 100 -55.27 -8.67 -27.24
CA MET H 100 -55.48 -7.74 -28.34
C MET H 100 -56.96 -7.35 -28.43
N GLY H 124 -51.12 -15.94 -23.81
CA GLY H 124 -50.57 -14.63 -23.57
C GLY H 124 -49.12 -14.68 -23.13
N ALA H 125 -48.44 -15.73 -23.55
CA ALA H 125 -47.03 -15.91 -23.21
C ALA H 125 -46.19 -14.78 -23.78
N LEU H 126 -46.23 -14.62 -25.10
CA LEU H 126 -45.42 -13.66 -25.85
C LEU H 126 -45.17 -12.36 -25.10
N ALA H 127 -46.25 -11.78 -24.59
CA ALA H 127 -46.18 -10.46 -23.95
C ALA H 127 -45.20 -10.44 -22.80
N ASP H 128 -45.31 -11.41 -21.90
CA ASP H 128 -44.48 -11.42 -20.69
C ASP H 128 -43.01 -11.71 -21.03
N LEU H 129 -42.79 -12.61 -21.99
CA LEU H 129 -41.44 -12.96 -22.42
C LEU H 129 -40.70 -11.71 -22.86
N THR H 130 -41.19 -11.08 -23.93
CA THR H 130 -40.60 -9.86 -24.46
C THR H 130 -40.70 -8.72 -23.45
N GLY H 131 -41.60 -8.85 -22.49
CA GLY H 131 -41.86 -7.79 -21.53
C GLY H 131 -40.71 -7.49 -20.60
N SER H 132 -39.75 -8.40 -20.53
CA SER H 132 -38.59 -8.25 -19.64
C SER H 132 -37.28 -8.18 -20.40
N ILE H 133 -37.33 -8.31 -21.73
CA ILE H 133 -36.11 -8.27 -22.52
C ILE H 133 -35.50 -6.87 -22.39
N PRO H 134 -34.17 -6.80 -22.16
CA PRO H 134 -33.54 -5.47 -22.12
C PRO H 134 -33.74 -4.74 -23.43
N GLY H 135 -34.23 -3.51 -23.35
CA GLY H 135 -34.53 -2.71 -24.54
C GLY H 135 -36.01 -2.45 -24.68
N ILE H 136 -36.82 -3.30 -24.05
CA ILE H 136 -38.28 -3.25 -24.21
C ILE H 136 -38.83 -1.89 -23.80
N ASP H 137 -38.21 -1.28 -22.79
CA ASP H 137 -38.66 0.00 -22.27
C ASP H 137 -38.37 1.11 -23.28
N GLU H 138 -37.26 0.98 -24.00
CA GLU H 138 -36.91 1.96 -25.03
C GLU H 138 -37.78 1.75 -26.26
N ALA H 139 -38.11 0.49 -26.55
CA ALA H 139 -38.89 0.16 -27.73
C ALA H 139 -40.35 0.59 -27.56
N LEU H 140 -40.87 0.43 -26.35
CA LEU H 140 -42.27 0.78 -26.11
C LEU H 140 -42.46 2.28 -25.93
N SER H 141 -41.40 2.96 -25.51
CA SER H 141 -41.42 4.41 -25.47
C SER H 141 -41.47 4.95 -26.89
N PHE H 142 -40.70 4.33 -27.77
CA PHE H 142 -40.65 4.72 -29.16
C PHE H 142 -42.00 4.48 -29.83
N MET H 143 -42.62 3.35 -29.51
CA MET H 143 -43.93 3.03 -30.05
C MET H 143 -44.98 4.03 -29.58
N GLU H 144 -44.77 4.59 -28.40
CA GLU H 144 -45.66 5.63 -27.88
C GLU H 144 -45.57 6.86 -28.76
N VAL H 145 -44.37 7.17 -29.22
CA VAL H 145 -44.16 8.28 -30.14
C VAL H 145 -44.86 7.99 -31.45
N MET H 146 -44.68 6.77 -31.95
CA MET H 146 -45.27 6.35 -33.21
C MET H 146 -46.78 6.47 -33.22
N LYS H 147 -47.42 5.96 -32.17
CA LYS H 147 -48.87 5.96 -32.10
C LYS H 147 -49.39 7.36 -31.81
N HIS H 148 -48.50 8.27 -31.42
CA HIS H 148 -48.86 9.66 -31.24
C HIS H 148 -48.84 10.40 -32.57
N ILE H 149 -47.93 9.99 -33.46
CA ILE H 149 -47.84 10.56 -34.79
C ILE H 149 -49.09 10.22 -35.61
N LYS H 150 -49.52 8.96 -35.54
CA LYS H 150 -50.70 8.51 -36.27
C LYS H 150 -51.95 9.22 -35.75
N ARG H 151 -51.95 9.51 -34.46
CA ARG H 151 -53.09 10.14 -33.82
C ARG H 151 -53.23 11.61 -34.23
N GLN H 152 -52.10 12.28 -34.39
CA GLN H 152 -52.09 13.68 -34.78
C GLN H 152 -52.64 13.89 -36.19
N GLU H 153 -52.25 13.00 -37.10
CA GLU H 153 -52.62 13.14 -38.50
C GLU H 153 -54.13 13.00 -38.68
N GLN H 154 -54.67 11.82 -38.39
CA GLN H 154 -56.11 11.59 -38.53
C GLN H 154 -56.89 12.28 -37.41
N GLY H 155 -56.67 11.84 -36.18
CA GLY H 155 -57.36 12.38 -35.02
C GLY H 155 -57.84 11.30 -34.09
N GLU H 158 -57.86 14.89 -32.07
CA GLU H 158 -57.57 15.76 -30.95
C GLU H 158 -56.77 15.02 -29.89
N THR H 159 -55.55 15.46 -29.67
CA THR H 159 -54.60 14.77 -28.81
C THR H 159 -53.71 15.80 -28.10
N PHE H 160 -52.65 15.34 -27.44
CA PHE H 160 -51.75 16.24 -26.72
C PHE H 160 -50.92 17.10 -27.66
N ASP H 161 -50.77 18.37 -27.29
CA ASP H 161 -50.06 19.34 -28.12
C ASP H 161 -48.55 19.18 -28.03
N THR H 162 -48.04 19.10 -26.80
CA THR H 162 -46.61 18.96 -26.57
C THR H 162 -46.36 17.82 -25.61
N VAL H 163 -45.34 17.03 -25.91
CA VAL H 163 -44.96 15.88 -25.09
C VAL H 163 -43.57 16.09 -24.52
N ILE H 164 -43.46 16.04 -23.20
CA ILE H 164 -42.19 16.18 -22.51
C ILE H 164 -41.74 14.83 -21.95
N PHE H 165 -40.48 14.47 -22.18
CA PHE H 165 -39.96 13.17 -21.76
C PHE H 165 -39.07 13.28 -20.53
N ASP H 166 -39.54 12.68 -19.43
CA ASP H 166 -38.69 12.44 -18.27
C ASP H 166 -37.87 11.18 -18.51
N THR H 167 -36.69 11.34 -19.09
CA THR H 167 -35.95 10.21 -19.63
C THR H 167 -35.13 9.45 -18.60
N ALA H 168 -34.68 8.27 -18.98
CA ALA H 168 -33.75 7.52 -18.15
C ALA H 168 -32.42 8.23 -18.20
N PRO H 169 -31.51 7.89 -17.27
CA PRO H 169 -30.17 8.45 -17.31
C PRO H 169 -29.45 8.25 -18.64
N THR H 170 -28.45 9.10 -18.86
CA THR H 170 -27.69 9.21 -20.11
C THR H 170 -27.59 7.95 -20.96
N GLY H 171 -26.98 6.91 -20.40
CA GLY H 171 -26.58 5.74 -21.16
C GLY H 171 -27.66 5.10 -22.02
N HIS H 172 -28.84 4.88 -21.45
CA HIS H 172 -29.90 4.20 -22.18
C HIS H 172 -30.74 5.18 -22.98
N THR H 173 -30.90 6.40 -22.49
CA THR H 173 -31.64 7.41 -23.24
C THR H 173 -30.97 7.68 -24.58
N LEU H 174 -29.65 7.53 -24.62
CA LEU H 174 -28.92 7.64 -25.88
C LEU H 174 -29.35 6.55 -26.86
N ARG H 175 -29.62 5.36 -26.34
CA ARG H 175 -30.11 4.27 -27.17
C ARG H 175 -31.45 4.65 -27.77
N PHE H 176 -32.33 5.18 -26.92
CA PHE H 176 -33.67 5.58 -27.35
C PHE H 176 -33.64 6.56 -28.51
N LEU H 177 -32.72 7.52 -28.48
CA LEU H 177 -32.68 8.59 -29.49
C LEU H 177 -31.93 8.18 -30.75
N GLN H 178 -31.20 7.08 -30.68
CA GLN H 178 -30.56 6.50 -31.87
C GLN H 178 -31.56 5.64 -32.63
N LEU H 179 -32.68 5.34 -31.99
CA LEU H 179 -33.61 4.34 -32.51
C LEU H 179 -34.23 4.72 -33.86
N PRO H 180 -34.58 6.00 -34.06
CA PRO H 180 -35.07 6.38 -35.39
C PRO H 180 -34.06 6.07 -36.48
N ASN H 181 -32.80 6.36 -36.19
CA ASN H 181 -31.72 6.05 -37.11
C ASN H 181 -31.45 4.55 -37.11
N THR H 182 -31.45 3.93 -35.94
CA THR H 182 -31.14 2.51 -35.83
C THR H 182 -32.17 1.66 -36.57
N LEU H 183 -33.45 1.98 -36.40
CA LEU H 183 -34.50 1.21 -37.04
C LEU H 183 -34.49 1.43 -38.55
N SER H 184 -34.22 2.66 -38.98
CA SER H 184 -34.20 2.94 -40.40
C SER H 184 -33.19 2.07 -41.14
N LYS H 185 -31.98 1.94 -40.57
CA LYS H 185 -30.94 1.12 -41.19
C LYS H 185 -31.27 -0.36 -41.08
N LEU H 186 -31.94 -0.75 -39.99
CA LEU H 186 -32.35 -2.13 -39.78
C LEU H 186 -33.41 -2.51 -40.80
N LEU H 187 -34.41 -1.66 -40.96
CA LEU H 187 -35.55 -1.95 -41.83
C LEU H 187 -35.14 -2.06 -43.30
N GLU H 188 -33.95 -1.57 -43.65
CA GLU H 188 -33.44 -1.72 -45.01
C GLU H 188 -32.94 -3.14 -45.24
N LYS H 189 -32.14 -3.64 -44.30
CA LYS H 189 -31.64 -5.00 -44.38
C LYS H 189 -32.76 -6.01 -44.12
N PHE H 190 -33.70 -5.65 -43.26
CA PHE H 190 -34.83 -6.51 -42.95
C PHE H 190 -35.68 -6.76 -44.19
N GLY H 191 -36.03 -5.69 -44.90
CA GLY H 191 -36.91 -5.77 -46.05
C GLY H 191 -36.40 -6.67 -47.15
N GLU H 192 -35.16 -6.45 -47.58
CA GLU H 192 -34.58 -7.22 -48.68
C GLU H 192 -34.36 -8.68 -48.31
N ILE H 193 -34.34 -8.96 -47.01
CA ILE H 193 -34.13 -10.33 -46.53
C ILE H 193 -35.47 -11.05 -46.34
N THR H 194 -36.44 -10.37 -45.72
CA THR H 194 -37.72 -10.99 -45.41
C THR H 194 -38.54 -11.27 -46.67
N ASN H 195 -38.26 -10.52 -47.73
CA ASN H 195 -39.01 -10.66 -48.98
C ASN H 195 -38.58 -11.90 -49.76
N LYS H 196 -37.32 -12.29 -49.60
CA LYS H 196 -36.79 -13.48 -50.27
C LYS H 196 -36.90 -14.72 -49.38
N LEU H 197 -36.96 -14.51 -48.08
CA LEU H 197 -37.15 -15.63 -47.14
C LEU H 197 -38.62 -16.04 -47.12
N GLY H 198 -39.45 -15.21 -46.50
CA GLY H 198 -40.88 -15.48 -46.43
C GLY H 198 -41.22 -16.57 -45.43
N ILE H 212 -48.09 -7.85 -46.23
CA ILE H 212 -47.06 -7.99 -45.20
C ILE H 212 -45.85 -7.12 -45.51
N SER H 213 -45.52 -7.01 -46.79
CA SER H 213 -44.41 -6.16 -47.22
C SER H 213 -44.75 -4.69 -47.03
N GLY H 214 -46.04 -4.37 -47.13
CA GLY H 214 -46.51 -3.01 -46.96
C GLY H 214 -46.52 -2.59 -45.49
N LYS H 215 -46.52 -3.57 -44.60
CA LYS H 215 -46.44 -3.28 -43.17
C LYS H 215 -45.06 -2.72 -42.85
N LEU H 216 -44.05 -3.16 -43.58
CA LEU H 216 -42.70 -2.61 -43.44
C LEU H 216 -42.68 -1.16 -43.89
N ASN H 217 -43.24 -0.90 -45.07
CA ASN H 217 -43.25 0.44 -45.64
C ASN H 217 -43.95 1.45 -44.74
N GLU H 218 -45.00 1.01 -44.06
CA GLU H 218 -45.71 1.87 -43.11
C GLU H 218 -44.78 2.32 -42.00
N LEU H 219 -44.14 1.35 -41.36
CA LEU H 219 -43.22 1.63 -40.27
C LEU H 219 -41.99 2.37 -40.77
N LYS H 220 -41.47 1.93 -41.90
CA LYS H 220 -40.30 2.56 -42.52
C LYS H 220 -40.55 4.05 -42.74
N ALA H 221 -41.76 4.38 -43.20
CA ALA H 221 -42.15 5.76 -43.41
C ALA H 221 -42.46 6.44 -42.08
N ASN H 222 -43.05 5.70 -41.15
CA ASN H 222 -43.39 6.24 -39.85
C ASN H 222 -42.12 6.63 -39.09
N VAL H 223 -41.12 5.76 -39.12
CA VAL H 223 -39.84 6.02 -38.47
C VAL H 223 -39.20 7.28 -39.05
N GLU H 224 -39.24 7.41 -40.37
CA GLU H 224 -38.69 8.58 -41.04
C GLU H 224 -39.33 9.85 -40.52
N THR H 225 -40.67 9.89 -40.51
CA THR H 225 -41.40 11.03 -39.95
C THR H 225 -40.86 11.41 -38.58
N ILE H 226 -40.67 10.41 -37.72
CA ILE H 226 -40.18 10.67 -36.37
C ILE H 226 -38.78 11.29 -36.40
N ARG H 227 -37.93 10.80 -37.30
CA ARG H 227 -36.57 11.31 -37.40
C ARG H 227 -36.56 12.74 -37.90
N GLN H 228 -37.48 13.06 -38.81
CA GLN H 228 -37.60 14.41 -39.36
C GLN H 228 -37.94 15.39 -38.24
N GLN H 229 -38.89 15.02 -37.40
CA GLN H 229 -39.33 15.90 -36.33
C GLN H 229 -38.27 16.01 -35.23
N PHE H 230 -37.55 14.92 -34.97
CA PHE H 230 -36.52 14.92 -33.94
C PHE H 230 -35.29 15.75 -34.33
N THR H 231 -35.03 15.86 -35.63
CA THR H 231 -33.90 16.68 -36.12
C THR H 231 -34.34 18.09 -36.50
N ASP H 232 -35.60 18.42 -36.20
CA ASP H 232 -36.12 19.75 -36.43
C ASP H 232 -36.03 20.56 -35.13
N PRO H 233 -35.11 21.54 -35.07
CA PRO H 233 -34.91 22.29 -33.82
C PRO H 233 -36.14 23.08 -33.38
N ASP H 234 -37.09 23.29 -34.28
CA ASP H 234 -38.30 24.03 -33.93
C ASP H 234 -39.37 23.13 -33.34
N LEU H 235 -39.26 21.82 -33.59
CA LEU H 235 -40.23 20.85 -33.09
C LEU H 235 -39.71 20.05 -31.91
N THR H 236 -38.40 19.82 -31.89
CA THR H 236 -37.80 18.96 -30.89
C THR H 236 -36.55 19.56 -30.28
N THR H 237 -36.42 19.46 -28.96
CA THR H 237 -35.23 19.91 -28.27
C THR H 237 -34.95 19.02 -27.07
N PHE H 238 -33.68 18.95 -26.68
CA PHE H 238 -33.23 18.15 -25.55
C PHE H 238 -32.68 19.08 -24.48
N VAL H 239 -33.36 19.15 -23.34
CA VAL H 239 -32.88 19.95 -22.22
C VAL H 239 -31.97 19.10 -21.33
N CYS H 240 -30.71 19.51 -21.20
CA CYS H 240 -29.75 18.78 -20.38
C CYS H 240 -29.82 19.25 -18.93
N VAL H 241 -29.84 18.30 -18.02
CA VAL H 241 -29.75 18.60 -16.59
C VAL H 241 -28.43 18.04 -16.09
N CYS H 242 -27.82 18.74 -15.14
CA CYS H 242 -26.57 18.30 -14.56
C CYS H 242 -26.40 18.90 -13.18
N ILE H 243 -25.33 18.52 -12.49
CA ILE H 243 -24.92 19.16 -11.26
C ILE H 243 -23.49 19.63 -11.45
N SER H 244 -23.10 20.63 -10.67
CA SER H 244 -21.78 21.22 -10.80
C SER H 244 -20.75 20.41 -10.03
N GLU H 245 -20.61 19.15 -10.40
CA GLU H 245 -19.64 18.24 -9.80
C GLU H 245 -18.85 17.55 -10.88
N PHE H 246 -17.61 17.20 -10.54
CA PHE H 246 -16.64 16.74 -11.51
C PHE H 246 -17.16 15.54 -12.32
N LEU H 247 -17.82 14.59 -11.67
CA LEU H 247 -18.24 13.37 -12.34
C LEU H 247 -19.38 13.61 -13.34
N SER H 248 -20.19 14.63 -13.07
CA SER H 248 -21.30 14.97 -13.94
C SER H 248 -20.87 15.87 -15.10
N LEU H 249 -19.74 16.56 -14.94
CA LEU H 249 -19.25 17.46 -15.97
C LEU H 249 -18.93 16.71 -17.25
N TYR H 250 -18.01 15.76 -17.14
CA TYR H 250 -17.56 15.00 -18.28
C TYR H 250 -18.73 14.29 -18.97
N GLU H 251 -19.58 13.62 -18.20
CA GLU H 251 -20.68 12.85 -18.77
C GLU H 251 -21.67 13.75 -19.49
N THR H 252 -21.90 14.93 -18.94
CA THR H 252 -22.81 15.88 -19.56
C THR H 252 -22.27 16.35 -20.92
N GLU H 253 -20.97 16.55 -21.01
CA GLU H 253 -20.36 17.04 -22.25
C GLU H 253 -20.36 15.96 -23.33
N ARG H 254 -20.11 14.71 -22.96
CA ARG H 254 -20.22 13.60 -23.90
C ARG H 254 -21.64 13.54 -24.46
N LEU H 255 -22.61 13.62 -23.56
CA LEU H 255 -24.02 13.55 -23.92
C LEU H 255 -24.38 14.60 -24.97
N ILE H 256 -24.14 15.86 -24.63
CA ILE H 256 -24.45 16.97 -25.53
C ILE H 256 -23.81 16.74 -26.90
N GLN H 257 -22.52 16.42 -26.93
CA GLN H 257 -21.83 16.15 -28.19
C GLN H 257 -22.48 15.01 -28.95
N GLU H 258 -22.83 13.94 -28.23
CA GLU H 258 -23.48 12.78 -28.82
C GLU H 258 -24.79 13.17 -29.49
N LEU H 259 -25.56 14.04 -28.83
CA LEU H 259 -26.85 14.48 -29.35
C LEU H 259 -26.67 15.35 -30.59
N ILE H 260 -25.70 16.24 -30.56
CA ILE H 260 -25.43 17.10 -31.71
C ILE H 260 -25.06 16.25 -32.92
N SER H 261 -24.35 15.15 -32.68
CA SER H 261 -23.93 14.27 -33.77
C SER H 261 -25.15 13.61 -34.39
N TYR H 262 -26.21 13.44 -33.60
CA TYR H 262 -27.47 12.86 -34.08
C TYR H 262 -28.37 13.93 -34.68
N ASP H 263 -27.84 15.14 -34.86
CA ASP H 263 -28.61 16.28 -35.35
C ASP H 263 -29.78 16.61 -34.42
N MET H 264 -29.58 16.36 -33.13
CA MET H 264 -30.58 16.67 -32.11
C MET H 264 -30.31 18.06 -31.54
N ASP H 265 -31.33 18.91 -31.51
CA ASP H 265 -31.15 20.26 -31.01
C ASP H 265 -31.00 20.29 -29.49
N VAL H 266 -29.88 20.84 -29.04
CA VAL H 266 -29.65 21.09 -27.63
C VAL H 266 -29.15 22.52 -27.46
N ASN H 267 -29.88 23.31 -26.67
CA ASN H 267 -29.58 24.71 -26.46
C ASN H 267 -29.81 25.17 -25.02
N SER H 268 -30.16 24.22 -24.15
CA SER H 268 -30.48 24.52 -22.76
C SER H 268 -29.82 23.54 -21.82
N ILE H 269 -29.25 24.06 -20.73
CA ILE H 269 -28.63 23.25 -19.69
C ILE H 269 -29.06 23.75 -18.32
N ILE H 270 -29.64 22.85 -17.52
CA ILE H 270 -30.03 23.16 -16.16
C ILE H 270 -28.97 22.66 -15.17
N VAL H 271 -28.27 23.58 -14.50
CA VAL H 271 -27.33 23.23 -13.45
C VAL H 271 -28.07 23.24 -12.12
N ASN H 272 -28.37 22.05 -11.61
CA ASN H 272 -29.25 21.90 -10.46
C ASN H 272 -28.50 21.72 -9.13
N GLN H 273 -29.22 21.88 -8.03
CA GLN H 273 -28.71 21.61 -6.68
C GLN H 273 -27.54 22.51 -6.26
N LEU H 274 -27.52 23.74 -6.77
CA LEU H 274 -26.47 24.70 -6.42
C LEU H 274 -26.69 25.28 -5.02
N LEU H 275 -25.60 25.41 -4.27
CA LEU H 275 -25.68 25.83 -2.88
C LEU H 275 -25.78 27.34 -2.72
N PHE H 276 -25.07 28.09 -3.57
CA PHE H 276 -24.96 29.54 -3.42
C PHE H 276 -24.64 29.91 -1.98
N ALA H 277 -23.56 29.35 -1.43
CA ALA H 277 -23.27 29.48 -0.01
C ALA H 277 -22.95 30.92 0.41
N GLU H 278 -22.47 31.72 -0.52
CA GLU H 278 -22.10 33.11 -0.22
C GLU H 278 -23.32 34.00 0.02
N ASN H 279 -24.50 33.48 -0.30
CA ASN H 279 -25.73 34.25 -0.18
C ASN H 279 -26.62 33.79 0.97
N ASP H 280 -26.13 32.84 1.76
CA ASP H 280 -26.86 32.35 2.92
C ASP H 280 -26.97 33.43 3.99
N GLN H 281 -26.06 34.41 3.93
CA GLN H 281 -25.97 35.47 4.93
C GLN H 281 -25.74 34.91 6.34
N GLU H 282 -25.38 33.64 6.41
CA GLU H 282 -24.95 33.00 7.64
C GLU H 282 -23.46 32.72 7.52
N HIS H 283 -23.01 32.60 6.27
CA HIS H 283 -21.61 32.37 5.90
C HIS H 283 -20.83 31.54 6.92
N ASN H 284 -21.31 30.32 7.16
CA ASN H 284 -20.60 29.34 7.96
C ASN H 284 -20.87 27.94 7.40
N CYS H 285 -20.81 26.92 8.24
CA CYS H 285 -20.92 25.53 7.80
C CYS H 285 -19.76 25.22 6.87
N LYS H 286 -18.70 24.63 7.44
CA LYS H 286 -17.50 24.30 6.70
C LYS H 286 -17.82 23.50 5.44
N ARG H 287 -18.71 22.52 5.57
CA ARG H 287 -19.03 21.63 4.46
C ARG H 287 -19.68 22.41 3.30
N CYS H 288 -20.63 23.28 3.63
CA CYS H 288 -21.34 24.07 2.61
C CYS H 288 -20.40 25.01 1.87
N GLN H 289 -19.55 25.72 2.60
CA GLN H 289 -18.59 26.64 1.96
C GLN H 289 -17.62 25.86 1.07
N ALA H 290 -17.15 24.71 1.57
CA ALA H 290 -16.21 23.90 0.81
C ALA H 290 -16.85 23.33 -0.45
N ARG H 291 -18.08 22.85 -0.32
CA ARG H 291 -18.78 22.26 -1.46
C ARG H 291 -19.15 23.34 -2.47
N TRP H 292 -19.60 24.49 -1.97
CA TRP H 292 -19.93 25.60 -2.86
C TRP H 292 -18.70 26.09 -3.61
N LYS H 293 -17.53 26.01 -2.98
CA LYS H 293 -16.29 26.41 -3.61
C LYS H 293 -16.00 25.51 -4.81
N MET H 294 -16.21 24.21 -4.63
CA MET H 294 -16.12 23.24 -5.72
C MET H 294 -17.17 23.52 -6.80
N GLN H 295 -18.41 23.77 -6.38
CA GLN H 295 -19.50 24.03 -7.31
C GLN H 295 -19.21 25.29 -8.14
N LYS H 296 -18.83 26.37 -7.47
CA LYS H 296 -18.59 27.66 -8.11
C LYS H 296 -17.45 27.56 -9.13
N LYS H 297 -16.40 26.84 -8.74
CA LYS H 297 -15.28 26.55 -9.62
C LYS H 297 -15.76 25.95 -10.94
N TYR H 298 -16.47 24.83 -10.84
CA TYR H 298 -16.97 24.14 -12.02
C TYR H 298 -18.05 24.94 -12.73
N LEU H 299 -18.72 25.82 -11.99
CA LEU H 299 -19.76 26.65 -12.58
C LEU H 299 -19.16 27.68 -13.53
N ASP H 300 -17.92 28.07 -13.28
CA ASP H 300 -17.22 29.00 -14.18
C ASP H 300 -16.79 28.28 -15.45
N GLN H 301 -16.47 27.00 -15.32
CA GLN H 301 -16.07 26.18 -16.45
C GLN H 301 -17.27 25.93 -17.35
N ILE H 302 -18.40 25.65 -16.72
CA ILE H 302 -19.65 25.42 -17.44
C ILE H 302 -20.03 26.69 -18.20
N ASP H 303 -19.96 27.84 -17.53
CA ASP H 303 -20.32 29.11 -18.13
C ASP H 303 -19.48 29.40 -19.37
N GLU H 304 -18.20 29.07 -19.30
CA GLU H 304 -17.27 29.41 -20.36
C GLU H 304 -17.47 28.54 -21.60
N LEU H 305 -17.70 27.24 -21.40
CA LEU H 305 -17.85 26.33 -22.52
C LEU H 305 -19.19 26.51 -23.21
N TYR H 306 -20.24 26.68 -22.41
CA TYR H 306 -21.60 26.71 -22.92
C TYR H 306 -22.15 28.13 -23.05
N GLU H 307 -21.34 29.02 -23.62
CA GLU H 307 -21.73 30.41 -23.77
C GLU H 307 -22.98 30.58 -24.63
N ASP H 308 -23.16 29.70 -25.61
CA ASP H 308 -24.30 29.79 -26.53
C ASP H 308 -25.54 29.06 -26.03
N PHE H 309 -25.46 28.48 -24.84
CA PHE H 309 -26.59 27.77 -24.25
C PHE H 309 -27.30 28.61 -23.21
N HIS H 310 -28.60 28.40 -23.07
CA HIS H 310 -29.31 28.86 -21.88
C HIS H 310 -28.78 28.06 -20.71
N VAL H 311 -28.08 28.72 -19.79
CA VAL H 311 -27.56 28.04 -18.61
C VAL H 311 -28.39 28.44 -17.41
N VAL H 312 -29.28 27.54 -17.00
CA VAL H 312 -30.24 27.82 -15.94
C VAL H 312 -29.76 27.23 -14.62
N LYS H 313 -29.54 28.11 -13.66
CA LYS H 313 -29.00 27.73 -12.36
C LYS H 313 -30.12 27.63 -11.33
N MET H 314 -30.22 26.46 -10.69
CA MET H 314 -31.27 26.20 -9.71
C MET H 314 -30.66 25.89 -8.35
N PRO H 315 -31.29 26.38 -7.26
CA PRO H 315 -30.75 26.22 -5.91
C PRO H 315 -31.11 24.88 -5.27
N LEU H 316 -30.24 24.41 -4.38
CA LEU H 316 -30.55 23.30 -3.51
C LEU H 316 -31.55 23.78 -2.46
N CYS H 317 -32.70 23.13 -2.42
CA CYS H 317 -33.76 23.54 -1.52
C CYS H 317 -33.67 22.83 -0.16
N ALA H 318 -34.19 23.49 0.86
CA ALA H 318 -34.16 22.95 2.21
C ALA H 318 -35.23 21.87 2.36
N GLY H 319 -36.39 22.12 1.76
CA GLY H 319 -37.51 21.20 1.85
C GLY H 319 -37.49 20.16 0.73
N GLU H 320 -38.66 19.56 0.49
CA GLU H 320 -38.80 18.51 -0.50
C GLU H 320 -39.58 18.99 -1.72
N ILE H 321 -38.98 18.85 -2.89
CA ILE H 321 -39.65 19.21 -4.12
C ILE H 321 -40.60 18.08 -4.51
N ARG H 322 -41.76 18.05 -3.85
CA ARG H 322 -42.73 16.99 -4.04
C ARG H 322 -44.15 17.50 -3.80
N GLY H 323 -45.09 16.98 -4.57
CA GLY H 323 -46.47 17.45 -4.51
C GLY H 323 -46.65 18.64 -5.43
N LEU H 324 -47.89 18.92 -5.80
CA LEU H 324 -48.18 19.94 -6.81
C LEU H 324 -47.64 21.31 -6.42
N ASN H 325 -47.92 21.70 -5.18
CA ASN H 325 -47.54 23.03 -4.71
C ASN H 325 -46.03 23.26 -4.77
N ASN H 326 -45.26 22.38 -4.16
CA ASN H 326 -43.81 22.53 -4.09
C ASN H 326 -43.14 22.50 -5.47
N LEU H 327 -43.57 21.56 -6.31
CA LEU H 327 -43.03 21.47 -7.67
C LEU H 327 -43.31 22.74 -8.44
N THR H 328 -44.49 23.32 -8.21
CA THR H 328 -44.90 24.54 -8.89
C THR H 328 -44.08 25.73 -8.40
N LYS H 329 -43.87 25.79 -7.09
CA LYS H 329 -43.11 26.89 -6.49
C LYS H 329 -41.66 26.85 -6.97
N PHE H 330 -41.14 25.65 -7.19
CA PHE H 330 -39.78 25.47 -7.67
C PHE H 330 -39.66 25.78 -9.15
N SER H 331 -40.71 25.43 -9.91
CA SER H 331 -40.69 25.53 -11.37
C SER H 331 -40.53 26.96 -11.88
N GLN H 332 -41.02 27.93 -11.12
CA GLN H 332 -41.00 29.34 -11.53
C GLN H 332 -39.59 29.81 -11.86
N PHE H 333 -38.57 29.17 -11.27
CA PHE H 333 -37.20 29.62 -11.45
C PHE H 333 -36.58 29.09 -12.73
N LEU H 334 -37.32 28.25 -13.46
CA LEU H 334 -36.94 27.87 -14.81
C LEU H 334 -37.40 28.94 -15.79
N ASN H 335 -38.39 29.71 -15.35
CA ASN H 335 -38.99 30.77 -16.16
C ASN H 335 -38.29 32.10 -15.96
N LYS H 336 -38.25 32.54 -14.69
CA LYS H 336 -37.50 33.73 -14.30
C LYS H 336 -36.34 33.31 -13.40
N GLU H 337 -35.12 33.52 -13.88
CA GLU H 337 -33.92 33.04 -13.21
C GLU H 337 -33.89 33.33 -11.71
N TYR H 338 -33.47 32.33 -10.93
CA TYR H 338 -33.35 32.46 -9.49
C TYR H 338 -32.28 33.47 -9.10
N ASN H 339 -32.61 34.35 -8.17
CA ASN H 339 -31.66 35.33 -7.64
C ASN H 339 -31.38 35.01 -6.17
N PRO H 340 -30.15 34.56 -5.86
CA PRO H 340 -29.83 34.17 -4.48
C PRO H 340 -30.01 35.30 -3.46
N ILE H 341 -29.86 36.53 -3.92
CA ILE H 341 -30.04 37.69 -3.05
C ILE H 341 -31.51 37.97 -2.80
N THR H 342 -32.33 37.77 -3.83
CA THR H 342 -33.74 38.17 -3.78
C THR H 342 -34.62 37.04 -3.25
N ASP H 343 -34.60 35.91 -3.93
CA ASP H 343 -35.53 34.81 -3.65
C ASP H 343 -34.89 33.77 -2.73
N GLY H 344 -34.04 34.23 -1.83
CA GLY H 344 -33.30 33.34 -0.96
C GLY H 344 -34.16 32.58 0.03
N LYS H 345 -35.28 33.17 0.42
CA LYS H 345 -36.14 32.57 1.44
C LYS H 345 -37.02 31.47 0.87
N VAL H 346 -37.19 31.46 -0.44
CA VAL H 346 -38.12 30.54 -1.09
C VAL H 346 -37.64 29.08 -0.93
N ILE H 347 -36.35 28.88 -0.74
CA ILE H 347 -35.82 27.53 -0.58
C ILE H 347 -36.22 26.94 0.78
N TYR H 348 -36.72 27.81 1.66
CA TYR H 348 -37.19 27.41 2.99
C TYR H 348 -38.71 27.47 3.10
N GLU H 349 -39.39 27.74 1.98
CA GLU H 349 -40.84 27.94 1.98
C GLU H 349 -41.61 26.82 1.28
N LEU H 350 -41.02 25.63 1.22
CA LEU H 350 -41.71 24.47 0.66
C LEU H 350 -42.50 23.72 1.73
N GLU H 351 -43.73 23.32 1.38
CA GLU H 351 -44.63 22.68 2.34
C GLU H 351 -44.05 21.38 2.91
N ASP H 352 -44.53 21.01 4.09
CA ASP H 352 -44.04 19.83 4.80
C ASP H 352 -45.19 19.08 5.47
N GLU I 4 4.09 23.22 -10.92
CA GLU I 4 5.09 22.26 -11.38
C GLU I 4 4.58 21.49 -12.61
N VAL I 5 3.59 22.05 -13.29
CA VAL I 5 3.06 21.43 -14.49
C VAL I 5 4.04 21.58 -15.64
N GLN I 6 4.33 20.47 -16.32
CA GLN I 6 5.20 20.52 -17.48
C GLN I 6 5.04 19.31 -18.39
N LEU I 7 5.32 19.53 -19.66
CA LEU I 7 5.28 18.49 -20.67
C LEU I 7 6.68 18.32 -21.27
N VAL I 8 7.10 17.06 -21.42
CA VAL I 8 8.42 16.73 -21.97
C VAL I 8 8.31 15.80 -23.16
N GLU I 9 8.71 16.28 -24.34
CA GLU I 9 8.72 15.45 -25.54
C GLU I 9 10.04 14.72 -25.70
N SER I 10 10.01 13.65 -26.49
CA SER I 10 11.22 12.88 -26.81
C SER I 10 10.94 11.94 -27.98
N GLY I 11 12.00 11.37 -28.53
CA GLY I 11 11.87 10.39 -29.60
C GLY I 11 12.07 10.96 -30.99
N GLY I 12 12.27 12.26 -31.08
CA GLY I 12 12.54 12.89 -32.36
C GLY I 12 13.89 12.49 -32.90
N GLY I 13 14.01 12.42 -34.23
CA GLY I 13 15.25 12.04 -34.86
C GLY I 13 15.10 11.95 -36.37
N LEU I 14 16.03 11.24 -37.01
CA LEU I 14 16.05 11.14 -38.46
C LEU I 14 15.42 9.83 -38.96
N VAL I 15 14.51 9.95 -39.91
CA VAL I 15 13.82 8.79 -40.49
C VAL I 15 13.72 8.92 -42.01
N GLN I 16 13.92 7.82 -42.71
CA GLN I 16 13.81 7.82 -44.17
C GLN I 16 12.34 7.84 -44.60
N PRO I 17 12.05 8.39 -45.79
CA PRO I 17 10.65 8.48 -46.24
C PRO I 17 9.97 7.12 -46.26
N GLY I 18 8.73 7.06 -45.78
CA GLY I 18 8.00 5.82 -45.68
C GLY I 18 8.24 5.11 -44.37
N GLY I 19 9.17 5.63 -43.58
CA GLY I 19 9.57 4.99 -42.34
C GLY I 19 8.60 5.28 -41.21
N SER I 20 8.98 4.83 -40.01
CA SER I 20 8.17 5.04 -38.82
C SER I 20 8.96 5.72 -37.70
N LEU I 21 8.25 6.44 -36.84
CA LEU I 21 8.86 7.07 -35.68
C LEU I 21 7.80 7.28 -34.60
N ARG I 22 8.19 7.03 -33.35
CA ARG I 22 7.28 7.15 -32.22
C ARG I 22 7.73 8.25 -31.26
N LEU I 23 6.91 9.30 -31.17
CA LEU I 23 7.18 10.41 -30.25
C LEU I 23 6.49 10.16 -28.92
N SER I 24 7.10 10.65 -27.84
CA SER I 24 6.58 10.49 -26.48
C SER I 24 6.45 11.85 -25.81
N CYS I 25 5.37 12.06 -25.06
CA CYS I 25 5.17 13.29 -24.29
C CYS I 25 4.89 12.94 -22.83
N ALA I 26 5.90 13.05 -21.99
CA ALA I 26 5.75 12.73 -20.56
C ALA I 26 5.21 13.93 -19.80
N ALA I 27 4.07 13.74 -19.13
CA ALA I 27 3.44 14.79 -18.35
C ALA I 27 3.75 14.63 -16.87
N SER I 28 3.87 15.77 -16.18
CA SER I 28 4.00 15.80 -14.73
C SER I 28 3.26 17.02 -14.19
N GLY I 29 2.90 16.99 -12.91
CA GLY I 29 2.21 18.09 -12.29
C GLY I 29 0.70 18.04 -12.46
N PHE I 30 0.23 17.09 -13.27
CA PHE I 30 -1.21 16.87 -13.42
C PHE I 30 -1.48 15.49 -13.99
N ASN I 31 -2.74 15.06 -13.88
CA ASN I 31 -3.18 13.78 -14.44
C ASN I 31 -3.77 14.01 -15.82
N LEU I 32 -3.09 13.55 -16.86
CA LEU I 32 -3.50 13.88 -18.22
C LEU I 32 -4.85 13.26 -18.58
N TYR I 33 -5.30 12.28 -17.80
CA TYR I 33 -6.59 11.63 -18.06
C TYR I 33 -7.71 12.65 -18.12
N TYR I 34 -7.68 13.62 -17.22
CA TYR I 34 -8.75 14.60 -17.09
C TYR I 34 -8.60 15.77 -18.06
N TYR I 35 -7.55 15.75 -18.87
CA TYR I 35 -7.25 16.83 -19.80
C TYR I 35 -7.17 16.29 -21.21
N SER I 36 -6.98 17.20 -22.17
CA SER I 36 -6.71 16.82 -23.55
C SER I 36 -5.27 17.15 -23.88
N ILE I 37 -4.63 16.26 -24.63
CA ILE I 37 -3.25 16.41 -25.03
C ILE I 37 -3.21 16.55 -26.54
N HIS I 38 -2.38 17.47 -27.02
CA HIS I 38 -2.33 17.78 -28.44
C HIS I 38 -0.91 17.75 -28.94
N TRP I 39 -0.76 17.38 -30.20
CA TRP I 39 0.50 17.52 -30.89
C TRP I 39 0.35 18.64 -31.93
N VAL I 40 1.22 19.64 -31.82
CA VAL I 40 1.30 20.72 -32.79
C VAL I 40 2.71 20.74 -33.34
N ARG I 41 2.84 20.83 -34.66
CA ARG I 41 4.15 20.83 -35.30
C ARG I 41 4.40 22.16 -36.00
N GLN I 42 5.67 22.42 -36.32
CA GLN I 42 6.08 23.64 -36.96
C GLN I 42 7.20 23.36 -37.96
N ALA I 43 6.86 23.36 -39.24
CA ALA I 43 7.85 23.13 -40.28
C ALA I 43 8.86 24.29 -40.29
N PRO I 44 10.10 24.02 -40.74
CA PRO I 44 11.12 25.08 -40.78
C PRO I 44 10.65 26.31 -41.54
N GLY I 45 10.66 27.46 -40.87
CA GLY I 45 10.28 28.72 -41.49
C GLY I 45 8.79 28.86 -41.72
N LYS I 46 8.00 27.96 -41.13
CA LYS I 46 6.56 27.96 -41.28
C LYS I 46 5.85 28.21 -39.96
N GLY I 47 4.52 28.17 -39.98
CA GLY I 47 3.71 28.43 -38.80
C GLY I 47 3.28 27.16 -38.08
N LEU I 48 2.43 27.34 -37.08
CA LEU I 48 1.94 26.23 -36.28
C LEU I 48 0.90 25.42 -37.03
N GLU I 49 0.98 24.09 -36.89
CA GLU I 49 -0.02 23.20 -37.47
C GLU I 49 -0.39 22.09 -36.50
N TRP I 50 -1.62 22.13 -36.02
CA TRP I 50 -2.18 21.05 -35.24
C TRP I 50 -2.24 19.78 -36.06
N VAL I 51 -1.86 18.64 -35.45
CA VAL I 51 -1.89 17.37 -36.16
C VAL I 51 -2.75 16.32 -35.48
N ALA I 52 -2.81 16.34 -34.15
CA ALA I 52 -3.56 15.32 -33.41
C ALA I 52 -3.92 15.73 -31.99
N SER I 53 -5.03 15.16 -31.49
CA SER I 53 -5.48 15.36 -30.12
C SER I 53 -6.00 14.05 -29.51
N ILE I 54 -5.86 13.92 -28.19
CA ILE I 54 -6.47 12.81 -27.47
C ILE I 54 -7.08 13.31 -26.16
N SER I 55 -8.28 12.82 -25.87
CA SER I 55 -8.99 13.11 -24.62
C SER I 55 -9.40 11.79 -23.99
N PRO I 56 -8.56 11.25 -23.08
CA PRO I 56 -8.90 9.98 -22.43
C PRO I 56 -10.29 9.97 -21.81
N TYR I 57 -10.70 11.12 -21.26
CA TYR I 57 -11.97 11.21 -20.54
C TYR I 57 -13.20 11.05 -21.45
N SER I 58 -12.98 10.91 -22.74
CA SER I 58 -14.07 10.71 -23.70
C SER I 58 -13.72 9.64 -24.72
N SER I 59 -12.53 9.06 -24.60
CA SER I 59 -12.10 8.01 -25.51
C SER I 59 -12.04 8.49 -26.96
N SER I 60 -12.01 9.81 -27.15
CA SER I 60 -12.01 10.37 -28.50
C SER I 60 -10.61 10.83 -28.88
N THR I 61 -10.30 10.62 -30.16
CA THR I 61 -9.06 11.11 -30.75
C THR I 61 -9.42 11.86 -32.02
N SER I 62 -8.51 12.73 -32.47
CA SER I 62 -8.78 13.59 -33.61
C SER I 62 -7.49 13.86 -34.36
N TYR I 63 -7.56 13.86 -35.69
CA TYR I 63 -6.37 14.05 -36.53
C TYR I 63 -6.59 15.08 -37.62
N ALA I 64 -5.53 15.80 -37.96
CA ALA I 64 -5.53 16.66 -39.13
C ALA I 64 -5.50 15.79 -40.38
N ASP I 65 -6.21 16.23 -41.41
CA ASP I 65 -6.34 15.46 -42.64
C ASP I 65 -4.98 15.12 -43.25
N SER I 66 -4.03 16.04 -43.09
CA SER I 66 -2.71 15.87 -43.67
C SER I 66 -1.97 14.64 -43.12
N VAL I 67 -2.35 14.20 -41.91
CA VAL I 67 -1.70 13.06 -41.26
C VAL I 67 -2.66 11.90 -40.96
N LYS I 68 -3.97 12.14 -41.09
CA LYS I 68 -4.97 11.14 -40.75
C LYS I 68 -4.76 9.85 -41.54
N GLY I 69 -4.76 8.72 -40.83
CA GLY I 69 -4.55 7.42 -41.45
C GLY I 69 -3.09 7.00 -41.42
N ARG I 70 -2.20 7.99 -41.31
CA ARG I 70 -0.77 7.73 -41.24
C ARG I 70 -0.27 7.82 -39.80
N PHE I 71 -0.82 8.75 -39.05
CA PHE I 71 -0.43 8.97 -37.65
C PHE I 71 -1.45 8.35 -36.72
N THR I 72 -1.03 8.11 -35.47
CA THR I 72 -1.91 7.57 -34.45
C THR I 72 -1.51 8.13 -33.09
N ILE I 73 -2.44 8.79 -32.42
CA ILE I 73 -2.18 9.36 -31.11
C ILE I 73 -2.78 8.44 -30.04
N SER I 74 -2.04 8.25 -28.95
CA SER I 74 -2.51 7.42 -27.85
C SER I 74 -1.96 7.91 -26.52
N ALA I 75 -2.46 7.34 -25.44
CA ALA I 75 -2.03 7.75 -24.11
C ALA I 75 -2.00 6.56 -23.17
N ASP I 76 -0.92 6.45 -22.41
CA ASP I 76 -0.82 5.51 -21.31
C ASP I 76 -1.08 6.26 -20.01
N THR I 77 -2.30 6.17 -19.49
CA THR I 77 -2.71 6.94 -18.33
C THR I 77 -2.04 6.45 -17.04
N SER I 78 -1.49 5.24 -17.07
CA SER I 78 -0.76 4.73 -15.91
C SER I 78 0.66 5.30 -15.87
N LYS I 79 1.19 5.63 -17.05
CA LYS I 79 2.52 6.23 -17.14
C LYS I 79 2.45 7.76 -17.31
N ASN I 80 1.23 8.29 -17.28
CA ASN I 80 0.98 9.73 -17.45
C ASN I 80 1.67 10.28 -18.69
N THR I 81 1.69 9.45 -19.74
CA THR I 81 2.43 9.75 -20.96
C THR I 81 1.54 9.58 -22.19
N ALA I 82 1.66 10.53 -23.11
CA ALA I 82 1.00 10.46 -24.41
C ALA I 82 2.02 10.11 -25.48
N TYR I 83 1.54 9.59 -26.60
CA TYR I 83 2.40 9.14 -27.67
C TYR I 83 1.87 9.57 -29.03
N LEU I 84 2.77 9.63 -30.00
CA LEU I 84 2.38 9.89 -31.38
C LEU I 84 3.12 8.92 -32.28
N GLN I 85 2.40 7.94 -32.79
CA GLN I 85 2.96 6.98 -33.72
C GLN I 85 2.85 7.53 -35.14
N MET I 86 4.00 7.81 -35.74
CA MET I 86 4.05 8.38 -37.09
C MET I 86 4.49 7.32 -38.08
N ASN I 87 3.57 6.91 -38.95
CA ASN I 87 3.86 5.95 -40.01
C ASN I 87 3.79 6.60 -41.39
N SER I 88 4.39 5.96 -42.38
CA SER I 88 4.37 6.45 -43.75
C SER I 88 4.88 7.89 -43.83
N LEU I 89 5.96 8.19 -43.11
CA LEU I 89 6.49 9.55 -43.05
C LEU I 89 6.96 10.06 -44.40
N ARG I 90 6.85 11.37 -44.60
CA ARG I 90 7.27 12.04 -45.82
C ARG I 90 8.08 13.29 -45.52
N ALA I 91 8.68 13.88 -46.55
CA ALA I 91 9.52 15.07 -46.38
C ALA I 91 8.73 16.23 -45.75
N GLU I 92 7.45 16.33 -46.08
CA GLU I 92 6.59 17.39 -45.56
C GLU I 92 6.41 17.27 -44.04
N ASP I 93 6.52 16.05 -43.53
CA ASP I 93 6.33 15.81 -42.10
C ASP I 93 7.48 16.36 -41.27
N THR I 94 8.54 16.80 -41.94
CA THR I 94 9.67 17.41 -41.24
C THR I 94 9.21 18.65 -40.48
N ALA I 95 9.42 18.64 -39.17
CA ALA I 95 8.95 19.74 -38.32
C ALA I 95 9.46 19.57 -36.89
N VAL I 96 9.34 20.64 -36.10
CA VAL I 96 9.52 20.57 -34.66
C VAL I 96 8.17 20.22 -34.05
N TYR I 97 8.08 19.06 -33.39
CA TYR I 97 6.81 18.59 -32.86
C TYR I 97 6.65 18.92 -31.39
N TYR I 98 5.61 19.70 -31.07
CA TYR I 98 5.28 20.06 -29.70
C TYR I 98 4.14 19.20 -29.19
N CYS I 99 4.14 18.89 -27.89
CA CYS I 99 2.92 18.44 -27.24
C CYS I 99 2.45 19.56 -26.33
N ALA I 100 1.13 19.72 -26.27
CA ALA I 100 0.52 20.79 -25.49
C ALA I 100 -0.74 20.29 -24.79
N ARG I 101 -1.22 21.05 -23.82
CA ARG I 101 -2.34 20.62 -23.00
C ARG I 101 -3.56 21.50 -23.21
N GLY I 102 -4.73 20.87 -23.27
CA GLY I 102 -6.00 21.58 -23.30
C GLY I 102 -6.90 21.08 -22.18
N ARG I 103 -7.99 21.82 -21.95
CA ARG I 103 -8.95 21.51 -20.89
C ARG I 103 -10.29 21.09 -21.49
N TRP I 104 -11.07 20.30 -20.75
CA TRP I 104 -12.32 19.76 -21.27
C TRP I 104 -13.29 20.88 -21.64
N TYR I 105 -13.19 22.00 -20.93
CA TYR I 105 -14.04 23.15 -21.17
C TYR I 105 -13.34 24.23 -22.01
N ARG I 106 -12.05 24.03 -22.29
CA ARG I 106 -11.25 25.03 -23.03
C ARG I 106 -10.20 24.38 -23.93
N ARG I 107 -10.48 24.31 -25.23
CA ARG I 107 -9.55 23.70 -26.17
C ARG I 107 -8.52 24.72 -26.65
N ALA I 108 -7.99 25.50 -25.71
CA ALA I 108 -6.82 26.33 -25.96
C ALA I 108 -5.63 25.69 -25.25
N LEU I 109 -4.44 25.89 -25.80
CA LEU I 109 -3.26 25.17 -25.33
C LEU I 109 -2.46 26.01 -24.33
N ASP I 110 -2.54 25.63 -23.05
CA ASP I 110 -1.99 26.45 -21.98
C ASP I 110 -0.56 26.09 -21.58
N TYR I 111 -0.21 24.81 -21.67
CA TYR I 111 1.15 24.36 -21.36
C TYR I 111 1.72 23.61 -22.56
N TRP I 112 3.00 23.83 -22.81
CA TRP I 112 3.69 23.21 -23.95
C TRP I 112 5.01 22.59 -23.50
N GLY I 113 5.47 21.61 -24.26
CA GLY I 113 6.82 21.09 -24.08
C GLY I 113 7.81 21.95 -24.85
N GLN I 114 9.09 21.62 -24.72
CA GLN I 114 10.17 22.35 -25.39
C GLN I 114 10.24 22.05 -26.89
N GLY I 115 9.58 20.97 -27.30
CA GLY I 115 9.56 20.58 -28.71
C GLY I 115 10.65 19.59 -29.06
N THR I 116 10.34 18.69 -29.99
CA THR I 116 11.33 17.71 -30.45
C THR I 116 11.37 17.68 -31.97
N LEU I 117 12.59 17.65 -32.51
CA LEU I 117 12.80 17.78 -33.94
C LEU I 117 12.71 16.45 -34.69
N VAL I 118 11.77 16.38 -35.62
CA VAL I 118 11.64 15.23 -36.51
C VAL I 118 12.07 15.66 -37.90
N THR I 119 13.01 14.91 -38.49
CA THR I 119 13.49 15.19 -39.83
C THR I 119 13.33 13.95 -40.70
N VAL I 120 12.67 14.14 -41.85
CA VAL I 120 12.41 13.04 -42.76
C VAL I 120 13.07 13.28 -44.11
N SER I 121 14.07 12.47 -44.43
CA SER I 121 14.79 12.57 -45.70
C SER I 121 15.53 11.28 -45.98
N SER I 122 15.83 11.05 -47.25
CA SER I 122 16.59 9.87 -47.66
C SER I 122 18.08 10.06 -47.38
N ALA I 123 18.47 11.30 -47.10
CA ALA I 123 19.86 11.63 -46.83
C ALA I 123 20.35 10.97 -45.55
N SER I 124 21.64 10.66 -45.50
CA SER I 124 22.26 10.07 -44.32
C SER I 124 23.00 11.12 -43.48
N THR I 125 23.06 10.86 -42.18
CA THR I 125 23.82 11.67 -41.23
C THR I 125 25.26 11.82 -41.65
N LYS I 126 25.72 13.06 -41.67
CA LYS I 126 27.06 13.42 -42.10
C LYS I 126 27.43 14.68 -41.34
N GLY I 127 28.70 14.73 -40.94
CA GLY I 127 29.21 15.84 -40.16
C GLY I 127 29.70 16.91 -41.11
N PRO I 128 29.69 18.17 -40.66
CA PRO I 128 30.00 19.23 -41.61
C PRO I 128 31.49 19.31 -41.91
N SER I 129 31.82 19.91 -43.04
CA SER I 129 33.17 20.37 -43.29
C SER I 129 33.23 21.85 -42.96
N VAL I 130 34.32 22.26 -42.32
CA VAL I 130 34.48 23.64 -41.91
C VAL I 130 35.63 24.30 -42.66
N PHE I 131 35.30 25.35 -43.43
CA PHE I 131 36.31 26.05 -44.21
C PHE I 131 36.37 27.47 -43.64
N PRO I 132 37.56 28.06 -43.62
CA PRO I 132 37.72 29.40 -43.08
C PRO I 132 37.24 30.47 -44.06
N LEU I 133 36.60 31.50 -43.55
CA LEU I 133 36.34 32.69 -44.36
C LEU I 133 37.27 33.76 -43.83
N ALA I 134 38.50 33.75 -44.36
CA ALA I 134 39.57 34.52 -43.78
C ALA I 134 39.38 36.01 -44.02
N PRO I 135 39.76 36.86 -43.04
CA PRO I 135 39.65 38.31 -43.19
C PRO I 135 40.45 38.86 -44.37
N SER I 136 39.83 39.73 -45.17
CA SER I 136 40.45 40.23 -46.38
C SER I 136 41.68 41.08 -46.06
N ALA I 145 37.13 44.78 -39.48
CA ALA I 145 37.26 43.64 -40.38
C ALA I 145 36.24 42.55 -40.05
N ALA I 146 35.82 41.82 -41.08
CA ALA I 146 34.90 40.70 -40.91
C ALA I 146 35.61 39.39 -41.23
N LEU I 147 35.24 38.33 -40.52
CA LEU I 147 35.74 36.99 -40.79
C LEU I 147 34.71 35.97 -40.31
N GLY I 148 34.94 34.70 -40.58
CA GLY I 148 33.98 33.70 -40.17
C GLY I 148 34.32 32.27 -40.52
N CYS I 149 33.31 31.40 -40.41
CA CYS I 149 33.44 30.00 -40.77
C CYS I 149 32.26 29.51 -41.60
N LEU I 150 32.57 28.83 -42.69
CA LEU I 150 31.56 28.17 -43.51
C LEU I 150 31.38 26.74 -43.02
N VAL I 151 30.18 26.43 -42.51
CA VAL I 151 29.87 25.10 -42.02
C VAL I 151 29.02 24.39 -43.06
N LYS I 152 29.65 23.53 -43.84
CA LYS I 152 29.07 23.06 -45.09
C LYS I 152 28.78 21.57 -45.10
N ASP I 153 27.66 21.21 -45.73
CA ASP I 153 27.31 19.84 -46.05
C ASP I 153 27.19 18.92 -44.83
N TYR I 154 26.25 19.23 -43.94
CA TYR I 154 25.92 18.36 -42.82
C TYR I 154 24.45 17.97 -42.87
N PHE I 155 24.11 16.91 -42.15
CA PHE I 155 22.71 16.49 -42.04
C PHE I 155 22.52 15.60 -40.82
N PRO I 156 21.39 15.73 -40.10
CA PRO I 156 20.34 16.72 -40.22
C PRO I 156 20.60 17.91 -39.30
N GLU I 157 19.63 18.79 -39.18
CA GLU I 157 19.72 19.87 -38.21
C GLU I 157 19.71 19.30 -36.80
N PRO I 158 20.26 20.05 -35.82
CA PRO I 158 20.80 21.40 -35.92
C PRO I 158 22.31 21.45 -35.70
N VAL I 159 22.92 22.59 -36.01
CA VAL I 159 24.32 22.83 -35.67
C VAL I 159 24.38 24.02 -34.72
N THR I 160 25.26 23.92 -33.73
CA THR I 160 25.60 25.05 -32.87
C THR I 160 27.03 25.49 -33.15
N VAL I 161 27.27 26.80 -33.19
CA VAL I 161 28.62 27.33 -33.36
C VAL I 161 29.00 28.34 -32.28
N SER I 162 30.26 28.29 -31.86
CA SER I 162 30.82 29.22 -30.89
C SER I 162 32.07 29.86 -31.49
N TRP I 163 32.58 30.90 -30.82
CA TRP I 163 33.83 31.55 -31.19
C TRP I 163 34.74 31.68 -29.98
N ASN I 164 35.96 31.15 -30.06
CA ASN I 164 36.87 31.17 -28.90
C ASN I 164 36.22 30.53 -27.68
N SER I 165 35.50 29.44 -27.94
CA SER I 165 34.86 28.62 -26.91
C SER I 165 33.94 29.39 -25.99
N GLY I 166 33.34 30.46 -26.51
CA GLY I 166 32.39 31.25 -25.75
C GLY I 166 32.87 32.64 -25.43
N ALA I 167 34.17 32.88 -25.55
CA ALA I 167 34.75 34.16 -25.16
C ALA I 167 34.33 35.30 -26.09
N LEU I 168 34.26 35.02 -27.39
CA LEU I 168 33.88 36.03 -28.36
C LEU I 168 32.42 35.85 -28.79
N THR I 169 31.55 36.72 -28.29
CA THR I 169 30.11 36.63 -28.52
C THR I 169 29.59 37.89 -29.19
N SER I 170 30.21 39.02 -28.89
CA SER I 170 29.78 40.30 -29.42
C SER I 170 30.18 40.42 -30.88
N GLY I 171 29.22 40.81 -31.72
CA GLY I 171 29.46 41.03 -33.12
C GLY I 171 29.27 39.75 -33.93
N VAL I 172 28.88 38.68 -33.24
CA VAL I 172 28.71 37.38 -33.88
C VAL I 172 27.33 37.30 -34.52
N HIS I 173 27.30 36.94 -35.79
CA HIS I 173 26.05 36.67 -36.50
C HIS I 173 26.09 35.25 -37.06
N THR I 174 25.26 34.39 -36.49
CA THR I 174 25.09 33.02 -36.99
C THR I 174 23.83 32.88 -37.82
N PHE I 175 24.03 32.64 -39.12
CA PHE I 175 22.93 32.61 -40.07
C PHE I 175 22.14 31.30 -39.94
N PRO I 176 20.82 31.34 -40.18
CA PRO I 176 20.02 30.11 -40.28
C PRO I 176 20.54 29.19 -41.39
N ALA I 177 20.51 27.88 -41.16
CA ALA I 177 20.99 26.96 -42.19
C ALA I 177 20.14 27.07 -43.45
N VAL I 178 20.76 26.80 -44.60
CA VAL I 178 20.06 26.66 -45.86
C VAL I 178 20.20 25.24 -46.38
N LEU I 179 19.08 24.63 -46.77
CA LEU I 179 19.09 23.32 -47.41
C LEU I 179 19.54 23.40 -48.86
N GLN I 180 20.60 22.70 -49.23
CA GLN I 180 21.09 22.72 -50.60
C GLN I 180 20.40 21.65 -51.43
N SER I 181 20.60 21.71 -52.75
CA SER I 181 20.01 20.76 -53.67
C SER I 181 20.51 19.34 -53.39
N SER I 182 21.68 19.23 -52.79
CA SER I 182 22.27 17.95 -52.46
C SER I 182 21.47 17.21 -51.38
N GLY I 183 20.66 17.94 -50.63
CA GLY I 183 19.95 17.38 -49.48
C GLY I 183 20.64 17.66 -48.16
N LEU I 184 21.79 18.33 -48.23
CA LEU I 184 22.58 18.66 -47.06
C LEU I 184 22.37 20.13 -46.68
N TYR I 185 22.59 20.46 -45.42
CA TYR I 185 22.47 21.83 -44.96
C TYR I 185 23.81 22.55 -44.99
N SER I 186 23.76 23.87 -45.13
CA SER I 186 24.94 24.72 -45.03
C SER I 186 24.58 26.02 -44.34
N LEU I 187 25.51 26.56 -43.57
CA LEU I 187 25.37 27.90 -43.02
C LEU I 187 26.73 28.53 -42.84
N SER I 188 26.75 29.85 -42.67
CA SER I 188 27.96 30.56 -42.29
C SER I 188 27.75 31.26 -40.95
N SER I 189 28.82 31.33 -40.18
CA SER I 189 28.84 32.11 -38.94
C SER I 189 29.97 33.12 -39.03
N VAL I 190 29.65 34.40 -38.78
CA VAL I 190 30.63 35.46 -38.90
C VAL I 190 30.74 36.28 -37.63
N VAL I 191 31.84 37.03 -37.54
CA VAL I 191 32.04 37.98 -36.46
C VAL I 191 32.90 39.13 -36.99
N THR I 192 32.64 40.34 -36.53
CA THR I 192 33.50 41.47 -36.85
C THR I 192 34.38 41.91 -35.69
N VAL I 193 35.66 42.14 -35.97
CA VAL I 193 36.62 42.51 -34.95
C VAL I 193 37.55 43.58 -35.49
N PRO I 194 38.30 44.27 -34.61
CA PRO I 194 39.25 45.28 -35.09
C PRO I 194 40.31 44.68 -36.02
N SER I 195 40.64 45.36 -37.11
CA SER I 195 41.67 44.88 -38.02
C SER I 195 43.02 44.79 -37.30
N TYR I 203 41.61 33.78 -33.58
CA TYR I 203 40.17 33.51 -33.62
C TYR I 203 39.86 32.11 -34.14
N ILE I 204 39.19 31.32 -33.30
CA ILE I 204 38.81 29.94 -33.62
C ILE I 204 37.30 29.80 -33.45
N CYS I 205 36.66 29.23 -34.47
CA CYS I 205 35.23 28.89 -34.41
C CYS I 205 35.00 27.43 -34.00
N ASN I 206 34.04 27.24 -33.08
CA ASN I 206 33.68 25.93 -32.54
C ASN I 206 32.33 25.41 -32.97
N VAL I 207 32.33 24.38 -33.81
CA VAL I 207 31.11 23.83 -34.39
C VAL I 207 30.74 22.51 -33.72
N ASN I 208 29.48 22.36 -33.34
CA ASN I 208 29.02 21.13 -32.67
C ASN I 208 27.76 20.59 -33.33
N HIS I 209 27.91 19.42 -33.93
CA HIS I 209 26.81 18.66 -34.54
C HIS I 209 26.55 17.32 -33.82
N LYS I 210 25.69 17.32 -32.80
CA LYS I 210 25.47 16.11 -32.00
C LYS I 210 24.93 14.88 -32.73
N PRO I 211 23.96 15.04 -33.63
CA PRO I 211 23.42 13.83 -34.28
C PRO I 211 24.43 13.04 -35.12
N SER I 212 25.64 13.55 -35.27
CA SER I 212 26.74 12.78 -35.85
C SER I 212 27.90 12.63 -34.84
N ASN I 213 27.76 13.29 -33.69
CA ASN I 213 28.77 13.31 -32.63
C ASN I 213 30.11 13.85 -33.13
N THR I 214 30.04 14.88 -33.97
CA THR I 214 31.22 15.60 -34.46
C THR I 214 31.48 16.95 -33.79
N LYS I 215 32.74 17.18 -33.43
CA LYS I 215 33.18 18.48 -32.91
C LYS I 215 34.47 18.89 -33.63
N VAL I 216 34.39 20.00 -34.35
CA VAL I 216 35.52 20.54 -35.10
C VAL I 216 35.85 21.93 -34.58
N ASP I 217 37.14 22.17 -34.41
CA ASP I 217 37.67 23.51 -34.18
C ASP I 217 38.55 23.89 -35.35
N LYS I 218 38.36 25.11 -35.86
CA LYS I 218 39.01 25.52 -37.09
C LYS I 218 39.52 26.94 -36.90
N LYS I 219 40.84 27.11 -36.92
CA LYS I 219 41.43 28.44 -36.76
C LYS I 219 41.30 29.24 -38.05
N VAL I 220 41.00 30.53 -37.91
CA VAL I 220 40.82 31.44 -39.04
C VAL I 220 41.78 32.63 -38.96
N GLU I 221 42.76 32.66 -39.86
CA GLU I 221 43.75 33.74 -39.86
C GLU I 221 43.79 34.42 -41.24
N PRO I 222 44.45 35.60 -41.33
CA PRO I 222 44.56 36.29 -42.63
C PRO I 222 45.32 35.51 -43.70
N LYS I 223 45.39 36.05 -44.92
CA LYS I 223 46.09 35.37 -46.01
C LYS I 223 47.61 35.44 -45.96
N SER I 224 48.20 34.26 -46.10
CA SER I 224 49.63 34.06 -46.26
C SER I 224 50.11 34.37 -47.68
N CYS I 225 50.76 35.52 -47.88
CA CYS I 225 51.23 35.94 -49.21
C CYS I 225 52.57 36.65 -49.07
N ILE J 3 -12.94 27.17 -41.53
CA ILE J 3 -12.16 26.14 -42.21
C ILE J 3 -10.76 26.66 -42.52
N GLN J 4 -10.69 27.95 -42.85
CA GLN J 4 -9.40 28.61 -43.02
C GLN J 4 -9.34 30.01 -42.40
N MET J 5 -8.56 30.09 -41.32
CA MET J 5 -8.37 31.32 -40.56
C MET J 5 -7.37 32.22 -41.24
N THR J 6 -7.83 33.40 -41.66
CA THR J 6 -6.97 34.37 -42.33
C THR J 6 -6.46 35.41 -41.34
N GLN J 7 -5.16 35.34 -41.06
CA GLN J 7 -4.50 36.28 -40.15
C GLN J 7 -3.80 37.37 -40.93
N SER J 8 -4.09 38.62 -40.56
CA SER J 8 -3.48 39.76 -41.24
C SER J 8 -3.13 40.86 -40.24
N PRO J 9 -2.06 41.62 -40.51
CA PRO J 9 -1.11 41.45 -41.62
C PRO J 9 -0.13 40.31 -41.34
N SER J 10 0.59 39.86 -42.37
CA SER J 10 1.54 38.75 -42.21
C SER J 10 2.79 39.21 -41.45
N SER J 11 3.06 40.51 -41.54
CA SER J 11 4.15 41.10 -40.75
C SER J 11 3.83 42.58 -40.53
N LEU J 12 4.46 43.17 -39.51
CA LEU J 12 4.30 44.59 -39.26
C LEU J 12 5.46 45.16 -38.45
N SER J 13 5.94 46.32 -38.88
CA SER J 13 6.97 47.05 -38.17
C SER J 13 6.33 48.13 -37.30
N ALA J 14 6.86 48.30 -36.10
CA ALA J 14 6.37 49.31 -35.18
C ALA J 14 7.43 49.63 -34.16
N SER J 15 7.22 50.71 -33.40
CA SER J 15 8.18 51.15 -32.40
C SER J 15 7.64 50.93 -31.00
N VAL J 16 8.55 50.91 -30.03
CA VAL J 16 8.17 50.86 -28.62
C VAL J 16 7.21 52.00 -28.32
N GLY J 17 6.08 51.67 -27.69
CA GLY J 17 5.09 52.64 -27.30
C GLY J 17 3.91 52.73 -28.26
N ASP J 18 4.05 52.13 -29.44
CA ASP J 18 2.94 52.11 -30.41
C ASP J 18 1.83 51.14 -29.97
N ARG J 19 0.59 51.51 -30.30
CA ARG J 19 -0.54 50.60 -30.19
C ARG J 19 -0.68 49.83 -31.50
N VAL J 20 -0.73 48.51 -31.41
CA VAL J 20 -0.78 47.64 -32.58
C VAL J 20 -1.97 46.68 -32.48
N THR J 21 -2.55 46.33 -33.62
CA THR J 21 -3.71 45.46 -33.68
C THR J 21 -3.52 44.39 -34.75
N ILE J 22 -3.69 43.14 -34.35
CA ILE J 22 -3.61 42.00 -35.26
C ILE J 22 -4.99 41.41 -35.44
N THR J 23 -5.38 41.13 -36.68
CA THR J 23 -6.72 40.67 -37.00
C THR J 23 -6.73 39.25 -37.55
N CYS J 24 -7.71 38.47 -37.12
CA CYS J 24 -7.95 37.14 -37.66
C CYS J 24 -9.41 36.97 -38.05
N ARG J 25 -9.64 36.61 -39.30
CA ARG J 25 -10.97 36.44 -39.84
C ARG J 25 -11.32 34.97 -39.99
N ALA J 26 -12.39 34.55 -39.35
CA ALA J 26 -12.84 33.17 -39.42
C ALA J 26 -13.79 32.97 -40.60
N SER J 27 -13.61 31.87 -41.32
CA SER J 27 -14.45 31.55 -42.47
C SER J 27 -15.90 31.35 -42.05
N GLN J 28 -16.11 30.67 -40.93
CA GLN J 28 -17.46 30.48 -40.37
C GLN J 28 -17.54 30.97 -38.94
N SER J 29 -18.77 31.07 -38.44
CA SER J 29 -18.99 31.46 -37.05
C SER J 29 -18.46 30.38 -36.11
N VAL J 30 -17.49 30.77 -35.29
CA VAL J 30 -16.92 29.87 -34.29
C VAL J 30 -17.23 30.41 -32.90
N SER J 31 -18.30 31.21 -32.81
CA SER J 31 -18.64 31.94 -31.58
C SER J 31 -17.38 32.67 -31.07
N SER J 32 -17.09 32.54 -29.79
CA SER J 32 -15.96 33.26 -29.18
C SER J 32 -14.77 32.34 -28.93
N ALA J 33 -14.83 31.13 -29.48
CA ALA J 33 -13.78 30.14 -29.25
C ALA J 33 -12.56 30.43 -30.10
N VAL J 34 -11.85 31.51 -29.79
CA VAL J 34 -10.54 31.77 -30.39
C VAL J 34 -9.52 32.13 -29.32
N ALA J 35 -8.30 31.66 -29.52
CA ALA J 35 -7.21 31.96 -28.60
C ALA J 35 -6.07 32.65 -29.36
N TRP J 36 -5.20 33.35 -28.62
CA TRP J 36 -4.03 34.02 -29.21
C TRP J 36 -2.75 33.57 -28.52
N TYR J 37 -1.70 33.36 -29.32
CA TYR J 37 -0.41 32.92 -28.81
C TYR J 37 0.72 33.88 -29.18
N GLN J 38 1.79 33.82 -28.40
CA GLN J 38 3.05 34.53 -28.67
C GLN J 38 4.18 33.51 -28.80
N GLN J 39 4.90 33.55 -29.91
CA GLN J 39 6.05 32.67 -30.09
C GLN J 39 7.31 33.46 -30.41
N LYS J 40 8.32 33.27 -29.55
CA LYS J 40 9.64 33.84 -29.77
C LYS J 40 10.54 32.78 -30.40
N PRO J 41 11.58 33.22 -31.14
CA PRO J 41 12.43 32.29 -31.88
C PRO J 41 13.02 31.18 -31.01
N GLY J 42 12.81 29.94 -31.43
CA GLY J 42 13.38 28.78 -30.77
C GLY J 42 12.58 28.27 -29.59
N LYS J 43 11.50 28.96 -29.25
CA LYS J 43 10.72 28.64 -28.05
C LYS J 43 9.30 28.19 -28.40
N ALA J 44 8.67 27.52 -27.45
CA ALA J 44 7.29 27.08 -27.61
C ALA J 44 6.37 28.29 -27.52
N PRO J 45 5.23 28.26 -28.23
CA PRO J 45 4.26 29.35 -28.10
C PRO J 45 3.74 29.49 -26.68
N LYS J 46 3.35 30.70 -26.30
CA LYS J 46 2.75 30.98 -25.00
C LYS J 46 1.34 31.52 -25.18
N LEU J 47 0.44 31.05 -24.34
CA LEU J 47 -0.97 31.42 -24.41
C LEU J 47 -1.18 32.81 -23.81
N LEU J 48 -1.89 33.65 -24.54
CA LEU J 48 -2.13 35.04 -24.13
C LEU J 48 -3.59 35.29 -23.77
N ILE J 49 -4.46 34.89 -24.70
CA ILE J 49 -5.88 35.14 -24.58
C ILE J 49 -6.65 33.93 -25.07
N TYR J 50 -7.72 33.59 -24.35
CA TYR J 50 -8.63 32.53 -24.77
C TYR J 50 -10.03 33.12 -24.78
N SER J 51 -10.97 32.44 -25.42
CA SER J 51 -12.35 32.89 -25.47
C SER J 51 -12.45 34.32 -26.03
N ALA J 52 -11.56 34.62 -26.98
CA ALA J 52 -11.53 35.88 -27.72
C ALA J 52 -11.04 37.09 -26.92
N SER J 53 -11.49 37.22 -25.68
CA SER J 53 -11.28 38.44 -24.91
C SER J 53 -10.77 38.21 -23.49
N SER J 54 -10.73 36.95 -23.06
CA SER J 54 -10.34 36.65 -21.68
C SER J 54 -8.83 36.50 -21.56
N LEU J 55 -8.24 37.32 -20.67
CA LEU J 55 -6.80 37.36 -20.50
C LEU J 55 -6.29 36.20 -19.64
N TYR J 56 -5.34 35.45 -20.19
CA TYR J 56 -4.82 34.27 -19.48
C TYR J 56 -3.89 34.68 -18.33
N SER J 57 -3.87 33.83 -17.31
CA SER J 57 -3.13 34.11 -16.08
C SER J 57 -1.66 34.41 -16.34
N GLY J 58 -1.18 35.51 -15.77
CA GLY J 58 0.23 35.88 -15.89
C GLY J 58 0.54 36.79 -17.07
N VAL J 59 -0.45 37.05 -17.91
CA VAL J 59 -0.25 37.87 -19.10
C VAL J 59 -0.48 39.35 -18.79
N PRO J 60 0.48 40.23 -19.16
CA PRO J 60 0.32 41.64 -18.82
C PRO J 60 -0.93 42.28 -19.44
N SER J 61 -1.44 43.32 -18.79
CA SER J 61 -2.73 43.90 -19.11
C SER J 61 -2.73 44.70 -20.41
N ARG J 62 -1.54 44.93 -20.99
CA ARG J 62 -1.46 45.67 -22.24
C ARG J 62 -1.97 44.81 -23.41
N PHE J 63 -2.09 43.51 -23.17
CA PHE J 63 -2.66 42.59 -24.16
C PHE J 63 -4.18 42.55 -24.03
N SER J 64 -4.85 42.61 -25.18
CA SER J 64 -6.30 42.68 -25.22
C SER J 64 -6.84 41.97 -26.44
N GLY J 65 -8.03 41.40 -26.33
CA GLY J 65 -8.69 40.75 -27.43
C GLY J 65 -10.14 41.14 -27.52
N SER J 66 -10.66 41.25 -28.74
CA SER J 66 -12.08 41.53 -28.94
C SER J 66 -12.63 40.74 -30.12
N ARG J 67 -13.95 40.55 -30.11
CA ARG J 67 -14.65 39.82 -31.14
C ARG J 67 -15.72 40.69 -31.77
N SER J 68 -15.76 40.68 -33.10
CA SER J 68 -16.84 41.34 -33.83
C SER J 68 -17.32 40.39 -34.93
N GLY J 69 -18.27 39.53 -34.58
CA GLY J 69 -18.76 38.51 -35.49
C GLY J 69 -17.72 37.43 -35.72
N THR J 70 -17.29 37.28 -36.97
CA THR J 70 -16.23 36.33 -37.32
C THR J 70 -14.87 37.03 -37.37
N ASP J 71 -14.84 38.28 -36.93
CA ASP J 71 -13.60 39.05 -36.88
C ASP J 71 -13.08 39.10 -35.45
N PHE J 72 -11.83 38.68 -35.29
CA PHE J 72 -11.17 38.66 -33.99
C PHE J 72 -9.91 39.53 -34.04
N THR J 73 -9.67 40.24 -32.94
CA THR J 73 -8.56 41.19 -32.86
C THR J 73 -7.70 40.91 -31.63
N LEU J 74 -6.39 41.08 -31.81
CA LEU J 74 -5.44 41.10 -30.70
C LEU J 74 -4.78 42.48 -30.67
N THR J 75 -4.93 43.20 -29.56
CA THR J 75 -4.39 44.54 -29.43
C THR J 75 -3.33 44.60 -28.32
N ILE J 76 -2.16 45.11 -28.69
CA ILE J 76 -1.14 45.47 -27.72
C ILE J 76 -1.13 46.99 -27.60
N SER J 77 -1.60 47.50 -26.46
CA SER J 77 -1.85 48.93 -26.32
C SER J 77 -0.59 49.78 -26.31
N SER J 78 0.53 49.19 -25.92
CA SER J 78 1.77 49.94 -25.85
C SER J 78 2.98 49.02 -25.88
N LEU J 79 3.53 48.81 -27.07
CA LEU J 79 4.57 47.81 -27.29
C LEU J 79 5.77 48.02 -26.39
N GLN J 80 6.17 46.93 -25.74
CA GLN J 80 7.41 46.89 -24.96
C GLN J 80 8.45 46.17 -25.81
N PRO J 81 9.74 46.29 -25.44
CA PRO J 81 10.81 45.61 -26.18
C PRO J 81 10.60 44.10 -26.28
N GLU J 82 10.00 43.50 -25.25
CA GLU J 82 9.85 42.05 -25.21
C GLU J 82 8.62 41.59 -25.98
N ASP J 83 7.73 42.52 -26.32
CA ASP J 83 6.50 42.18 -27.02
C ASP J 83 6.75 41.86 -28.50
N PHE J 84 7.98 42.01 -28.95
CA PHE J 84 8.28 41.78 -30.36
C PHE J 84 8.55 40.31 -30.62
N ALA J 85 7.70 39.72 -31.45
CA ALA J 85 7.71 38.29 -31.70
C ALA J 85 6.73 37.95 -32.82
N THR J 86 6.44 36.67 -32.98
CA THR J 86 5.38 36.23 -33.89
C THR J 86 4.14 35.89 -33.07
N TYR J 87 2.96 36.18 -33.62
CA TYR J 87 1.70 35.93 -32.94
C TYR J 87 0.76 35.12 -33.81
N TYR J 88 0.04 34.21 -33.17
CA TYR J 88 -0.89 33.31 -33.85
C TYR J 88 -2.26 33.35 -33.20
N CYS J 89 -3.31 33.45 -34.02
CA CYS J 89 -4.65 33.19 -33.52
C CYS J 89 -4.93 31.70 -33.71
N GLN J 90 -6.00 31.23 -33.07
CA GLN J 90 -6.36 29.82 -33.09
C GLN J 90 -7.84 29.72 -32.80
N GLN J 91 -8.56 28.96 -33.62
CA GLN J 91 -9.98 28.72 -33.40
C GLN J 91 -10.17 27.30 -32.89
N TYR J 92 -11.16 27.13 -32.02
CA TYR J 92 -11.51 25.82 -31.48
C TYR J 92 -13.03 25.72 -31.30
N PRO J 93 -13.77 25.71 -32.42
CA PRO J 93 -15.24 25.74 -32.38
C PRO J 93 -15.85 24.57 -31.61
N TYR J 94 -16.92 24.85 -30.88
CA TYR J 94 -17.58 23.85 -30.04
C TYR J 94 -18.13 22.67 -30.85
N TYR J 95 -18.60 22.95 -32.06
CA TYR J 95 -19.23 21.93 -32.91
C TYR J 95 -18.21 21.05 -33.63
N SER J 96 -16.93 21.26 -33.36
CA SER J 96 -15.85 20.54 -34.03
C SER J 96 -14.74 20.18 -33.05
N SER J 97 -13.90 19.23 -33.44
CA SER J 97 -12.75 18.83 -32.63
C SER J 97 -11.45 19.24 -33.32
N LEU J 98 -11.57 20.13 -34.31
CA LEU J 98 -10.41 20.60 -35.05
C LEU J 98 -9.79 21.82 -34.40
N ILE J 99 -8.48 21.92 -34.53
CA ILE J 99 -7.73 23.07 -34.05
C ILE J 99 -7.05 23.69 -35.26
N THR J 100 -7.32 24.98 -35.48
CA THR J 100 -6.86 25.64 -36.69
C THR J 100 -6.19 26.96 -36.36
N PHE J 101 -4.94 27.10 -36.77
CA PHE J 101 -4.15 28.29 -36.52
C PHE J 101 -4.18 29.25 -37.70
N GLY J 102 -3.90 30.52 -37.43
CA GLY J 102 -3.68 31.49 -38.49
C GLY J 102 -2.26 31.34 -39.00
N GLN J 103 -1.94 32.03 -40.08
CA GLN J 103 -0.62 31.94 -40.70
C GLN J 103 0.46 32.62 -39.87
N GLY J 104 0.05 33.51 -38.97
CA GLY J 104 0.98 34.20 -38.08
C GLY J 104 1.27 35.64 -38.48
N THR J 105 1.62 36.46 -37.48
CA THR J 105 2.06 37.82 -37.70
C THR J 105 3.39 38.07 -36.98
N LYS J 106 4.41 38.45 -37.74
CA LYS J 106 5.71 38.76 -37.15
C LYS J 106 5.80 40.25 -36.84
N VAL J 107 5.70 40.59 -35.56
CA VAL J 107 5.86 41.97 -35.10
C VAL J 107 7.35 42.24 -34.88
N GLU J 108 7.89 43.21 -35.62
CA GLU J 108 9.31 43.55 -35.54
C GLU J 108 9.51 45.02 -35.17
N ILE J 109 10.72 45.35 -34.71
CA ILE J 109 11.02 46.69 -34.22
C ILE J 109 11.35 47.63 -35.38
N LYS J 110 10.80 48.83 -35.33
CA LYS J 110 11.10 49.86 -36.30
C LYS J 110 12.25 50.72 -35.81
N ARG J 111 13.12 51.15 -36.74
CA ARG J 111 14.25 52.00 -36.40
C ARG J 111 14.64 52.88 -37.58
N THR J 112 15.80 53.51 -37.51
CA THR J 112 16.25 54.38 -38.60
C THR J 112 16.97 53.59 -39.67
N VAL J 113 17.04 54.17 -40.87
CA VAL J 113 17.73 53.56 -42.00
C VAL J 113 19.22 53.32 -41.68
N ALA J 114 19.71 52.14 -42.05
CA ALA J 114 21.12 51.81 -41.83
C ALA J 114 21.65 51.06 -43.04
N ALA J 115 22.67 51.63 -43.68
CA ALA J 115 23.29 51.01 -44.84
C ALA J 115 23.99 49.73 -44.43
N PRO J 116 23.98 48.71 -45.31
CA PRO J 116 24.78 47.54 -44.99
C PRO J 116 26.26 47.80 -45.21
N SER J 117 27.11 47.35 -44.29
CA SER J 117 28.52 47.22 -44.59
C SER J 117 28.68 45.90 -45.31
N VAL J 118 29.38 45.92 -46.44
CA VAL J 118 29.44 44.76 -47.31
C VAL J 118 30.85 44.16 -47.32
N PHE J 119 30.91 42.83 -47.26
CA PHE J 119 32.15 42.09 -47.31
C PHE J 119 32.02 40.90 -48.25
N ILE J 120 33.12 40.58 -48.92
CA ILE J 120 33.17 39.42 -49.81
C ILE J 120 34.27 38.48 -49.36
N PHE J 121 34.01 37.18 -49.50
CA PHE J 121 34.95 36.15 -49.08
C PHE J 121 35.17 35.15 -50.21
N PRO J 122 36.37 35.13 -50.78
CA PRO J 122 36.62 34.10 -51.81
C PRO J 122 36.62 32.70 -51.22
N PRO J 123 36.49 31.67 -52.06
CA PRO J 123 36.62 30.30 -51.54
C PRO J 123 38.00 30.09 -50.94
N SER J 124 38.05 29.41 -49.80
CA SER J 124 39.31 29.14 -49.14
C SER J 124 40.12 28.10 -49.91
N ASP J 125 41.42 28.12 -49.69
CA ASP J 125 42.32 27.13 -50.27
C ASP J 125 41.96 25.72 -49.78
N SER J 126 41.45 25.64 -48.56
CA SER J 126 41.08 24.35 -47.96
C SER J 126 39.95 23.73 -48.77
N GLN J 127 38.96 24.55 -49.11
CA GLN J 127 37.81 24.11 -49.89
C GLN J 127 38.17 23.74 -51.34
N LEU J 128 39.05 24.50 -51.99
CA LEU J 128 39.39 24.23 -53.38
C LEU J 128 40.07 22.87 -53.51
N LYS J 129 40.91 22.53 -52.54
CA LYS J 129 41.52 21.21 -52.50
C LYS J 129 40.46 20.10 -52.41
N SER J 130 39.34 20.40 -51.76
CA SER J 130 38.23 19.45 -51.68
C SER J 130 37.50 19.26 -53.01
N GLY J 131 37.67 20.20 -53.94
CA GLY J 131 37.11 20.04 -55.29
C GLY J 131 35.86 20.85 -55.56
N THR J 132 35.54 21.79 -54.67
CA THR J 132 34.43 22.72 -54.91
C THR J 132 34.78 24.14 -54.51
N ALA J 133 33.88 25.06 -54.86
CA ALA J 133 34.12 26.49 -54.66
C ALA J 133 32.87 27.22 -54.17
N SER J 134 32.94 27.75 -52.96
CA SER J 134 31.87 28.59 -52.42
C SER J 134 32.45 29.98 -52.17
N VAL J 135 31.76 30.98 -52.69
CA VAL J 135 32.09 32.39 -52.44
C VAL J 135 30.91 33.06 -51.76
N VAL J 136 31.18 33.79 -50.68
CA VAL J 136 30.12 34.36 -49.86
C VAL J 136 30.21 35.88 -49.82
N CYS J 137 29.05 36.51 -50.02
CA CYS J 137 28.89 37.95 -49.90
C CYS J 137 28.21 38.20 -48.57
N LEU J 138 28.82 39.04 -47.72
CA LEU J 138 28.26 39.36 -46.41
C LEU J 138 27.73 40.78 -46.36
N LEU J 139 26.45 40.90 -46.05
CA LEU J 139 25.80 42.17 -45.77
C LEU J 139 25.56 42.30 -44.26
N ASN J 140 26.27 43.21 -43.61
CA ASN J 140 26.25 43.32 -42.16
C ASN J 140 25.47 44.51 -41.61
N ASN J 141 24.57 44.20 -40.68
CA ASN J 141 23.89 45.21 -39.85
C ASN J 141 23.18 46.31 -40.64
N PHE J 142 22.11 45.95 -41.35
CA PHE J 142 21.37 46.92 -42.15
C PHE J 142 19.90 46.94 -41.78
N TYR J 143 19.22 47.99 -42.23
CA TYR J 143 17.79 48.15 -42.02
C TYR J 143 17.22 49.15 -43.03
N PRO J 144 16.03 48.87 -43.57
CA PRO J 144 15.13 47.74 -43.35
C PRO J 144 15.65 46.43 -43.94
N ARG J 145 14.87 45.37 -43.77
CA ARG J 145 15.27 44.02 -44.15
C ARG J 145 15.41 43.87 -45.67
N GLU J 146 14.62 44.62 -46.42
CA GLU J 146 14.59 44.43 -47.88
C GLU J 146 15.92 44.78 -48.54
N ALA J 147 16.47 43.83 -49.29
CA ALA J 147 17.70 44.04 -50.03
C ALA J 147 17.74 43.07 -51.22
N LYS J 148 18.50 43.44 -52.25
CA LYS J 148 18.74 42.57 -53.40
C LYS J 148 20.22 42.33 -53.66
N VAL J 149 20.64 41.06 -53.74
CA VAL J 149 22.02 40.74 -54.07
C VAL J 149 22.10 39.96 -55.39
N GLN J 150 22.94 40.47 -56.31
CA GLN J 150 23.18 39.83 -57.60
C GLN J 150 24.67 39.59 -57.79
N TRP J 151 25.02 38.43 -58.34
CA TRP J 151 26.41 38.07 -58.61
C TRP J 151 26.82 38.37 -60.05
N LYS J 152 28.00 38.96 -60.23
CA LYS J 152 28.53 39.21 -61.58
C LYS J 152 29.90 38.55 -61.75
N VAL J 153 29.95 37.56 -62.63
CA VAL J 153 31.19 36.88 -62.99
C VAL J 153 31.65 37.28 -64.38
N ASP J 154 32.80 37.96 -64.49
CA ASP J 154 33.25 38.52 -65.76
C ASP J 154 32.15 39.37 -66.41
N ASN J 155 31.42 40.12 -65.58
CA ASN J 155 30.35 41.01 -66.02
C ASN J 155 29.14 40.24 -66.54
N ALA J 156 29.01 38.98 -66.13
CA ALA J 156 27.84 38.15 -66.46
C ALA J 156 26.96 37.84 -65.25
N LEU J 157 25.67 38.10 -65.37
CA LEU J 157 24.72 37.90 -64.28
C LEU J 157 24.47 36.42 -64.01
N GLN J 158 24.44 36.03 -62.74
CA GLN J 158 24.28 34.63 -62.35
C GLN J 158 22.86 34.37 -61.87
N SER J 159 22.36 33.16 -62.13
CA SER J 159 21.01 32.79 -61.73
C SER J 159 20.90 31.31 -61.39
N GLY J 160 20.38 31.02 -60.20
CA GLY J 160 20.07 29.67 -59.80
C GLY J 160 21.23 28.96 -59.12
N ASN J 161 22.36 29.65 -58.99
CA ASN J 161 23.54 29.09 -58.35
C ASN J 161 23.98 29.87 -57.12
N SER J 162 23.03 30.54 -56.48
CA SER J 162 23.30 31.31 -55.27
C SER J 162 22.22 31.01 -54.25
N GLN J 163 22.55 31.15 -52.97
CA GLN J 163 21.56 30.99 -51.91
C GLN J 163 21.80 32.09 -50.88
N GLU J 164 20.71 32.65 -50.37
CA GLU J 164 20.79 33.70 -49.36
C GLU J 164 20.30 33.22 -48.00
N SER J 165 20.88 33.78 -46.96
CA SER J 165 20.42 33.56 -45.60
C SER J 165 20.42 34.88 -44.83
N VAL J 166 19.39 35.11 -44.02
CA VAL J 166 19.26 36.35 -43.25
C VAL J 166 18.99 36.01 -41.78
N THR J 167 19.64 36.77 -40.90
CA THR J 167 19.44 36.60 -39.46
C THR J 167 18.14 37.23 -38.99
N GLU J 168 17.79 36.94 -37.73
CA GLU J 168 16.69 37.65 -37.09
C GLU J 168 17.20 38.99 -36.62
N GLN J 169 16.27 39.88 -36.35
CA GLN J 169 16.63 41.22 -35.92
C GLN J 169 17.51 41.11 -34.66
N ASP J 170 18.64 41.82 -34.68
CA ASP J 170 19.57 41.90 -33.55
C ASP J 170 18.83 42.52 -32.38
N SER J 171 18.94 41.97 -31.17
CA SER J 171 18.11 42.56 -30.15
C SER J 171 18.53 43.98 -29.77
N LYS J 172 19.80 44.34 -29.93
CA LYS J 172 20.18 45.72 -29.56
C LYS J 172 20.13 46.63 -30.80
N ASP J 173 20.79 46.20 -31.89
CA ASP J 173 20.91 47.07 -33.07
C ASP J 173 19.66 47.07 -33.90
N SER J 174 18.84 46.06 -33.67
CA SER J 174 17.53 45.94 -34.27
C SER J 174 17.72 45.95 -35.79
N THR J 175 18.92 45.57 -36.23
CA THR J 175 19.27 45.41 -37.64
C THR J 175 19.23 43.95 -38.08
N TYR J 176 19.28 43.76 -39.39
CA TYR J 176 19.41 42.44 -39.98
C TYR J 176 20.84 42.27 -40.54
N SER J 177 21.27 41.02 -40.70
CA SER J 177 22.46 40.72 -41.50
C SER J 177 22.12 39.63 -42.51
N LEU J 178 22.87 39.56 -43.60
CA LEU J 178 22.56 38.64 -44.68
C LEU J 178 23.82 38.12 -45.36
N SER J 179 23.81 36.84 -45.69
CA SER J 179 24.85 36.23 -46.49
C SER J 179 24.26 35.73 -47.79
N SER J 180 24.94 35.95 -48.91
CA SER J 180 24.62 35.29 -50.17
C SER J 180 25.82 34.45 -50.58
N THR J 181 25.57 33.20 -50.94
CA THR J 181 26.64 32.27 -51.25
C THR J 181 26.47 31.69 -52.65
N LEU J 182 27.41 32.01 -53.54
CA LEU J 182 27.42 31.48 -54.89
C LEU J 182 28.24 30.20 -54.90
N THR J 183 27.62 29.09 -55.29
CA THR J 183 28.29 27.79 -55.28
C THR J 183 28.58 27.33 -56.71
N LEU J 184 29.86 27.12 -56.99
CA LEU J 184 30.33 26.58 -58.27
C LEU J 184 31.32 25.44 -58.07
N SER J 185 31.50 24.64 -59.11
CA SER J 185 32.59 23.65 -59.14
C SER J 185 33.93 24.35 -59.32
N LYS J 186 35.01 23.69 -58.89
CA LYS J 186 36.35 24.25 -58.99
C LYS J 186 36.76 24.53 -60.43
N ALA J 187 36.38 23.65 -61.35
CA ALA J 187 36.66 23.86 -62.76
C ALA J 187 36.01 25.14 -63.27
N ASP J 188 34.73 25.31 -62.99
CA ASP J 188 34.00 26.50 -63.39
C ASP J 188 34.57 27.75 -62.72
N TYR J 189 34.96 27.60 -61.45
CA TYR J 189 35.55 28.71 -60.71
C TYR J 189 36.81 29.25 -61.37
N GLU J 190 37.59 28.35 -61.96
CA GLU J 190 38.88 28.70 -62.55
C GLU J 190 38.74 29.12 -64.02
N LYS J 191 37.51 29.13 -64.52
CA LYS J 191 37.25 29.56 -65.89
C LYS J 191 36.98 31.05 -65.99
N HIS J 192 37.05 31.74 -64.86
CA HIS J 192 36.73 33.17 -64.82
C HIS J 192 37.68 33.87 -63.85
N LYS J 193 37.78 35.19 -63.99
CA LYS J 193 38.72 35.97 -63.19
C LYS J 193 38.02 36.83 -62.13
N VAL J 194 37.09 37.69 -62.56
CA VAL J 194 36.51 38.69 -61.67
C VAL J 194 35.18 38.20 -61.10
N TYR J 195 35.10 38.11 -59.78
CA TYR J 195 33.87 37.77 -59.06
C TYR J 195 33.40 38.93 -58.20
N ALA J 196 32.17 39.38 -58.44
CA ALA J 196 31.59 40.50 -57.70
C ALA J 196 30.13 40.23 -57.34
N CYS J 197 29.77 40.62 -56.12
CA CYS J 197 28.39 40.67 -55.66
C CYS J 197 27.93 42.12 -55.56
N GLU J 198 26.83 42.44 -56.24
CA GLU J 198 26.26 43.79 -56.20
C GLU J 198 25.08 43.86 -55.26
N VAL J 199 25.12 44.85 -54.37
CA VAL J 199 24.18 44.97 -53.28
C VAL J 199 23.33 46.22 -53.47
N THR J 200 22.02 46.02 -53.57
CA THR J 200 21.10 47.15 -53.68
C THR J 200 20.31 47.27 -52.39
N HIS J 201 20.29 48.47 -51.83
CA HIS J 201 19.59 48.74 -50.59
C HIS J 201 19.21 50.21 -50.53
N GLN J 202 18.09 50.50 -49.86
CA GLN J 202 17.55 51.84 -49.81
C GLN J 202 18.47 52.79 -49.06
N GLY J 203 19.30 52.24 -48.17
CA GLY J 203 20.29 52.99 -47.44
C GLY J 203 21.51 53.40 -48.25
N LEU J 204 21.54 53.02 -49.52
CA LEU J 204 22.67 53.34 -50.40
C LEU J 204 22.21 54.21 -51.56
N SER J 205 22.92 55.31 -51.77
CA SER J 205 22.65 56.24 -52.86
C SER J 205 22.74 55.53 -54.20
N SER J 206 23.84 54.81 -54.38
CA SER J 206 24.07 53.98 -55.56
C SER J 206 24.54 52.61 -55.10
N PRO J 207 24.33 51.57 -55.93
CA PRO J 207 24.73 50.24 -55.48
C PRO J 207 26.23 50.17 -55.18
N VAL J 208 26.57 49.46 -54.11
CA VAL J 208 27.97 49.24 -53.75
C VAL J 208 28.36 47.88 -54.33
N THR J 209 29.61 47.77 -54.78
CA THR J 209 30.13 46.52 -55.33
C THR J 209 31.46 46.14 -54.71
N LYS J 210 31.54 44.93 -54.17
CA LYS J 210 32.82 44.36 -53.74
C LYS J 210 33.23 43.22 -54.65
N SER J 211 34.52 43.19 -54.99
CA SER J 211 35.04 42.26 -56.00
C SER J 211 36.42 41.78 -55.60
N PHE J 212 36.94 40.81 -56.35
CA PHE J 212 38.31 40.33 -56.17
C PHE J 212 38.71 39.60 -57.44
N ASN J 213 40.00 39.59 -57.77
CA ASN J 213 40.48 38.78 -58.87
C ASN J 213 40.94 37.42 -58.34
N ARG J 214 40.61 36.35 -59.06
CA ARG J 214 40.92 35.00 -58.63
C ARG J 214 42.42 34.70 -58.42
N GLY J 215 42.83 34.40 -57.19
CA GLY J 215 44.18 33.95 -56.90
C GLY J 215 45.25 35.04 -57.05
N GLU J 216 44.80 36.26 -56.82
CA GLU J 216 45.59 37.49 -56.85
C GLU J 216 45.94 37.96 -55.41
N CYS J 217 45.49 37.20 -54.41
CA CYS J 217 45.66 37.53 -52.98
C CYS J 217 44.96 38.81 -52.57
N GLU K 4 -56.63 14.32 10.93
CA GLU K 4 -57.23 13.13 11.51
C GLU K 4 -57.53 12.10 10.42
N VAL K 5 -57.16 10.85 10.66
CA VAL K 5 -57.28 9.80 9.65
C VAL K 5 -58.29 8.74 10.04
N GLN K 6 -58.92 8.15 9.03
CA GLN K 6 -59.88 7.08 9.25
C GLN K 6 -60.06 6.22 8.01
N LEU K 7 -60.57 5.01 8.22
CA LEU K 7 -60.92 4.11 7.14
C LEU K 7 -62.40 3.74 7.26
N VAL K 8 -63.09 3.70 6.14
CA VAL K 8 -64.51 3.37 6.12
C VAL K 8 -64.79 2.27 5.11
N GLU K 9 -65.26 1.13 5.59
CA GLU K 9 -65.68 0.03 4.72
C GLU K 9 -67.11 0.23 4.24
N SER K 10 -67.37 -0.27 3.04
CA SER K 10 -68.73 -0.31 2.51
C SER K 10 -68.80 -1.41 1.46
N GLY K 11 -70.02 -1.86 1.15
CA GLY K 11 -70.23 -2.87 0.14
C GLY K 11 -70.54 -4.24 0.71
N GLY K 12 -70.72 -4.35 2.02
CA GLY K 12 -71.05 -5.62 2.63
C GLY K 12 -72.52 -5.98 2.48
N GLY K 13 -72.82 -7.27 2.56
CA GLY K 13 -74.20 -7.73 2.52
C GLY K 13 -74.31 -9.20 2.18
N LEU K 14 -75.51 -9.60 1.77
CA LEU K 14 -75.79 -11.00 1.42
C LEU K 14 -75.32 -11.31 0.01
N VAL K 15 -74.59 -12.42 -0.13
CA VAL K 15 -74.18 -12.92 -1.44
C VAL K 15 -74.39 -14.42 -1.45
N GLN K 16 -74.70 -14.97 -2.62
CA GLN K 16 -74.91 -16.40 -2.73
C GLN K 16 -73.61 -17.09 -3.12
N PRO K 17 -73.39 -18.33 -2.65
CA PRO K 17 -72.17 -19.04 -3.01
C PRO K 17 -71.96 -19.12 -4.51
N GLY K 18 -70.72 -18.97 -4.95
CA GLY K 18 -70.41 -18.87 -6.36
C GLY K 18 -70.53 -17.44 -6.86
N GLY K 19 -71.05 -16.55 -6.02
CA GLY K 19 -71.28 -15.17 -6.40
C GLY K 19 -70.10 -14.24 -6.12
N SER K 20 -70.20 -13.03 -6.69
CA SER K 20 -69.16 -12.01 -6.53
C SER K 20 -69.62 -10.89 -5.60
N LEU K 21 -68.66 -10.35 -4.85
CA LEU K 21 -68.92 -9.17 -4.03
C LEU K 21 -67.69 -8.27 -4.05
N ARG K 22 -67.93 -6.97 -4.08
CA ARG K 22 -66.86 -5.97 -4.11
C ARG K 22 -66.94 -5.06 -2.89
N LEU K 23 -65.89 -5.08 -2.09
CA LEU K 23 -65.79 -4.21 -0.93
C LEU K 23 -64.91 -3.04 -1.28
N SER K 24 -65.15 -1.91 -0.62
CA SER K 24 -64.32 -0.73 -0.79
C SER K 24 -63.88 -0.19 0.56
N CYS K 25 -62.72 0.43 0.58
CA CYS K 25 -62.16 1.04 1.77
C CYS K 25 -61.79 2.48 1.45
N ALA K 26 -62.62 3.41 1.90
CA ALA K 26 -62.41 4.83 1.65
C ALA K 26 -61.50 5.41 2.73
N ALA K 27 -60.40 6.03 2.29
CA ALA K 27 -59.40 6.58 3.20
C ALA K 27 -59.46 8.10 3.21
N SER K 28 -59.32 8.66 4.40
CA SER K 28 -59.25 10.11 4.57
C SER K 28 -58.22 10.46 5.63
N GLY K 29 -57.68 11.67 5.55
CA GLY K 29 -56.69 12.12 6.51
C GLY K 29 -55.27 11.75 6.09
N PHE K 30 -55.16 10.96 5.03
CA PHE K 30 -53.86 10.57 4.52
C PHE K 30 -53.97 10.15 3.06
N ASN K 31 -52.85 10.20 2.36
CA ASN K 31 -52.77 9.80 0.96
C ASN K 31 -52.34 8.35 0.89
N LEU K 32 -53.26 7.47 0.54
CA LEU K 32 -53.02 6.03 0.64
C LEU K 32 -51.99 5.57 -0.39
N TYR K 33 -51.62 6.43 -1.33
CA TYR K 33 -50.56 6.08 -2.27
C TYR K 33 -49.26 5.73 -1.56
N TYR K 34 -49.01 6.39 -0.43
CA TYR K 34 -47.76 6.25 0.30
C TYR K 34 -47.79 5.18 1.39
N TYR K 35 -48.96 4.60 1.62
CA TYR K 35 -49.15 3.62 2.68
C TYR K 35 -49.54 2.28 2.09
N SER K 36 -49.71 1.26 2.93
CA SER K 36 -50.23 -0.02 2.46
C SER K 36 -51.62 -0.26 3.07
N ILE K 37 -52.53 -0.80 2.26
CA ILE K 37 -53.88 -1.15 2.72
C ILE K 37 -53.96 -2.67 2.83
N HIS K 38 -54.69 -3.15 3.83
CA HIS K 38 -54.83 -4.59 4.07
C HIS K 38 -56.25 -4.94 4.44
N TRP K 39 -56.72 -6.08 3.97
CA TRP K 39 -58.02 -6.61 4.37
C TRP K 39 -57.85 -7.78 5.33
N VAL K 40 -58.49 -7.67 6.50
CA VAL K 40 -58.47 -8.74 7.49
C VAL K 40 -59.90 -9.10 7.85
N ARG K 41 -60.19 -10.41 7.88
CA ARG K 41 -61.56 -10.86 8.13
C ARG K 41 -61.65 -11.70 9.41
N GLN K 42 -62.85 -11.74 9.96
CA GLN K 42 -63.12 -12.50 11.17
C GLN K 42 -64.47 -13.22 11.02
N ALA K 43 -64.40 -14.53 10.88
CA ALA K 43 -65.61 -15.35 10.84
C ALA K 43 -66.24 -15.36 12.22
N PRO K 44 -67.56 -15.63 12.28
CA PRO K 44 -68.26 -15.69 13.57
C PRO K 44 -67.59 -16.64 14.57
N GLY K 45 -67.23 -16.13 15.74
CA GLY K 45 -66.63 -16.93 16.79
C GLY K 45 -65.19 -17.34 16.51
N LYS K 46 -64.56 -16.71 15.53
CA LYS K 46 -63.20 -17.07 15.12
C LYS K 46 -62.22 -15.91 15.30
N GLY K 47 -60.95 -16.19 15.04
CA GLY K 47 -59.90 -15.19 15.19
C GLY K 47 -59.73 -14.36 13.94
N LEU K 48 -58.71 -13.49 13.96
CA LEU K 48 -58.37 -12.68 12.81
C LEU K 48 -57.63 -13.48 11.76
N GLU K 49 -58.06 -13.33 10.50
CA GLU K 49 -57.38 -13.93 9.36
C GLU K 49 -57.10 -12.86 8.31
N TRP K 50 -55.82 -12.62 8.02
CA TRP K 50 -55.42 -11.72 6.95
C TRP K 50 -55.73 -12.38 5.61
N VAL K 51 -56.19 -11.60 4.63
CA VAL K 51 -56.52 -12.17 3.32
C VAL K 51 -55.85 -11.44 2.16
N ALA K 52 -55.56 -10.15 2.31
CA ALA K 52 -54.96 -9.40 1.21
C ALA K 52 -54.32 -8.07 1.62
N SER K 53 -53.26 -7.70 0.91
CA SER K 53 -52.59 -6.42 1.13
C SER K 53 -52.13 -5.84 -0.20
N ILE K 54 -52.13 -4.51 -0.28
CA ILE K 54 -51.66 -3.80 -1.46
C ILE K 54 -50.77 -2.63 -1.07
N SER K 55 -49.74 -2.40 -1.88
CA SER K 55 -48.86 -1.25 -1.74
C SER K 55 -48.99 -0.39 -2.99
N PRO K 56 -49.92 0.58 -2.99
CA PRO K 56 -50.25 1.35 -4.19
C PRO K 56 -49.05 2.01 -4.86
N TYR K 57 -48.01 2.33 -4.09
CA TYR K 57 -46.81 2.93 -4.66
C TYR K 57 -45.99 1.92 -5.47
N SER K 58 -45.91 0.68 -4.98
CA SER K 58 -45.08 -0.34 -5.60
C SER K 58 -45.90 -1.32 -6.42
N SER K 59 -47.20 -1.07 -6.51
CA SER K 59 -48.10 -1.95 -7.26
C SER K 59 -48.05 -3.41 -6.79
N SER K 60 -47.50 -3.64 -5.61
CA SER K 60 -47.37 -4.99 -5.07
C SER K 60 -48.66 -5.40 -4.38
N THR K 61 -49.01 -6.68 -4.52
CA THR K 61 -50.14 -7.28 -3.82
C THR K 61 -49.76 -8.66 -3.34
N SER K 62 -50.52 -9.19 -2.39
CA SER K 62 -50.35 -10.57 -1.94
C SER K 62 -51.60 -11.03 -1.21
N TYR K 63 -51.84 -12.33 -1.27
CA TYR K 63 -53.05 -12.92 -0.73
C TYR K 63 -52.73 -14.13 0.14
N ALA K 64 -53.63 -14.43 1.07
CA ALA K 64 -53.58 -15.69 1.79
C ALA K 64 -53.89 -16.81 0.81
N ASP K 65 -53.32 -17.99 1.04
CA ASP K 65 -53.57 -19.12 0.16
C ASP K 65 -55.06 -19.47 0.13
N SER K 66 -55.77 -19.14 1.19
CA SER K 66 -57.19 -19.44 1.33
C SER K 66 -58.09 -18.66 0.36
N VAL K 67 -57.60 -17.54 -0.14
CA VAL K 67 -58.38 -16.69 -1.04
C VAL K 67 -57.69 -16.48 -2.39
N LYS K 68 -56.46 -16.98 -2.50
CA LYS K 68 -55.66 -16.75 -3.70
C LYS K 68 -56.36 -17.28 -4.94
N GLY K 69 -56.47 -16.44 -5.96
CA GLY K 69 -57.11 -16.80 -7.21
C GLY K 69 -58.57 -16.39 -7.26
N ARG K 70 -59.15 -16.16 -6.09
CA ARG K 70 -60.55 -15.81 -5.98
C ARG K 70 -60.73 -14.33 -5.64
N PHE K 71 -59.80 -13.80 -4.84
CA PHE K 71 -59.86 -12.41 -4.41
C PHE K 71 -58.87 -11.57 -5.19
N THR K 72 -59.21 -10.29 -5.39
CA THR K 72 -58.31 -9.34 -6.03
C THR K 72 -58.41 -8.00 -5.30
N ILE K 73 -57.26 -7.50 -4.86
CA ILE K 73 -57.19 -6.21 -4.20
C ILE K 73 -56.62 -5.15 -5.14
N SER K 74 -57.14 -3.93 -5.05
CA SER K 74 -56.71 -2.83 -5.90
C SER K 74 -56.94 -1.50 -5.21
N ALA K 75 -56.48 -0.41 -5.82
CA ALA K 75 -56.61 0.90 -5.22
C ALA K 75 -56.78 1.98 -6.28
N ASP K 76 -57.58 2.98 -5.95
CA ASP K 76 -57.78 4.15 -6.80
C ASP K 76 -57.27 5.39 -6.07
N THR K 77 -56.10 5.87 -6.47
CA THR K 77 -55.47 6.98 -5.77
C THR K 77 -56.25 8.27 -5.96
N SER K 78 -56.92 8.40 -7.11
CA SER K 78 -57.70 9.60 -7.41
C SER K 78 -58.92 9.72 -6.50
N LYS K 79 -59.39 8.58 -5.99
CA LYS K 79 -60.52 8.55 -5.06
C LYS K 79 -60.08 8.11 -3.66
N ASN K 80 -58.78 7.94 -3.49
CA ASN K 80 -58.20 7.60 -2.19
C ASN K 80 -58.93 6.41 -1.56
N THR K 81 -59.18 5.38 -2.36
CA THR K 81 -60.00 4.24 -1.95
C THR K 81 -59.33 2.94 -2.37
N ALA K 82 -59.45 1.93 -1.51
CA ALA K 82 -58.97 0.60 -1.85
C ALA K 82 -60.18 -0.32 -2.06
N TYR K 83 -59.99 -1.36 -2.87
CA TYR K 83 -61.08 -2.25 -3.24
C TYR K 83 -60.67 -3.70 -3.05
N LEU K 84 -61.64 -4.52 -2.66
CA LEU K 84 -61.46 -5.97 -2.57
C LEU K 84 -62.52 -6.68 -3.39
N GLN K 85 -62.13 -7.21 -4.54
CA GLN K 85 -63.02 -7.97 -5.41
C GLN K 85 -62.97 -9.44 -5.03
N MET K 86 -64.08 -9.93 -4.47
CA MET K 86 -64.17 -11.33 -4.05
C MET K 86 -65.03 -12.14 -5.02
N ASN K 87 -64.45 -13.17 -5.62
CA ASN K 87 -65.14 -14.03 -6.56
C ASN K 87 -65.20 -15.47 -6.05
N SER K 88 -66.07 -16.27 -6.67
CA SER K 88 -66.26 -17.68 -6.30
C SER K 88 -66.39 -17.85 -4.79
N LEU K 89 -67.34 -17.15 -4.19
CA LEU K 89 -67.46 -17.11 -2.74
C LEU K 89 -68.07 -18.40 -2.21
N ARG K 90 -67.54 -18.83 -1.06
CA ARG K 90 -68.05 -20.03 -0.37
C ARG K 90 -68.61 -19.63 0.99
N ALA K 91 -69.32 -20.55 1.63
CA ALA K 91 -69.90 -20.30 2.93
C ALA K 91 -68.83 -19.96 3.97
N GLU K 92 -67.63 -20.51 3.79
CA GLU K 92 -66.53 -20.25 4.71
C GLU K 92 -66.03 -18.80 4.65
N ASP K 93 -66.35 -18.11 3.57
CA ASP K 93 -65.90 -16.72 3.39
C ASP K 93 -66.73 -15.74 4.22
N THR K 94 -67.80 -16.23 4.84
CA THR K 94 -68.63 -15.41 5.71
C THR K 94 -67.81 -14.83 6.87
N ALA K 95 -67.79 -13.51 6.98
CA ALA K 95 -67.01 -12.84 8.01
C ALA K 95 -67.27 -11.34 8.03
N VAL K 96 -66.85 -10.70 9.12
CA VAL K 96 -66.73 -9.26 9.16
C VAL K 96 -65.39 -8.89 8.56
N TYR K 97 -65.41 -8.12 7.48
CA TYR K 97 -64.19 -7.75 6.78
C TYR K 97 -63.72 -6.36 7.16
N TYR K 98 -62.53 -6.28 7.75
CA TYR K 98 -61.91 -5.02 8.12
C TYR K 98 -60.83 -4.64 7.11
N CYS K 99 -60.80 -3.39 6.68
CA CYS K 99 -59.62 -2.87 6.02
C CYS K 99 -58.79 -2.12 7.07
N ALA K 100 -57.48 -2.10 6.87
CA ALA K 100 -56.57 -1.54 7.86
C ALA K 100 -55.36 -0.95 7.15
N ARG K 101 -54.68 -0.03 7.83
CA ARG K 101 -53.53 0.65 7.23
C ARG K 101 -52.19 0.19 7.79
N GLY K 102 -51.25 -0.01 6.88
CA GLY K 102 -49.85 -0.18 7.21
C GLY K 102 -49.03 0.96 6.61
N ARG K 103 -47.78 1.05 7.04
CA ARG K 103 -46.84 2.02 6.51
C ARG K 103 -45.70 1.30 5.79
N TRP K 104 -45.09 1.96 4.82
CA TRP K 104 -44.12 1.29 3.95
C TRP K 104 -42.96 0.70 4.75
N TYR K 105 -42.68 1.31 5.90
CA TYR K 105 -41.59 0.87 6.76
C TYR K 105 -42.09 0.04 7.94
N ARG K 106 -43.40 -0.24 7.96
CA ARG K 106 -44.01 -0.91 9.11
C ARG K 106 -45.35 -1.53 8.77
N ARG K 107 -45.36 -2.85 8.60
CA ARG K 107 -46.59 -3.59 8.30
C ARG K 107 -47.32 -3.98 9.57
N ALA K 108 -47.41 -3.03 10.50
CA ALA K 108 -48.32 -3.16 11.64
C ALA K 108 -49.54 -2.33 11.30
N LEU K 109 -50.68 -2.69 11.87
CA LEU K 109 -51.96 -2.11 11.49
C LEU K 109 -52.46 -1.11 12.53
N ASP K 110 -52.22 0.17 12.25
CA ASP K 110 -52.48 1.23 13.22
C ASP K 110 -53.91 1.78 13.16
N TYR K 111 -54.46 1.93 11.95
CA TYR K 111 -55.83 2.39 11.78
C TYR K 111 -56.70 1.34 11.11
N TRP K 112 -57.90 1.17 11.64
CA TRP K 112 -58.84 0.13 11.22
C TRP K 112 -60.19 0.74 10.93
N GLY K 113 -60.92 0.14 9.98
CA GLY K 113 -62.29 0.51 9.76
C GLY K 113 -63.18 -0.18 10.79
N GLN K 114 -64.47 0.14 10.74
CA GLN K 114 -65.42 -0.45 11.69
C GLN K 114 -65.81 -1.87 11.31
N GLY K 115 -65.51 -2.27 10.08
CA GLY K 115 -65.82 -3.61 9.61
C GLY K 115 -67.12 -3.65 8.85
N THR K 116 -67.20 -4.55 7.87
CA THR K 116 -68.40 -4.72 7.07
C THR K 116 -68.74 -6.21 6.91
N LEU K 117 -69.97 -6.57 7.27
CA LEU K 117 -70.39 -7.97 7.30
C LEU K 117 -70.67 -8.53 5.91
N VAL K 118 -69.99 -9.62 5.59
CA VAL K 118 -70.27 -10.38 4.38
C VAL K 118 -70.89 -11.74 4.76
N THR K 119 -72.12 -11.96 4.30
CA THR K 119 -72.83 -13.20 4.56
C THR K 119 -72.98 -13.99 3.26
N VAL K 120 -72.24 -15.08 3.13
CA VAL K 120 -72.33 -15.94 1.95
C VAL K 120 -73.23 -17.14 2.26
N SER K 121 -74.43 -17.12 1.70
CA SER K 121 -75.40 -18.18 1.94
C SER K 121 -76.44 -18.22 0.82
N SER K 122 -76.78 -19.43 0.39
CA SER K 122 -77.81 -19.62 -0.63
C SER K 122 -79.19 -19.72 0.03
N ALA K 123 -79.24 -19.49 1.33
CA ALA K 123 -80.51 -19.47 2.04
C ALA K 123 -81.27 -18.20 1.70
N SER K 124 -82.58 -18.34 1.51
CA SER K 124 -83.44 -17.19 1.26
C SER K 124 -84.08 -16.76 2.56
N THR K 125 -84.60 -15.53 2.58
CA THR K 125 -85.29 -15.03 3.75
C THR K 125 -86.43 -15.96 4.13
N LYS K 126 -86.46 -16.39 5.38
CA LYS K 126 -87.46 -17.35 5.84
C LYS K 126 -87.67 -17.12 7.32
N GLY K 127 -88.92 -17.25 7.76
CA GLY K 127 -89.26 -17.01 9.16
C GLY K 127 -89.11 -18.27 9.97
N PRO K 128 -88.83 -18.13 11.28
CA PRO K 128 -88.53 -19.29 12.12
C PRO K 128 -89.76 -20.08 12.51
N SER K 129 -89.54 -21.34 12.89
CA SER K 129 -90.53 -22.10 13.62
C SER K 129 -90.16 -22.01 15.09
N VAL K 130 -91.15 -21.85 15.95
CA VAL K 130 -90.92 -21.70 17.38
C VAL K 130 -91.47 -22.85 18.22
N PHE K 131 -90.60 -23.58 18.91
CA PHE K 131 -91.06 -24.71 19.72
C PHE K 131 -90.77 -24.37 21.20
N PRO K 132 -91.66 -24.80 22.11
CA PRO K 132 -91.48 -24.51 23.53
C PRO K 132 -90.46 -25.38 24.25
N LEU K 133 -89.64 -24.86 25.15
CA LEU K 133 -88.88 -25.74 26.05
C LEU K 133 -89.40 -25.64 27.49
N ALA K 134 -90.45 -26.39 27.78
CA ALA K 134 -91.22 -26.25 29.03
C ALA K 134 -90.60 -26.75 30.34
N PRO K 135 -90.83 -26.05 31.47
CA PRO K 135 -90.32 -26.48 32.78
C PRO K 135 -90.88 -27.86 33.19
N SER K 136 -90.65 -28.26 34.44
CA SER K 136 -91.40 -29.39 35.03
C SER K 136 -91.09 -29.52 36.53
N GLY K 143 -85.90 -24.02 44.54
CA GLY K 143 -87.11 -23.25 44.30
C GLY K 143 -87.06 -22.45 43.02
N THR K 144 -86.11 -22.77 42.15
CA THR K 144 -86.01 -22.12 40.83
C THR K 144 -86.26 -23.13 39.70
N ALA K 145 -86.98 -22.67 38.67
CA ALA K 145 -87.25 -23.48 37.47
C ALA K 145 -86.70 -22.81 36.21
N ALA K 146 -86.32 -23.64 35.24
CA ALA K 146 -85.83 -23.13 33.94
C ALA K 146 -86.83 -23.45 32.83
N LEU K 147 -86.93 -22.54 31.86
CA LEU K 147 -87.75 -22.74 30.68
C LEU K 147 -87.23 -21.93 29.50
N GLY K 148 -87.82 -22.12 28.33
CA GLY K 148 -87.38 -21.35 27.18
C GLY K 148 -88.09 -21.61 25.87
N CYS K 149 -87.48 -21.10 24.80
CA CYS K 149 -87.95 -21.26 23.42
C CYS K 149 -86.88 -21.61 22.42
N LEU K 150 -87.16 -22.61 21.61
CA LEU K 150 -86.29 -22.93 20.50
C LEU K 150 -86.81 -22.13 19.31
N VAL K 151 -85.99 -21.20 18.82
CA VAL K 151 -86.33 -20.35 17.68
C VAL K 151 -85.56 -20.93 16.51
N LYS K 152 -86.26 -21.69 15.67
CA LYS K 152 -85.60 -22.60 14.75
C LYS K 152 -85.80 -22.26 13.28
N ASP K 153 -84.74 -22.48 12.49
CA ASP K 153 -84.78 -22.43 11.03
C ASP K 153 -85.22 -21.06 10.50
N TYR K 154 -84.43 -20.04 10.80
CA TYR K 154 -84.64 -18.71 10.23
C TYR K 154 -83.44 -18.16 9.46
N PHE K 155 -83.70 -17.14 8.65
CA PHE K 155 -82.66 -16.46 7.92
C PHE K 155 -83.08 -15.06 7.44
N PRO K 156 -82.15 -14.08 7.48
CA PRO K 156 -80.82 -14.10 8.08
C PRO K 156 -80.83 -13.59 9.50
N GLU K 157 -79.63 -13.42 10.07
CA GLU K 157 -79.52 -12.77 11.37
C GLU K 157 -79.95 -11.30 11.29
N PRO K 158 -80.38 -10.71 12.42
CA PRO K 158 -80.40 -11.38 13.71
C PRO K 158 -81.83 -11.59 14.19
N VAL K 159 -82.00 -12.40 15.22
CA VAL K 159 -83.31 -12.47 15.85
C VAL K 159 -83.06 -11.98 17.27
N THR K 160 -84.01 -11.22 17.79
CA THR K 160 -84.02 -10.85 19.19
C THR K 160 -85.17 -11.51 19.91
N VAL K 161 -84.95 -11.98 21.13
CA VAL K 161 -86.04 -12.56 21.87
C VAL K 161 -86.22 -11.89 23.20
N SER K 162 -87.49 -11.74 23.53
CA SER K 162 -87.99 -11.18 24.77
C SER K 162 -88.93 -12.23 25.36
N TRP K 163 -89.36 -11.99 26.60
CA TRP K 163 -90.32 -12.86 27.27
C TRP K 163 -91.46 -12.05 27.84
N ASN K 164 -92.69 -12.42 27.46
CA ASN K 164 -93.88 -11.67 27.86
C ASN K 164 -93.84 -10.20 27.44
N SER K 165 -93.37 -10.00 26.21
CA SER K 165 -93.33 -8.68 25.55
C SER K 165 -92.59 -7.57 26.28
N GLY K 166 -91.57 -7.95 27.05
CA GLY K 166 -90.73 -6.99 27.74
C GLY K 166 -90.82 -7.04 29.25
N ALA K 167 -91.86 -7.69 29.76
CA ALA K 167 -92.09 -7.70 31.21
C ALA K 167 -91.03 -8.51 31.95
N LEU K 168 -90.62 -9.65 31.38
CA LEU K 168 -89.61 -10.53 31.99
C LEU K 168 -88.20 -10.42 31.39
N THR K 169 -87.29 -9.80 32.11
CA THR K 169 -85.93 -9.55 31.62
C THR K 169 -84.82 -10.18 32.48
N SER K 170 -85.03 -10.24 33.79
CA SER K 170 -84.02 -10.76 34.72
C SER K 170 -83.88 -12.27 34.69
N GLY K 171 -82.63 -12.73 34.58
CA GLY K 171 -82.35 -14.15 34.61
C GLY K 171 -82.41 -14.74 33.22
N VAL K 172 -82.65 -13.89 32.23
CA VAL K 172 -82.82 -14.33 30.86
C VAL K 172 -81.45 -14.52 30.20
N HIS K 173 -81.25 -15.69 29.61
CA HIS K 173 -80.07 -15.93 28.79
C HIS K 173 -80.54 -16.36 27.40
N THR K 174 -80.29 -15.46 26.47
CA THR K 174 -80.52 -15.67 25.05
C THR K 174 -79.20 -16.02 24.42
N PHE K 175 -79.09 -17.24 23.93
CA PHE K 175 -77.83 -17.75 23.43
C PHE K 175 -77.56 -17.13 22.07
N PRO K 176 -76.27 -16.93 21.74
CA PRO K 176 -75.95 -16.52 20.37
C PRO K 176 -76.50 -17.56 19.39
N ALA K 177 -76.99 -17.09 18.26
CA ALA K 177 -77.54 -18.00 17.27
C ALA K 177 -76.50 -18.98 16.75
N VAL K 178 -77.00 -20.15 16.37
CA VAL K 178 -76.21 -21.14 15.69
C VAL K 178 -76.71 -21.37 14.26
N LEU K 179 -75.78 -21.35 13.32
CA LEU K 179 -76.05 -21.70 11.94
C LEU K 179 -76.17 -23.21 11.93
N GLN K 180 -77.28 -23.79 11.47
CA GLN K 180 -77.40 -25.23 11.51
C GLN K 180 -76.80 -25.83 10.25
N SER K 181 -76.63 -27.15 10.29
CA SER K 181 -76.06 -27.87 9.17
C SER K 181 -76.94 -27.71 7.92
N SER K 182 -78.24 -27.47 8.15
CA SER K 182 -79.20 -27.27 7.06
C SER K 182 -78.95 -25.97 6.29
N GLY K 183 -78.23 -25.05 6.93
CA GLY K 183 -78.00 -23.70 6.42
C GLY K 183 -78.88 -22.59 7.00
N LEU K 184 -79.79 -22.96 7.90
CA LEU K 184 -80.70 -22.01 8.55
C LEU K 184 -80.18 -21.79 9.98
N TYR K 185 -80.53 -20.67 10.60
CA TYR K 185 -80.10 -20.43 11.97
C TYR K 185 -81.12 -20.91 12.99
N SER K 186 -80.61 -21.22 14.18
CA SER K 186 -81.42 -21.55 15.34
C SER K 186 -80.78 -21.00 16.61
N LEU K 187 -81.61 -20.62 17.58
CA LEU K 187 -81.12 -20.24 18.90
C LEU K 187 -82.16 -20.58 19.95
N SER K 188 -81.72 -20.63 21.20
CA SER K 188 -82.63 -20.74 22.33
C SER K 188 -82.52 -19.56 23.29
N SER K 189 -83.64 -19.19 23.90
CA SER K 189 -83.67 -18.19 24.96
C SER K 189 -84.30 -18.77 26.22
N VAL K 190 -83.61 -18.69 27.36
CA VAL K 190 -84.13 -19.27 28.61
C VAL K 190 -84.16 -18.25 29.75
N VAL K 191 -84.92 -18.53 30.80
CA VAL K 191 -84.90 -17.70 32.01
C VAL K 191 -85.22 -18.48 33.29
N THR K 192 -84.55 -18.15 34.40
CA THR K 192 -84.91 -18.70 35.71
C THR K 192 -85.59 -17.73 36.68
N VAL K 193 -86.68 -18.16 37.31
CA VAL K 193 -87.44 -17.31 38.23
C VAL K 193 -87.87 -18.20 39.41
N PRO K 194 -88.32 -17.60 40.52
CA PRO K 194 -88.80 -18.38 41.66
C PRO K 194 -89.99 -19.31 41.38
N SER K 195 -89.92 -20.50 41.95
CA SER K 195 -90.92 -21.57 41.88
C SER K 195 -92.26 -21.14 42.46
N SER K 196 -92.22 -20.17 43.36
CA SER K 196 -93.42 -19.73 44.05
C SER K 196 -94.28 -18.95 43.04
N SER K 197 -93.66 -18.48 41.97
CA SER K 197 -94.35 -17.69 40.94
C SER K 197 -94.32 -18.48 39.61
N LEU K 198 -94.71 -19.76 39.67
CA LEU K 198 -94.54 -20.71 38.56
C LEU K 198 -95.88 -21.27 38.03
N GLY K 199 -96.78 -21.51 38.97
CA GLY K 199 -98.15 -21.97 38.77
C GLY K 199 -99.06 -20.88 38.25
N THR K 200 -98.76 -19.68 38.72
CA THR K 200 -99.50 -18.46 38.51
C THR K 200 -99.11 -17.77 37.20
N GLN K 201 -97.83 -17.68 36.90
CA GLN K 201 -97.36 -16.82 35.83
C GLN K 201 -97.33 -17.55 34.48
N THR K 202 -97.65 -16.73 33.47
CA THR K 202 -97.78 -17.12 32.07
C THR K 202 -96.56 -16.63 31.32
N TYR K 203 -95.96 -17.54 30.55
CA TYR K 203 -94.74 -17.23 29.84
C TYR K 203 -94.85 -17.39 28.33
N ILE K 204 -94.61 -16.28 27.66
CA ILE K 204 -94.66 -16.19 26.22
C ILE K 204 -93.33 -15.63 25.77
N CYS K 205 -92.71 -16.30 24.80
CA CYS K 205 -91.49 -15.79 24.19
C CYS K 205 -91.80 -15.03 22.90
N ASN K 206 -91.14 -13.88 22.78
CA ASN K 206 -91.31 -12.99 21.65
C ASN K 206 -90.08 -12.98 20.77
N VAL K 207 -90.23 -13.56 19.59
CA VAL K 207 -89.15 -13.76 18.65
C VAL K 207 -89.37 -12.70 17.60
N ASN K 208 -88.30 -12.01 17.24
CA ASN K 208 -88.38 -10.93 16.28
C ASN K 208 -87.35 -11.16 15.20
N HIS K 209 -87.84 -11.41 14.00
CA HIS K 209 -87.04 -11.56 12.81
C HIS K 209 -87.39 -10.41 11.86
N LYS K 210 -86.71 -9.28 12.01
CA LYS K 210 -87.06 -8.11 11.20
C LYS K 210 -86.88 -8.33 9.71
N PRO K 211 -85.74 -8.92 9.30
CA PRO K 211 -85.53 -9.14 7.86
C PRO K 211 -86.49 -10.14 7.20
N SER K 212 -87.35 -10.80 7.97
CA SER K 212 -88.44 -11.63 7.42
C SER K 212 -89.83 -11.15 7.81
N ASN K 213 -89.87 -10.13 8.67
CA ASN K 213 -91.11 -9.57 9.20
C ASN K 213 -92.04 -10.55 9.95
N THR K 214 -91.45 -11.43 10.75
CA THR K 214 -92.19 -12.32 11.63
C THR K 214 -92.09 -11.75 13.05
N LYS K 215 -93.21 -11.67 13.77
CA LYS K 215 -93.20 -11.26 15.18
C LYS K 215 -94.06 -12.23 15.97
N VAL K 216 -93.72 -13.52 15.83
CA VAL K 216 -94.41 -14.61 16.50
C VAL K 216 -94.26 -14.58 18.01
N ASP K 217 -95.38 -14.80 18.69
CA ASP K 217 -95.39 -15.09 20.12
C ASP K 217 -95.90 -16.51 20.31
N LYS K 218 -95.20 -17.25 21.15
CA LYS K 218 -95.42 -18.67 21.34
C LYS K 218 -95.35 -18.96 22.82
N LYS K 219 -96.47 -19.39 23.38
CA LYS K 219 -96.54 -19.71 24.78
C LYS K 219 -95.89 -21.02 25.14
N VAL K 220 -95.20 -21.00 26.27
CA VAL K 220 -94.48 -22.14 26.82
C VAL K 220 -95.03 -22.40 28.23
N GLU K 221 -95.77 -23.49 28.41
CA GLU K 221 -96.34 -23.83 29.71
C GLU K 221 -95.80 -25.22 30.01
N PRO K 222 -95.97 -25.71 31.25
CA PRO K 222 -95.42 -27.05 31.43
C PRO K 222 -96.03 -28.13 30.56
N LYS K 223 -95.44 -29.33 30.66
CA LYS K 223 -95.86 -30.51 29.92
C LYS K 223 -97.13 -31.02 30.59
N SER K 224 -97.87 -31.90 29.93
CA SER K 224 -99.02 -32.54 30.55
C SER K 224 -98.52 -33.66 31.50
N CYS K 225 -99.47 -34.49 31.95
CA CYS K 225 -99.19 -35.60 32.87
C CYS K 225 -100.09 -36.79 32.54
N ASP L 2 -45.08 -24.76 7.04
CA ASP L 2 -45.79 -23.50 6.87
C ASP L 2 -45.49 -22.57 8.05
N ILE L 3 -45.56 -21.26 7.80
CA ILE L 3 -45.33 -20.27 8.84
C ILE L 3 -46.48 -20.30 9.85
N GLN L 4 -46.15 -20.18 11.14
CA GLN L 4 -47.15 -20.24 12.20
C GLN L 4 -46.80 -19.37 13.40
N MET L 5 -47.84 -18.87 14.08
CA MET L 5 -47.69 -18.16 15.34
C MET L 5 -48.52 -18.88 16.39
N THR L 6 -47.83 -19.54 17.32
CA THR L 6 -48.50 -20.27 18.38
C THR L 6 -48.67 -19.36 19.59
N GLN L 7 -49.91 -18.97 19.86
CA GLN L 7 -50.23 -18.07 20.97
C GLN L 7 -50.75 -18.86 22.16
N SER L 8 -50.28 -18.49 23.36
CA SER L 8 -50.68 -19.17 24.58
C SER L 8 -50.88 -18.18 25.72
N PRO L 9 -51.84 -18.46 26.62
CA PRO L 9 -52.84 -19.53 26.52
C PRO L 9 -54.02 -19.10 25.66
N SER L 10 -54.90 -20.03 25.30
CA SER L 10 -56.07 -19.69 24.50
C SER L 10 -56.99 -18.75 25.27
N SER L 11 -57.04 -18.95 26.58
CA SER L 11 -57.75 -18.04 27.47
C SER L 11 -57.14 -18.10 28.87
N LEU L 12 -57.33 -17.04 29.65
CA LEU L 12 -56.82 -17.02 31.02
C LEU L 12 -57.72 -16.19 31.92
N SER L 13 -57.84 -16.63 33.16
CA SER L 13 -58.64 -15.92 34.16
C SER L 13 -57.75 -15.00 34.97
N ALA L 14 -58.15 -13.73 35.04
CA ALA L 14 -57.40 -12.73 35.79
C ALA L 14 -58.34 -11.81 36.56
N SER L 15 -57.79 -11.12 37.54
CA SER L 15 -58.53 -10.17 38.36
C SER L 15 -57.94 -8.79 38.19
N VAL L 16 -58.70 -7.76 38.54
CA VAL L 16 -58.22 -6.39 38.50
C VAL L 16 -56.96 -6.28 39.34
N GLY L 17 -55.92 -5.69 38.77
CA GLY L 17 -54.66 -5.49 39.46
C GLY L 17 -53.66 -6.61 39.25
N ASP L 18 -54.08 -7.69 38.61
CA ASP L 18 -53.19 -8.82 38.36
C ASP L 18 -52.16 -8.50 37.28
N ARG L 19 -51.12 -9.33 37.22
CA ARG L 19 -50.10 -9.22 36.18
C ARG L 19 -50.33 -10.31 35.14
N VAL L 20 -50.68 -9.88 33.93
CA VAL L 20 -51.03 -10.79 32.85
C VAL L 20 -49.88 -10.89 31.86
N THR L 21 -49.50 -12.12 31.52
CA THR L 21 -48.50 -12.37 30.49
C THR L 21 -49.07 -13.30 29.43
N ILE L 22 -49.03 -12.84 28.19
CA ILE L 22 -49.50 -13.60 27.04
C ILE L 22 -48.32 -13.85 26.12
N THR L 23 -48.12 -15.12 25.73
CA THR L 23 -46.96 -15.50 24.93
C THR L 23 -47.36 -15.93 23.52
N CYS L 24 -46.41 -15.80 22.60
CA CYS L 24 -46.64 -16.10 21.20
C CYS L 24 -45.31 -16.59 20.63
N ARG L 25 -45.28 -17.81 20.11
CA ARG L 25 -44.05 -18.39 19.57
C ARG L 25 -44.12 -18.49 18.04
N ALA L 26 -43.12 -17.93 17.37
CA ALA L 26 -43.00 -18.02 15.93
C ALA L 26 -42.23 -19.26 15.52
N SER L 27 -42.74 -19.98 14.52
CA SER L 27 -42.12 -21.22 14.06
C SER L 27 -40.73 -20.99 13.48
N GLN L 28 -40.54 -19.82 12.89
CA GLN L 28 -39.26 -19.41 12.32
C GLN L 28 -38.82 -18.10 12.93
N SER L 29 -37.55 -17.75 12.76
CA SER L 29 -37.07 -16.42 13.11
C SER L 29 -37.86 -15.39 12.32
N VAL L 30 -38.30 -14.35 13.02
CA VAL L 30 -39.10 -13.28 12.43
C VAL L 30 -38.47 -11.93 12.80
N SER L 31 -37.31 -11.99 13.45
CA SER L 31 -36.67 -10.80 14.04
C SER L 31 -37.64 -10.12 15.00
N SER L 32 -37.76 -8.80 14.93
CA SER L 32 -38.62 -8.07 15.85
C SER L 32 -39.95 -7.66 15.21
N ALA L 33 -40.21 -8.17 14.01
CA ALA L 33 -41.40 -7.78 13.26
C ALA L 33 -42.65 -8.49 13.80
N VAL L 34 -43.06 -8.10 15.01
CA VAL L 34 -44.24 -8.65 15.65
C VAL L 34 -45.05 -7.54 16.28
N ALA L 35 -46.38 -7.62 16.16
CA ALA L 35 -47.28 -6.63 16.74
C ALA L 35 -48.36 -7.28 17.59
N TRP L 36 -48.85 -6.54 18.58
CA TRP L 36 -49.92 -7.02 19.46
C TRP L 36 -51.16 -6.15 19.34
N TYR L 37 -52.33 -6.80 19.34
CA TYR L 37 -53.61 -6.10 19.19
C TYR L 37 -54.60 -6.49 20.28
N GLN L 38 -55.47 -5.54 20.61
CA GLN L 38 -56.59 -5.75 21.51
C GLN L 38 -57.88 -5.68 20.70
N GLN L 39 -58.83 -6.57 20.98
CA GLN L 39 -60.13 -6.49 20.35
C GLN L 39 -61.24 -6.83 21.32
N LYS L 40 -62.19 -5.90 21.45
CA LYS L 40 -63.41 -6.16 22.18
C LYS L 40 -64.46 -6.70 21.21
N PRO L 41 -65.41 -7.50 21.72
CA PRO L 41 -66.44 -8.07 20.84
C PRO L 41 -67.22 -7.03 20.06
N GLY L 42 -67.29 -7.20 18.73
CA GLY L 42 -68.06 -6.31 17.88
C GLY L 42 -67.33 -5.02 17.53
N LYS L 43 -66.04 -4.96 17.85
CA LYS L 43 -65.23 -3.78 17.59
C LYS L 43 -63.97 -4.15 16.83
N ALA L 44 -63.36 -3.14 16.19
CA ALA L 44 -62.15 -3.37 15.42
C ALA L 44 -60.95 -3.55 16.35
N PRO L 45 -59.99 -4.41 15.96
CA PRO L 45 -58.79 -4.53 16.79
C PRO L 45 -58.03 -3.21 16.90
N LYS L 46 -57.33 -3.01 18.00
CA LYS L 46 -56.50 -1.81 18.20
C LYS L 46 -55.06 -2.20 18.42
N LEU L 47 -54.18 -1.53 17.70
CA LEU L 47 -52.73 -1.73 17.83
C LEU L 47 -52.28 -1.32 19.21
N LEU L 48 -51.50 -2.19 19.86
CA LEU L 48 -50.95 -1.92 21.18
C LEU L 48 -49.44 -1.73 21.10
N ILE L 49 -48.80 -2.65 20.39
CA ILE L 49 -47.35 -2.72 20.36
C ILE L 49 -46.88 -3.14 18.97
N TYR L 50 -45.84 -2.48 18.49
CA TYR L 50 -45.21 -2.83 17.21
C TYR L 50 -43.73 -3.06 17.44
N SER L 51 -43.05 -3.64 16.44
CA SER L 51 -41.63 -3.94 16.54
C SER L 51 -41.32 -4.74 17.81
N ALA L 52 -42.23 -5.63 18.16
CA ALA L 52 -42.10 -6.52 19.33
C ALA L 52 -42.20 -5.81 20.69
N SER L 53 -41.53 -4.66 20.84
CA SER L 53 -41.40 -4.03 22.16
C SER L 53 -41.78 -2.54 22.19
N SER L 54 -42.04 -1.95 21.04
CA SER L 54 -42.36 -0.52 20.97
C SER L 54 -43.84 -0.29 21.25
N LEU L 55 -44.12 0.60 22.19
CA LEU L 55 -45.49 0.95 22.56
C LEU L 55 -46.08 1.92 21.55
N TYR L 56 -47.25 1.58 20.99
CA TYR L 56 -47.89 2.45 20.03
C TYR L 56 -48.45 3.68 20.72
N SER L 57 -48.50 4.79 20.00
CA SER L 57 -48.89 6.07 20.56
C SER L 57 -50.30 6.03 21.15
N GLY L 58 -50.44 6.59 22.35
CA GLY L 58 -51.73 6.70 23.01
C GLY L 58 -52.09 5.49 23.85
N VAL L 59 -51.22 4.48 23.85
CA VAL L 59 -51.48 3.23 24.55
C VAL L 59 -50.90 3.27 25.97
N PRO L 60 -51.69 2.92 27.00
CA PRO L 60 -51.22 2.97 28.39
C PRO L 60 -49.95 2.15 28.66
N SER L 61 -49.12 2.63 29.58
CA SER L 61 -47.81 2.05 29.83
C SER L 61 -47.84 0.73 30.57
N ARG L 62 -49.01 0.32 31.04
CA ARG L 62 -49.12 -0.96 31.72
C ARG L 62 -48.95 -2.09 30.71
N PHE L 63 -49.10 -1.76 29.43
CA PHE L 63 -48.80 -2.70 28.34
C PHE L 63 -47.33 -2.59 27.94
N SER L 64 -46.68 -3.75 27.82
CA SER L 64 -45.32 -3.81 27.29
C SER L 64 -45.13 -5.12 26.55
N GLY L 65 -44.23 -5.09 25.59
CA GLY L 65 -43.91 -6.27 24.80
C GLY L 65 -42.44 -6.60 24.86
N SER L 66 -42.12 -7.89 24.80
CA SER L 66 -40.76 -8.37 24.90
C SER L 66 -40.50 -9.46 23.89
N ARG L 67 -39.24 -9.62 23.52
CA ARG L 67 -38.81 -10.67 22.60
C ARG L 67 -37.67 -11.48 23.21
N SER L 68 -37.65 -12.76 22.90
CA SER L 68 -36.50 -13.62 23.17
C SER L 68 -36.41 -14.66 22.07
N GLY L 69 -35.60 -14.39 21.06
CA GLY L 69 -35.49 -15.28 19.91
C GLY L 69 -36.79 -15.28 19.12
N THR L 70 -37.53 -16.38 19.21
CA THR L 70 -38.79 -16.54 18.50
C THR L 70 -39.99 -16.41 19.44
N ASP L 71 -39.70 -16.28 20.73
CA ASP L 71 -40.75 -16.17 21.75
C ASP L 71 -41.06 -14.72 22.04
N PHE L 72 -42.32 -14.35 21.83
CA PHE L 72 -42.77 -12.98 22.04
C PHE L 72 -43.81 -12.92 23.15
N THR L 73 -43.66 -11.94 24.04
CA THR L 73 -44.50 -11.85 25.22
C THR L 73 -45.16 -10.49 25.36
N LEU L 74 -46.46 -10.49 25.60
CA LEU L 74 -47.21 -9.29 25.95
C LEU L 74 -47.52 -9.32 27.42
N THR L 75 -47.11 -8.29 28.15
CA THR L 75 -47.36 -8.21 29.58
C THR L 75 -48.21 -7.01 29.93
N ILE L 76 -49.23 -7.24 30.76
CA ILE L 76 -50.00 -6.16 31.35
C ILE L 76 -49.60 -6.06 32.82
N SER L 77 -48.91 -4.98 33.18
CA SER L 77 -48.36 -4.82 34.52
C SER L 77 -49.44 -4.92 35.59
N SER L 78 -50.51 -4.14 35.42
CA SER L 78 -51.60 -4.10 36.38
C SER L 78 -52.92 -4.07 35.61
N LEU L 79 -53.60 -5.22 35.59
CA LEU L 79 -54.82 -5.37 34.81
C LEU L 79 -55.94 -4.46 35.30
N GLN L 80 -56.57 -3.76 34.36
CA GLN L 80 -57.71 -2.88 34.65
C GLN L 80 -58.96 -3.46 34.04
N PRO L 81 -60.13 -3.08 34.58
CA PRO L 81 -61.39 -3.71 34.14
C PRO L 81 -61.68 -3.56 32.65
N GLU L 82 -61.14 -2.52 32.00
CA GLU L 82 -61.37 -2.34 30.57
C GLU L 82 -60.34 -3.09 29.74
N ASP L 83 -59.42 -3.80 30.39
CA ASP L 83 -58.43 -4.62 29.69
C ASP L 83 -58.95 -6.03 29.41
N PHE L 84 -60.17 -6.33 29.84
CA PHE L 84 -60.77 -7.63 29.58
C PHE L 84 -61.23 -7.68 28.14
N ALA L 85 -60.58 -8.52 27.36
CA ALA L 85 -60.75 -8.55 25.92
C ALA L 85 -59.96 -9.71 25.33
N THR L 86 -60.02 -9.86 24.01
CA THR L 86 -59.20 -10.85 23.33
C THR L 86 -57.98 -10.15 22.73
N TYR L 87 -56.83 -10.80 22.82
CA TYR L 87 -55.56 -10.26 22.37
C TYR L 87 -54.94 -11.17 21.31
N TYR L 88 -54.39 -10.56 20.26
CA TYR L 88 -53.78 -11.29 19.16
C TYR L 88 -52.34 -10.81 18.90
N CYS L 89 -51.44 -11.75 18.62
CA CYS L 89 -50.12 -11.41 18.09
C CYS L 89 -50.16 -11.44 16.56
N GLN L 90 -49.24 -10.73 15.94
CA GLN L 90 -49.15 -10.65 14.49
C GLN L 90 -47.69 -10.54 14.08
N GLN L 91 -47.26 -11.37 13.14
CA GLN L 91 -45.92 -11.25 12.57
C GLN L 91 -46.00 -10.58 11.20
N TYR L 92 -44.93 -9.87 10.83
CA TYR L 92 -44.83 -9.28 9.50
C TYR L 92 -43.37 -9.21 9.06
N PRO L 93 -42.70 -10.37 9.02
CA PRO L 93 -41.29 -10.43 8.62
C PRO L 93 -41.09 -9.91 7.21
N TYR L 94 -39.93 -9.34 6.95
CA TYR L 94 -39.69 -8.70 5.65
C TYR L 94 -39.63 -9.73 4.54
N TYR L 95 -39.15 -10.93 4.86
CA TYR L 95 -38.87 -11.94 3.83
C TYR L 95 -40.13 -12.62 3.28
N SER L 96 -41.27 -12.42 3.94
CA SER L 96 -42.52 -12.99 3.49
C SER L 96 -43.57 -11.91 3.24
N SER L 97 -44.43 -12.17 2.26
CA SER L 97 -45.49 -11.23 1.90
C SER L 97 -46.77 -11.51 2.68
N LEU L 98 -46.72 -12.51 3.54
CA LEU L 98 -47.90 -12.93 4.30
C LEU L 98 -47.97 -12.24 5.66
N ILE L 99 -49.19 -12.08 6.15
CA ILE L 99 -49.43 -11.58 7.50
C ILE L 99 -50.12 -12.69 8.29
N THR L 100 -49.50 -13.10 9.40
CA THR L 100 -49.97 -14.23 10.19
C THR L 100 -50.32 -13.81 11.61
N PHE L 101 -51.55 -14.09 12.01
CA PHE L 101 -52.01 -13.80 13.37
C PHE L 101 -51.93 -15.05 14.24
N GLY L 102 -51.76 -14.84 15.54
CA GLY L 102 -51.88 -15.92 16.50
C GLY L 102 -53.34 -16.25 16.67
N GLN L 103 -53.63 -17.37 17.32
CA GLN L 103 -55.01 -17.87 17.41
C GLN L 103 -55.85 -17.00 18.34
N GLY L 104 -55.20 -16.27 19.24
CA GLY L 104 -55.87 -15.35 20.14
C GLY L 104 -55.82 -15.79 21.59
N THR L 105 -55.86 -14.81 22.49
CA THR L 105 -55.97 -15.06 23.92
C THR L 105 -57.09 -14.22 24.50
N LYS L 106 -58.10 -14.89 25.04
CA LYS L 106 -59.20 -14.21 25.71
C LYS L 106 -58.93 -14.06 27.20
N VAL L 107 -58.87 -12.82 27.66
CA VAL L 107 -58.68 -12.50 29.07
C VAL L 107 -60.04 -12.29 29.74
N GLU L 108 -60.49 -13.26 30.53
CA GLU L 108 -61.76 -13.19 31.20
C GLU L 108 -61.57 -12.78 32.66
N ILE L 109 -62.66 -12.34 33.30
CA ILE L 109 -62.61 -11.95 34.71
C ILE L 109 -62.83 -13.18 35.59
N LYS L 110 -61.95 -13.34 36.57
CA LYS L 110 -61.99 -14.52 37.44
C LYS L 110 -63.06 -14.40 38.51
N ARG L 111 -63.71 -15.52 38.80
CA ARG L 111 -64.67 -15.61 39.87
C ARG L 111 -64.53 -17.01 40.43
N THR L 112 -65.29 -17.36 41.46
CA THR L 112 -65.13 -18.68 42.03
C THR L 112 -65.82 -19.74 41.17
N VAL L 113 -65.39 -20.99 41.32
CA VAL L 113 -66.00 -22.10 40.60
C VAL L 113 -67.48 -22.16 40.97
N ALA L 114 -68.31 -22.37 39.96
CA ALA L 114 -69.74 -22.49 40.17
C ALA L 114 -70.26 -23.60 39.27
N ALA L 115 -70.84 -24.61 39.91
CA ALA L 115 -71.37 -25.74 39.18
C ALA L 115 -72.55 -25.29 38.33
N PRO L 116 -72.70 -25.89 37.14
CA PRO L 116 -73.89 -25.60 36.33
C PRO L 116 -75.11 -26.27 36.92
N SER L 117 -76.23 -25.55 36.92
CA SER L 117 -77.53 -26.16 37.08
C SER L 117 -77.94 -26.69 35.72
N VAL L 118 -78.38 -27.96 35.70
CA VAL L 118 -78.63 -28.66 34.45
C VAL L 118 -80.11 -28.96 34.21
N PHE L 119 -80.56 -28.75 32.97
CA PHE L 119 -81.94 -29.06 32.58
C PHE L 119 -81.94 -29.76 31.22
N ILE L 120 -82.88 -30.68 31.02
CA ILE L 120 -83.02 -31.37 29.73
C ILE L 120 -84.44 -31.10 29.23
N PHE L 121 -84.59 -30.96 27.91
CA PHE L 121 -85.87 -30.66 27.29
C PHE L 121 -86.23 -31.59 26.13
N PRO L 122 -87.25 -32.45 26.30
CA PRO L 122 -87.60 -33.25 25.12
C PRO L 122 -88.17 -32.42 23.96
N PRO L 123 -88.20 -32.98 22.75
CA PRO L 123 -88.82 -32.39 21.55
C PRO L 123 -90.33 -32.17 21.70
N SER L 124 -90.82 -31.03 21.22
CA SER L 124 -92.26 -30.74 21.29
C SER L 124 -93.07 -31.59 20.32
N ASP L 125 -94.35 -31.76 20.62
CA ASP L 125 -95.28 -32.44 19.72
C ASP L 125 -95.41 -31.66 18.41
N SER L 126 -95.25 -30.35 18.50
CA SER L 126 -95.36 -29.46 17.35
C SER L 126 -94.27 -29.78 16.34
N GLN L 127 -93.06 -29.97 16.85
CA GLN L 127 -91.90 -30.30 16.02
C GLN L 127 -91.98 -31.67 15.35
N LEU L 128 -92.48 -32.68 16.05
CA LEU L 128 -92.51 -34.04 15.49
C LEU L 128 -93.42 -34.19 14.28
N LYS L 129 -94.57 -33.51 14.28
CA LYS L 129 -95.44 -33.50 13.10
C LYS L 129 -94.73 -32.91 11.88
N SER L 130 -93.81 -31.97 12.11
CA SER L 130 -93.03 -31.40 11.02
C SER L 130 -92.03 -32.40 10.45
N GLY L 131 -91.74 -33.46 11.21
CA GLY L 131 -90.91 -34.53 10.70
C GLY L 131 -89.48 -34.53 11.22
N THR L 132 -89.20 -33.73 12.25
CA THR L 132 -87.89 -33.76 12.90
C THR L 132 -87.94 -33.69 14.43
N ALA L 133 -86.76 -33.89 15.03
CA ALA L 133 -86.61 -33.99 16.49
C ALA L 133 -85.38 -33.26 17.02
N SER L 134 -85.59 -32.23 17.84
CA SER L 134 -84.48 -31.53 18.52
C SER L 134 -84.65 -31.71 20.02
N VAL L 135 -83.57 -32.12 20.68
CA VAL L 135 -83.50 -32.23 22.14
C VAL L 135 -82.46 -31.32 22.75
N VAL L 136 -82.83 -30.57 23.78
CA VAL L 136 -81.91 -29.56 24.32
C VAL L 136 -81.54 -29.79 25.79
N CYS L 137 -80.24 -29.73 26.07
CA CYS L 137 -79.68 -29.77 27.42
C CYS L 137 -79.23 -28.36 27.82
N LEU L 138 -79.69 -27.84 28.96
CA LEU L 138 -79.31 -26.50 29.41
C LEU L 138 -78.37 -26.50 30.63
N LEU L 139 -77.20 -25.89 30.46
CA LEU L 139 -76.28 -25.63 31.58
C LEU L 139 -76.31 -24.16 31.96
N ASN L 140 -76.84 -23.86 33.15
CA ASN L 140 -77.10 -22.50 33.57
C ASN L 140 -76.13 -21.96 34.64
N ASN L 141 -75.57 -20.78 34.35
CA ASN L 141 -74.82 -19.98 35.30
C ASN L 141 -73.67 -20.73 35.99
N PHE L 142 -72.66 -21.09 35.21
CA PHE L 142 -71.50 -21.83 35.73
C PHE L 142 -70.19 -21.12 35.43
N TYR L 143 -69.15 -21.57 36.12
CA TYR L 143 -67.79 -21.07 35.94
C TYR L 143 -66.81 -22.09 36.49
N PRO L 144 -65.67 -22.32 35.80
CA PRO L 144 -65.19 -21.72 34.55
C PRO L 144 -65.97 -22.14 33.31
N ARG L 145 -65.58 -21.61 32.15
CA ARG L 145 -66.29 -21.82 30.89
C ARG L 145 -66.26 -23.28 30.44
N GLU L 146 -65.17 -23.97 30.75
CA GLU L 146 -64.93 -25.32 30.27
C GLU L 146 -65.95 -26.30 30.81
N ALA L 147 -66.61 -27.01 29.90
CA ALA L 147 -67.61 -28.01 30.27
C ALA L 147 -67.71 -29.04 29.17
N LYS L 148 -68.18 -30.24 29.54
CA LYS L 148 -68.46 -31.30 28.57
C LYS L 148 -69.89 -31.78 28.58
N VAL L 149 -70.53 -31.76 27.43
CA VAL L 149 -71.86 -32.32 27.29
C VAL L 149 -71.75 -33.46 26.28
N GLN L 150 -72.21 -34.64 26.66
CA GLN L 150 -72.21 -35.79 25.76
C GLN L 150 -73.62 -36.34 25.70
N TRP L 151 -74.08 -36.72 24.51
CA TRP L 151 -75.42 -37.27 24.38
C TRP L 151 -75.34 -38.79 24.39
N LYS L 152 -76.25 -39.36 25.17
CA LYS L 152 -76.44 -40.80 25.28
C LYS L 152 -77.86 -41.18 24.94
N VAL L 153 -78.03 -41.90 23.85
CA VAL L 153 -79.33 -42.42 23.46
C VAL L 153 -79.32 -43.92 23.73
N ASP L 154 -80.17 -44.36 24.66
CA ASP L 154 -80.13 -45.74 25.14
C ASP L 154 -78.72 -46.15 25.55
N ASN L 155 -78.00 -45.21 26.18
CA ASN L 155 -76.64 -45.46 26.66
C ASN L 155 -75.61 -45.60 25.54
N ALA L 156 -75.91 -45.06 24.36
CA ALA L 156 -74.95 -45.05 23.26
C ALA L 156 -74.50 -43.62 23.02
N LEU L 157 -73.18 -43.41 22.98
CA LEU L 157 -72.64 -42.07 22.84
C LEU L 157 -72.86 -41.53 21.44
N GLN L 158 -73.26 -40.26 21.37
CA GLN L 158 -73.58 -39.63 20.09
C GLN L 158 -72.46 -38.69 19.68
N SER L 159 -72.23 -38.60 18.38
CA SER L 159 -71.19 -37.73 17.83
C SER L 159 -71.60 -37.18 16.48
N GLY L 160 -71.54 -35.85 16.34
CA GLY L 160 -71.76 -35.19 15.08
C GLY L 160 -73.21 -34.81 14.83
N ASN L 161 -74.09 -35.11 15.80
CA ASN L 161 -75.50 -34.78 15.68
C ASN L 161 -75.96 -33.84 16.80
N SER L 162 -75.03 -33.06 17.33
CA SER L 162 -75.31 -32.11 18.40
C SER L 162 -74.65 -30.76 18.09
N GLN L 163 -75.20 -29.68 18.63
CA GLN L 163 -74.58 -28.37 18.49
C GLN L 163 -74.67 -27.58 19.79
N GLU L 164 -73.58 -26.88 20.11
CA GLU L 164 -73.52 -26.07 21.33
C GLU L 164 -73.49 -24.56 21.08
N SER L 165 -74.04 -23.80 22.01
CA SER L 165 -73.95 -22.35 22.01
C SER L 165 -73.67 -21.89 23.43
N VAL L 166 -72.78 -20.91 23.57
CA VAL L 166 -72.39 -20.40 24.89
C VAL L 166 -72.51 -18.89 24.93
N THR L 167 -73.03 -18.36 26.03
CA THR L 167 -73.11 -16.92 26.18
C THR L 167 -71.73 -16.37 26.53
N GLU L 168 -71.59 -15.05 26.49
CA GLU L 168 -70.42 -14.35 27.01
C GLU L 168 -70.57 -14.22 28.53
N GLN L 169 -69.48 -13.91 29.24
CA GLN L 169 -69.57 -13.80 30.68
C GLN L 169 -70.64 -12.79 31.06
N ASP L 170 -71.50 -13.19 31.98
CA ASP L 170 -72.55 -12.34 32.50
C ASP L 170 -71.98 -11.11 33.20
N SER L 171 -72.55 -9.96 32.91
CA SER L 171 -72.04 -8.69 33.44
C SER L 171 -72.25 -8.58 34.94
N LYS L 172 -73.23 -9.32 35.48
CA LYS L 172 -73.53 -9.22 36.92
C LYS L 172 -72.74 -10.21 37.77
N ASP L 173 -72.76 -11.48 37.39
CA ASP L 173 -72.14 -12.54 38.20
C ASP L 173 -70.97 -13.25 37.50
N SER L 174 -70.65 -12.83 36.29
CA SER L 174 -69.46 -13.32 35.58
C SER L 174 -69.50 -14.84 35.30
N THR L 175 -70.69 -15.42 35.23
CA THR L 175 -70.82 -16.83 34.87
C THR L 175 -71.16 -17.02 33.40
N TYR L 176 -71.04 -18.26 32.94
CA TYR L 176 -71.48 -18.65 31.60
C TYR L 176 -72.75 -19.48 31.66
N SER L 177 -73.48 -19.52 30.54
CA SER L 177 -74.53 -20.51 30.33
C SER L 177 -74.32 -21.16 28.97
N LEU L 178 -74.84 -22.38 28.80
CA LEU L 178 -74.61 -23.16 27.60
C LEU L 178 -75.82 -24.01 27.23
N SER L 179 -76.11 -24.09 25.93
CA SER L 179 -77.14 -24.99 25.43
C SER L 179 -76.50 -26.02 24.51
N SER L 180 -76.88 -27.27 24.65
CA SER L 180 -76.54 -28.29 23.66
C SER L 180 -77.81 -28.84 23.03
N THR L 181 -77.86 -28.93 21.70
CA THR L 181 -79.07 -29.37 21.01
C THR L 181 -78.74 -30.57 20.13
N LEU L 182 -79.31 -31.72 20.48
CA LEU L 182 -79.15 -32.96 19.72
C LEU L 182 -80.29 -33.04 18.69
N THR L 183 -79.95 -33.12 17.41
CA THR L 183 -80.94 -33.16 16.32
C THR L 183 -81.06 -34.52 15.63
N LEU L 184 -82.26 -35.09 15.65
CA LEU L 184 -82.57 -36.33 14.93
C LEU L 184 -83.85 -36.19 14.11
N SER L 185 -84.02 -37.07 13.12
CA SER L 185 -85.31 -37.18 12.43
C SER L 185 -86.32 -37.85 13.35
N LYS L 186 -87.61 -37.60 13.11
CA LYS L 186 -88.67 -38.17 13.94
C LYS L 186 -88.67 -39.69 13.92
N ALA L 187 -88.40 -40.30 12.76
CA ALA L 187 -88.33 -41.75 12.67
C ALA L 187 -87.23 -42.32 13.58
N ASP L 188 -86.04 -41.75 13.49
CA ASP L 188 -84.92 -42.19 14.32
C ASP L 188 -85.18 -41.92 15.80
N TYR L 189 -85.80 -40.78 16.08
CA TYR L 189 -86.14 -40.39 17.45
C TYR L 189 -87.02 -41.45 18.12
N GLU L 190 -87.89 -42.07 17.32
CA GLU L 190 -88.86 -43.04 17.82
C GLU L 190 -88.26 -44.44 17.86
N LYS L 191 -86.98 -44.56 17.50
CA LYS L 191 -86.32 -45.85 17.54
C LYS L 191 -85.66 -46.08 18.90
N HIS L 192 -85.80 -45.11 19.80
CA HIS L 192 -85.16 -45.20 21.09
C HIS L 192 -86.08 -44.59 22.15
N LYS L 193 -85.82 -44.96 23.41
CA LYS L 193 -86.63 -44.55 24.55
C LYS L 193 -85.85 -43.53 25.38
N VAL L 194 -84.65 -43.88 25.82
CA VAL L 194 -83.92 -43.06 26.79
C VAL L 194 -82.95 -42.09 26.13
N TYR L 195 -83.18 -40.81 26.40
CA TYR L 195 -82.32 -39.71 25.97
C TYR L 195 -81.76 -39.02 27.22
N ALA L 196 -80.43 -38.94 27.34
CA ALA L 196 -79.81 -38.33 28.52
C ALA L 196 -78.61 -37.44 28.19
N CYS L 197 -78.51 -36.30 28.88
CA CYS L 197 -77.29 -35.48 28.84
C CYS L 197 -76.47 -35.52 30.10
N GLU L 198 -75.21 -35.87 29.87
CA GLU L 198 -74.21 -35.94 30.92
C GLU L 198 -73.33 -34.72 30.89
N VAL L 199 -73.20 -34.09 32.05
CA VAL L 199 -72.53 -32.81 32.18
C VAL L 199 -71.29 -33.01 33.02
N THR L 200 -70.13 -32.73 32.46
CA THR L 200 -68.90 -32.81 33.23
C THR L 200 -68.39 -31.39 33.43
N HIS L 201 -68.10 -31.02 34.67
CA HIS L 201 -67.62 -29.69 34.95
C HIS L 201 -66.80 -29.75 36.22
N GLN L 202 -65.79 -28.90 36.33
CA GLN L 202 -64.88 -28.98 37.46
C GLN L 202 -65.56 -28.61 38.78
N GLY L 203 -66.64 -27.84 38.71
CA GLY L 203 -67.39 -27.52 39.92
C GLY L 203 -68.27 -28.63 40.44
N LEU L 204 -68.30 -29.79 39.76
CA LEU L 204 -69.11 -30.91 40.21
C LEU L 204 -68.38 -32.20 40.56
N SER L 205 -68.63 -32.74 41.74
CA SER L 205 -68.05 -34.02 42.13
C SER L 205 -68.61 -35.00 41.10
N SER L 206 -67.86 -35.35 40.05
CA SER L 206 -68.29 -36.36 39.07
C SER L 206 -69.47 -35.82 38.23
N PRO L 207 -69.65 -36.35 37.01
CA PRO L 207 -70.71 -35.86 36.11
C PRO L 207 -72.16 -35.99 36.60
N VAL L 208 -72.96 -34.97 36.31
CA VAL L 208 -74.40 -34.95 36.60
C VAL L 208 -75.14 -35.37 35.33
N THR L 209 -76.23 -36.11 35.47
CA THR L 209 -77.04 -36.55 34.32
C THR L 209 -78.53 -36.26 34.46
N LYS L 210 -79.09 -35.57 33.47
CA LYS L 210 -80.54 -35.41 33.34
C LYS L 210 -81.06 -36.20 32.13
N SER L 211 -82.18 -36.87 32.30
CA SER L 211 -82.68 -37.80 31.28
C SER L 211 -84.21 -37.74 31.18
N PHE L 212 -84.77 -38.43 30.19
CA PHE L 212 -86.22 -38.56 30.04
C PHE L 212 -86.56 -39.73 29.12
N ASN L 213 -87.71 -40.37 29.34
CA ASN L 213 -88.21 -41.38 28.41
C ASN L 213 -89.15 -40.78 27.38
N ARG L 214 -89.00 -41.21 26.12
CA ARG L 214 -89.79 -40.68 25.02
C ARG L 214 -91.29 -40.88 25.19
N GLY L 215 -92.03 -39.78 25.28
CA GLY L 215 -93.47 -39.87 25.31
C GLY L 215 -93.93 -40.47 26.62
N GLU L 216 -93.16 -40.28 27.68
CA GLU L 216 -93.55 -40.79 28.98
C GLU L 216 -94.12 -39.67 29.79
N CYS L 217 -94.09 -38.48 29.21
CA CYS L 217 -94.61 -37.32 29.89
C CYS L 217 -93.93 -37.00 31.22
N UNK M 1 -46.74 -4.05 -31.89
CA UNK M 1 -47.78 -4.95 -32.36
C UNK M 1 -47.17 -6.19 -33.00
N UNK M 2 -47.83 -6.75 -34.00
CA UNK M 2 -47.32 -7.92 -34.71
C UNK M 2 -46.06 -7.58 -35.49
N UNK M 3 -46.01 -6.39 -36.05
CA UNK M 3 -44.86 -5.94 -36.84
C UNK M 3 -43.66 -5.65 -35.94
N UNK M 4 -43.93 -5.13 -34.74
CA UNK M 4 -42.87 -4.86 -33.77
C UNK M 4 -42.29 -6.16 -33.23
N UNK M 5 -43.16 -7.15 -33.02
CA UNK M 5 -42.73 -8.45 -32.52
C UNK M 5 -41.95 -9.21 -33.57
N UNK M 6 -42.37 -9.08 -34.83
CA UNK M 6 -41.69 -9.75 -35.94
C UNK M 6 -40.28 -9.20 -36.13
N UNK M 7 -40.14 -7.88 -35.99
CA UNK M 7 -38.85 -7.23 -36.13
C UNK M 7 -37.92 -7.62 -34.97
N UNK M 8 -38.49 -7.75 -33.78
CA UNK M 8 -37.73 -8.14 -32.60
C UNK M 8 -37.36 -9.63 -32.67
N UNK M 9 -38.20 -10.41 -33.35
CA UNK M 9 -37.94 -11.84 -33.52
C UNK M 9 -36.81 -12.07 -34.52
N UNK M 10 -36.66 -11.14 -35.47
CA UNK M 10 -35.57 -11.20 -36.45
C UNK M 10 -34.27 -10.71 -35.82
N UNK M 11 -34.38 -9.78 -34.88
CA UNK M 11 -33.21 -9.23 -34.19
C UNK M 11 -32.56 -10.29 -33.30
N UNK M 12 -33.31 -11.32 -32.95
CA UNK M 12 -32.82 -12.40 -32.11
C UNK M 12 -31.69 -13.15 -32.81
N UNK N 1 20.87 -28.04 -10.23
CA UNK N 1 20.59 -29.32 -9.52
C UNK N 1 21.85 -30.17 -9.43
N UNK N 2 22.20 -30.86 -10.51
CA UNK N 2 23.41 -31.66 -10.56
C UNK N 2 24.63 -30.74 -10.62
N UNK N 3 24.43 -29.52 -11.10
CA UNK N 3 25.48 -28.52 -11.13
C UNK N 3 25.80 -28.05 -9.72
N UNK N 4 24.82 -28.15 -8.83
CA UNK N 4 25.00 -27.75 -7.44
C UNK N 4 25.86 -28.77 -6.69
N UNK N 5 25.65 -30.05 -6.97
CA UNK N 5 26.41 -31.11 -6.33
C UNK N 5 27.85 -31.14 -6.84
N UNK N 6 28.02 -30.84 -8.13
CA UNK N 6 29.34 -30.83 -8.75
C UNK N 6 30.17 -29.65 -8.26
N UNK N 7 29.54 -28.48 -8.18
CA UNK N 7 30.23 -27.25 -7.77
C UNK N 7 30.67 -27.32 -6.31
N UNK N 8 29.77 -27.78 -5.44
CA UNK N 8 30.06 -27.87 -4.01
C UNK N 8 31.16 -28.88 -3.74
N UNK N 9 31.21 -29.94 -4.54
CA UNK N 9 32.23 -30.96 -4.41
C UNK N 9 33.59 -30.44 -4.88
N UNK N 10 33.58 -29.69 -5.97
CA UNK N 10 34.80 -29.10 -6.52
C UNK N 10 35.30 -27.97 -5.62
N UNK N 11 34.38 -27.30 -4.94
CA UNK N 11 34.73 -26.20 -4.05
C UNK N 11 35.49 -26.71 -2.83
N UNK N 12 35.03 -27.83 -2.28
CA UNK N 12 35.66 -28.42 -1.10
C UNK N 12 37.02 -29.01 -1.45
N UNK N 13 37.20 -29.39 -2.72
CA UNK N 13 38.46 -29.92 -3.19
C UNK N 13 39.53 -28.83 -3.24
N UNK N 14 39.12 -27.62 -3.60
CA UNK N 14 40.03 -26.49 -3.70
C UNK N 14 40.55 -26.07 -2.33
N UNK N 15 39.69 -26.16 -1.33
CA UNK N 15 40.06 -25.79 0.03
C UNK N 15 40.93 -26.85 0.69
N UNK N 16 40.83 -28.07 0.19
CA UNK N 16 41.66 -29.17 0.68
C UNK N 16 43.08 -29.03 0.16
N UNK N 17 43.21 -28.64 -1.11
CA UNK N 17 44.51 -28.48 -1.75
C UNK N 17 45.21 -27.21 -1.28
N UNK N 18 44.42 -26.21 -0.90
CA UNK N 18 44.97 -24.95 -0.42
C UNK N 18 45.59 -25.11 0.96
N UNK N 19 44.90 -25.84 1.84
CA UNK N 19 45.36 -26.05 3.20
C UNK N 19 46.58 -26.97 3.24
N UNK N 20 46.57 -27.99 2.40
CA UNK N 20 47.67 -28.95 2.35
C UNK N 20 48.93 -28.32 1.75
N UNK N 21 48.77 -27.58 0.67
CA UNK N 21 49.88 -26.90 0.01
C UNK N 21 50.44 -25.80 0.91
N UNK N 22 49.60 -25.30 1.81
CA UNK N 22 50.02 -24.27 2.75
C UNK N 22 50.83 -24.84 3.90
N UNK N 23 50.50 -26.07 4.29
CA UNK N 23 51.23 -26.75 5.35
C UNK N 23 52.63 -27.12 4.89
N UNK N 24 52.78 -27.33 3.58
CA UNK N 24 54.07 -27.68 2.98
C UNK N 24 54.81 -26.43 2.50
N UNK N 25 54.30 -25.26 2.86
CA UNK N 25 54.94 -24.00 2.48
C UNK N 25 54.34 -22.83 3.28
#